data_9DGH
#
_entry.id   9DGH
#
_cell.length_a   1.00
_cell.length_b   1.00
_cell.length_c   1.00
_cell.angle_alpha   90.00
_cell.angle_beta   90.00
_cell.angle_gamma   90.00
#
_symmetry.space_group_name_H-M   'P 1'
#
loop_
_entity.id
_entity.type
_entity.pdbx_description
1 polymer 'Rhamnulose-1-phosphate aldolase'
2 branched 'Cyclic alpha-D-glucopyranose-(1-4)-alpha-D-glucopyranose-(1-4)-alpha-D-glucopyranuronic acid-(1-4)-alpha-D-glucopyranose-(1-4)-alpha-D-glucopyranose-(1-4)-alpha-D-glucopyranuronic acid-(1-4)-alpha-D-glucopyranose'
3 non-polymer 'ZINC ION'
4 non-polymer 1-[4-(2-phenylhydrazin-1-yl)phenyl]pyrrolidine-2,5-dione
#
_entity_poly.entity_id   1
_entity_poly.type   'polypeptide(L)'
_entity_poly.pdbx_seq_one_letter_code
;MQNITQSWFVQGMIKATTDAWLKGWDERNGGNLTLRLDDADIAPYHDNFHQQPRYIPLSQPMPLLANTPFIVTGSGKFFR
NVQLDPAANLGIVKVDSCGAGYHILWGLTNEAVPTSELPAHFLSHSERIKATNGKDRVIMHCHATNLIALTYVLENDTAV
FTRQLWEGSTECLVVFPDGVGILPWMVPGTDAIGQATAQEMQKHSLVLWPFHGVFGSGPTLDETFGLIDTAEKSAQVLVK
VYSMGGMKQTISREELIALGKRFGVTPLASALAL
;
_entity_poly.pdbx_strand_id   A,D,B,C,E,H,F,G,I,L,J,K,M,P,N,O
#
loop_
_chem_comp.id
_chem_comp.type
_chem_comp.name
_chem_comp.formula
A1A4G non-polymer 1-[4-(2-phenylhydrazin-1-yl)phenyl]pyrrolidine-2,5-dione 'C16 H15 N3 O2'
GCU D-saccharide, alpha linking 'alpha-D-glucopyranuronic acid' 'C6 H10 O7'
GLC D-saccharide, alpha linking alpha-D-glucopyranose 'C6 H12 O6'
ZN non-polymer 'ZINC ION' 'Zn 2'
#
# COMPACT_ATOMS: atom_id res chain seq x y z
N MET A 1 38.96 28.35 47.28
CA MET A 1 39.27 29.60 46.59
C MET A 1 38.07 30.05 45.74
N GLN A 2 37.76 31.35 45.81
CA GLN A 2 36.68 31.91 45.02
C GLN A 2 36.95 31.72 43.53
N ASN A 3 35.91 31.32 42.80
CA ASN A 3 36.06 31.05 41.37
C ASN A 3 36.40 32.33 40.61
N ILE A 4 36.97 32.15 39.42
CA ILE A 4 37.29 33.28 38.56
C ILE A 4 36.03 33.97 38.08
N THR A 5 34.92 33.25 38.03
CA THR A 5 33.67 33.82 37.53
C THR A 5 33.09 34.88 38.46
N GLN A 6 33.57 34.97 39.71
CA GLN A 6 33.07 35.93 40.67
C GLN A 6 33.99 37.13 40.84
N SER A 7 35.05 37.24 40.05
CA SER A 7 36.01 38.31 40.22
C SER A 7 35.39 39.65 39.82
N TRP A 8 36.05 40.74 40.26
CA TRP A 8 35.52 42.07 40.00
C TRP A 8 35.54 42.39 38.50
N PHE A 9 36.60 42.00 37.80
CA PHE A 9 36.67 42.30 36.36
C PHE A 9 35.77 41.38 35.55
N VAL A 10 35.52 40.17 36.03
CA VAL A 10 34.52 39.32 35.37
C VAL A 10 33.12 39.86 35.60
N GLN A 11 32.82 40.25 36.84
CA GLN A 11 31.52 40.86 37.13
C GLN A 11 31.35 42.20 36.45
N GLY A 12 32.44 42.90 36.14
CA GLY A 12 32.33 44.10 35.33
C GLY A 12 31.92 43.79 33.90
N MET A 13 32.41 42.68 33.35
CA MET A 13 32.08 42.32 31.97
C MET A 13 30.62 41.88 31.84
N ILE A 14 30.13 41.10 32.80
CA ILE A 14 28.75 40.63 32.74
C ILE A 14 27.77 41.80 32.86
N LYS A 15 28.15 42.83 33.61
CA LYS A 15 27.26 43.99 33.77
C LYS A 15 27.26 44.85 32.52
N ALA A 16 28.43 45.06 31.91
CA ALA A 16 28.52 46.00 30.79
C ALA A 16 27.88 45.45 29.53
N THR A 17 28.04 44.15 29.26
CA THR A 17 27.46 43.58 28.05
C THR A 17 25.96 43.42 28.18
N THR A 18 25.48 43.01 29.36
CA THR A 18 24.04 42.83 29.55
C THR A 18 23.31 44.16 29.46
N ASP A 19 23.96 45.25 29.88
CA ASP A 19 23.35 46.57 29.76
C ASP A 19 23.34 47.09 28.34
N ALA A 20 24.00 46.39 27.41
CA ALA A 20 24.03 46.81 26.01
C ALA A 20 23.02 46.03 25.16
N TRP A 21 22.73 44.78 25.52
CA TRP A 21 21.72 44.02 24.81
C TRP A 21 20.33 44.50 25.18
N LEU A 22 20.17 45.06 26.38
CA LEU A 22 18.88 45.59 26.80
C LEU A 22 18.58 46.96 26.20
N LYS A 23 19.59 47.65 25.70
CA LYS A 23 19.41 48.95 25.05
C LYS A 23 19.27 48.84 23.54
N GLY A 24 19.20 47.62 23.01
CA GLY A 24 19.04 47.43 21.58
C GLY A 24 20.22 47.91 20.77
N TRP A 25 21.42 47.50 21.14
CA TRP A 25 22.65 47.97 20.50
C TRP A 25 23.42 46.88 19.77
N ASP A 26 23.33 45.63 20.21
CA ASP A 26 24.26 44.56 19.86
C ASP A 26 23.52 43.37 19.25
N GLU A 27 22.69 43.64 18.24
CA GLU A 27 22.03 42.57 17.51
C GLU A 27 23.06 41.62 16.91
N ARG A 28 22.70 40.33 16.87
CA ARG A 28 23.60 39.26 16.45
C ARG A 28 24.90 39.30 17.23
N ASN A 29 26.02 39.39 16.52
CA ASN A 29 27.34 39.30 17.14
C ASN A 29 28.07 40.64 17.20
N GLY A 30 27.42 41.74 16.83
CA GLY A 30 28.04 43.05 16.89
C GLY A 30 28.41 43.49 18.30
N GLY A 31 29.63 43.94 18.48
CA GLY A 31 30.09 44.43 19.77
C GLY A 31 31.25 43.61 20.32
N ASN A 32 32.15 44.29 21.03
CA ASN A 32 33.29 43.66 21.67
C ASN A 32 33.82 44.57 22.76
N LEU A 33 34.48 43.99 23.75
CA LEU A 33 34.96 44.74 24.90
C LEU A 33 36.33 44.22 25.34
N THR A 34 37.31 45.12 25.41
CA THR A 34 38.64 44.80 25.92
C THR A 34 38.98 45.77 27.05
N LEU A 35 39.36 45.22 28.21
CA LEU A 35 39.70 46.02 29.38
C LEU A 35 41.09 45.65 29.86
N ARG A 36 41.88 46.66 30.20
CA ARG A 36 43.25 46.47 30.64
C ARG A 36 43.30 46.12 32.12
N LEU A 37 44.12 45.12 32.46
CA LEU A 37 44.26 44.65 33.83
C LEU A 37 45.72 44.69 34.24
N ASP A 38 45.98 44.38 35.50
CA ASP A 38 47.32 44.31 36.06
C ASP A 38 47.64 42.89 36.47
N ASP A 39 48.94 42.62 36.65
CA ASP A 39 49.37 41.28 37.04
C ASP A 39 48.88 40.92 38.43
N ALA A 40 48.72 41.93 39.31
CA ALA A 40 48.19 41.65 40.64
C ALA A 40 46.73 41.19 40.58
N ASP A 41 45.97 41.68 39.60
CA ASP A 41 44.58 41.29 39.47
C ASP A 41 44.44 39.80 39.14
N ILE A 42 45.29 39.29 38.24
CA ILE A 42 45.22 37.89 37.85
C ILE A 42 46.05 36.98 38.73
N ALA A 43 46.81 37.53 39.69
CA ALA A 43 47.63 36.70 40.56
C ALA A 43 46.84 35.71 41.40
N PRO A 44 45.76 36.09 42.10
CA PRO A 44 45.05 35.10 42.93
C PRO A 44 44.38 33.99 42.13
N TYR A 45 44.21 34.14 40.82
CA TYR A 45 43.47 33.20 39.99
C TYR A 45 44.39 32.32 39.14
N HIS A 46 45.54 31.92 39.71
CA HIS A 46 46.48 31.10 38.96
C HIS A 46 45.98 29.67 38.78
N ASP A 47 45.08 29.21 39.66
CA ASP A 47 44.62 27.83 39.60
C ASP A 47 43.86 27.53 38.32
N ASN A 48 43.02 28.46 37.87
CA ASN A 48 42.16 28.24 36.72
C ASN A 48 42.84 28.54 35.39
N PHE A 49 44.10 28.98 35.41
CA PHE A 49 44.81 29.26 34.18
C PHE A 49 45.09 27.95 33.43
N HIS A 50 45.06 28.03 32.09
CA HIS A 50 45.27 26.85 31.27
C HIS A 50 46.73 26.42 31.31
N GLN A 51 46.95 25.10 31.26
CA GLN A 51 48.30 24.55 31.33
C GLN A 51 49.04 24.63 30.01
N GLN A 52 48.34 24.83 28.89
CA GLN A 52 48.96 24.88 27.56
C GLN A 52 48.52 26.15 26.85
N PRO A 53 49.15 27.29 27.17
CA PRO A 53 48.81 28.54 26.49
C PRO A 53 49.19 28.49 25.02
N ARG A 54 48.18 28.52 24.14
CA ARG A 54 48.44 28.63 22.72
C ARG A 54 49.03 29.98 22.39
N TYR A 55 50.04 30.00 21.52
CA TYR A 55 50.69 31.23 21.10
C TYR A 55 50.15 31.66 19.75
N ILE A 56 49.67 32.90 19.66
CA ILE A 56 49.17 33.47 18.42
C ILE A 56 49.96 34.74 18.14
N PRO A 57 50.67 34.84 17.02
CA PRO A 57 51.44 36.05 16.75
C PRO A 57 50.54 37.25 16.46
N LEU A 58 51.02 38.42 16.84
CA LEU A 58 50.33 39.66 16.51
C LEU A 58 50.71 40.12 15.11
N SER A 59 49.82 40.88 14.49
CA SER A 59 50.08 41.41 13.15
C SER A 59 51.29 42.33 13.16
N GLN A 60 51.28 43.32 14.05
CA GLN A 60 52.37 44.28 14.17
C GLN A 60 52.92 44.25 15.58
N PRO A 61 54.22 44.51 15.75
CA PRO A 61 54.79 44.58 17.10
C PRO A 61 54.20 45.74 17.88
N MET A 62 53.94 45.50 19.17
CA MET A 62 53.34 46.50 20.06
C MET A 62 54.20 46.58 21.32
N PRO A 63 55.35 47.26 21.25
CA PRO A 63 56.22 47.37 22.43
C PRO A 63 55.59 48.11 23.59
N LEU A 64 54.73 49.10 23.31
CA LEU A 64 54.15 49.91 24.39
C LEU A 64 53.18 49.13 25.25
N LEU A 65 52.69 47.98 24.79
CA LEU A 65 51.78 47.15 25.55
C LEU A 65 52.45 45.85 26.02
N ALA A 66 53.78 45.85 26.10
CA ALA A 66 54.50 44.65 26.51
C ALA A 66 54.19 44.31 27.97
N ASN A 67 54.05 43.00 28.24
CA ASN A 67 53.77 42.48 29.57
C ASN A 67 52.47 43.04 30.15
N THR A 68 51.51 43.40 29.29
CA THR A 68 50.25 43.96 29.74
C THR A 68 49.11 43.00 29.43
N PRO A 69 48.47 42.41 30.44
CA PRO A 69 47.36 41.49 30.17
C PRO A 69 46.07 42.23 29.84
N PHE A 70 45.20 41.54 29.10
CA PHE A 70 43.92 42.08 28.68
C PHE A 70 42.84 41.03 28.86
N ILE A 71 41.60 41.50 28.96
CA ILE A 71 40.42 40.64 28.93
C ILE A 71 39.62 40.99 27.68
N VAL A 72 39.26 39.98 26.89
CA VAL A 72 38.65 40.19 25.58
C VAL A 72 37.38 39.35 25.46
N THR A 73 36.54 39.74 24.52
CA THR A 73 35.33 39.01 24.16
C THR A 73 35.56 38.26 22.86
N GLY A 74 35.06 37.03 22.79
CA GLY A 74 35.34 36.17 21.67
C GLY A 74 34.73 36.67 20.36
N SER A 75 35.28 36.18 19.26
CA SER A 75 34.81 36.55 17.94
C SER A 75 33.62 35.71 17.53
N GLY A 76 32.63 36.35 16.93
CA GLY A 76 31.44 35.64 16.50
C GLY A 76 30.53 35.21 17.63
N LYS A 77 30.66 35.80 18.80
CA LYS A 77 29.87 35.45 19.97
C LYS A 77 28.69 36.39 20.12
N PHE A 78 27.68 35.93 20.86
CA PHE A 78 26.44 36.66 21.04
C PHE A 78 26.42 37.32 22.40
N PHE A 79 26.13 38.63 22.43
CA PHE A 79 26.15 39.36 23.69
C PHE A 79 25.02 38.92 24.63
N ARG A 80 23.97 38.30 24.11
CA ARG A 80 22.88 37.84 24.95
C ARG A 80 23.33 36.72 25.88
N ASN A 81 24.19 35.82 25.40
CA ASN A 81 24.55 34.60 26.11
C ASN A 81 25.77 34.77 27.02
N VAL A 82 26.39 35.95 27.04
CA VAL A 82 27.58 36.15 27.87
C VAL A 82 27.24 35.92 29.34
N GLN A 83 26.11 36.44 29.79
CA GLN A 83 25.67 36.19 31.15
C GLN A 83 25.36 34.71 31.38
N LEU A 84 24.96 34.00 30.32
CA LEU A 84 24.62 32.59 30.47
C LEU A 84 25.86 31.72 30.63
N ASP A 85 26.98 32.09 30.00
CA ASP A 85 28.21 31.32 30.12
C ASP A 85 29.41 32.23 29.86
N PRO A 86 29.92 32.92 30.89
CA PRO A 86 31.03 33.86 30.67
C PRO A 86 32.30 33.22 30.15
N ALA A 87 32.60 31.99 30.59
CA ALA A 87 33.87 31.36 30.23
C ALA A 87 33.96 31.10 28.73
N ALA A 88 32.89 30.57 28.14
CA ALA A 88 32.90 30.24 26.73
C ALA A 88 32.88 31.48 25.83
N ASN A 89 32.54 32.64 26.37
CA ASN A 89 32.44 33.87 25.58
C ASN A 89 33.52 34.89 25.90
N LEU A 90 34.01 34.93 27.14
CA LEU A 90 35.08 35.84 27.53
C LEU A 90 36.41 35.10 27.59
N GLY A 91 37.48 35.87 27.54
CA GLY A 91 38.82 35.30 27.60
C GLY A 91 39.82 36.29 28.15
N ILE A 92 40.98 35.76 28.51
CA ILE A 92 42.09 36.57 29.04
C ILE A 92 43.33 36.28 28.20
N VAL A 93 44.09 37.35 27.90
CA VAL A 93 45.30 37.24 27.10
C VAL A 93 46.41 38.02 27.79
N LYS A 94 47.65 37.68 27.43
CA LYS A 94 48.82 38.35 27.96
C LYS A 94 49.84 38.54 26.85
N VAL A 95 50.38 39.75 26.74
CA VAL A 95 51.38 40.05 25.72
C VAL A 95 52.73 39.50 26.17
N ASP A 96 53.49 38.95 25.21
CA ASP A 96 54.76 38.34 25.54
C ASP A 96 55.82 39.41 25.81
N SER A 97 57.05 38.96 26.08
CA SER A 97 58.12 39.87 26.47
C SER A 97 58.49 40.84 25.37
N CYS A 98 58.57 40.39 24.12
CA CYS A 98 59.00 41.21 23.01
C CYS A 98 57.86 41.91 22.30
N GLY A 99 56.62 41.71 22.73
CA GLY A 99 55.49 42.35 22.09
C GLY A 99 55.25 41.88 20.66
N ALA A 100 55.33 40.57 20.43
CA ALA A 100 55.09 40.01 19.10
C ALA A 100 53.80 39.20 19.01
N GLY A 101 53.22 38.80 20.13
CA GLY A 101 52.00 38.03 20.10
C GLY A 101 51.33 38.04 21.45
N TYR A 102 50.51 37.01 21.69
CA TYR A 102 49.82 36.90 22.96
C TYR A 102 49.56 35.43 23.27
N HIS A 103 49.29 35.15 24.54
CA HIS A 103 49.00 33.80 25.02
C HIS A 103 47.61 33.77 25.62
N ILE A 104 46.92 32.65 25.45
CA ILE A 104 45.60 32.42 26.04
C ILE A 104 45.79 31.68 27.35
N LEU A 105 45.31 32.27 28.44
CA LEU A 105 45.47 31.72 29.78
C LEU A 105 44.20 31.11 30.35
N TRP A 106 43.05 31.72 30.07
CA TRP A 106 41.78 31.24 30.62
C TRP A 106 40.64 31.65 29.68
N GLY A 107 39.66 30.77 29.56
CA GLY A 107 38.51 31.03 28.73
C GLY A 107 38.76 30.71 27.27
N LEU A 108 37.82 31.15 26.43
CA LEU A 108 37.89 30.97 24.99
C LEU A 108 37.99 29.49 24.64
N THR A 109 37.10 28.69 25.21
CA THR A 109 37.14 27.25 25.03
C THR A 109 36.72 26.86 23.61
N ASN A 110 37.11 25.64 23.22
CA ASN A 110 36.74 25.05 21.93
C ASN A 110 37.25 25.90 20.76
N GLU A 111 38.56 26.12 20.75
CA GLU A 111 39.25 26.81 19.65
C GLU A 111 38.71 28.22 19.41
N ALA A 112 38.16 28.83 20.45
CA ALA A 112 37.67 30.20 20.33
C ALA A 112 38.85 31.17 20.27
N VAL A 113 38.64 32.28 19.58
CA VAL A 113 39.68 33.29 19.40
C VAL A 113 39.12 34.64 19.84
N PRO A 114 39.98 35.58 20.22
CA PRO A 114 39.51 36.92 20.55
C PRO A 114 38.83 37.58 19.35
N THR A 115 38.17 38.70 19.62
CA THR A 115 37.36 39.36 18.61
C THR A 115 38.22 39.74 17.41
N SER A 116 37.61 39.67 16.22
CA SER A 116 38.32 39.92 14.97
C SER A 116 38.80 41.36 14.85
N GLU A 117 38.30 42.28 15.69
CA GLU A 117 38.78 43.64 15.72
C GLU A 117 39.92 43.84 16.71
N LEU A 118 40.63 42.77 17.07
CA LEU A 118 41.77 42.89 17.96
C LEU A 118 42.88 43.81 17.44
N PRO A 119 43.29 43.77 16.16
CA PRO A 119 44.28 44.76 15.71
C PRO A 119 43.80 46.19 15.86
N ALA A 120 42.51 46.43 15.69
CA ALA A 120 41.96 47.77 15.94
C ALA A 120 41.95 48.12 17.42
N HIS A 121 42.08 47.13 18.30
CA HIS A 121 42.09 47.39 19.74
C HIS A 121 43.47 47.84 20.21
N PHE A 122 44.50 47.05 19.89
CA PHE A 122 45.84 47.31 20.43
C PHE A 122 46.46 48.56 19.82
N LEU A 123 46.16 48.86 18.55
CA LEU A 123 46.68 50.08 17.95
C LEU A 123 46.12 51.31 18.63
N SER A 124 44.86 51.26 19.07
CA SER A 124 44.26 52.38 19.78
C SER A 124 44.56 52.35 21.27
N HIS A 125 44.69 51.16 21.85
CA HIS A 125 45.03 51.06 23.26
C HIS A 125 46.39 51.68 23.55
N SER A 126 47.38 51.42 22.70
CA SER A 126 48.72 51.95 22.90
C SER A 126 48.73 53.48 22.80
N GLU A 127 47.99 54.03 21.83
CA GLU A 127 47.99 55.48 21.64
C GLU A 127 47.27 56.20 22.78
N ARG A 128 46.15 55.64 23.25
CA ARG A 128 45.40 56.29 24.32
C ARG A 128 46.21 56.35 25.61
N ILE A 129 47.08 55.37 25.85
CA ILE A 129 47.93 55.41 27.03
C ILE A 129 48.88 56.59 26.96
N LYS A 130 49.44 56.87 25.78
CA LYS A 130 50.34 58.01 25.63
C LYS A 130 49.62 59.33 25.88
N ALA A 131 48.40 59.47 25.33
CA ALA A 131 47.72 60.76 25.38
C ALA A 131 47.29 61.10 26.80
N THR A 132 46.83 60.11 27.56
CA THR A 132 46.31 60.34 28.91
C THR A 132 47.19 59.72 29.99
N ASN A 133 48.46 59.45 29.67
CA ASN A 133 49.44 58.97 30.65
C ASN A 133 48.97 57.69 31.34
N GLY A 134 48.34 56.80 30.57
CA GLY A 134 47.95 55.50 31.09
C GLY A 134 46.67 55.45 31.89
N LYS A 135 45.89 56.52 31.88
CA LYS A 135 44.62 56.49 32.61
C LYS A 135 43.60 55.60 31.92
N ASP A 136 43.55 55.64 30.59
CA ASP A 136 42.56 54.88 29.84
C ASP A 136 42.75 53.38 30.02
N ARG A 137 41.65 52.68 30.23
CA ARG A 137 41.71 51.24 30.45
C ARG A 137 40.62 50.43 29.76
N VAL A 138 39.69 51.06 29.05
CA VAL A 138 38.56 50.36 28.44
C VAL A 138 38.41 50.82 26.99
N ILE A 139 38.11 49.88 26.11
CA ILE A 139 37.76 50.15 24.72
C ILE A 139 36.40 49.50 24.46
N MET A 140 35.45 50.29 23.97
CA MET A 140 34.07 49.84 23.78
C MET A 140 33.63 50.09 22.35
N HIS A 141 32.95 49.10 21.76
CA HIS A 141 32.37 49.23 20.44
C HIS A 141 30.97 48.62 20.45
N CYS A 142 29.99 49.33 19.90
CA CYS A 142 28.63 48.85 19.86
C CYS A 142 27.88 49.58 18.76
N HIS A 143 26.76 48.98 18.33
CA HIS A 143 25.95 49.52 17.24
C HIS A 143 24.73 50.24 17.81
N ALA A 144 24.95 51.49 18.23
CA ALA A 144 23.84 52.31 18.70
C ALA A 144 22.93 52.67 17.54
N THR A 145 21.62 52.65 17.79
CA THR A 145 20.65 52.78 16.69
C THR A 145 20.55 54.21 16.20
N ASN A 146 20.16 55.14 17.08
CA ASN A 146 19.91 56.51 16.65
C ASN A 146 21.18 57.20 16.15
N LEU A 147 22.34 56.77 16.64
CA LEU A 147 23.60 57.38 16.23
C LEU A 147 23.87 57.15 14.74
N ILE A 148 23.61 55.94 14.26
CA ILE A 148 23.91 55.60 12.87
C ILE A 148 23.06 56.43 11.91
N ALA A 149 21.78 56.60 12.22
CA ALA A 149 20.89 57.33 11.32
C ALA A 149 21.30 58.79 11.14
N LEU A 150 22.05 59.35 12.10
CA LEU A 150 22.51 60.73 11.96
C LEU A 150 23.49 60.87 10.80
N THR A 151 24.37 59.88 10.62
CA THR A 151 25.36 59.93 9.55
C THR A 151 24.72 59.94 8.16
N TYR A 152 23.51 59.41 8.04
CA TYR A 152 22.83 59.36 6.75
C TYR A 152 22.23 60.70 6.35
N VAL A 153 22.14 61.66 7.27
CA VAL A 153 21.52 62.95 6.97
C VAL A 153 22.42 64.13 7.26
N LEU A 154 23.40 64.02 8.16
CA LEU A 154 24.29 65.13 8.48
C LEU A 154 25.64 64.93 7.80
N GLU A 155 26.32 66.05 7.54
CA GLU A 155 27.64 66.00 6.92
C GLU A 155 28.61 65.26 7.84
N ASN A 156 29.40 64.37 7.24
CA ASN A 156 30.33 63.53 8.01
C ASN A 156 31.60 64.33 8.30
N ASP A 157 31.49 65.20 9.29
CA ASP A 157 32.58 66.07 9.72
C ASP A 157 32.75 65.95 11.23
N THR A 158 34.00 66.02 11.69
CA THR A 158 34.27 66.00 13.13
C THR A 158 33.74 67.24 13.82
N ALA A 159 33.99 68.42 13.23
CA ALA A 159 33.57 69.66 13.87
C ALA A 159 32.06 69.87 13.80
N VAL A 160 31.47 69.58 12.64
CA VAL A 160 30.04 69.83 12.46
C VAL A 160 29.21 68.92 13.35
N PHE A 161 29.54 67.63 13.38
CA PHE A 161 28.79 66.69 14.20
C PHE A 161 28.93 67.01 15.68
N THR A 162 30.15 67.34 16.11
CA THR A 162 30.36 67.68 17.52
C THR A 162 29.60 68.94 17.90
N ARG A 163 29.52 69.91 16.99
CA ARG A 163 28.75 71.12 17.25
C ARG A 163 27.28 70.79 17.49
N GLN A 164 26.69 69.95 16.64
CA GLN A 164 25.30 69.56 16.82
C GLN A 164 25.13 68.75 18.09
N LEU A 165 26.06 67.84 18.38
CA LEU A 165 25.96 67.02 19.58
C LEU A 165 26.06 67.86 20.86
N TRP A 166 26.67 69.03 20.79
CA TRP A 166 26.75 69.89 21.97
C TRP A 166 25.42 70.58 22.26
N GLU A 167 24.66 70.90 21.21
CA GLU A 167 23.40 71.60 21.38
C GLU A 167 22.25 70.68 21.80
N GLY A 168 22.43 69.36 21.70
CA GLY A 168 21.37 68.44 22.07
C GLY A 168 21.14 68.33 23.56
N SER A 169 22.16 68.61 24.37
CA SER A 169 22.03 68.56 25.82
C SER A 169 23.12 69.42 26.44
N THR A 170 22.86 69.89 27.67
CA THR A 170 23.82 70.80 28.31
C THR A 170 25.04 70.07 28.85
N GLU A 171 24.92 68.77 29.14
CA GLU A 171 26.02 68.02 29.72
C GLU A 171 27.01 67.51 28.67
N CYS A 172 26.62 67.53 27.40
CA CYS A 172 27.45 66.91 26.36
C CYS A 172 28.78 67.64 26.20
N LEU A 173 28.78 68.97 26.27
CA LEU A 173 30.01 69.72 26.07
C LEU A 173 31.05 69.38 27.13
N VAL A 174 30.63 69.28 28.39
CA VAL A 174 31.57 68.98 29.46
C VAL A 174 32.08 67.54 29.34
N VAL A 175 31.21 66.61 28.95
CA VAL A 175 31.59 65.20 28.93
C VAL A 175 32.65 64.94 27.87
N PHE A 176 32.42 65.42 26.64
CA PHE A 176 33.39 65.27 25.55
C PHE A 176 33.64 66.62 24.90
N PRO A 177 34.41 67.50 25.55
CA PRO A 177 34.84 68.74 24.87
C PRO A 177 35.79 68.48 23.73
N ASP A 178 36.45 67.32 23.70
CA ASP A 178 37.43 67.00 22.66
C ASP A 178 36.80 66.68 21.32
N GLY A 179 35.48 66.48 21.27
CA GLY A 179 34.83 66.14 20.02
C GLY A 179 34.86 64.65 19.75
N VAL A 180 34.23 64.27 18.64
CA VAL A 180 34.13 62.88 18.22
C VAL A 180 34.71 62.75 16.82
N GLY A 181 35.57 61.74 16.63
CA GLY A 181 36.20 61.56 15.34
C GLY A 181 35.27 60.95 14.30
N ILE A 182 35.56 61.25 13.04
CA ILE A 182 34.80 60.73 11.91
C ILE A 182 35.78 60.21 10.86
N LEU A 183 35.38 59.13 10.18
CA LEU A 183 36.23 58.49 9.18
C LEU A 183 35.43 58.24 7.91
N PRO A 184 36.08 58.05 6.76
CA PRO A 184 35.36 57.58 5.58
C PRO A 184 34.94 56.12 5.72
N TRP A 185 34.01 55.72 4.87
CA TRP A 185 33.53 54.34 4.87
C TRP A 185 34.65 53.42 4.39
N MET A 186 34.91 52.35 5.15
CA MET A 186 36.00 51.43 4.83
C MET A 186 35.59 50.01 5.22
N VAL A 187 36.36 49.05 4.75
CA VAL A 187 36.05 47.63 4.96
C VAL A 187 36.58 47.22 6.34
N PRO A 188 35.73 46.65 7.20
CA PRO A 188 36.19 46.27 8.54
C PRO A 188 37.11 45.06 8.49
N GLY A 189 37.66 44.73 9.66
CA GLY A 189 38.49 43.55 9.80
C GLY A 189 39.84 43.63 9.12
N THR A 190 40.30 44.82 8.76
CA THR A 190 41.59 45.00 8.12
C THR A 190 42.48 45.89 8.98
N ASP A 191 43.79 45.70 8.84
CA ASP A 191 44.75 46.54 9.55
C ASP A 191 44.70 47.99 9.08
N ALA A 192 44.23 48.24 7.86
CA ALA A 192 44.11 49.61 7.37
C ALA A 192 43.08 50.39 8.19
N ILE A 193 41.96 49.75 8.53
CA ILE A 193 40.97 50.41 9.38
C ILE A 193 41.50 50.59 10.79
N GLY A 194 42.42 49.71 11.22
CA GLY A 194 43.03 49.87 12.53
C GLY A 194 43.91 51.10 12.60
N GLN A 195 44.69 51.36 11.55
CA GLN A 195 45.56 52.53 11.54
C GLN A 195 44.75 53.82 11.58
N ALA A 196 43.72 53.93 10.73
CA ALA A 196 42.94 55.16 10.66
C ALA A 196 42.21 55.43 11.97
N THR A 197 41.64 54.38 12.58
CA THR A 197 40.94 54.55 13.84
C THR A 197 41.88 54.99 14.95
N ALA A 198 43.05 54.34 15.05
CA ALA A 198 44.02 54.71 16.08
C ALA A 198 44.64 56.08 15.80
N GLN A 199 44.74 56.46 14.52
CA GLN A 199 45.33 57.76 14.18
C GLN A 199 44.49 58.90 14.72
N GLU A 200 43.16 58.78 14.63
CA GLU A 200 42.29 59.85 15.11
C GLU A 200 42.15 59.87 16.62
N MET A 201 42.55 58.80 17.31
CA MET A 201 42.46 58.76 18.77
C MET A 201 43.42 59.72 19.44
N GLN A 202 44.38 60.28 18.71
CA GLN A 202 45.32 61.23 19.31
C GLN A 202 44.65 62.53 19.73
N LYS A 203 43.49 62.86 19.16
CA LYS A 203 42.83 64.12 19.44
C LYS A 203 41.38 63.99 19.89
N HIS A 204 40.80 62.78 19.86
CA HIS A 204 39.42 62.58 20.26
C HIS A 204 39.31 61.27 21.03
N SER A 205 38.35 61.23 21.96
CA SER A 205 38.09 60.03 22.75
C SER A 205 37.00 59.15 22.16
N LEU A 206 36.33 59.60 21.09
CA LEU A 206 35.27 58.83 20.45
C LEU A 206 35.41 58.97 18.95
N VAL A 207 35.17 57.87 18.24
CA VAL A 207 35.23 57.84 16.78
C VAL A 207 33.95 57.22 16.25
N LEU A 208 33.45 57.77 15.15
CA LEU A 208 32.19 57.32 14.54
C LEU A 208 32.48 56.65 13.21
N TRP A 209 32.04 55.40 13.08
CA TRP A 209 32.16 54.67 11.83
C TRP A 209 30.88 54.85 11.04
N PRO A 210 30.92 55.48 9.87
CA PRO A 210 29.68 55.70 9.11
C PRO A 210 28.98 54.40 8.78
N PHE A 211 27.67 54.38 9.02
CA PHE A 211 26.79 53.26 8.69
C PHE A 211 27.17 51.99 9.46
N HIS A 212 28.14 52.08 10.37
CA HIS A 212 28.58 50.92 11.13
C HIS A 212 28.32 51.07 12.62
N GLY A 213 28.84 52.11 13.26
CA GLY A 213 28.69 52.24 14.69
C GLY A 213 29.61 53.27 15.34
N VAL A 214 30.09 52.96 16.53
CA VAL A 214 30.89 53.92 17.31
C VAL A 214 32.01 53.17 18.02
N PHE A 215 33.04 53.91 18.42
CA PHE A 215 34.21 53.36 19.09
C PHE A 215 34.45 54.17 20.37
N GLY A 216 34.56 53.48 21.50
CA GLY A 216 34.66 54.13 22.80
C GLY A 216 35.98 53.84 23.49
N SER A 217 36.41 54.80 24.32
CA SER A 217 37.65 54.68 25.08
C SER A 217 37.59 55.58 26.30
N GLY A 218 37.85 55.00 27.48
CA GLY A 218 37.75 55.73 28.72
C GLY A 218 38.54 55.11 29.86
N PRO A 219 38.47 55.74 31.04
CA PRO A 219 39.28 55.25 32.17
C PRO A 219 38.74 53.97 32.79
N THR A 220 37.42 53.81 32.89
CA THR A 220 36.84 52.64 33.52
C THR A 220 35.56 52.24 32.78
N LEU A 221 35.01 51.10 33.17
CA LEU A 221 33.80 50.57 32.52
C LEU A 221 32.62 51.51 32.72
N ASP A 222 32.44 52.03 33.93
CA ASP A 222 31.26 52.82 34.25
C ASP A 222 31.22 54.11 33.45
N GLU A 223 32.36 54.79 33.29
CA GLU A 223 32.39 56.02 32.53
C GLU A 223 32.34 55.75 31.04
N THR A 224 32.96 54.66 30.58
CA THR A 224 32.95 54.34 29.16
C THR A 224 31.52 54.09 28.66
N PHE A 225 30.72 53.39 29.46
CA PHE A 225 29.32 53.19 29.10
C PHE A 225 28.58 54.52 29.01
N GLY A 226 28.80 55.41 29.98
CA GLY A 226 28.15 56.71 29.96
C GLY A 226 28.77 57.70 28.99
N LEU A 227 29.96 57.38 28.47
CA LEU A 227 30.60 58.28 27.51
C LEU A 227 29.85 58.30 26.20
N ILE A 228 29.45 57.12 25.71
CA ILE A 228 28.74 57.05 24.43
C ILE A 228 27.25 57.33 24.63
N ASP A 229 26.68 56.81 25.72
CA ASP A 229 25.25 56.98 25.96
C ASP A 229 24.84 58.44 26.03
N THR A 230 25.77 59.31 26.46
CA THR A 230 25.49 60.74 26.43
C THR A 230 25.27 61.24 25.01
N ALA A 231 26.04 60.73 24.06
CA ALA A 231 25.80 61.06 22.66
C ALA A 231 24.56 60.38 22.13
N GLU A 232 24.24 59.19 22.64
CA GLU A 232 23.01 58.50 22.22
C GLU A 232 21.79 59.29 22.63
N LYS A 233 21.78 59.83 23.86
CA LYS A 233 20.65 60.63 24.31
C LYS A 233 20.50 61.91 23.50
N SER A 234 21.63 62.53 23.13
CA SER A 234 21.56 63.72 22.29
C SER A 234 21.05 63.39 20.90
N ALA A 235 21.32 62.17 20.42
CA ALA A 235 20.80 61.74 19.13
C ALA A 235 19.30 61.51 19.20
N GLN A 236 18.82 60.87 20.26
CA GLN A 236 17.38 60.67 20.42
C GLN A 236 16.66 62.01 20.55
N VAL A 237 17.26 62.95 21.28
CA VAL A 237 16.72 64.30 21.31
C VAL A 237 16.76 64.93 19.93
N LEU A 238 17.86 64.74 19.21
CA LEU A 238 17.98 65.31 17.87
C LEU A 238 16.98 64.66 16.91
N VAL A 239 16.80 63.34 16.99
CA VAL A 239 15.94 62.65 16.04
C VAL A 239 14.51 63.15 16.12
N LYS A 240 14.01 63.35 17.34
CA LYS A 240 12.62 63.77 17.50
C LYS A 240 12.39 65.18 16.95
N VAL A 241 13.31 66.11 17.21
CA VAL A 241 13.11 67.48 16.75
C VAL A 241 13.27 67.56 15.23
N TYR A 242 14.13 66.72 14.64
CA TYR A 242 14.28 66.75 13.19
C TYR A 242 12.99 66.40 12.47
N SER A 243 12.28 65.38 12.95
CA SER A 243 11.01 65.00 12.34
C SER A 243 9.90 66.01 12.61
N MET A 244 10.08 66.92 13.56
CA MET A 244 9.09 67.95 13.86
C MET A 244 9.10 69.08 12.84
N GLY A 245 10.10 69.13 11.97
CA GLY A 245 10.27 70.23 11.03
C GLY A 245 11.53 71.03 11.23
N GLY A 246 12.37 70.70 12.20
CA GLY A 246 13.60 71.42 12.46
C GLY A 246 13.67 71.94 13.88
N MET A 247 14.82 72.52 14.19
CA MET A 247 15.08 73.08 15.52
C MET A 247 15.00 74.60 15.46
N LYS A 248 14.25 75.18 16.38
CA LYS A 248 13.93 76.61 16.35
C LYS A 248 14.73 77.43 17.36
N GLN A 249 14.91 76.94 18.58
CA GLN A 249 15.81 77.58 19.54
C GLN A 249 16.66 76.51 20.21
N THR A 250 17.83 76.93 20.68
CA THR A 250 18.80 76.01 21.28
C THR A 250 19.77 76.82 22.11
N ILE A 251 20.86 76.18 22.53
CA ILE A 251 21.93 76.87 23.25
C ILE A 251 22.77 77.63 22.22
N SER A 252 22.88 78.93 22.41
CA SER A 252 23.66 79.75 21.50
C SER A 252 25.15 79.63 21.81
N ARG A 253 25.98 80.07 20.86
CA ARG A 253 27.42 80.04 21.07
C ARG A 253 27.82 80.96 22.22
N GLU A 254 27.15 82.10 22.35
CA GLU A 254 27.43 83.01 23.46
C GLU A 254 27.07 82.37 24.79
N GLU A 255 26.07 81.48 24.79
CA GLU A 255 25.77 80.72 26.01
C GLU A 255 26.79 79.60 26.21
N LEU A 256 27.32 79.03 25.12
CA LEU A 256 28.23 77.90 25.23
C LEU A 256 29.63 78.35 25.66
N ILE A 257 30.04 79.55 25.25
CA ILE A 257 31.40 80.01 25.53
C ILE A 257 31.61 80.14 27.04
N ALA A 258 30.59 80.64 27.75
CA ALA A 258 30.72 80.82 29.19
C ALA A 258 30.56 79.51 29.95
N LEU A 259 29.95 78.50 29.33
CA LEU A 259 29.66 77.26 30.03
C LEU A 259 30.94 76.51 30.39
N GLY A 260 31.86 76.39 29.43
CA GLY A 260 33.06 75.58 29.67
C GLY A 260 33.96 76.16 30.75
N LYS A 261 34.20 77.47 30.68
CA LYS A 261 35.06 78.13 31.68
C LYS A 261 34.42 78.21 33.05
N ARG A 262 33.10 77.98 33.15
CA ARG A 262 32.51 77.76 34.47
C ARG A 262 33.08 76.50 35.11
N PHE A 263 33.26 75.45 34.30
CA PHE A 263 33.86 74.20 34.75
C PHE A 263 35.36 74.15 34.50
N GLY A 264 35.94 75.18 33.91
CA GLY A 264 37.36 75.18 33.60
C GLY A 264 37.75 74.13 32.58
N VAL A 265 36.97 74.04 31.51
CA VAL A 265 37.16 73.03 30.48
C VAL A 265 37.53 73.72 29.17
N THR A 266 38.42 73.08 28.41
CA THR A 266 38.88 73.63 27.14
C THR A 266 38.05 73.08 26.01
N PRO A 267 37.20 73.89 25.37
CA PRO A 267 36.37 73.37 24.28
C PRO A 267 37.17 73.15 23.01
N LEU A 268 36.59 72.37 22.10
CA LEU A 268 37.19 72.15 20.79
C LEU A 268 37.08 73.43 19.97
N ALA A 269 38.24 74.00 19.61
CA ALA A 269 38.26 75.31 18.96
C ALA A 269 37.65 75.26 17.56
N SER A 270 37.77 74.12 16.87
CA SER A 270 37.25 74.02 15.52
C SER A 270 35.72 74.16 15.50
N ALA A 271 35.05 73.53 16.46
CA ALA A 271 33.59 73.63 16.50
C ALA A 271 33.12 74.98 17.01
N LEU A 272 33.93 75.65 17.82
CA LEU A 272 33.55 76.97 18.34
C LEU A 272 33.43 78.00 17.24
N ALA A 273 34.19 77.84 16.15
CA ALA A 273 34.12 78.80 15.05
C ALA A 273 32.74 78.81 14.39
N LEU A 274 32.15 77.63 14.21
CA LEU A 274 30.83 77.54 13.60
C LEU A 274 29.76 77.98 14.59
N MET B 1 20.34 43.98 64.28
CA MET B 1 19.00 44.51 64.05
C MET B 1 18.88 44.92 62.58
N GLN B 2 17.67 45.29 62.16
CA GLN B 2 17.40 45.49 60.73
C GLN B 2 18.28 46.58 60.14
N ASN B 3 18.87 46.30 58.98
CA ASN B 3 19.79 47.25 58.36
C ASN B 3 19.06 48.52 57.95
N ILE B 4 19.80 49.62 57.94
CA ILE B 4 19.23 50.91 57.57
C ILE B 4 18.78 50.91 56.11
N THR B 5 19.44 50.11 55.27
CA THR B 5 19.05 50.01 53.87
C THR B 5 17.71 49.31 53.70
N GLN B 6 17.28 48.53 54.69
CA GLN B 6 16.01 47.80 54.63
C GLN B 6 14.84 48.61 55.14
N SER B 7 15.03 49.87 55.49
CA SER B 7 13.96 50.71 55.99
C SER B 7 13.11 51.24 54.83
N TRP B 8 11.99 51.87 55.18
CA TRP B 8 11.06 52.36 54.16
C TRP B 8 11.64 53.53 53.38
N PHE B 9 12.36 54.43 54.05
CA PHE B 9 12.84 55.64 53.39
C PHE B 9 14.03 55.37 52.48
N VAL B 10 14.68 54.22 52.60
CA VAL B 10 15.75 53.84 51.69
C VAL B 10 15.21 53.01 50.54
N GLN B 11 14.26 52.12 50.81
CA GLN B 11 13.62 51.35 49.74
C GLN B 11 12.91 52.27 48.77
N GLY B 12 12.27 53.32 49.27
CA GLY B 12 11.62 54.28 48.39
C GLY B 12 12.60 54.99 47.47
N MET B 13 13.77 55.37 48.01
CA MET B 13 14.80 55.98 47.18
C MET B 13 15.33 55.00 46.14
N ILE B 14 15.28 53.70 46.44
CA ILE B 14 15.75 52.69 45.49
C ILE B 14 14.82 52.63 44.28
N LYS B 15 13.52 52.58 44.52
CA LYS B 15 12.56 52.40 43.42
C LYS B 15 12.55 53.60 42.48
N ALA B 16 12.49 54.81 43.03
CA ALA B 16 12.42 56.00 42.20
C ALA B 16 13.69 56.18 41.37
N THR B 17 14.84 55.75 41.88
CA THR B 17 16.08 55.85 41.13
C THR B 17 16.14 54.81 40.02
N THR B 18 15.70 53.59 40.30
CA THR B 18 15.78 52.51 39.32
C THR B 18 14.79 52.71 38.19
N ASP B 19 13.54 53.06 38.52
CA ASP B 19 12.49 53.13 37.52
C ASP B 19 12.64 54.34 36.61
N ALA B 20 13.20 55.43 37.11
CA ALA B 20 13.45 56.59 36.27
C ALA B 20 14.65 56.38 35.35
N TRP B 21 15.42 55.31 35.56
CA TRP B 21 16.51 54.99 34.66
C TRP B 21 16.03 54.13 33.51
N LEU B 22 15.16 53.16 33.78
CA LEU B 22 14.66 52.28 32.73
C LEU B 22 13.87 53.06 31.69
N LYS B 23 13.23 54.16 32.09
CA LYS B 23 12.52 55.01 31.16
C LYS B 23 13.45 55.83 30.28
N GLY B 24 14.75 55.81 30.55
CA GLY B 24 15.67 56.64 29.79
C GLY B 24 15.70 58.08 30.20
N TRP B 25 15.57 58.37 31.50
CA TRP B 25 15.53 59.74 32.00
C TRP B 25 16.80 60.15 32.75
N ASP B 26 17.74 59.23 32.96
CA ASP B 26 18.85 59.44 33.88
C ASP B 26 20.18 59.03 33.25
N GLU B 27 20.46 59.52 32.05
CA GLU B 27 21.73 59.20 31.41
C GLU B 27 22.89 59.72 32.25
N ARG B 28 23.94 58.90 32.33
CA ARG B 28 25.14 59.17 33.16
C ARG B 28 24.68 59.45 34.59
N ASN B 29 25.11 60.55 35.19
CA ASN B 29 24.76 60.92 36.57
C ASN B 29 23.65 61.94 36.63
N GLY B 30 23.01 62.26 35.50
CA GLY B 30 21.90 63.19 35.54
C GLY B 30 20.77 62.65 36.40
N GLY B 31 20.11 63.55 37.11
CA GLY B 31 19.05 63.17 38.02
C GLY B 31 19.46 63.18 39.47
N ASN B 32 18.77 64.00 40.26
CA ASN B 32 19.02 64.12 41.68
C ASN B 32 17.71 64.16 42.45
N LEU B 33 17.68 63.46 43.57
CA LEU B 33 16.49 63.32 44.42
C LEU B 33 16.81 63.69 45.86
N THR B 34 15.98 64.54 46.44
CA THR B 34 16.11 64.95 47.83
C THR B 34 14.74 64.81 48.49
N LEU B 35 14.71 64.12 49.62
CA LEU B 35 13.47 63.88 50.35
C LEU B 35 13.66 64.32 51.79
N ARG B 36 12.70 65.10 52.29
CA ARG B 36 12.71 65.53 53.68
C ARG B 36 12.14 64.45 54.58
N LEU B 37 12.83 64.17 55.68
CA LEU B 37 12.45 63.13 56.62
C LEU B 37 12.07 63.76 57.96
N ASP B 38 11.66 62.91 58.90
CA ASP B 38 11.29 63.32 60.24
C ASP B 38 12.27 62.73 61.25
N ASP B 39 12.20 63.26 62.47
CA ASP B 39 13.14 62.84 63.51
C ASP B 39 12.80 61.46 64.05
N ALA B 40 11.51 61.15 64.17
CA ALA B 40 11.10 59.85 64.70
C ALA B 40 11.45 58.71 63.75
N ASP B 41 11.61 59.00 62.45
CA ASP B 41 11.92 57.94 61.49
C ASP B 41 13.30 57.35 61.72
N ILE B 42 14.28 58.20 62.03
CA ILE B 42 15.67 57.75 62.18
C ILE B 42 16.06 57.49 63.62
N ALA B 43 15.13 57.62 64.57
CA ALA B 43 15.45 57.39 65.97
C ALA B 43 15.87 55.96 66.26
N PRO B 44 15.16 54.91 65.84
CA PRO B 44 15.60 53.54 66.18
C PRO B 44 16.86 53.09 65.46
N TYR B 45 17.34 53.83 64.46
CA TYR B 45 18.47 53.42 63.66
C TYR B 45 19.75 54.18 64.01
N HIS B 46 19.97 54.46 65.30
CA HIS B 46 21.19 55.10 65.74
C HIS B 46 22.40 54.17 65.70
N ASP B 47 22.18 52.87 65.55
CA ASP B 47 23.28 51.92 65.56
C ASP B 47 24.22 52.14 64.39
N ASN B 48 23.68 52.45 63.22
CA ASN B 48 24.46 52.58 62.00
C ASN B 48 24.99 53.98 61.77
N PHE B 49 24.77 54.90 62.71
CA PHE B 49 25.26 56.27 62.55
C PHE B 49 26.78 56.30 62.63
N HIS B 50 27.39 57.11 61.76
CA HIS B 50 28.84 57.24 61.74
C HIS B 50 29.35 57.96 62.98
N GLN B 51 30.58 57.63 63.37
CA GLN B 51 31.16 58.22 64.57
C GLN B 51 31.51 59.70 64.37
N GLN B 52 31.94 60.07 63.17
CA GLN B 52 32.36 61.46 62.90
C GLN B 52 31.45 62.08 61.86
N PRO B 53 30.47 62.89 62.27
CA PRO B 53 29.71 63.68 61.29
C PRO B 53 30.57 64.81 60.73
N ARG B 54 30.88 64.73 59.45
CA ARG B 54 31.63 65.79 58.79
C ARG B 54 30.82 67.07 58.73
N TYR B 55 31.51 68.20 58.71
CA TYR B 55 30.87 69.51 58.64
C TYR B 55 31.21 70.17 57.31
N ILE B 56 30.18 70.66 56.62
CA ILE B 56 30.35 71.43 55.40
C ILE B 56 29.64 72.77 55.57
N PRO B 57 30.33 73.89 55.37
CA PRO B 57 29.68 75.20 55.57
C PRO B 57 28.71 75.50 54.43
N LEU B 58 27.43 75.62 54.78
CA LEU B 58 26.41 75.89 53.79
C LEU B 58 26.44 77.37 53.40
N SER B 59 26.10 77.64 52.13
CA SER B 59 26.38 78.95 51.55
C SER B 59 25.63 80.06 52.25
N GLN B 60 24.32 79.93 52.40
CA GLN B 60 23.51 80.98 53.01
C GLN B 60 22.39 80.35 53.83
N PRO B 61 22.38 80.55 55.14
CA PRO B 61 21.51 79.75 56.02
C PRO B 61 20.04 79.90 55.71
N MET B 62 19.31 78.79 55.84
CA MET B 62 17.85 78.79 55.92
C MET B 62 17.46 78.44 57.35
N PRO B 63 16.96 79.40 58.13
CA PRO B 63 16.57 79.08 59.51
C PRO B 63 15.46 78.03 59.61
N LEU B 64 14.57 77.98 58.62
CA LEU B 64 13.44 77.04 58.68
C LEU B 64 13.89 75.59 58.57
N LEU B 65 15.07 75.33 58.03
CA LEU B 65 15.56 73.98 57.82
C LEU B 65 16.49 73.49 58.94
N ALA B 66 16.54 74.22 60.06
CA ALA B 66 17.37 73.81 61.17
C ALA B 66 16.83 72.54 61.81
N ASN B 67 17.75 71.65 62.21
CA ASN B 67 17.40 70.39 62.86
C ASN B 67 16.46 69.54 62.01
N THR B 68 16.74 69.50 60.70
CA THR B 68 15.93 68.73 59.75
C THR B 68 16.80 67.71 59.04
N PRO B 69 16.60 66.41 59.28
CA PRO B 69 17.35 65.40 58.53
C PRO B 69 16.84 65.27 57.10
N PHE B 70 17.72 64.77 56.24
CA PHE B 70 17.41 64.60 54.82
C PHE B 70 18.01 63.31 54.31
N ILE B 71 17.66 62.98 53.06
CA ILE B 71 18.34 61.95 52.29
C ILE B 71 18.65 62.54 50.92
N VAL B 72 19.86 62.32 50.43
CA VAL B 72 20.32 62.95 49.20
C VAL B 72 21.07 61.90 48.36
N THR B 73 21.24 62.23 47.08
CA THR B 73 21.99 61.40 46.17
C THR B 73 23.41 61.95 46.02
N GLY B 74 24.39 61.05 46.01
CA GLY B 74 25.77 61.46 45.89
C GLY B 74 26.05 62.09 44.54
N SER B 75 26.87 63.15 44.56
CA SER B 75 27.23 63.84 43.32
C SER B 75 28.13 62.95 42.47
N GLY B 76 27.80 62.83 41.19
CA GLY B 76 28.55 61.99 40.29
C GLY B 76 28.21 60.51 40.34
N LYS B 77 27.26 60.12 41.19
CA LYS B 77 26.87 58.72 41.28
C LYS B 77 25.89 58.38 40.15
N PHE B 78 25.61 57.07 40.02
CA PHE B 78 24.75 56.57 38.97
C PHE B 78 23.45 56.01 39.56
N PHE B 79 22.33 56.36 38.93
CA PHE B 79 21.03 55.92 39.42
C PHE B 79 20.88 54.41 39.35
N ARG B 80 21.38 53.79 38.27
CA ARG B 80 21.28 52.35 38.15
C ARG B 80 22.15 51.62 39.16
N ASN B 81 23.26 52.22 39.56
CA ASN B 81 24.17 51.61 40.54
C ASN B 81 23.65 51.72 41.97
N VAL B 82 22.58 52.47 42.20
CA VAL B 82 22.05 52.64 43.55
C VAL B 82 21.57 51.30 44.10
N GLN B 83 20.90 50.50 43.26
CA GLN B 83 20.43 49.20 43.70
C GLN B 83 21.56 48.22 44.01
N LEU B 84 22.78 48.52 43.57
CA LEU B 84 23.93 47.65 43.83
C LEU B 84 24.67 48.04 45.10
N ASP B 85 25.09 49.29 45.22
CA ASP B 85 25.81 49.79 46.40
C ASP B 85 25.11 51.05 46.90
N PRO B 86 24.01 50.89 47.64
CA PRO B 86 23.31 52.07 48.15
C PRO B 86 24.15 52.93 49.08
N ALA B 87 25.04 52.32 49.87
CA ALA B 87 25.80 53.06 50.85
C ALA B 87 26.75 54.07 50.19
N ALA B 88 27.38 53.67 49.09
CA ALA B 88 28.37 54.52 48.43
C ALA B 88 27.74 55.63 47.60
N ASN B 89 26.43 55.60 47.37
CA ASN B 89 25.76 56.56 46.52
C ASN B 89 24.74 57.44 47.21
N LEU B 90 24.20 57.02 48.36
CA LEU B 90 23.19 57.76 49.07
C LEU B 90 23.69 58.14 50.46
N GLY B 91 23.32 59.34 50.90
CA GLY B 91 23.76 59.84 52.19
C GLY B 91 22.66 60.60 52.89
N ILE B 92 22.80 60.72 54.20
CA ILE B 92 21.86 61.45 55.06
C ILE B 92 22.60 62.63 55.66
N VAL B 93 22.02 63.83 55.50
CA VAL B 93 22.60 65.04 56.07
C VAL B 93 21.60 65.63 57.06
N LYS B 94 22.13 66.39 58.02
CA LYS B 94 21.31 67.08 59.00
C LYS B 94 21.87 68.48 59.22
N VAL B 95 20.98 69.46 59.29
CA VAL B 95 21.36 70.85 59.48
C VAL B 95 21.38 71.18 60.95
N ASP B 96 22.36 71.96 61.38
CA ASP B 96 22.52 72.30 62.79
C ASP B 96 21.36 73.15 63.28
N SER B 97 21.33 73.39 64.59
CA SER B 97 20.25 74.15 65.22
C SER B 97 20.23 75.61 64.79
N CYS B 98 21.35 76.16 64.32
CA CYS B 98 21.39 77.52 63.82
C CYS B 98 21.01 77.64 62.35
N GLY B 99 21.30 76.61 61.56
CA GLY B 99 20.92 76.61 60.15
C GLY B 99 22.00 77.04 59.18
N ALA B 100 23.24 77.22 59.65
CA ALA B 100 24.30 77.71 58.80
C ALA B 100 25.04 76.62 58.03
N GLY B 101 24.82 75.36 58.36
CA GLY B 101 25.51 74.28 57.69
C GLY B 101 24.79 72.97 57.87
N TYR B 102 25.41 71.90 57.37
CA TYR B 102 24.84 70.57 57.46
C TYR B 102 25.92 69.57 57.84
N HIS B 103 25.51 68.54 58.59
CA HIS B 103 26.39 67.49 59.04
C HIS B 103 26.00 66.18 58.37
N ILE B 104 26.97 65.52 57.74
CA ILE B 104 26.73 64.25 57.07
C ILE B 104 26.74 63.15 58.13
N LEU B 105 25.61 62.47 58.30
CA LEU B 105 25.46 61.49 59.37
C LEU B 105 25.69 60.06 58.91
N TRP B 106 25.40 59.74 57.65
CA TRP B 106 25.55 58.38 57.15
C TRP B 106 25.71 58.43 55.65
N GLY B 107 26.49 57.48 55.11
CA GLY B 107 26.71 57.39 53.68
C GLY B 107 27.75 58.37 53.17
N LEU B 108 27.71 58.57 51.85
CA LEU B 108 28.65 59.44 51.15
C LEU B 108 30.10 59.00 51.40
N THR B 109 30.31 57.69 51.39
CA THR B 109 31.60 57.11 51.76
C THR B 109 32.67 57.46 50.72
N ASN B 110 33.90 57.08 51.03
CA ASN B 110 35.07 57.35 50.18
C ASN B 110 35.21 58.84 49.90
N GLU B 111 34.96 59.66 50.93
CA GLU B 111 35.04 61.11 50.83
C GLU B 111 34.16 61.66 49.72
N ALA B 112 32.94 61.15 49.61
CA ALA B 112 32.00 61.65 48.61
C ALA B 112 31.21 62.82 49.15
N VAL B 113 30.98 63.81 48.29
CA VAL B 113 30.29 65.03 48.66
C VAL B 113 28.85 64.91 48.21
N PRO B 114 27.93 65.66 48.82
CA PRO B 114 26.53 65.62 48.37
C PRO B 114 26.38 66.22 46.98
N THR B 115 25.15 66.14 46.47
CA THR B 115 24.90 66.52 45.09
C THR B 115 25.21 67.99 44.84
N SER B 116 25.63 68.30 43.62
CA SER B 116 26.01 69.66 43.28
C SER B 116 24.81 70.59 43.19
N GLU B 117 23.61 70.03 43.12
CA GLU B 117 22.38 70.83 43.10
C GLU B 117 21.82 71.06 44.49
N LEU B 118 22.58 70.77 45.53
CA LEU B 118 22.12 70.99 46.90
C LEU B 118 21.67 72.42 47.17
N PRO B 119 22.34 73.47 46.68
CA PRO B 119 21.79 74.82 46.87
C PRO B 119 20.36 74.97 46.38
N ALA B 120 20.12 74.69 45.09
CA ALA B 120 18.80 74.91 44.52
C ALA B 120 17.73 74.08 45.22
N HIS B 121 18.07 72.86 45.64
CA HIS B 121 17.10 72.00 46.30
C HIS B 121 16.68 72.58 47.65
N PHE B 122 17.65 73.02 48.46
CA PHE B 122 17.34 73.47 49.81
C PHE B 122 16.61 74.82 49.81
N LEU B 123 16.98 75.73 48.90
CA LEU B 123 16.26 76.99 48.81
C LEU B 123 14.83 76.79 48.33
N SER B 124 14.62 75.83 47.43
CA SER B 124 13.27 75.54 46.96
C SER B 124 12.50 74.65 47.92
N HIS B 125 13.21 73.85 48.72
CA HIS B 125 12.52 73.02 49.72
C HIS B 125 11.81 73.89 50.75
N SER B 126 12.46 74.97 51.19
CA SER B 126 11.87 75.80 52.23
C SER B 126 10.59 76.49 51.76
N GLU B 127 10.59 77.01 50.53
CA GLU B 127 9.43 77.76 50.06
C GLU B 127 8.19 76.88 49.98
N ARG B 128 8.33 75.67 49.44
CA ARG B 128 7.17 74.78 49.31
C ARG B 128 6.56 74.43 50.66
N ILE B 129 7.35 74.49 51.73
CA ILE B 129 6.82 74.18 53.06
C ILE B 129 5.76 75.19 53.46
N LYS B 130 6.05 76.48 53.28
CA LYS B 130 5.09 77.51 53.68
C LYS B 130 3.94 77.65 52.70
N ALA B 131 4.17 77.35 51.42
CA ALA B 131 3.12 77.53 50.42
C ALA B 131 1.97 76.54 50.62
N THR B 132 2.28 75.32 51.05
CA THR B 132 1.27 74.30 51.27
C THR B 132 1.25 73.82 52.71
N ASN B 133 1.69 74.64 53.65
CA ASN B 133 1.66 74.33 55.09
C ASN B 133 2.44 73.06 55.41
N GLY B 134 3.63 72.95 54.84
CA GLY B 134 4.52 71.84 55.15
C GLY B 134 4.05 70.48 54.70
N LYS B 135 3.51 70.37 53.49
CA LYS B 135 3.13 69.07 52.95
C LYS B 135 4.13 68.57 51.91
N ASP B 136 4.79 69.48 51.20
CA ASP B 136 5.77 69.09 50.19
C ASP B 136 7.03 68.55 50.86
N ARG B 137 7.55 67.44 50.34
CA ARG B 137 8.73 66.80 50.90
C ARG B 137 9.75 66.36 49.87
N VAL B 138 9.44 66.42 48.57
CA VAL B 138 10.30 65.89 47.53
C VAL B 138 10.48 66.93 46.44
N ILE B 139 11.72 67.11 45.99
CA ILE B 139 12.05 67.89 44.81
C ILE B 139 12.78 66.97 43.85
N MET B 140 12.34 66.95 42.59
CA MET B 140 12.84 65.98 41.61
C MET B 140 13.41 66.70 40.40
N HIS B 141 14.35 66.03 39.75
CA HIS B 141 14.94 66.50 38.50
C HIS B 141 15.38 65.29 37.69
N CYS B 142 15.09 65.32 36.40
CA CYS B 142 15.41 64.20 35.51
C CYS B 142 15.48 64.72 34.08
N HIS B 143 16.07 63.89 33.21
CA HIS B 143 16.21 64.24 31.79
C HIS B 143 15.16 63.50 30.98
N ALA B 144 13.96 64.09 30.93
CA ALA B 144 12.87 63.55 30.15
C ALA B 144 13.04 63.95 28.69
N THR B 145 13.15 62.94 27.81
CA THR B 145 13.52 63.20 26.43
C THR B 145 12.46 64.00 25.69
N ASN B 146 11.18 63.68 25.90
CA ASN B 146 10.13 64.31 25.10
C ASN B 146 9.90 65.76 25.51
N LEU B 147 9.90 66.04 26.81
CA LEU B 147 9.75 67.42 27.26
C LEU B 147 10.92 68.27 26.80
N ILE B 148 12.14 67.73 26.85
CA ILE B 148 13.31 68.46 26.37
C ILE B 148 13.19 68.75 24.88
N ALA B 149 12.75 67.76 24.09
CA ALA B 149 12.61 67.95 22.66
C ALA B 149 11.60 69.04 22.32
N LEU B 150 10.51 69.12 23.08
CA LEU B 150 9.48 70.11 22.83
C LEU B 150 9.97 71.54 23.06
N THR B 151 10.99 71.72 23.90
CA THR B 151 11.50 73.08 24.15
C THR B 151 12.17 73.67 22.92
N TYR B 152 12.61 72.85 21.97
CA TYR B 152 13.28 73.32 20.77
C TYR B 152 12.31 73.76 19.67
N VAL B 153 11.03 73.43 19.80
CA VAL B 153 10.08 73.68 18.72
C VAL B 153 9.04 74.71 19.15
N LEU B 154 8.76 74.77 20.45
CA LEU B 154 7.74 75.66 20.98
C LEU B 154 8.37 76.74 21.85
N GLU B 155 7.69 77.88 21.93
CA GLU B 155 8.18 78.99 22.74
C GLU B 155 8.17 78.60 24.22
N ASN B 156 9.20 79.04 24.93
CA ASN B 156 9.37 78.71 26.34
C ASN B 156 8.62 79.71 27.20
N ASP B 157 7.30 79.70 27.06
CA ASP B 157 6.41 80.57 27.83
C ASP B 157 5.36 79.72 28.54
N THR B 158 5.09 80.07 29.80
CA THR B 158 4.18 79.27 30.61
C THR B 158 2.77 79.26 30.03
N ALA B 159 2.29 80.41 29.57
CA ALA B 159 0.91 80.50 29.09
C ALA B 159 0.67 79.60 27.89
N VAL B 160 1.59 79.61 26.92
CA VAL B 160 1.42 78.79 25.72
C VAL B 160 1.59 77.31 26.04
N PHE B 161 2.62 76.98 26.83
CA PHE B 161 2.89 75.57 27.12
C PHE B 161 1.78 74.94 27.95
N THR B 162 1.22 75.70 28.91
CA THR B 162 0.20 75.14 29.79
C THR B 162 -1.02 74.68 29.01
N ARG B 163 -1.45 75.48 28.03
CA ARG B 163 -2.60 75.08 27.22
C ARG B 163 -2.30 73.84 26.40
N GLN B 164 -1.08 73.75 25.85
CA GLN B 164 -0.71 72.59 25.03
C GLN B 164 -0.71 71.31 25.85
N LEU B 165 -0.09 71.33 27.03
CA LEU B 165 -0.04 70.12 27.85
C LEU B 165 -1.43 69.72 28.34
N TRP B 166 -2.28 70.69 28.63
CA TRP B 166 -3.67 70.37 29.00
C TRP B 166 -4.44 69.80 27.82
N GLU B 167 -4.11 70.22 26.61
CA GLU B 167 -4.80 69.75 25.42
C GLU B 167 -4.36 68.34 25.00
N GLY B 168 -3.25 67.85 25.53
CA GLY B 168 -2.74 66.54 25.15
C GLY B 168 -3.36 65.37 25.88
N SER B 169 -4.21 65.62 26.86
CA SER B 169 -4.85 64.54 27.62
C SER B 169 -6.01 65.13 28.40
N THR B 170 -6.74 64.23 29.09
CA THR B 170 -7.86 64.69 29.91
C THR B 170 -7.46 64.78 31.39
N GLU B 171 -6.62 63.88 31.86
CA GLU B 171 -6.18 63.89 33.25
C GLU B 171 -5.24 65.05 33.55
N CYS B 172 -4.69 65.70 32.51
CA CYS B 172 -3.60 66.66 32.71
C CYS B 172 -4.05 67.85 33.55
N LEU B 173 -5.18 68.47 33.19
CA LEU B 173 -5.61 69.68 33.89
C LEU B 173 -5.93 69.40 35.35
N VAL B 174 -6.38 68.19 35.67
CA VAL B 174 -6.58 67.80 37.06
C VAL B 174 -5.24 67.69 37.78
N VAL B 175 -4.18 67.35 37.06
CA VAL B 175 -2.90 67.05 37.70
C VAL B 175 -2.16 68.33 38.07
N PHE B 176 -1.99 69.25 37.12
CA PHE B 176 -1.33 70.54 37.38
C PHE B 176 -2.21 71.68 36.92
N PRO B 177 -3.29 71.98 37.65
CA PRO B 177 -4.06 73.19 37.36
C PRO B 177 -3.26 74.46 37.55
N ASP B 178 -2.29 74.46 38.46
CA ASP B 178 -1.43 75.62 38.69
C ASP B 178 -0.49 75.90 37.52
N GLY B 179 -0.39 74.99 36.56
CA GLY B 179 0.44 75.21 35.40
C GLY B 179 1.86 74.69 35.57
N VAL B 180 2.64 74.90 34.51
CA VAL B 180 4.04 74.49 34.47
C VAL B 180 4.90 75.73 34.28
N GLY B 181 6.02 75.79 35.01
CA GLY B 181 6.93 76.92 34.96
C GLY B 181 8.03 76.72 33.95
N ILE B 182 8.67 77.82 33.57
CA ILE B 182 9.77 77.81 32.60
C ILE B 182 10.68 78.99 32.87
N LEU B 183 11.98 78.76 32.76
CA LEU B 183 13.00 79.79 32.88
C LEU B 183 13.59 80.12 31.53
N PRO B 184 14.37 81.19 31.44
CA PRO B 184 15.37 81.28 30.37
C PRO B 184 16.57 80.40 30.70
N TRP B 185 17.32 80.05 29.67
CA TRP B 185 18.45 79.15 29.87
C TRP B 185 19.50 79.82 30.76
N MET B 186 19.94 79.09 31.78
CA MET B 186 20.90 79.62 32.75
C MET B 186 21.92 78.53 33.07
N VAL B 187 23.16 78.95 33.26
CA VAL B 187 24.27 78.03 33.52
C VAL B 187 24.11 77.41 34.89
N PRO B 188 24.07 76.09 34.99
CA PRO B 188 23.86 75.43 36.29
C PRO B 188 25.14 75.45 37.12
N GLY B 189 25.06 74.84 38.30
CA GLY B 189 26.19 74.74 39.19
C GLY B 189 26.48 75.96 40.03
N THR B 190 25.68 77.00 39.91
CA THR B 190 25.86 78.24 40.67
C THR B 190 24.76 78.37 41.72
N ASP B 191 24.76 79.52 42.40
CA ASP B 191 23.69 79.82 43.34
C ASP B 191 22.61 80.70 42.74
N ALA B 192 22.85 81.29 41.57
CA ALA B 192 21.82 82.05 40.90
C ALA B 192 20.67 81.16 40.45
N ILE B 193 20.98 79.93 40.01
CA ILE B 193 19.95 78.99 39.61
C ILE B 193 19.05 78.60 40.78
N GLY B 194 19.58 78.64 42.00
CA GLY B 194 18.77 78.30 43.16
C GLY B 194 17.66 79.31 43.42
N GLN B 195 17.94 80.59 43.19
CA GLN B 195 16.96 81.63 43.49
C GLN B 195 15.79 81.58 42.51
N ALA B 196 16.08 81.49 41.22
CA ALA B 196 15.01 81.53 40.22
C ALA B 196 14.10 80.30 40.33
N THR B 197 14.66 79.15 40.68
CA THR B 197 13.85 77.96 40.88
C THR B 197 12.98 78.08 42.13
N ALA B 198 13.56 78.59 43.22
CA ALA B 198 12.79 78.77 44.45
C ALA B 198 11.74 79.87 44.30
N GLN B 199 12.03 80.90 43.50
CA GLN B 199 11.07 81.96 43.28
C GLN B 199 9.85 81.45 42.51
N GLU B 200 10.09 80.59 41.51
CA GLU B 200 8.98 80.06 40.70
C GLU B 200 8.16 79.03 41.46
N MET B 201 8.68 78.48 42.56
CA MET B 201 7.94 77.49 43.34
C MET B 201 6.66 78.05 43.92
N GLN B 202 6.55 79.38 44.04
CA GLN B 202 5.38 79.98 44.68
C GLN B 202 4.10 79.68 43.90
N LYS B 203 4.10 79.94 42.59
CA LYS B 203 2.90 79.83 41.80
C LYS B 203 2.75 78.48 41.09
N HIS B 204 3.83 77.74 40.92
CA HIS B 204 3.82 76.52 40.14
C HIS B 204 4.42 75.37 40.94
N SER B 205 3.99 74.14 40.59
CA SER B 205 4.57 72.93 41.14
C SER B 205 5.48 72.21 40.15
N LEU B 206 5.37 72.52 38.86
CA LEU B 206 6.30 72.02 37.85
C LEU B 206 6.96 73.20 37.16
N VAL B 207 8.28 73.18 37.10
CA VAL B 207 9.05 74.18 36.37
C VAL B 207 10.06 73.45 35.49
N LEU B 208 10.07 73.78 34.20
CA LEU B 208 10.90 73.09 33.23
C LEU B 208 12.21 73.85 33.03
N TRP B 209 13.33 73.14 33.23
CA TRP B 209 14.64 73.71 32.95
C TRP B 209 14.91 73.61 31.45
N PRO B 210 15.23 74.71 30.77
CA PRO B 210 15.48 74.63 29.32
C PRO B 210 16.70 73.77 29.03
N PHE B 211 16.50 72.74 28.21
CA PHE B 211 17.53 71.85 27.70
C PHE B 211 18.23 71.04 28.79
N HIS B 212 17.71 71.05 30.01
CA HIS B 212 18.24 70.23 31.08
C HIS B 212 17.22 69.25 31.63
N GLY B 213 16.00 69.70 31.94
CA GLY B 213 15.01 68.80 32.50
C GLY B 213 13.87 69.55 33.15
N VAL B 214 13.27 68.91 34.16
CA VAL B 214 12.08 69.42 34.83
C VAL B 214 12.31 69.37 36.34
N PHE B 215 11.50 70.15 37.06
CA PHE B 215 11.51 70.17 38.52
C PHE B 215 10.09 70.00 39.04
N GLY B 216 9.89 69.03 39.91
CA GLY B 216 8.57 68.74 40.45
C GLY B 216 8.60 68.58 41.95
N SER B 217 7.53 69.04 42.59
CA SER B 217 7.39 69.02 44.04
C SER B 217 6.15 68.26 44.45
N GLY B 218 6.26 67.43 45.48
CA GLY B 218 5.15 66.64 45.96
C GLY B 218 5.42 66.02 47.31
N PRO B 219 4.35 65.62 48.01
CA PRO B 219 4.51 65.10 49.38
C PRO B 219 5.24 63.78 49.48
N THR B 220 4.92 62.83 48.61
CA THR B 220 5.48 61.49 48.68
C THR B 220 6.38 61.23 47.48
N LEU B 221 7.22 60.20 47.62
CA LEU B 221 8.09 59.79 46.51
C LEU B 221 7.28 59.27 45.34
N ASP B 222 6.24 58.50 45.62
CA ASP B 222 5.45 57.89 44.55
C ASP B 222 4.75 58.95 43.71
N GLU B 223 4.06 59.88 44.36
CA GLU B 223 3.29 60.87 43.62
C GLU B 223 4.19 61.82 42.85
N THR B 224 5.37 62.12 43.38
CA THR B 224 6.32 62.96 42.65
C THR B 224 6.74 62.29 41.35
N PHE B 225 7.03 60.99 41.40
CA PHE B 225 7.36 60.25 40.19
C PHE B 225 6.16 60.20 39.24
N GLY B 226 4.96 60.00 39.79
CA GLY B 226 3.77 59.99 38.94
C GLY B 226 3.40 61.37 38.44
N LEU B 227 3.81 62.42 39.13
CA LEU B 227 3.48 63.77 38.70
C LEU B 227 4.25 64.15 37.44
N ILE B 228 5.56 63.87 37.42
CA ILE B 228 6.35 64.12 36.23
C ILE B 228 5.99 63.14 35.12
N ASP B 229 5.57 61.94 35.49
CA ASP B 229 5.19 60.93 34.50
C ASP B 229 3.97 61.37 33.71
N THR B 230 2.99 61.97 34.39
CA THR B 230 1.74 62.36 33.72
C THR B 230 2.01 63.38 32.62
N ALA B 231 2.80 64.41 32.91
CA ALA B 231 3.14 65.39 31.88
C ALA B 231 4.03 64.77 30.81
N GLU B 232 4.89 63.82 31.19
CA GLU B 232 5.73 63.15 30.21
C GLU B 232 4.91 62.22 29.32
N LYS B 233 3.89 61.58 29.88
CA LYS B 233 2.99 60.77 29.06
C LYS B 233 2.26 61.63 28.04
N SER B 234 1.81 62.81 28.44
CA SER B 234 1.18 63.73 27.50
C SER B 234 2.20 64.29 26.51
N ALA B 235 3.47 64.36 26.91
CA ALA B 235 4.50 64.85 26.00
C ALA B 235 4.67 63.92 24.79
N GLN B 236 4.57 62.61 25.03
CA GLN B 236 4.73 61.64 23.96
C GLN B 236 3.61 61.77 22.93
N VAL B 237 2.38 62.01 23.37
CA VAL B 237 1.26 62.16 22.45
C VAL B 237 1.42 63.42 21.61
N LEU B 238 1.85 64.51 22.23
CA LEU B 238 2.00 65.78 21.50
C LEU B 238 3.05 65.66 20.40
N VAL B 239 4.17 65.01 20.68
CA VAL B 239 5.24 64.92 19.68
C VAL B 239 4.80 64.07 18.50
N LYS B 240 3.93 63.08 18.73
CA LYS B 240 3.51 62.19 17.66
C LYS B 240 2.64 62.92 16.64
N VAL B 241 1.69 63.74 17.11
CA VAL B 241 0.78 64.43 16.21
C VAL B 241 1.50 65.52 15.43
N TYR B 242 2.39 66.26 16.08
CA TYR B 242 3.11 67.33 15.41
C TYR B 242 3.89 66.82 14.21
N SER B 243 4.58 65.69 14.36
CA SER B 243 5.31 65.09 13.25
C SER B 243 4.38 64.43 12.24
N MET B 244 3.12 64.20 12.59
CA MET B 244 2.18 63.51 11.72
C MET B 244 1.47 64.44 10.75
N GLY B 245 1.61 65.76 10.90
CA GLY B 245 0.98 66.69 9.99
C GLY B 245 0.33 67.87 10.66
N GLY B 246 0.17 67.81 11.98
CA GLY B 246 -0.36 68.92 12.74
C GLY B 246 -1.69 68.59 13.41
N MET B 247 -1.96 69.33 14.47
CA MET B 247 -3.18 69.15 15.25
C MET B 247 -4.39 69.61 14.42
N LYS B 248 -5.46 68.82 14.47
CA LYS B 248 -6.65 69.09 13.67
C LYS B 248 -7.87 69.46 14.51
N GLN B 249 -8.26 68.59 15.44
CA GLN B 249 -9.35 68.89 16.36
C GLN B 249 -8.92 68.50 17.76
N THR B 250 -9.42 69.22 18.75
CA THR B 250 -8.95 69.08 20.13
C THR B 250 -10.04 69.52 21.09
N ILE B 251 -9.66 69.71 22.35
CA ILE B 251 -10.60 70.11 23.38
C ILE B 251 -10.88 71.59 23.26
N SER B 252 -12.16 71.95 23.21
CA SER B 252 -12.56 73.35 23.13
C SER B 252 -12.37 74.04 24.47
N ARG B 253 -12.38 75.38 24.44
CA ARG B 253 -12.23 76.14 25.67
C ARG B 253 -13.44 75.97 26.58
N GLU B 254 -14.63 75.76 26.00
CA GLU B 254 -15.80 75.48 26.82
C GLU B 254 -15.70 74.12 27.48
N GLU B 255 -15.15 73.13 26.77
CA GLU B 255 -15.00 71.79 27.33
C GLU B 255 -14.01 71.78 28.48
N LEU B 256 -12.94 72.57 28.38
CA LEU B 256 -11.97 72.66 29.46
C LEU B 256 -12.58 73.31 30.70
N ILE B 257 -13.47 74.28 30.51
CA ILE B 257 -14.10 74.95 31.64
C ILE B 257 -14.95 73.96 32.45
N ALA B 258 -15.71 73.10 31.76
CA ALA B 258 -16.56 72.15 32.46
C ALA B 258 -15.73 71.17 33.29
N LEU B 259 -14.53 70.84 32.84
CA LEU B 259 -13.69 69.89 33.58
C LEU B 259 -13.29 70.44 34.94
N GLY B 260 -12.98 71.73 35.02
CA GLY B 260 -12.50 72.29 36.27
C GLY B 260 -13.54 72.27 37.37
N LYS B 261 -14.79 72.58 37.05
CA LYS B 261 -15.84 72.65 38.07
C LYS B 261 -16.23 71.26 38.57
N ARG B 262 -16.22 70.25 37.70
CA ARG B 262 -16.64 68.91 38.12
C ARG B 262 -15.70 68.35 39.18
N PHE B 263 -14.39 68.54 38.99
CA PHE B 263 -13.41 68.04 39.94
C PHE B 263 -13.05 69.04 41.02
N GLY B 264 -13.67 70.22 41.01
CA GLY B 264 -13.43 71.22 42.05
C GLY B 264 -12.03 71.78 42.07
N VAL B 265 -11.50 72.15 40.90
CA VAL B 265 -10.19 72.77 40.80
C VAL B 265 -10.33 74.05 39.99
N THR B 266 -9.38 74.96 40.18
CA THR B 266 -9.38 76.24 39.50
C THR B 266 -8.27 76.28 38.47
N PRO B 267 -8.59 76.25 37.17
CA PRO B 267 -7.55 76.35 36.15
C PRO B 267 -6.90 77.72 36.15
N LEU B 268 -5.68 77.77 35.62
CA LEU B 268 -4.95 79.03 35.54
C LEU B 268 -5.69 80.05 34.71
N ALA B 269 -5.80 81.27 35.22
CA ALA B 269 -6.48 82.33 34.49
C ALA B 269 -5.69 82.72 33.24
N SER B 270 -4.37 82.78 33.34
CA SER B 270 -3.55 83.20 32.21
C SER B 270 -3.65 82.21 31.05
N ALA B 271 -3.57 80.91 31.36
CA ALA B 271 -3.58 79.91 30.30
C ALA B 271 -4.97 79.73 29.70
N LEU B 272 -6.01 79.73 30.55
CA LEU B 272 -7.36 79.52 30.04
C LEU B 272 -7.85 80.69 29.21
N ALA B 273 -7.33 81.90 29.47
CA ALA B 273 -7.73 83.07 28.70
C ALA B 273 -7.24 83.01 27.26
N LEU B 274 -6.23 82.21 26.97
CA LEU B 274 -5.69 82.11 25.62
C LEU B 274 -6.69 81.48 24.67
N MET C 1 15.23 10.06 36.35
CA MET C 1 15.64 10.69 35.10
C MET C 1 14.92 12.02 34.88
N GLN C 2 15.63 12.99 34.30
CA GLN C 2 15.01 14.27 33.98
C GLN C 2 13.93 14.10 32.93
N ASN C 3 12.82 14.80 33.10
CA ASN C 3 11.75 14.75 32.12
C ASN C 3 12.19 15.41 30.82
N ILE C 4 11.39 15.18 29.77
CA ILE C 4 11.74 15.68 28.44
C ILE C 4 11.85 17.20 28.42
N THR C 5 11.15 17.89 29.34
CA THR C 5 11.20 19.34 29.36
C THR C 5 12.57 19.88 29.75
N GLN C 6 13.45 19.03 30.27
CA GLN C 6 14.81 19.42 30.59
C GLN C 6 15.79 19.13 29.45
N SER C 7 15.29 18.67 28.30
CA SER C 7 16.15 18.40 27.17
C SER C 7 16.71 19.71 26.59
N TRP C 8 17.74 19.56 25.75
CA TRP C 8 18.42 20.74 25.23
C TRP C 8 17.55 21.53 24.27
N PHE C 9 16.69 20.84 23.50
CA PHE C 9 15.88 21.56 22.52
C PHE C 9 14.72 22.31 23.17
N VAL C 10 14.10 21.72 24.19
CA VAL C 10 12.95 22.37 24.84
C VAL C 10 13.40 23.66 25.52
N GLN C 11 14.53 23.62 26.21
CA GLN C 11 15.06 24.84 26.82
C GLN C 11 15.40 25.89 25.77
N GLY C 12 15.85 25.45 24.59
CA GLY C 12 16.13 26.39 23.52
C GLY C 12 14.88 27.06 22.98
N MET C 13 13.77 26.32 22.95
CA MET C 13 12.52 26.89 22.43
C MET C 13 11.97 27.97 23.35
N ILE C 14 12.14 27.82 24.66
CA ILE C 14 11.69 28.84 25.60
C ILE C 14 12.44 30.14 25.38
N LYS C 15 13.74 30.05 25.08
CA LYS C 15 14.55 31.25 24.89
C LYS C 15 14.07 32.07 23.70
N ALA C 16 13.68 31.39 22.62
CA ALA C 16 13.29 32.10 21.40
C ALA C 16 11.95 32.82 21.58
N THR C 17 10.96 32.14 22.16
CA THR C 17 9.64 32.75 22.33
C THR C 17 9.67 33.84 23.39
N THR C 18 10.42 33.64 24.47
CA THR C 18 10.48 34.64 25.53
C THR C 18 11.08 35.95 25.03
N ASP C 19 12.15 35.88 24.25
CA ASP C 19 12.81 37.09 23.78
C ASP C 19 12.03 37.78 22.68
N ALA C 20 11.30 37.03 21.86
CA ALA C 20 10.48 37.65 20.84
C ALA C 20 9.32 38.43 21.43
N TRP C 21 8.81 37.98 22.59
CA TRP C 21 7.74 38.70 23.27
C TRP C 21 8.21 40.05 23.78
N LEU C 22 9.47 40.14 24.23
CA LEU C 22 10.02 41.41 24.66
C LEU C 22 10.35 42.32 23.48
N LYS C 23 10.66 41.75 22.32
CA LYS C 23 10.94 42.57 21.15
C LYS C 23 9.68 43.22 20.61
N GLY C 24 8.54 42.53 20.68
CA GLY C 24 7.29 43.08 20.21
C GLY C 24 6.88 42.68 18.82
N TRP C 25 7.09 41.42 18.43
CA TRP C 25 6.71 40.92 17.12
C TRP C 25 5.62 39.87 17.17
N ASP C 26 5.11 39.54 18.36
CA ASP C 26 4.19 38.42 18.51
C ASP C 26 2.99 38.80 19.37
N GLU C 27 2.36 39.93 19.04
CA GLU C 27 1.14 40.32 19.73
C GLU C 27 0.06 39.26 19.51
N ARG C 28 -0.78 39.09 20.52
CA ARG C 28 -1.78 38.02 20.54
C ARG C 28 -1.11 36.66 20.32
N ASN C 29 -1.42 36.01 19.20
CA ASN C 29 -0.87 34.70 18.89
C ASN C 29 -0.15 34.66 17.54
N GLY C 30 0.44 35.78 17.13
CA GLY C 30 1.14 35.79 15.86
C GLY C 30 2.52 35.17 15.97
N GLY C 31 2.91 34.46 14.91
CA GLY C 31 4.22 33.83 14.85
C GLY C 31 4.16 32.33 15.10
N ASN C 32 5.11 31.61 14.53
CA ASN C 32 5.22 30.17 14.68
C ASN C 32 6.69 29.78 14.77
N LEU C 33 6.94 28.57 15.28
CA LEU C 33 8.30 28.08 15.49
C LEU C 33 8.33 26.57 15.32
N THR C 34 9.23 26.09 14.46
CA THR C 34 9.42 24.66 14.25
C THR C 34 10.92 24.36 14.20
N LEU C 35 11.29 23.17 14.68
CA LEU C 35 12.68 22.76 14.76
C LEU C 35 12.81 21.32 14.28
N ARG C 36 13.93 21.02 13.61
CA ARG C 36 14.21 19.68 13.14
C ARG C 36 15.12 18.95 14.12
N LEU C 37 14.81 17.69 14.39
CA LEU C 37 15.54 16.86 15.33
C LEU C 37 16.09 15.63 14.63
N ASP C 38 16.72 14.76 15.43
CA ASP C 38 17.22 13.47 14.96
C ASP C 38 16.73 12.38 15.90
N ASP C 39 16.64 11.16 15.35
CA ASP C 39 16.11 10.04 16.13
C ASP C 39 16.98 9.70 17.33
N ALA C 40 18.28 10.05 17.27
CA ALA C 40 19.15 9.79 18.41
C ALA C 40 18.93 10.80 19.54
N ASP C 41 18.46 12.00 19.21
CA ASP C 41 18.27 13.04 20.22
C ASP C 41 17.18 12.64 21.21
N ILE C 42 16.07 12.08 20.71
CA ILE C 42 14.91 11.79 21.54
C ILE C 42 14.94 10.37 22.09
N ALA C 43 16.05 9.65 21.91
CA ALA C 43 16.13 8.27 22.35
C ALA C 43 15.97 8.10 23.87
N PRO C 44 16.70 8.84 24.72
CA PRO C 44 16.59 8.56 26.16
C PRO C 44 15.25 8.90 26.77
N TYR C 45 14.42 9.70 26.11
CA TYR C 45 13.17 10.19 26.68
C TYR C 45 11.95 9.41 26.19
N HIS C 46 12.10 8.10 25.99
CA HIS C 46 10.98 7.29 25.51
C HIS C 46 9.88 7.14 26.55
N ASP C 47 10.18 7.32 27.84
CA ASP C 47 9.16 7.17 28.87
C ASP C 47 8.06 8.21 28.73
N ASN C 48 8.44 9.45 28.41
CA ASN C 48 7.47 10.54 28.33
C ASN C 48 6.50 10.37 27.16
N PHE C 49 6.85 9.55 26.17
CA PHE C 49 6.02 9.42 24.98
C PHE C 49 4.62 8.96 25.34
N HIS C 50 3.62 9.58 24.71
CA HIS C 50 2.23 9.25 24.96
C HIS C 50 1.90 7.84 24.47
N GLN C 51 0.93 7.22 25.14
CA GLN C 51 0.51 5.88 24.77
C GLN C 51 -0.40 5.85 23.56
N GLN C 52 -0.96 6.99 23.17
CA GLN C 52 -1.85 7.09 22.01
C GLN C 52 -1.34 8.18 21.08
N PRO C 53 -0.42 7.85 20.17
CA PRO C 53 0.04 8.85 19.20
C PRO C 53 -1.03 9.18 18.18
N ARG C 54 -1.60 10.38 18.26
CA ARG C 54 -2.64 10.79 17.33
C ARG C 54 -2.07 10.96 15.93
N TYR C 55 -2.78 10.44 14.93
CA TYR C 55 -2.34 10.46 13.55
C TYR C 55 -3.13 11.50 12.78
N ILE C 56 -2.44 12.40 12.09
CA ILE C 56 -3.04 13.46 11.30
C ILE C 56 -2.49 13.37 9.88
N PRO C 57 -3.34 13.29 8.86
CA PRO C 57 -2.83 13.21 7.48
C PRO C 57 -2.21 14.53 7.03
N LEU C 58 -1.34 14.43 6.04
CA LEU C 58 -0.72 15.60 5.42
C LEU C 58 -1.57 16.11 4.27
N SER C 59 -1.49 17.42 4.04
CA SER C 59 -2.24 18.02 2.94
C SER C 59 -1.77 17.48 1.59
N GLN C 60 -0.47 17.37 1.40
CA GLN C 60 0.12 16.84 0.18
C GLN C 60 1.35 16.02 0.53
N PRO C 61 1.70 15.03 -0.28
CA PRO C 61 2.83 14.15 0.06
C PRO C 61 4.16 14.91 0.11
N MET C 62 4.99 14.51 1.07
CA MET C 62 6.34 15.06 1.24
C MET C 62 7.31 13.90 1.40
N PRO C 63 7.68 13.24 0.29
CA PRO C 63 8.55 12.06 0.39
C PRO C 63 9.91 12.34 1.02
N LEU C 64 10.45 13.55 0.83
CA LEU C 64 11.80 13.83 1.30
C LEU C 64 11.90 13.79 2.83
N LEU C 65 10.83 14.19 3.53
CA LEU C 65 10.84 14.28 4.98
C LEU C 65 10.38 12.99 5.66
N ALA C 66 10.53 11.84 4.99
CA ALA C 66 10.11 10.58 5.58
C ALA C 66 10.95 10.26 6.82
N ASN C 67 10.27 9.83 7.88
CA ASN C 67 10.91 9.49 9.15
C ASN C 67 11.77 10.65 9.65
N THR C 68 11.12 11.78 9.89
CA THR C 68 11.79 12.99 10.36
C THR C 68 11.01 13.54 11.55
N PRO C 69 11.61 13.64 12.73
CA PRO C 69 10.91 14.21 13.88
C PRO C 69 11.09 15.72 14.00
N PHE C 70 10.02 16.38 14.43
CA PHE C 70 10.01 17.82 14.62
C PHE C 70 9.36 18.17 15.96
N ILE C 71 9.72 19.33 16.50
CA ILE C 71 9.07 19.91 17.66
C ILE C 71 8.46 21.25 17.23
N VAL C 72 7.16 21.42 17.45
CA VAL C 72 6.41 22.51 16.87
C VAL C 72 5.73 23.31 17.97
N THR C 73 5.04 24.38 17.55
CA THR C 73 4.27 25.24 18.43
C THR C 73 2.78 25.07 18.12
N GLY C 74 1.98 24.86 19.18
CA GLY C 74 0.57 24.60 18.97
C GLY C 74 -0.17 25.81 18.46
N SER C 75 -1.29 25.54 17.77
CA SER C 75 -2.12 26.59 17.22
C SER C 75 -2.96 27.25 18.32
N GLY C 76 -3.22 28.54 18.14
CA GLY C 76 -4.03 29.28 19.07
C GLY C 76 -3.41 29.52 20.43
N LYS C 77 -2.10 29.44 20.55
CA LYS C 77 -1.41 29.65 21.81
C LYS C 77 -0.67 30.98 21.80
N PHE C 78 -0.43 31.51 22.99
CA PHE C 78 0.26 32.79 23.16
C PHE C 78 1.74 32.54 23.39
N PHE C 79 2.58 33.26 22.64
CA PHE C 79 4.02 33.09 22.76
C PHE C 79 4.50 33.40 24.17
N ARG C 80 3.83 34.32 24.87
CA ARG C 80 4.19 34.65 26.24
C ARG C 80 3.88 33.51 27.21
N ASN C 81 2.95 32.62 26.85
CA ASN C 81 2.56 31.51 27.71
C ASN C 81 3.44 30.28 27.54
N VAL C 82 4.33 30.26 26.55
CA VAL C 82 5.17 29.09 26.31
C VAL C 82 6.11 28.86 27.49
N GLN C 83 6.65 29.93 28.06
CA GLN C 83 7.54 29.81 29.20
C GLN C 83 6.84 29.31 30.46
N LEU C 84 5.51 29.27 30.47
CA LEU C 84 4.76 28.89 31.65
C LEU C 84 4.18 27.49 31.58
N ASP C 85 3.87 26.99 30.39
CA ASP C 85 3.31 25.64 30.23
C ASP C 85 3.87 25.06 28.95
N PRO C 86 5.06 24.48 28.99
CA PRO C 86 5.62 23.85 27.78
C PRO C 86 4.78 22.71 27.25
N ALA C 87 4.12 21.95 28.13
CA ALA C 87 3.39 20.77 27.69
C ALA C 87 2.16 21.13 26.87
N ALA C 88 1.45 22.19 27.26
CA ALA C 88 0.21 22.56 26.60
C ALA C 88 0.41 23.48 25.39
N ASN C 89 1.63 23.98 25.18
CA ASN C 89 1.91 24.86 24.05
C ASN C 89 2.81 24.22 23.00
N LEU C 90 3.67 23.29 23.38
CA LEU C 90 4.61 22.65 22.47
C LEU C 90 4.25 21.17 22.31
N GLY C 91 5.06 20.48 21.53
CA GLY C 91 4.87 19.05 21.30
C GLY C 91 5.85 18.55 20.27
N ILE C 92 5.89 17.22 20.12
CA ILE C 92 6.78 16.57 19.17
C ILE C 92 5.97 15.67 18.26
N VAL C 93 6.34 15.66 16.97
CA VAL C 93 5.70 14.82 15.96
C VAL C 93 6.79 14.14 15.15
N LYS C 94 6.39 13.08 14.44
CA LYS C 94 7.30 12.33 13.58
C LYS C 94 6.58 12.00 12.28
N VAL C 95 7.16 12.42 11.15
CA VAL C 95 6.56 12.14 9.85
C VAL C 95 6.70 10.65 9.54
N ASP C 96 5.63 10.07 9.00
CA ASP C 96 5.61 8.64 8.74
C ASP C 96 6.61 8.27 7.64
N SER C 97 6.82 6.96 7.49
CA SER C 97 7.79 6.46 6.52
C SER C 97 7.32 6.61 5.08
N CYS C 98 6.06 6.99 4.85
CA CYS C 98 5.56 7.19 3.51
C CYS C 98 5.50 8.66 3.10
N GLY C 99 5.35 9.57 4.05
CA GLY C 99 5.32 10.98 3.73
C GLY C 99 3.93 11.57 3.56
N ALA C 100 2.92 11.02 4.22
CA ALA C 100 1.56 11.50 4.11
C ALA C 100 0.90 11.80 5.45
N GLY C 101 1.60 11.63 6.57
CA GLY C 101 1.01 11.91 7.87
C GLY C 101 2.07 11.84 8.94
N TYR C 102 1.68 12.29 10.14
CA TYR C 102 2.58 12.29 11.29
C TYR C 102 1.81 11.87 12.53
N HIS C 103 2.56 11.42 13.54
CA HIS C 103 1.98 10.97 14.79
C HIS C 103 2.43 11.88 15.92
N ILE C 104 1.46 12.35 16.72
CA ILE C 104 1.72 13.25 17.83
C ILE C 104 2.13 12.41 19.02
N LEU C 105 3.43 12.39 19.32
CA LEU C 105 3.96 11.52 20.36
C LEU C 105 4.01 12.16 21.74
N TRP C 106 3.91 13.48 21.82
CA TRP C 106 3.90 14.17 23.10
C TRP C 106 3.41 15.60 22.88
N GLY C 107 2.92 16.22 23.95
CA GLY C 107 2.53 17.60 23.91
C GLY C 107 1.21 17.79 23.19
N LEU C 108 0.92 19.07 22.92
CA LEU C 108 -0.35 19.47 22.28
C LEU C 108 -1.54 18.91 23.07
N THR C 109 -1.47 19.06 24.39
CA THR C 109 -2.45 18.47 25.28
C THR C 109 -3.83 19.09 25.07
N ASN C 110 -4.86 18.33 25.42
CA ASN C 110 -6.26 18.77 25.35
C ASN C 110 -6.67 19.09 23.91
N GLU C 111 -6.41 18.13 23.01
CA GLU C 111 -6.83 18.22 21.62
C GLU C 111 -6.28 19.47 20.94
N ALA C 112 -5.02 19.82 21.25
CA ALA C 112 -4.35 20.92 20.59
C ALA C 112 -3.72 20.45 19.28
N VAL C 113 -3.67 21.36 18.32
CA VAL C 113 -3.17 21.04 16.98
C VAL C 113 -1.99 21.95 16.69
N PRO C 114 -1.10 21.55 15.79
CA PRO C 114 0.03 22.40 15.42
C PRO C 114 -0.46 23.66 14.69
N THR C 115 0.50 24.55 14.44
CA THR C 115 0.19 25.82 13.81
C THR C 115 -0.45 25.62 12.45
N SER C 116 -1.39 26.51 12.12
CA SER C 116 -2.08 26.43 10.84
C SER C 116 -1.17 26.72 9.65
N GLU C 117 0.03 27.22 9.89
CA GLU C 117 1.01 27.49 8.83
C GLU C 117 1.90 26.28 8.56
N LEU C 118 1.55 25.11 9.08
CA LEU C 118 2.36 23.92 8.84
C LEU C 118 2.57 23.61 7.36
N PRO C 119 1.57 23.72 6.48
CA PRO C 119 1.87 23.52 5.05
C PRO C 119 2.95 24.45 4.52
N ALA C 120 3.01 25.69 5.01
CA ALA C 120 4.08 26.58 4.61
C ALA C 120 5.39 26.21 5.31
N HIS C 121 5.31 25.75 6.55
CA HIS C 121 6.52 25.40 7.29
C HIS C 121 7.16 24.13 6.73
N PHE C 122 6.35 23.17 6.28
CA PHE C 122 6.89 21.91 5.80
C PHE C 122 7.36 22.01 4.35
N LEU C 123 6.64 22.76 3.51
CA LEU C 123 7.06 22.91 2.12
C LEU C 123 8.39 23.64 2.02
N SER C 124 8.61 24.63 2.88
CA SER C 124 9.87 25.37 2.86
C SER C 124 11.01 24.55 3.46
N HIS C 125 10.70 23.62 4.37
CA HIS C 125 11.73 22.72 4.87
C HIS C 125 12.33 21.88 3.77
N SER C 126 11.47 21.36 2.88
CA SER C 126 11.95 20.49 1.80
C SER C 126 12.85 21.25 0.84
N GLU C 127 12.44 22.46 0.43
CA GLU C 127 13.18 23.18 -0.59
C GLU C 127 14.47 23.79 -0.06
N ARG C 128 14.67 23.80 1.25
CA ARG C 128 15.91 24.33 1.82
C ARG C 128 16.95 23.26 2.07
N ILE C 129 16.55 22.00 2.24
CA ILE C 129 17.52 20.92 2.36
C ILE C 129 18.26 20.73 1.05
N LYS C 130 17.55 20.82 -0.07
CA LYS C 130 18.18 20.66 -1.37
C LYS C 130 19.17 21.80 -1.65
N ALA C 131 18.83 23.01 -1.26
CA ALA C 131 19.66 24.18 -1.53
C ALA C 131 20.76 24.39 -0.51
N THR C 132 20.85 23.55 0.52
CA THR C 132 21.85 23.70 1.56
C THR C 132 22.52 22.38 1.96
N ASN C 133 22.16 21.27 1.32
CA ASN C 133 22.78 19.97 1.58
C ASN C 133 22.62 19.55 3.04
N GLY C 134 21.39 19.64 3.54
CA GLY C 134 21.08 19.18 4.87
C GLY C 134 21.74 19.95 5.99
N LYS C 135 21.75 21.28 5.92
CA LYS C 135 22.31 22.12 6.97
C LYS C 135 21.26 22.93 7.71
N ASP C 136 20.34 23.56 7.00
CA ASP C 136 19.29 24.36 7.64
C ASP C 136 18.31 23.44 8.36
N ARG C 137 17.92 23.82 9.58
CA ARG C 137 17.02 23.00 10.38
C ARG C 137 15.89 23.78 11.03
N VAL C 138 15.85 25.11 10.93
CA VAL C 138 14.94 25.94 11.70
C VAL C 138 14.18 26.88 10.77
N ILE C 139 12.88 27.03 11.01
CA ILE C 139 12.02 27.96 10.29
C ILE C 139 11.31 28.84 11.31
N MET C 140 11.31 30.16 11.07
CA MET C 140 10.69 31.11 11.98
C MET C 140 9.86 32.12 11.21
N HIS C 141 8.73 32.53 11.80
CA HIS C 141 7.85 33.53 11.23
C HIS C 141 7.48 34.55 12.29
N CYS C 142 7.55 35.84 11.94
CA CYS C 142 7.26 36.91 12.88
C CYS C 142 6.75 38.12 12.12
N HIS C 143 5.97 38.95 12.82
CA HIS C 143 5.40 40.16 12.26
C HIS C 143 6.30 41.34 12.64
N ALA C 144 7.44 41.44 11.95
CA ALA C 144 8.41 42.47 12.26
C ALA C 144 7.81 43.86 12.06
N THR C 145 7.80 44.65 13.15
CA THR C 145 7.07 45.91 13.12
C THR C 145 7.62 46.87 12.07
N ASN C 146 8.94 47.00 11.98
CA ASN C 146 9.54 47.95 11.05
C ASN C 146 9.47 47.48 9.61
N LEU C 147 9.30 46.17 9.38
CA LEU C 147 9.23 45.67 8.02
C LEU C 147 7.83 45.83 7.42
N ILE C 148 6.79 45.70 8.25
CA ILE C 148 5.42 45.85 7.77
C ILE C 148 5.18 47.27 7.27
N ALA C 149 5.65 48.26 8.01
CA ALA C 149 5.44 49.65 7.62
C ALA C 149 6.14 50.00 6.32
N LEU C 150 7.15 49.22 5.92
CA LEU C 150 7.88 49.50 4.69
C LEU C 150 7.09 49.13 3.44
N THR C 151 6.23 48.10 3.52
CA THR C 151 5.52 47.62 2.35
C THR C 151 4.45 48.58 1.86
N TYR C 152 4.09 49.58 2.66
CA TYR C 152 3.06 50.54 2.27
C TYR C 152 3.60 51.72 1.47
N VAL C 153 4.92 51.87 1.36
CA VAL C 153 5.49 53.04 0.73
C VAL C 153 6.44 52.63 -0.39
N LEU C 154 7.02 51.44 -0.26
CA LEU C 154 8.00 50.95 -1.22
C LEU C 154 7.34 50.09 -2.28
N GLU C 155 7.89 50.13 -3.49
CA GLU C 155 7.37 49.31 -4.58
C GLU C 155 7.57 47.83 -4.27
N ASN C 156 6.54 47.04 -4.52
CA ASN C 156 6.52 45.63 -4.13
C ASN C 156 7.18 44.78 -5.22
N ASP C 157 8.51 44.87 -5.27
CA ASP C 157 9.31 44.08 -6.19
C ASP C 157 10.55 43.56 -5.48
N THR C 158 11.12 42.50 -6.06
CA THR C 158 12.26 41.84 -5.42
C THR C 158 13.53 42.68 -5.54
N ALA C 159 13.69 43.41 -6.64
CA ALA C 159 14.95 44.09 -6.90
C ALA C 159 15.15 45.29 -5.99
N VAL C 160 14.22 46.26 -6.03
CA VAL C 160 14.42 47.50 -5.29
C VAL C 160 14.35 47.28 -3.79
N PHE C 161 13.44 46.40 -3.34
CA PHE C 161 13.32 46.13 -1.91
C PHE C 161 14.59 45.53 -1.35
N THR C 162 15.18 44.57 -2.06
CA THR C 162 16.45 43.98 -1.61
C THR C 162 17.56 45.02 -1.60
N ARG C 163 17.62 45.87 -2.63
CA ARG C 163 18.67 46.89 -2.69
C ARG C 163 18.56 47.86 -1.53
N GLN C 164 17.34 48.27 -1.19
CA GLN C 164 17.17 49.23 -0.10
C GLN C 164 17.68 48.68 1.22
N LEU C 165 17.41 47.40 1.50
CA LEU C 165 17.84 46.79 2.75
C LEU C 165 19.36 46.73 2.85
N TRP C 166 20.05 46.58 1.72
CA TRP C 166 21.51 46.49 1.76
C TRP C 166 22.15 47.78 2.24
N GLU C 167 21.52 48.92 1.98
CA GLU C 167 22.08 50.21 2.37
C GLU C 167 21.77 50.60 3.81
N GLY C 168 20.91 49.84 4.50
CA GLY C 168 20.59 50.18 5.87
C GLY C 168 21.77 50.07 6.82
N SER C 169 22.63 49.08 6.59
CA SER C 169 23.81 48.88 7.42
C SER C 169 24.83 48.05 6.65
N THR C 170 26.06 48.03 7.15
CA THR C 170 27.13 47.33 6.46
C THR C 170 26.93 45.82 6.49
N GLU C 171 26.63 45.28 7.67
CA GLU C 171 26.55 43.83 7.85
C GLU C 171 25.38 43.18 7.13
N CYS C 172 24.44 43.98 6.62
CA CYS C 172 23.26 43.41 5.97
C CYS C 172 23.63 42.61 4.73
N LEU C 173 24.55 43.14 3.92
CA LEU C 173 24.93 42.46 2.68
C LEU C 173 25.60 41.12 2.97
N VAL C 174 26.41 41.06 4.03
CA VAL C 174 27.15 39.83 4.33
C VAL C 174 26.21 38.74 4.83
N VAL C 175 25.22 39.11 5.65
CA VAL C 175 24.37 38.10 6.28
C VAL C 175 23.47 37.43 5.24
N PHE C 176 22.83 38.22 4.39
CA PHE C 176 21.93 37.70 3.36
C PHE C 176 22.34 38.27 2.00
N PRO C 177 23.37 37.68 1.38
CA PRO C 177 23.78 38.16 0.04
C PRO C 177 22.80 37.80 -1.06
N ASP C 178 21.89 36.85 -0.82
CA ASP C 178 20.93 36.45 -1.85
C ASP C 178 19.69 37.34 -1.90
N GLY C 179 19.55 38.27 -0.96
CA GLY C 179 18.40 39.15 -0.96
C GLY C 179 17.16 38.51 -0.36
N VAL C 180 16.04 39.23 -0.47
CA VAL C 180 14.77 38.77 0.04
C VAL C 180 13.76 38.76 -1.10
N GLY C 181 12.74 37.93 -0.96
CA GLY C 181 11.69 37.80 -1.96
C GLY C 181 10.36 38.27 -1.40
N ILE C 182 9.64 39.06 -2.20
CA ILE C 182 8.36 39.64 -1.80
C ILE C 182 7.30 39.21 -2.79
N LEU C 183 6.20 38.67 -2.27
CA LEU C 183 5.09 38.18 -3.08
C LEU C 183 4.07 39.28 -3.29
N PRO C 184 3.11 39.08 -4.19
CA PRO C 184 1.92 39.94 -4.20
C PRO C 184 0.97 39.55 -3.07
N TRP C 185 -0.01 40.41 -2.83
CA TRP C 185 -0.93 40.17 -1.72
C TRP C 185 -1.73 38.90 -1.96
N MET C 186 -1.80 38.06 -0.92
CA MET C 186 -2.54 36.81 -0.98
C MET C 186 -3.18 36.56 0.38
N VAL C 187 -4.26 35.78 0.36
CA VAL C 187 -4.97 35.44 1.59
C VAL C 187 -4.16 34.39 2.34
N PRO C 188 -3.84 34.61 3.62
CA PRO C 188 -3.07 33.61 4.37
C PRO C 188 -3.89 32.38 4.69
N GLY C 189 -3.19 31.34 5.14
CA GLY C 189 -3.82 30.11 5.55
C GLY C 189 -4.17 29.15 4.44
N THR C 190 -3.85 29.48 3.20
CA THR C 190 -4.16 28.65 2.05
C THR C 190 -2.90 27.98 1.52
N ASP C 191 -3.10 26.85 0.85
CA ASP C 191 -1.98 26.17 0.20
C ASP C 191 -1.48 26.91 -1.03
N ALA C 192 -2.29 27.81 -1.60
CA ALA C 192 -1.84 28.59 -2.74
C ALA C 192 -0.75 29.59 -2.35
N ILE C 193 -0.71 30.00 -1.08
CA ILE C 193 0.34 30.91 -0.64
C ILE C 193 1.56 30.16 -0.11
N GLY C 194 1.38 28.91 0.33
CA GLY C 194 2.53 28.12 0.74
C GLY C 194 3.42 27.75 -0.43
N GLN C 195 2.82 27.42 -1.58
CA GLN C 195 3.60 27.06 -2.76
C GLN C 195 4.42 28.25 -3.26
N ALA C 196 3.82 29.44 -3.27
CA ALA C 196 4.57 30.63 -3.69
C ALA C 196 5.73 30.93 -2.75
N THR C 197 5.51 30.77 -1.43
CA THR C 197 6.59 30.97 -0.47
C THR C 197 7.68 29.93 -0.65
N ALA C 198 7.30 28.67 -0.84
CA ALA C 198 8.30 27.62 -1.05
C ALA C 198 9.05 27.82 -2.36
N GLN C 199 8.40 28.39 -3.37
CA GLN C 199 9.09 28.69 -4.62
C GLN C 199 10.18 29.73 -4.41
N GLU C 200 9.90 30.76 -3.61
CA GLU C 200 10.90 31.79 -3.34
C GLU C 200 11.98 31.32 -2.38
N MET C 201 11.70 30.29 -1.58
CA MET C 201 12.71 29.75 -0.67
C MET C 201 13.88 29.13 -1.42
N GLN C 202 13.69 28.77 -2.68
CA GLN C 202 14.76 28.13 -3.46
C GLN C 202 15.92 29.08 -3.72
N LYS C 203 15.69 30.39 -3.72
CA LYS C 203 16.74 31.35 -4.02
C LYS C 203 17.13 32.23 -2.84
N HIS C 204 16.29 32.38 -1.83
CA HIS C 204 16.54 33.29 -0.73
C HIS C 204 16.26 32.59 0.60
N SER C 205 16.90 33.08 1.65
CA SER C 205 16.66 32.63 3.01
C SER C 205 15.77 33.59 3.80
N LEU C 206 15.28 34.66 3.16
CA LEU C 206 14.41 35.64 3.80
C LEU C 206 13.26 35.93 2.84
N VAL C 207 12.03 35.85 3.34
CA VAL C 207 10.83 36.05 2.52
C VAL C 207 9.95 37.11 3.17
N LEU C 208 9.45 38.04 2.37
CA LEU C 208 8.60 39.12 2.82
C LEU C 208 7.18 38.96 2.29
N TRP C 209 6.21 39.28 3.12
CA TRP C 209 4.81 39.33 2.73
C TRP C 209 4.30 40.76 2.89
N PRO C 210 3.77 41.39 1.85
CA PRO C 210 3.28 42.77 1.99
C PRO C 210 2.16 42.85 3.01
N PHE C 211 2.28 43.82 3.91
CA PHE C 211 1.31 44.17 4.94
C PHE C 211 1.13 43.11 6.02
N HIS C 212 1.83 41.98 5.96
CA HIS C 212 1.61 40.90 6.90
C HIS C 212 2.82 40.63 7.79
N GLY C 213 3.98 40.30 7.22
CA GLY C 213 5.10 39.88 8.05
C GLY C 213 6.34 39.44 7.31
N VAL C 214 7.06 38.46 7.86
CA VAL C 214 8.35 38.03 7.33
C VAL C 214 8.52 36.52 7.56
N PHE C 215 9.43 35.93 6.78
CA PHE C 215 9.79 34.52 6.89
C PHE C 215 11.30 34.38 6.82
N GLY C 216 11.85 33.48 7.64
CA GLY C 216 13.29 33.29 7.67
C GLY C 216 13.65 31.86 8.03
N SER C 217 14.89 31.49 7.70
CA SER C 217 15.41 30.16 7.99
C SER C 217 16.89 30.25 8.28
N GLY C 218 17.39 29.27 9.02
CA GLY C 218 18.78 29.23 9.41
C GLY C 218 19.22 27.88 9.94
N PRO C 219 20.52 27.74 10.23
CA PRO C 219 21.03 26.46 10.73
C PRO C 219 20.52 26.12 12.13
N THR C 220 20.67 27.05 13.07
CA THR C 220 20.21 26.87 14.44
C THR C 220 19.43 28.09 14.89
N LEU C 221 18.87 28.02 16.10
CA LEU C 221 18.01 29.08 16.60
C LEU C 221 18.77 30.38 16.75
N ASP C 222 19.99 30.32 17.28
CA ASP C 222 20.79 31.54 17.46
C ASP C 222 21.08 32.20 16.13
N GLU C 223 21.42 31.41 15.11
CA GLU C 223 21.68 31.95 13.78
C GLU C 223 20.40 32.37 13.06
N THR C 224 19.27 31.70 13.36
CA THR C 224 18.01 32.08 12.75
C THR C 224 17.48 33.39 13.35
N PHE C 225 17.59 33.54 14.67
CA PHE C 225 17.17 34.79 15.30
C PHE C 225 18.03 35.96 14.81
N GLY C 226 19.34 35.73 14.69
CA GLY C 226 20.23 36.79 14.22
C GLY C 226 19.91 37.25 12.81
N LEU C 227 19.45 36.35 11.95
CA LEU C 227 19.09 36.72 10.59
C LEU C 227 17.90 37.68 10.58
N ILE C 228 16.84 37.35 11.33
CA ILE C 228 15.68 38.23 11.42
C ILE C 228 16.02 39.49 12.22
N ASP C 229 16.79 39.34 13.30
CA ASP C 229 17.15 40.49 14.13
C ASP C 229 17.94 41.52 13.33
N THR C 230 18.89 41.06 12.52
CA THR C 230 19.66 41.98 11.69
C THR C 230 18.78 42.66 10.64
N ALA C 231 17.84 41.90 10.06
CA ALA C 231 17.01 42.45 9.00
C ALA C 231 16.12 43.58 9.51
N GLU C 232 15.52 43.39 10.69
CA GLU C 232 14.60 44.40 11.22
C GLU C 232 15.33 45.67 11.63
N LYS C 233 16.57 45.55 12.12
CA LYS C 233 17.33 46.73 12.52
C LYS C 233 17.60 47.65 11.34
N SER C 234 17.89 47.07 10.17
CA SER C 234 18.07 47.88 8.97
C SER C 234 16.80 48.63 8.61
N ALA C 235 15.64 47.99 8.77
CA ALA C 235 14.37 48.65 8.50
C ALA C 235 14.11 49.80 9.47
N GLN C 236 14.56 49.65 10.73
CA GLN C 236 14.33 50.69 11.72
C GLN C 236 15.01 51.99 11.31
N VAL C 237 16.22 51.90 10.78
CA VAL C 237 16.94 53.11 10.36
C VAL C 237 16.21 53.78 9.20
N LEU C 238 15.73 52.99 8.23
CA LEU C 238 15.12 53.56 7.03
C LEU C 238 13.87 54.36 7.36
N VAL C 239 12.99 53.79 8.19
CA VAL C 239 11.76 54.49 8.56
C VAL C 239 12.08 55.78 9.30
N LYS C 240 13.07 55.73 10.20
CA LYS C 240 13.50 56.93 10.91
C LYS C 240 14.10 57.95 9.94
N VAL C 241 14.90 57.49 8.98
CA VAL C 241 15.53 58.39 8.02
C VAL C 241 14.50 58.95 7.05
N TYR C 242 13.58 58.10 6.58
CA TYR C 242 12.64 58.52 5.54
C TYR C 242 11.74 59.65 6.03
N SER C 243 11.30 59.57 7.29
CA SER C 243 10.46 60.63 7.85
C SER C 243 11.22 61.94 8.04
N MET C 244 12.56 61.91 7.99
CA MET C 244 13.36 63.11 8.15
C MET C 244 13.45 63.94 6.88
N GLY C 245 13.07 63.39 5.74
CA GLY C 245 13.18 64.11 4.48
C GLY C 245 13.79 63.29 3.37
N GLY C 246 13.94 61.98 3.59
CA GLY C 246 14.46 61.10 2.58
C GLY C 246 15.98 60.98 2.61
N MET C 247 16.47 59.93 1.95
CA MET C 247 17.90 59.68 1.91
C MET C 247 18.62 60.77 1.12
N LYS C 248 19.81 61.13 1.58
CA LYS C 248 20.65 62.11 0.90
C LYS C 248 21.98 61.54 0.43
N GLN C 249 22.67 60.79 1.28
CA GLN C 249 23.89 60.08 0.90
C GLN C 249 23.77 58.63 1.34
N THR C 250 24.41 57.74 0.58
CA THR C 250 24.36 56.32 0.89
C THR C 250 25.56 55.64 0.25
N ILE C 251 25.61 54.32 0.39
CA ILE C 251 26.72 53.53 -0.15
C ILE C 251 26.54 53.39 -1.65
N SER C 252 27.61 53.67 -2.40
CA SER C 252 27.56 53.58 -3.85
C SER C 252 27.55 52.13 -4.31
N ARG C 253 27.21 51.94 -5.59
CA ARG C 253 27.13 50.59 -6.14
C ARG C 253 28.49 49.91 -6.16
N GLU C 254 29.54 50.64 -6.53
CA GLU C 254 30.87 50.05 -6.60
C GLU C 254 31.39 49.69 -5.21
N GLU C 255 30.99 50.45 -4.19
CA GLU C 255 31.46 50.20 -2.83
C GLU C 255 31.01 48.84 -2.32
N LEU C 256 29.79 48.41 -2.67
CA LEU C 256 29.31 47.11 -2.25
C LEU C 256 30.06 45.99 -2.95
N ILE C 257 30.54 46.24 -4.18
CA ILE C 257 31.34 45.24 -4.88
C ILE C 257 32.65 44.99 -4.13
N ALA C 258 33.29 46.05 -3.67
CA ALA C 258 34.52 45.89 -2.89
C ALA C 258 34.27 45.15 -1.59
N LEU C 259 33.13 45.43 -0.94
CA LEU C 259 32.78 44.72 0.28
C LEU C 259 32.52 43.25 0.02
N GLY C 260 31.88 42.94 -1.11
CA GLY C 260 31.58 41.55 -1.43
C GLY C 260 32.84 40.72 -1.70
N LYS C 261 33.82 41.32 -2.38
CA LYS C 261 35.03 40.58 -2.73
C LYS C 261 35.84 40.22 -1.49
N ARG C 262 35.85 41.10 -0.48
CA ARG C 262 36.64 40.85 0.72
C ARG C 262 36.13 39.61 1.46
N PHE C 263 34.81 39.49 1.61
CA PHE C 263 34.23 38.43 2.42
C PHE C 263 33.84 37.20 1.61
N GLY C 264 34.14 37.17 0.31
CA GLY C 264 33.87 36.00 -0.50
C GLY C 264 32.40 35.67 -0.65
N VAL C 265 31.59 36.68 -0.94
CA VAL C 265 30.16 36.50 -1.14
C VAL C 265 29.81 36.97 -2.54
N THR C 266 28.76 36.36 -3.10
CA THR C 266 28.31 36.72 -4.44
C THR C 266 26.98 37.46 -4.35
N PRO C 267 26.96 38.77 -4.57
CA PRO C 267 25.70 39.50 -4.47
C PRO C 267 24.75 39.13 -5.60
N LEU C 268 23.45 39.31 -5.33
CA LEU C 268 22.44 39.01 -6.34
C LEU C 268 22.61 39.91 -7.56
N ALA C 269 22.54 39.31 -8.74
CA ALA C 269 22.77 40.06 -9.97
C ALA C 269 21.66 41.07 -10.24
N SER C 270 20.41 40.69 -9.97
CA SER C 270 19.29 41.59 -10.23
C SER C 270 19.37 42.84 -9.37
N ALA C 271 19.66 42.68 -8.08
CA ALA C 271 19.67 43.81 -7.16
C ALA C 271 20.86 44.73 -7.42
N LEU C 272 22.04 44.16 -7.63
CA LEU C 272 23.23 44.97 -7.84
C LEU C 272 23.18 45.76 -9.15
N ALA C 273 22.34 45.34 -10.10
CA ALA C 273 22.23 46.06 -11.37
C ALA C 273 21.47 47.36 -11.23
N LEU C 274 20.70 47.54 -10.15
CA LEU C 274 19.93 48.76 -9.94
C LEU C 274 20.84 49.98 -9.85
N MET D 1 -5.19 25.86 55.33
CA MET D 1 -5.64 25.73 53.95
C MET D 1 -4.93 26.74 53.05
N GLN D 2 -4.99 26.51 51.74
CA GLN D 2 -4.36 27.41 50.79
C GLN D 2 -5.07 28.76 50.78
N ASN D 3 -4.29 29.83 50.80
CA ASN D 3 -4.87 31.16 50.80
C ASN D 3 -5.57 31.44 49.47
N ILE D 4 -6.59 32.29 49.52
CA ILE D 4 -7.28 32.69 48.30
C ILE D 4 -6.36 33.44 47.38
N THR D 5 -5.32 34.09 47.92
CA THR D 5 -4.35 34.80 47.09
C THR D 5 -3.53 33.86 46.22
N GLN D 6 -3.54 32.56 46.52
CA GLN D 6 -2.85 31.57 45.72
C GLN D 6 -3.77 30.84 44.74
N SER D 7 -4.99 31.34 44.56
CA SER D 7 -5.92 30.74 43.63
C SER D 7 -5.61 31.18 42.20
N TRP D 8 -6.44 30.76 41.26
CA TRP D 8 -6.19 31.05 39.85
C TRP D 8 -6.54 32.49 39.50
N PHE D 9 -7.63 33.03 40.05
CA PHE D 9 -8.06 34.36 39.63
C PHE D 9 -7.22 35.47 40.26
N VAL D 10 -6.69 35.26 41.47
CA VAL D 10 -5.85 36.27 42.08
C VAL D 10 -4.51 36.37 41.35
N GLN D 11 -3.91 35.22 41.05
CA GLN D 11 -2.66 35.22 40.30
C GLN D 11 -2.87 35.69 38.87
N GLY D 12 -4.02 35.36 38.28
CA GLY D 12 -4.27 35.75 36.91
C GLY D 12 -4.33 37.25 36.71
N MET D 13 -5.01 37.95 37.62
CA MET D 13 -5.13 39.40 37.47
C MET D 13 -3.83 40.12 37.85
N ILE D 14 -2.96 39.47 38.62
CA ILE D 14 -1.65 40.06 38.87
C ILE D 14 -0.86 40.18 37.57
N LYS D 15 -0.98 39.17 36.70
CA LYS D 15 -0.30 39.21 35.41
C LYS D 15 -0.81 40.34 34.53
N ALA D 16 -2.13 40.54 34.50
CA ALA D 16 -2.72 41.50 33.57
C ALA D 16 -2.26 42.93 33.84
N THR D 17 -2.16 43.29 35.13
CA THR D 17 -1.74 44.64 35.48
C THR D 17 -0.26 44.86 35.19
N THR D 18 0.59 43.90 35.55
CA THR D 18 2.03 44.07 35.37
C THR D 18 2.40 44.10 33.90
N ASP D 19 1.76 43.27 33.08
CA ASP D 19 2.04 43.26 31.65
C ASP D 19 1.72 44.61 31.03
N ALA D 20 0.56 45.17 31.36
CA ALA D 20 0.19 46.49 30.85
C ALA D 20 1.01 47.60 31.48
N TRP D 21 1.65 47.34 32.62
CA TRP D 21 2.45 48.36 33.28
C TRP D 21 3.68 48.71 32.46
N LEU D 22 4.41 47.70 31.96
CA LEU D 22 5.63 47.95 31.21
C LEU D 22 5.36 48.50 29.81
N LYS D 23 4.14 48.31 29.29
CA LYS D 23 3.81 48.81 27.96
C LYS D 23 3.78 50.33 27.88
N GLY D 24 3.72 51.02 29.03
CA GLY D 24 3.57 52.46 29.01
C GLY D 24 2.15 52.93 28.82
N TRP D 25 1.17 52.12 29.21
CA TRP D 25 -0.24 52.44 29.02
C TRP D 25 -0.93 52.97 30.26
N ASP D 26 -0.43 52.65 31.46
CA ASP D 26 -1.16 52.85 32.70
C ASP D 26 -0.30 53.57 33.73
N GLU D 27 0.31 54.69 33.32
CA GLU D 27 1.09 55.49 34.27
C GLU D 27 0.18 56.06 35.35
N ARG D 28 0.77 56.31 36.52
CA ARG D 28 0.05 56.79 37.71
C ARG D 28 -1.03 55.76 38.04
N ASN D 29 -2.30 56.14 38.13
CA ASN D 29 -3.37 55.23 38.49
C ASN D 29 -4.46 55.16 37.43
N GLY D 30 -4.19 55.60 36.22
CA GLY D 30 -5.21 55.55 35.18
C GLY D 30 -5.51 54.13 34.75
N GLY D 31 -6.69 53.95 34.17
CA GLY D 31 -7.09 52.63 33.70
C GLY D 31 -7.80 51.83 34.78
N ASN D 32 -8.66 50.92 34.33
CA ASN D 32 -9.43 50.08 35.22
C ASN D 32 -9.61 48.70 34.60
N LEU D 33 -9.94 47.73 35.44
CA LEU D 33 -10.03 46.34 35.01
C LEU D 33 -10.88 45.55 35.99
N THR D 34 -11.92 44.88 35.50
CA THR D 34 -12.77 44.02 36.31
C THR D 34 -12.96 42.68 35.62
N LEU D 35 -13.26 41.66 36.43
CA LEU D 35 -13.48 40.30 35.95
C LEU D 35 -14.66 39.69 36.69
N ARG D 36 -15.52 38.99 35.95
CA ARG D 36 -16.67 38.32 36.53
C ARG D 36 -16.31 36.92 37.00
N LEU D 37 -16.82 36.53 38.16
CA LEU D 37 -16.50 35.25 38.78
C LEU D 37 -17.76 34.40 38.91
N ASP D 38 -17.61 33.27 39.59
CA ASP D 38 -18.71 32.35 39.87
C ASP D 38 -18.73 32.04 41.35
N ASP D 39 -19.90 31.62 41.83
CA ASP D 39 -20.04 31.24 43.24
C ASP D 39 -19.16 30.04 43.58
N ALA D 40 -19.10 29.06 42.66
CA ALA D 40 -18.27 27.88 42.89
C ALA D 40 -16.78 28.21 42.88
N ASP D 41 -16.39 29.28 42.19
CA ASP D 41 -14.97 29.63 42.11
C ASP D 41 -14.45 30.15 43.45
N ILE D 42 -15.35 30.64 44.31
CA ILE D 42 -14.96 31.24 45.57
C ILE D 42 -15.52 30.51 46.78
N ALA D 43 -16.19 29.37 46.57
CA ALA D 43 -16.84 28.69 47.68
C ALA D 43 -15.88 28.21 48.77
N PRO D 44 -14.78 27.51 48.47
CA PRO D 44 -13.96 26.94 49.56
C PRO D 44 -13.12 27.97 50.32
N TYR D 45 -13.05 29.21 49.87
CA TYR D 45 -12.15 30.20 50.44
C TYR D 45 -12.87 31.21 51.32
N HIS D 46 -13.87 30.77 52.10
CA HIS D 46 -14.57 31.67 53.00
C HIS D 46 -13.73 32.12 54.18
N ASP D 47 -12.56 31.51 54.40
CA ASP D 47 -11.72 31.87 55.54
C ASP D 47 -11.25 33.32 55.45
N ASN D 48 -10.86 33.75 54.25
CA ASN D 48 -10.39 35.12 54.04
C ASN D 48 -11.51 36.14 53.97
N PHE D 49 -12.77 35.70 53.96
CA PHE D 49 -13.88 36.62 53.84
C PHE D 49 -13.96 37.55 55.04
N HIS D 50 -14.30 38.80 54.79
CA HIS D 50 -14.45 39.78 55.86
C HIS D 50 -15.58 39.37 56.80
N GLN D 51 -15.35 39.52 58.10
CA GLN D 51 -16.39 39.19 59.07
C GLN D 51 -17.59 40.11 58.93
N GLN D 52 -17.35 41.41 58.79
CA GLN D 52 -18.42 42.39 58.56
C GLN D 52 -18.25 43.02 57.18
N PRO D 53 -19.12 42.69 56.22
CA PRO D 53 -18.98 43.29 54.88
C PRO D 53 -19.61 44.68 54.85
N ARG D 54 -18.82 45.66 54.44
CA ARG D 54 -19.34 47.01 54.28
C ARG D 54 -20.34 47.06 53.15
N TYR D 55 -21.33 47.94 53.28
CA TYR D 55 -22.42 48.06 52.31
C TYR D 55 -22.35 49.42 51.64
N ILE D 56 -22.41 49.41 50.30
CA ILE D 56 -22.42 50.64 49.52
C ILE D 56 -23.55 50.55 48.50
N PRO D 57 -24.47 51.51 48.47
CA PRO D 57 -25.56 51.46 47.49
C PRO D 57 -25.11 51.91 46.11
N LEU D 58 -25.73 51.30 45.10
CA LEU D 58 -25.44 51.65 43.71
C LEU D 58 -26.15 52.94 43.32
N SER D 59 -25.54 53.66 42.38
CA SER D 59 -26.14 54.91 41.91
C SER D 59 -27.46 54.67 41.20
N GLN D 60 -27.53 53.62 40.37
CA GLN D 60 -28.73 53.30 39.63
C GLN D 60 -28.95 51.79 39.65
N PRO D 61 -30.20 51.33 39.70
CA PRO D 61 -30.45 49.88 39.78
C PRO D 61 -29.90 49.13 38.58
N MET D 62 -29.37 47.94 38.86
CA MET D 62 -28.81 47.05 37.82
C MET D 62 -29.37 45.66 38.06
N PRO D 63 -30.58 45.38 37.57
CA PRO D 63 -31.22 44.08 37.86
C PRO D 63 -30.44 42.89 37.33
N LEU D 64 -29.73 43.04 36.21
CA LEU D 64 -29.09 41.89 35.57
C LEU D 64 -27.87 41.39 36.33
N LEU D 65 -27.34 42.18 37.25
CA LEU D 65 -26.15 41.82 38.00
C LEU D 65 -26.47 41.31 39.40
N ALA D 66 -27.73 41.01 39.69
CA ALA D 66 -28.13 40.62 41.03
C ALA D 66 -27.49 39.29 41.43
N ASN D 67 -26.93 39.25 42.64
CA ASN D 67 -26.34 38.04 43.20
C ASN D 67 -25.24 37.48 42.31
N THR D 68 -24.30 38.33 41.91
CA THR D 68 -23.18 37.91 41.09
C THR D 68 -21.88 38.47 41.67
N PRO D 69 -20.87 37.63 41.89
CA PRO D 69 -19.60 38.12 42.44
C PRO D 69 -18.63 38.57 41.38
N PHE D 70 -17.91 39.65 41.69
CA PHE D 70 -16.94 40.26 40.80
C PHE D 70 -15.62 40.45 41.55
N ILE D 71 -14.56 40.72 40.79
CA ILE D 71 -13.28 41.14 41.34
C ILE D 71 -12.84 42.40 40.61
N VAL D 72 -12.45 43.42 41.38
CA VAL D 72 -12.18 44.76 40.85
C VAL D 72 -10.91 45.31 41.48
N THR D 73 -10.48 46.45 40.97
CA THR D 73 -9.35 47.19 41.53
C THR D 73 -9.84 48.33 42.40
N GLY D 74 -8.91 48.91 43.17
CA GLY D 74 -9.24 50.00 44.07
C GLY D 74 -8.99 51.37 43.45
N SER D 75 -9.78 52.34 43.89
CA SER D 75 -9.63 53.71 43.40
C SER D 75 -8.36 54.34 43.96
N GLY D 76 -7.67 55.10 43.12
CA GLY D 76 -6.42 55.71 43.53
C GLY D 76 -5.29 54.73 43.76
N LYS D 77 -5.34 53.57 43.11
CA LYS D 77 -4.36 52.51 43.31
C LYS D 77 -3.62 52.25 42.01
N PHE D 78 -2.29 52.33 42.06
CA PHE D 78 -1.48 52.15 40.87
C PHE D 78 -1.43 50.68 40.47
N PHE D 79 -1.32 50.43 39.16
CA PHE D 79 -1.24 49.05 38.68
C PHE D 79 0.12 48.43 38.97
N ARG D 80 1.11 49.23 39.35
CA ARG D 80 2.42 48.69 39.67
C ARG D 80 2.42 48.04 41.04
N ASN D 81 1.68 48.60 41.99
CA ASN D 81 1.77 48.21 43.39
C ASN D 81 1.01 46.93 43.71
N VAL D 82 0.24 46.39 42.77
CA VAL D 82 -0.62 45.25 43.07
C VAL D 82 0.20 44.00 43.42
N GLN D 83 1.22 43.72 42.62
CA GLN D 83 2.03 42.52 42.87
C GLN D 83 2.77 42.59 44.19
N LEU D 84 2.92 43.80 44.76
CA LEU D 84 3.53 43.94 46.07
C LEU D 84 2.54 43.71 47.20
N ASP D 85 1.24 43.80 46.93
CA ASP D 85 0.22 43.61 47.97
C ASP D 85 -1.12 43.23 47.35
N PRO D 86 -1.38 41.94 47.15
CA PRO D 86 -2.66 41.54 46.52
C PRO D 86 -3.88 41.95 47.31
N ALA D 87 -3.79 41.92 48.65
CA ALA D 87 -4.97 42.18 49.47
C ALA D 87 -5.34 43.66 49.48
N ALA D 88 -4.33 44.53 49.54
CA ALA D 88 -4.58 45.95 49.70
C ALA D 88 -4.87 46.67 48.38
N ASN D 89 -4.86 45.95 47.26
CA ASN D 89 -5.09 46.59 45.96
C ASN D 89 -6.27 46.03 45.20
N LEU D 90 -6.61 44.75 45.36
CA LEU D 90 -7.78 44.17 44.73
C LEU D 90 -8.93 44.09 45.73
N GLY D 91 -10.08 43.64 45.23
CA GLY D 91 -11.21 43.35 46.09
C GLY D 91 -12.21 42.52 45.34
N ILE D 92 -12.99 41.76 46.10
CA ILE D 92 -14.09 40.95 45.55
C ILE D 92 -15.38 41.41 46.19
N VAL D 93 -16.37 41.74 45.36
CA VAL D 93 -17.65 42.23 45.81
C VAL D 93 -18.74 41.33 45.26
N LYS D 94 -19.90 41.38 45.92
CA LYS D 94 -21.04 40.57 45.52
C LYS D 94 -22.30 41.43 45.59
N VAL D 95 -22.87 41.73 44.42
CA VAL D 95 -24.07 42.55 44.35
C VAL D 95 -25.23 41.81 45.03
N ASP D 96 -26.05 42.55 45.76
CA ASP D 96 -27.17 41.96 46.48
C ASP D 96 -28.16 41.32 45.51
N SER D 97 -29.12 40.60 46.08
CA SER D 97 -30.12 39.91 45.29
C SER D 97 -31.13 40.87 44.65
N CYS D 98 -31.12 42.14 45.03
CA CYS D 98 -32.02 43.12 44.45
C CYS D 98 -31.39 43.96 43.35
N GLY D 99 -30.07 44.15 43.38
CA GLY D 99 -29.41 44.98 42.40
C GLY D 99 -29.21 46.42 42.81
N ALA D 100 -29.21 46.71 44.10
CA ALA D 100 -29.06 48.08 44.59
C ALA D 100 -27.78 48.32 45.37
N GLY D 101 -27.18 47.28 45.94
CA GLY D 101 -25.96 47.42 46.72
C GLY D 101 -25.06 46.21 46.57
N TYR D 102 -23.93 46.27 47.25
CA TYR D 102 -22.98 45.16 47.25
C TYR D 102 -22.23 45.14 48.58
N HIS D 103 -21.71 43.96 48.91
CA HIS D 103 -20.96 43.74 50.14
C HIS D 103 -19.53 43.35 49.79
N ILE D 104 -18.57 43.98 50.46
CA ILE D 104 -17.15 43.67 50.25
C ILE D 104 -16.79 42.44 51.06
N LEU D 105 -16.36 41.37 50.38
CA LEU D 105 -16.09 40.10 51.04
C LEU D 105 -14.63 39.94 51.43
N TRP D 106 -13.71 40.11 50.47
CA TRP D 106 -12.29 39.96 50.74
C TRP D 106 -11.53 41.10 50.08
N GLY D 107 -10.39 41.46 50.67
CA GLY D 107 -9.53 42.47 50.10
C GLY D 107 -10.05 43.88 50.35
N LEU D 108 -9.45 44.83 49.63
CA LEU D 108 -9.82 46.24 49.71
C LEU D 108 -9.74 46.75 51.16
N THR D 109 -8.68 46.35 51.86
CA THR D 109 -8.52 46.74 53.25
C THR D 109 -8.13 48.22 53.35
N ASN D 110 -8.14 48.72 54.58
CA ASN D 110 -7.81 50.12 54.89
C ASN D 110 -8.74 51.07 54.12
N GLU D 111 -10.02 50.99 54.46
CA GLU D 111 -11.11 51.79 53.89
C GLU D 111 -10.96 52.00 52.39
N ALA D 112 -10.54 50.97 51.67
CA ALA D 112 -10.39 51.07 50.23
C ALA D 112 -11.75 51.06 49.54
N VAL D 113 -11.84 51.78 48.42
CA VAL D 113 -13.09 51.90 47.67
C VAL D 113 -12.80 51.56 46.21
N PRO D 114 -13.71 50.86 45.53
CA PRO D 114 -13.49 50.58 44.10
C PRO D 114 -13.33 51.85 43.28
N THR D 115 -12.94 51.65 42.02
CA THR D 115 -12.63 52.77 41.14
C THR D 115 -13.84 53.69 40.97
N SER D 116 -13.56 54.95 40.65
CA SER D 116 -14.62 55.93 40.47
C SER D 116 -15.42 55.69 39.19
N GLU D 117 -14.89 54.91 38.26
CA GLU D 117 -15.59 54.57 37.02
C GLU D 117 -16.42 53.30 37.15
N LEU D 118 -16.74 52.88 38.37
CA LEU D 118 -17.53 51.67 38.56
C LEU D 118 -18.88 51.70 37.84
N PRO D 119 -19.64 52.80 37.82
CA PRO D 119 -20.88 52.80 37.02
C PRO D 119 -20.66 52.46 35.56
N ALA D 120 -19.57 52.94 34.96
CA ALA D 120 -19.32 52.65 33.55
C ALA D 120 -19.00 51.18 33.33
N HIS D 121 -18.31 50.54 34.28
CA HIS D 121 -17.97 49.13 34.12
C HIS D 121 -19.19 48.24 34.34
N PHE D 122 -20.02 48.56 35.33
CA PHE D 122 -21.19 47.75 35.61
C PHE D 122 -22.25 47.91 34.52
N LEU D 123 -22.37 49.11 33.96
CA LEU D 123 -23.33 49.32 32.89
C LEU D 123 -22.96 48.52 31.65
N SER D 124 -21.67 48.50 31.30
CA SER D 124 -21.22 47.73 30.15
C SER D 124 -21.16 46.23 30.43
N HIS D 125 -20.94 45.85 31.69
CA HIS D 125 -20.96 44.43 32.04
C HIS D 125 -22.33 43.82 31.78
N SER D 126 -23.39 44.55 32.12
CA SER D 126 -24.74 44.02 31.94
C SER D 126 -25.11 43.94 30.46
N GLU D 127 -24.79 44.97 29.69
CA GLU D 127 -25.27 45.05 28.31
C GLU D 127 -24.50 44.13 27.38
N ARG D 128 -23.25 43.80 27.71
CA ARG D 128 -22.52 42.82 26.91
C ARG D 128 -23.05 41.41 27.12
N ILE D 129 -23.72 41.15 28.24
CA ILE D 129 -24.31 39.83 28.47
C ILE D 129 -25.41 39.55 27.47
N LYS D 130 -26.23 40.56 27.16
CA LYS D 130 -27.29 40.38 26.17
C LYS D 130 -26.73 40.05 24.80
N ALA D 131 -25.63 40.72 24.41
CA ALA D 131 -25.08 40.53 23.07
C ALA D 131 -24.35 39.20 22.92
N THR D 132 -23.64 38.76 23.96
CA THR D 132 -22.81 37.56 23.87
C THR D 132 -23.38 36.37 24.64
N ASN D 133 -24.58 36.49 25.21
CA ASN D 133 -25.22 35.40 25.93
C ASN D 133 -24.33 34.85 27.05
N GLY D 134 -23.62 35.75 27.73
CA GLY D 134 -22.80 35.37 28.86
C GLY D 134 -21.39 34.91 28.54
N LYS D 135 -20.93 35.07 27.30
CA LYS D 135 -19.56 34.67 26.98
C LYS D 135 -18.55 35.68 27.49
N ASP D 136 -18.78 36.97 27.25
CA ASP D 136 -17.85 38.00 27.68
C ASP D 136 -17.87 38.14 29.21
N ARG D 137 -16.67 38.26 29.80
CA ARG D 137 -16.55 38.35 31.25
C ARG D 137 -15.62 39.45 31.73
N VAL D 138 -14.95 40.18 30.84
CA VAL D 138 -13.95 41.16 31.23
C VAL D 138 -14.19 42.47 30.50
N ILE D 139 -14.08 43.59 31.22
CA ILE D 139 -14.12 44.93 30.67
C ILE D 139 -12.82 45.63 31.05
N MET D 140 -12.15 46.23 30.07
CA MET D 140 -10.84 46.84 30.29
C MET D 140 -10.80 48.23 29.67
N HIS D 141 -10.13 49.16 30.37
CA HIS D 141 -9.92 50.51 29.90
C HIS D 141 -8.48 50.92 30.22
N CYS D 142 -7.78 51.43 29.21
CA CYS D 142 -6.40 51.89 29.39
C CYS D 142 -6.05 52.86 28.29
N HIS D 143 -5.13 53.78 28.59
CA HIS D 143 -4.71 54.82 27.65
C HIS D 143 -3.67 54.25 26.69
N ALA D 144 -4.16 53.68 25.59
CA ALA D 144 -3.25 53.21 24.55
C ALA D 144 -2.57 54.39 23.87
N THR D 145 -1.24 54.32 23.78
CA THR D 145 -0.46 55.49 23.37
C THR D 145 -0.80 55.92 21.95
N ASN D 146 -0.79 54.96 21.01
CA ASN D 146 -0.92 55.32 19.59
C ASN D 146 -2.37 55.50 19.16
N LEU D 147 -3.33 54.95 19.92
CA LEU D 147 -4.73 55.17 19.58
C LEU D 147 -5.19 56.56 19.98
N ILE D 148 -4.64 57.11 21.07
CA ILE D 148 -4.99 58.46 21.49
C ILE D 148 -4.58 59.48 20.44
N ALA D 149 -3.36 59.33 19.91
CA ALA D 149 -2.85 60.31 18.94
C ALA D 149 -3.60 60.25 17.61
N LEU D 150 -4.27 59.14 17.33
CA LEU D 150 -4.94 58.99 16.04
C LEU D 150 -6.19 59.86 15.96
N THR D 151 -6.92 59.99 17.06
CA THR D 151 -8.15 60.77 17.06
C THR D 151 -7.90 62.25 16.80
N TYR D 152 -6.69 62.74 17.07
CA TYR D 152 -6.37 64.13 16.77
C TYR D 152 -6.27 64.38 15.27
N VAL D 153 -6.04 63.33 14.47
CA VAL D 153 -5.76 63.47 13.05
C VAL D 153 -6.92 62.93 12.21
N LEU D 154 -7.42 61.75 12.54
CA LEU D 154 -8.51 61.14 11.78
C LEU D 154 -9.86 61.63 12.28
N GLU D 155 -10.81 61.74 11.37
CA GLU D 155 -12.15 62.19 11.71
C GLU D 155 -12.83 61.18 12.63
N ASN D 156 -13.65 61.69 13.55
CA ASN D 156 -14.31 60.86 14.55
C ASN D 156 -15.64 60.32 14.00
N ASP D 157 -15.52 59.59 12.89
CA ASP D 157 -16.66 58.92 12.28
C ASP D 157 -16.35 57.43 12.16
N THR D 158 -17.38 56.61 12.36
CA THR D 158 -17.18 55.16 12.41
C THR D 158 -16.68 54.63 11.07
N ALA D 159 -17.22 55.13 9.97
CA ALA D 159 -16.89 54.58 8.65
C ALA D 159 -15.42 54.80 8.31
N VAL D 160 -14.89 55.99 8.60
CA VAL D 160 -13.52 56.30 8.22
C VAL D 160 -12.51 55.61 9.14
N PHE D 161 -12.74 55.69 10.45
CA PHE D 161 -11.79 55.11 11.41
C PHE D 161 -11.71 53.59 11.26
N THR D 162 -12.85 52.93 11.04
CA THR D 162 -12.84 51.47 10.94
C THR D 162 -12.04 51.00 9.73
N ARG D 163 -12.17 51.69 8.60
CA ARG D 163 -11.46 51.26 7.39
C ARG D 163 -9.95 51.43 7.55
N GLN D 164 -9.51 52.53 8.17
CA GLN D 164 -8.08 52.77 8.32
C GLN D 164 -7.43 51.69 9.18
N LEU D 165 -8.09 51.29 10.27
CA LEU D 165 -7.55 50.23 11.12
C LEU D 165 -7.51 48.89 10.40
N TRP D 166 -8.50 48.64 9.53
CA TRP D 166 -8.51 47.40 8.77
C TRP D 166 -7.38 47.32 7.76
N GLU D 167 -6.80 48.45 7.38
CA GLU D 167 -5.77 48.50 6.37
C GLU D 167 -4.35 48.56 6.94
N GLY D 168 -4.21 48.81 8.24
CA GLY D 168 -2.90 48.82 8.87
C GLY D 168 -2.33 47.46 9.20
N SER D 169 -3.16 46.41 9.15
CA SER D 169 -2.71 45.06 9.40
C SER D 169 -3.75 44.10 8.85
N THR D 170 -3.29 42.97 8.30
CA THR D 170 -4.19 42.02 7.67
C THR D 170 -5.16 41.40 8.70
N GLU D 171 -4.65 41.07 9.88
CA GLU D 171 -5.43 40.32 10.86
C GLU D 171 -6.48 41.17 11.57
N CYS D 172 -6.49 42.49 11.36
CA CYS D 172 -7.43 43.35 12.08
C CYS D 172 -8.87 43.03 11.70
N LEU D 173 -9.13 42.79 10.41
CA LEU D 173 -10.49 42.50 9.97
C LEU D 173 -11.03 41.23 10.61
N VAL D 174 -10.13 40.34 11.05
CA VAL D 174 -10.56 39.09 11.66
C VAL D 174 -10.72 39.25 13.16
N VAL D 175 -9.94 40.14 13.77
CA VAL D 175 -9.96 40.27 15.23
C VAL D 175 -11.20 41.03 15.68
N PHE D 176 -11.49 42.17 15.05
CA PHE D 176 -12.68 42.96 15.35
C PHE D 176 -13.41 43.28 14.05
N PRO D 177 -14.20 42.34 13.54
CA PRO D 177 -14.95 42.61 12.29
C PRO D 177 -16.05 43.64 12.44
N ASP D 178 -16.53 43.90 13.66
CA ASP D 178 -17.62 44.84 13.87
C ASP D 178 -17.18 46.30 13.80
N GLY D 179 -15.88 46.57 13.82
CA GLY D 179 -15.40 47.93 13.79
C GLY D 179 -15.25 48.53 15.17
N VAL D 180 -14.92 49.82 15.18
CA VAL D 180 -14.74 50.58 16.41
C VAL D 180 -15.69 51.77 16.41
N GLY D 181 -16.38 51.97 17.53
CA GLY D 181 -17.30 53.07 17.69
C GLY D 181 -16.63 54.27 18.34
N ILE D 182 -17.07 55.46 17.96
CA ILE D 182 -16.48 56.71 18.44
C ILE D 182 -17.56 57.53 19.13
N LEU D 183 -17.25 57.98 20.34
CA LEU D 183 -18.09 58.86 21.14
C LEU D 183 -17.62 60.30 21.02
N PRO D 184 -18.48 61.26 21.32
CA PRO D 184 -18.00 62.64 21.49
C PRO D 184 -17.35 62.82 22.85
N TRP D 185 -16.53 63.87 22.94
CA TRP D 185 -15.80 64.14 24.18
C TRP D 185 -16.77 64.49 25.30
N MET D 186 -16.54 63.90 26.47
CA MET D 186 -17.40 64.11 27.63
C MET D 186 -16.55 64.25 28.88
N VAL D 187 -17.13 64.83 29.92
CA VAL D 187 -16.46 64.98 31.20
C VAL D 187 -16.43 63.62 31.89
N PRO D 188 -15.25 63.09 32.21
CA PRO D 188 -15.19 61.75 32.83
C PRO D 188 -15.71 61.76 34.26
N GLY D 189 -16.10 60.57 34.71
CA GLY D 189 -16.56 60.39 36.07
C GLY D 189 -18.03 60.68 36.31
N THR D 190 -18.75 61.11 35.30
CA THR D 190 -20.17 61.41 35.41
C THR D 190 -20.99 60.19 35.01
N ASP D 191 -22.32 60.37 35.02
CA ASP D 191 -23.22 59.31 34.59
C ASP D 191 -23.65 59.46 33.14
N ALA D 192 -23.50 60.66 32.56
CA ALA D 192 -23.85 60.85 31.15
C ALA D 192 -22.92 60.05 30.25
N ILE D 193 -21.62 59.99 30.60
CA ILE D 193 -20.67 59.26 29.79
C ILE D 193 -20.91 57.76 29.88
N GLY D 194 -21.42 57.28 31.01
CA GLY D 194 -21.69 55.85 31.15
C GLY D 194 -22.79 55.36 30.23
N GLN D 195 -23.81 56.19 30.01
CA GLN D 195 -24.92 55.77 29.16
C GLN D 195 -24.53 55.77 27.69
N ALA D 196 -23.67 56.70 27.28
CA ALA D 196 -23.23 56.75 25.90
C ALA D 196 -22.20 55.66 25.61
N THR D 197 -21.34 55.35 26.59
CA THR D 197 -20.37 54.28 26.41
C THR D 197 -21.05 52.93 26.23
N ALA D 198 -22.08 52.65 27.04
CA ALA D 198 -22.81 51.40 26.89
C ALA D 198 -23.61 51.38 25.60
N GLN D 199 -24.05 52.55 25.12
CA GLN D 199 -24.85 52.60 23.90
C GLN D 199 -24.08 52.08 22.71
N GLU D 200 -22.79 52.40 22.62
CA GLU D 200 -21.97 51.91 21.53
C GLU D 200 -21.55 50.45 21.72
N MET D 201 -21.62 49.92 22.93
CA MET D 201 -21.25 48.53 23.18
C MET D 201 -22.25 47.54 22.61
N GLN D 202 -23.42 48.01 22.15
CA GLN D 202 -24.39 47.09 21.56
C GLN D 202 -23.96 46.63 20.17
N LYS D 203 -23.17 47.44 19.46
CA LYS D 203 -22.74 47.10 18.12
C LYS D 203 -21.23 47.12 17.92
N HIS D 204 -20.45 47.34 18.98
CA HIS D 204 -19.00 47.34 18.87
C HIS D 204 -18.38 46.67 20.10
N SER D 205 -17.26 46.01 19.87
CA SER D 205 -16.43 45.47 20.95
C SER D 205 -15.28 46.40 21.31
N LEU D 206 -15.09 47.49 20.57
CA LEU D 206 -14.07 48.48 20.85
C LEU D 206 -14.72 49.86 20.77
N VAL D 207 -14.65 50.61 21.87
CA VAL D 207 -15.23 51.94 21.94
C VAL D 207 -14.12 52.91 22.31
N LEU D 208 -14.01 54.00 21.57
CA LEU D 208 -12.93 54.97 21.73
C LEU D 208 -13.43 56.21 22.45
N TRP D 209 -12.72 56.61 23.51
CA TRP D 209 -12.94 57.87 24.18
C TRP D 209 -11.92 58.87 23.65
N PRO D 210 -12.33 59.90 22.91
CA PRO D 210 -11.35 60.81 22.33
C PRO D 210 -10.48 61.47 23.39
N PHE D 211 -9.18 61.51 23.13
CA PHE D 211 -8.18 62.18 23.97
C PHE D 211 -8.04 61.56 25.35
N HIS D 212 -8.79 60.49 25.64
CA HIS D 212 -8.74 59.88 26.97
C HIS D 212 -8.26 58.43 26.93
N GLY D 213 -8.88 57.57 26.14
CA GLY D 213 -8.50 56.17 26.17
C GLY D 213 -9.45 55.33 25.32
N VAL D 214 -9.39 54.02 25.54
CA VAL D 214 -10.14 53.04 24.75
C VAL D 214 -10.80 52.04 25.70
N PHE D 215 -11.88 51.44 25.22
CA PHE D 215 -12.61 50.42 25.97
C PHE D 215 -12.70 49.14 25.14
N GLY D 216 -12.59 48.00 25.80
CA GLY D 216 -12.65 46.72 25.12
C GLY D 216 -13.11 45.62 26.05
N SER D 217 -13.71 44.59 25.47
CA SER D 217 -14.23 43.45 26.21
C SER D 217 -13.74 42.15 25.60
N GLY D 218 -13.51 41.16 26.46
CA GLY D 218 -13.03 39.87 26.01
C GLY D 218 -13.52 38.73 26.87
N PRO D 219 -13.61 37.54 26.28
CA PRO D 219 -14.15 36.38 27.01
C PRO D 219 -13.35 35.99 28.25
N THR D 220 -12.03 36.07 28.20
CA THR D 220 -11.18 35.73 29.33
C THR D 220 -10.19 36.86 29.56
N LEU D 221 -9.31 36.66 30.55
CA LEU D 221 -8.32 37.68 30.90
C LEU D 221 -7.30 37.86 29.78
N ASP D 222 -7.01 36.79 29.04
CA ASP D 222 -5.97 36.86 28.01
C ASP D 222 -6.53 37.34 26.68
N GLU D 223 -7.75 36.92 26.33
CA GLU D 223 -8.34 37.36 25.07
C GLU D 223 -8.55 38.86 25.04
N THR D 224 -9.00 39.44 26.15
CA THR D 224 -9.19 40.89 26.20
C THR D 224 -7.86 41.62 26.10
N PHE D 225 -6.78 41.01 26.63
CA PHE D 225 -5.47 41.62 26.50
C PHE D 225 -5.01 41.66 25.05
N GLY D 226 -5.16 40.55 24.33
CA GLY D 226 -4.76 40.51 22.94
C GLY D 226 -5.57 41.44 22.07
N LEU D 227 -6.85 41.61 22.40
CA LEU D 227 -7.72 42.47 21.60
C LEU D 227 -7.20 43.91 21.58
N ILE D 228 -6.84 44.45 22.73
CA ILE D 228 -6.27 45.78 22.79
C ILE D 228 -4.87 45.79 22.20
N ASP D 229 -4.08 44.74 22.47
CA ASP D 229 -2.73 44.65 21.94
C ASP D 229 -2.72 44.60 20.43
N THR D 230 -3.65 43.83 19.82
CA THR D 230 -3.73 43.77 18.37
C THR D 230 -4.12 45.12 17.78
N ALA D 231 -5.10 45.80 18.39
CA ALA D 231 -5.53 47.09 17.88
C ALA D 231 -4.46 48.16 18.09
N GLU D 232 -3.70 48.07 19.17
CA GLU D 232 -2.63 49.04 19.41
C GLU D 232 -1.52 48.91 18.37
N LYS D 233 -1.14 47.68 18.04
CA LYS D 233 -0.08 47.46 17.05
C LYS D 233 -0.48 48.00 15.69
N SER D 234 -1.73 47.82 15.31
CA SER D 234 -2.22 48.35 14.03
C SER D 234 -2.09 49.87 13.98
N ALA D 235 -2.46 50.55 15.08
CA ALA D 235 -2.33 52.00 15.11
C ALA D 235 -0.87 52.43 15.10
N GLN D 236 0.03 51.64 15.69
CA GLN D 236 1.45 51.97 15.70
C GLN D 236 2.02 51.96 14.29
N VAL D 237 1.63 50.97 13.48
CA VAL D 237 2.08 50.92 12.09
C VAL D 237 1.54 52.10 11.31
N LEU D 238 0.26 52.44 11.51
CA LEU D 238 -0.33 53.57 10.80
C LEU D 238 0.34 54.88 11.16
N VAL D 239 0.83 55.01 12.40
CA VAL D 239 1.49 56.23 12.81
C VAL D 239 2.77 56.46 12.00
N LYS D 240 3.59 55.41 11.87
CA LYS D 240 4.83 55.53 11.11
C LYS D 240 4.57 55.75 9.63
N VAL D 241 3.61 55.01 9.07
CA VAL D 241 3.31 55.13 7.64
C VAL D 241 2.83 56.53 7.31
N TYR D 242 1.90 57.07 8.11
CA TYR D 242 1.41 58.41 7.86
C TYR D 242 2.49 59.46 8.11
N SER D 243 3.33 59.24 9.11
CA SER D 243 4.40 60.19 9.41
C SER D 243 5.53 60.14 8.39
N MET D 244 5.70 59.01 7.71
CA MET D 244 6.78 58.84 6.74
C MET D 244 6.57 59.64 5.46
N GLY D 245 5.37 60.16 5.23
CA GLY D 245 5.14 60.99 4.07
C GLY D 245 3.79 60.75 3.41
N GLY D 246 3.23 59.57 3.60
CA GLY D 246 1.95 59.22 3.01
C GLY D 246 1.86 57.72 2.79
N MET D 247 0.74 57.31 2.21
CA MET D 247 0.43 55.90 1.98
C MET D 247 0.06 55.73 0.51
N LYS D 248 0.76 54.83 -0.19
CA LYS D 248 0.74 54.79 -1.64
C LYS D 248 -0.05 53.62 -2.21
N GLN D 249 0.22 52.39 -1.80
CA GLN D 249 -0.59 51.25 -2.18
C GLN D 249 -1.20 50.62 -0.94
N THR D 250 -2.35 49.96 -1.12
CA THR D 250 -3.13 49.47 0.00
C THR D 250 -3.80 48.16 -0.36
N ILE D 251 -4.51 47.60 0.61
CA ILE D 251 -5.37 46.45 0.37
C ILE D 251 -6.67 46.96 -0.25
N SER D 252 -6.99 46.48 -1.44
CA SER D 252 -8.15 46.98 -2.14
C SER D 252 -9.44 46.43 -1.54
N ARG D 253 -10.57 47.03 -1.94
CA ARG D 253 -11.86 46.58 -1.44
C ARG D 253 -12.15 45.16 -1.88
N GLU D 254 -11.72 44.78 -3.08
CA GLU D 254 -11.92 43.41 -3.55
C GLU D 254 -11.17 42.41 -2.68
N GLU D 255 -9.95 42.76 -2.25
CA GLU D 255 -9.20 41.88 -1.38
C GLU D 255 -9.80 41.81 0.01
N LEU D 256 -10.38 42.93 0.50
CA LEU D 256 -10.94 42.94 1.84
C LEU D 256 -12.14 42.00 1.97
N ILE D 257 -13.02 41.99 0.98
CA ILE D 257 -14.16 41.08 1.05
C ILE D 257 -13.71 39.63 0.92
N ALA D 258 -12.69 39.38 0.08
CA ALA D 258 -12.16 38.03 -0.07
C ALA D 258 -11.54 37.53 1.23
N LEU D 259 -10.81 38.40 1.93
CA LEU D 259 -10.20 38.01 3.20
C LEU D 259 -11.26 37.67 4.24
N GLY D 260 -12.31 38.47 4.33
CA GLY D 260 -13.38 38.19 5.27
C GLY D 260 -14.24 37.01 4.86
N LYS D 261 -14.29 36.72 3.55
CA LYS D 261 -15.06 35.58 3.08
C LYS D 261 -14.45 34.27 3.55
N ARG D 262 -13.12 34.17 3.53
CA ARG D 262 -12.46 32.93 3.92
C ARG D 262 -12.69 32.62 5.39
N PHE D 263 -12.59 33.62 6.27
CA PHE D 263 -12.69 33.42 7.70
C PHE D 263 -14.11 33.49 8.22
N GLY D 264 -15.09 33.72 7.36
CA GLY D 264 -16.48 33.75 7.79
C GLY D 264 -16.84 34.90 8.71
N VAL D 265 -16.37 36.11 8.41
CA VAL D 265 -16.69 37.29 9.21
C VAL D 265 -17.30 38.34 8.29
N THR D 266 -18.39 38.96 8.75
CA THR D 266 -19.11 39.93 7.95
C THR D 266 -18.61 41.32 8.25
N PRO D 267 -17.99 42.02 7.30
CA PRO D 267 -17.51 43.38 7.57
C PRO D 267 -18.66 44.37 7.71
N LEU D 268 -18.36 45.50 8.33
CA LEU D 268 -19.33 46.58 8.47
C LEU D 268 -19.60 47.19 7.10
N ALA D 269 -20.86 47.15 6.67
CA ALA D 269 -21.21 47.57 5.32
C ALA D 269 -20.90 49.05 5.09
N SER D 270 -21.20 49.89 6.08
CA SER D 270 -21.01 51.33 5.91
C SER D 270 -19.54 51.68 5.69
N ALA D 271 -18.65 51.07 6.48
CA ALA D 271 -17.23 51.34 6.33
C ALA D 271 -16.63 50.60 5.14
N LEU D 272 -17.12 49.40 4.84
CA LEU D 272 -16.58 48.63 3.72
C LEU D 272 -16.83 49.33 2.39
N ALA D 273 -18.03 49.90 2.22
CA ALA D 273 -18.38 50.55 0.96
C ALA D 273 -17.60 51.84 0.71
N LEU D 274 -16.89 52.35 1.71
CA LEU D 274 -16.11 53.57 1.55
C LEU D 274 -15.00 53.39 0.52
N MET E 1 -54.95 35.62 3.16
CA MET E 1 -53.72 35.15 3.80
C MET E 1 -53.98 33.83 4.53
N GLN E 2 -52.96 32.98 4.57
CA GLN E 2 -53.07 31.70 5.26
C GLN E 2 -53.31 31.93 6.74
N ASN E 3 -54.19 31.12 7.33
CA ASN E 3 -54.49 31.24 8.75
C ASN E 3 -53.26 30.89 9.58
N ILE E 4 -53.14 31.53 10.74
CA ILE E 4 -52.03 31.25 11.63
C ILE E 4 -52.10 29.83 12.20
N THR E 5 -53.29 29.22 12.18
CA THR E 5 -53.44 27.88 12.73
C THR E 5 -52.75 26.82 11.89
N GLN E 6 -52.43 27.11 10.63
CA GLN E 6 -51.72 26.17 9.77
C GLN E 6 -50.28 26.62 9.50
N SER E 7 -49.69 27.38 10.43
CA SER E 7 -48.28 27.72 10.34
C SER E 7 -47.44 26.61 10.98
N TRP E 8 -46.11 26.78 10.88
CA TRP E 8 -45.21 25.71 11.35
C TRP E 8 -45.15 25.65 12.87
N PHE E 9 -45.23 26.79 13.55
CA PHE E 9 -45.11 26.79 15.00
C PHE E 9 -46.38 26.29 15.69
N VAL E 10 -47.55 26.60 15.13
CA VAL E 10 -48.79 26.12 15.72
C VAL E 10 -48.94 24.61 15.52
N GLN E 11 -48.66 24.13 14.31
CA GLN E 11 -48.78 22.70 14.03
C GLN E 11 -47.78 21.87 14.81
N GLY E 12 -46.62 22.44 15.14
CA GLY E 12 -45.64 21.71 15.93
C GLY E 12 -46.11 21.46 17.34
N MET E 13 -46.79 22.44 17.95
CA MET E 13 -47.26 22.28 19.32
C MET E 13 -48.38 21.26 19.41
N ILE E 14 -49.16 21.09 18.33
CA ILE E 14 -50.21 20.08 18.34
C ILE E 14 -49.61 18.68 18.39
N LYS E 15 -48.54 18.45 17.63
CA LYS E 15 -47.92 17.12 17.58
C LYS E 15 -47.36 16.72 18.94
N ALA E 16 -46.69 17.64 19.63
CA ALA E 16 -45.98 17.28 20.86
C ALA E 16 -46.93 16.87 21.97
N THR E 17 -48.03 17.60 22.13
CA THR E 17 -48.95 17.30 23.23
C THR E 17 -49.68 15.98 23.01
N THR E 18 -50.01 15.67 21.76
CA THR E 18 -50.73 14.43 21.47
C THR E 18 -49.88 13.20 21.78
N ASP E 19 -48.59 13.24 21.43
CA ASP E 19 -47.72 12.10 21.66
C ASP E 19 -47.58 11.79 23.14
N ALA E 20 -47.43 12.81 23.97
CA ALA E 20 -47.30 12.60 25.41
C ALA E 20 -48.58 12.05 26.02
N TRP E 21 -49.74 12.46 25.48
CA TRP E 21 -51.01 11.97 26.00
C TRP E 21 -51.15 10.46 25.81
N LEU E 22 -50.78 9.96 24.62
CA LEU E 22 -50.92 8.53 24.35
C LEU E 22 -49.89 7.70 25.12
N LYS E 23 -48.74 8.30 25.46
CA LYS E 23 -47.73 7.58 26.22
C LYS E 23 -48.19 7.28 27.64
N GLY E 24 -49.13 8.05 28.18
CA GLY E 24 -49.58 7.86 29.54
C GLY E 24 -48.79 8.70 30.54
N TRP E 25 -48.44 9.93 30.13
CA TRP E 25 -47.62 10.81 30.95
C TRP E 25 -48.34 12.04 31.44
N ASP E 26 -49.46 12.43 30.82
CA ASP E 26 -50.05 13.76 31.02
C ASP E 26 -51.56 13.66 31.23
N GLU E 27 -51.97 12.80 32.17
CA GLU E 27 -53.39 12.72 32.51
C GLU E 27 -53.86 14.04 33.11
N ARG E 28 -55.15 14.31 32.92
CA ARG E 28 -55.76 15.59 33.29
C ARG E 28 -54.96 16.76 32.72
N ASN E 29 -54.48 17.65 33.59
CA ASN E 29 -53.71 18.81 33.16
C ASN E 29 -52.36 18.87 33.88
N GLY E 30 -51.74 17.72 34.11
CA GLY E 30 -50.42 17.68 34.68
C GLY E 30 -49.33 17.85 33.63
N GLY E 31 -48.53 18.90 33.76
CA GLY E 31 -47.48 19.17 32.81
C GLY E 31 -47.85 20.28 31.85
N ASN E 32 -46.83 20.98 31.35
CA ASN E 32 -47.01 22.12 30.47
C ASN E 32 -45.80 22.25 29.56
N LEU E 33 -45.95 23.06 28.50
CA LEU E 33 -44.94 23.17 27.47
C LEU E 33 -44.83 24.62 27.00
N THR E 34 -43.60 25.05 26.70
CA THR E 34 -43.33 26.41 26.26
C THR E 34 -42.33 26.40 25.11
N LEU E 35 -42.47 27.37 24.20
CA LEU E 35 -41.62 27.48 23.03
C LEU E 35 -41.30 28.94 22.75
N ARG E 36 -40.05 29.21 22.38
CA ARG E 36 -39.60 30.56 22.08
C ARG E 36 -39.51 30.75 20.57
N LEU E 37 -39.97 31.90 20.09
CA LEU E 37 -40.02 32.22 18.67
C LEU E 37 -39.14 33.42 18.36
N ASP E 38 -39.24 33.88 17.11
CA ASP E 38 -38.57 35.08 16.64
C ASP E 38 -39.60 36.02 16.03
N ASP E 39 -39.24 37.31 15.97
CA ASP E 39 -40.16 38.33 15.49
C ASP E 39 -40.54 38.15 14.02
N ALA E 40 -39.62 37.65 13.20
CA ALA E 40 -39.92 37.48 11.77
C ALA E 40 -40.90 36.35 11.52
N ASP E 41 -41.07 35.43 12.47
CA ASP E 41 -41.97 34.29 12.26
C ASP E 41 -43.42 34.75 12.16
N ILE E 42 -43.83 35.70 13.01
CA ILE E 42 -45.23 36.09 13.12
C ILE E 42 -45.55 37.36 12.34
N ALA E 43 -44.59 37.90 11.58
CA ALA E 43 -44.83 39.14 10.86
C ALA E 43 -45.96 39.05 9.85
N PRO E 44 -46.05 38.03 8.98
CA PRO E 44 -47.13 38.01 7.99
C PRO E 44 -48.50 37.74 8.57
N TYR E 45 -48.62 37.45 9.86
CA TYR E 45 -49.88 37.03 10.48
C TYR E 45 -50.43 38.10 11.43
N HIS E 46 -50.32 39.37 11.03
CA HIS E 46 -50.83 40.46 11.86
C HIS E 46 -52.34 40.65 11.73
N ASP E 47 -52.98 40.05 10.73
CA ASP E 47 -54.43 40.18 10.57
C ASP E 47 -55.16 39.53 11.73
N ASN E 48 -54.71 38.36 12.17
CA ASN E 48 -55.38 37.60 13.22
C ASN E 48 -55.07 38.10 14.62
N PHE E 49 -54.17 39.06 14.77
CA PHE E 49 -53.82 39.55 16.09
C PHE E 49 -55.00 40.25 16.74
N HIS E 50 -55.12 40.08 18.05
CA HIS E 50 -56.22 40.68 18.79
C HIS E 50 -56.06 42.20 18.85
N GLN E 51 -57.18 42.89 19.06
CA GLN E 51 -57.20 44.35 19.04
C GLN E 51 -57.00 44.98 20.41
N GLN E 52 -57.14 44.20 21.49
CA GLN E 52 -57.03 44.72 22.86
C GLN E 52 -56.05 43.87 23.64
N PRO E 53 -54.74 44.06 23.43
CA PRO E 53 -53.75 43.25 24.16
C PRO E 53 -53.86 43.45 25.66
N ARG E 54 -54.22 42.38 26.36
CA ARG E 54 -54.29 42.42 27.82
C ARG E 54 -52.90 42.46 28.42
N TYR E 55 -52.77 43.15 29.55
CA TYR E 55 -51.51 43.31 30.24
C TYR E 55 -51.53 42.58 31.57
N ILE E 56 -50.53 41.72 31.80
CA ILE E 56 -50.40 40.98 33.03
C ILE E 56 -49.03 41.25 33.62
N PRO E 57 -48.94 41.89 34.79
CA PRO E 57 -47.61 42.15 35.38
C PRO E 57 -46.93 40.88 35.86
N LEU E 58 -45.61 40.92 35.88
CA LEU E 58 -44.80 39.80 36.34
C LEU E 58 -44.38 40.00 37.79
N SER E 59 -44.11 38.88 38.47
CA SER E 59 -43.73 38.94 39.87
C SER E 59 -42.39 39.64 40.06
N GLN E 60 -41.43 39.35 39.20
CA GLN E 60 -40.10 39.93 39.28
C GLN E 60 -39.62 40.24 37.87
N PRO E 61 -38.71 41.20 37.71
CA PRO E 61 -38.26 41.57 36.36
C PRO E 61 -37.54 40.43 35.66
N MET E 62 -37.70 40.39 34.33
CA MET E 62 -37.00 39.43 33.48
C MET E 62 -36.37 40.19 32.32
N PRO E 63 -35.29 40.93 32.59
CA PRO E 63 -34.71 41.79 31.53
C PRO E 63 -34.18 41.02 30.34
N LEU E 64 -33.72 39.78 30.52
CA LEU E 64 -33.07 39.05 29.45
C LEU E 64 -34.04 38.62 28.36
N LEU E 65 -35.34 38.64 28.62
CA LEU E 65 -36.35 38.18 27.67
C LEU E 65 -37.19 39.32 27.09
N ALA E 66 -36.66 40.54 27.09
CA ALA E 66 -37.43 41.68 26.62
C ALA E 66 -37.71 41.58 25.13
N ASN E 67 -38.95 41.93 24.76
CA ASN E 67 -39.36 42.01 23.35
C ASN E 67 -39.18 40.68 22.62
N THR E 68 -39.71 39.61 23.21
CA THR E 68 -39.63 38.29 22.62
C THR E 68 -40.99 37.62 22.64
N PRO E 69 -41.46 37.08 21.51
CA PRO E 69 -42.73 36.36 21.52
C PRO E 69 -42.56 34.89 21.90
N PHE E 70 -43.63 34.32 22.45
CA PHE E 70 -43.64 32.94 22.90
C PHE E 70 -44.94 32.27 22.46
N ILE E 71 -45.02 30.97 22.70
CA ILE E 71 -46.26 30.20 22.60
C ILE E 71 -46.37 29.33 23.84
N VAL E 72 -47.47 29.47 24.57
CA VAL E 72 -47.66 28.78 25.84
C VAL E 72 -49.01 28.07 25.85
N THR E 73 -49.16 27.17 26.81
CA THR E 73 -50.42 26.47 27.04
C THR E 73 -51.19 27.15 28.17
N GLY E 74 -52.50 26.90 28.19
CA GLY E 74 -53.35 27.51 29.20
C GLY E 74 -53.27 26.79 30.53
N SER E 75 -53.89 27.42 31.54
CA SER E 75 -53.96 26.86 32.88
C SER E 75 -55.31 26.18 33.06
N GLY E 76 -55.28 24.90 33.44
CA GLY E 76 -56.48 24.11 33.54
C GLY E 76 -56.93 23.48 32.23
N LYS E 77 -56.11 23.53 31.19
CA LYS E 77 -56.43 22.94 29.90
C LYS E 77 -55.79 21.56 29.77
N PHE E 78 -56.59 20.58 29.36
CA PHE E 78 -56.09 19.23 29.16
C PHE E 78 -55.25 19.17 27.89
N PHE E 79 -54.13 18.43 27.95
CA PHE E 79 -53.30 18.25 26.76
C PHE E 79 -54.01 17.49 25.66
N ARG E 80 -55.04 16.72 26.01
CA ARG E 80 -55.79 15.94 25.02
C ARG E 80 -56.71 16.82 24.19
N ASN E 81 -57.07 18.01 24.66
CA ASN E 81 -58.02 18.87 23.97
C ASN E 81 -57.36 19.90 23.07
N VAL E 82 -56.02 19.99 23.07
CA VAL E 82 -55.34 21.01 22.29
C VAL E 82 -55.57 20.80 20.79
N GLN E 83 -55.50 19.54 20.34
CA GLN E 83 -55.72 19.24 18.93
C GLN E 83 -57.15 19.52 18.48
N LEU E 84 -58.09 19.68 19.41
CA LEU E 84 -59.48 19.93 19.07
C LEU E 84 -59.79 21.42 18.91
N ASP E 85 -59.04 22.29 19.57
CA ASP E 85 -59.24 23.73 19.47
C ASP E 85 -57.97 24.47 19.85
N PRO E 86 -57.05 24.70 18.91
CA PRO E 86 -55.79 25.37 19.26
C PRO E 86 -55.98 26.78 19.80
N ALA E 87 -56.98 27.51 19.34
CA ALA E 87 -57.14 28.91 19.74
C ALA E 87 -57.48 29.03 21.22
N ALA E 88 -58.36 28.16 21.73
CA ALA E 88 -58.80 28.25 23.11
C ALA E 88 -57.84 27.62 24.10
N ASN E 89 -56.88 26.82 23.62
CA ASN E 89 -55.93 26.15 24.50
C ASN E 89 -54.52 26.69 24.40
N LEU E 90 -54.12 27.22 23.24
CA LEU E 90 -52.81 27.79 23.03
C LEU E 90 -52.94 29.28 22.78
N GLY E 91 -51.98 30.04 23.27
CA GLY E 91 -51.97 31.47 23.08
C GLY E 91 -50.55 32.01 23.05
N ILE E 92 -50.32 32.97 22.17
CA ILE E 92 -49.00 33.59 22.01
C ILE E 92 -48.97 34.88 22.82
N VAL E 93 -47.81 35.14 23.41
CA VAL E 93 -47.60 36.33 24.23
C VAL E 93 -46.33 37.02 23.77
N LYS E 94 -46.22 38.31 24.08
CA LYS E 94 -45.04 39.10 23.74
C LYS E 94 -44.64 39.94 24.94
N VAL E 95 -43.39 39.79 25.37
CA VAL E 95 -42.88 40.54 26.51
C VAL E 95 -42.64 41.98 26.10
N ASP E 96 -42.87 42.91 27.03
CA ASP E 96 -42.71 44.33 26.75
C ASP E 96 -41.23 44.68 26.61
N SER E 97 -40.97 45.95 26.33
CA SER E 97 -39.60 46.42 26.11
C SER E 97 -38.80 46.56 27.39
N CYS E 98 -39.43 46.46 28.56
CA CYS E 98 -38.74 46.63 29.82
C CYS E 98 -38.65 45.34 30.65
N GLY E 99 -39.32 44.27 30.23
CA GLY E 99 -39.31 43.05 31.01
C GLY E 99 -40.17 43.08 32.24
N ALA E 100 -41.27 43.83 32.22
CA ALA E 100 -42.17 43.94 33.37
C ALA E 100 -43.52 43.28 33.17
N GLY E 101 -43.91 43.02 31.92
CA GLY E 101 -45.19 42.39 31.65
C GLY E 101 -45.22 41.89 30.22
N TYR E 102 -46.34 41.31 29.84
CA TYR E 102 -46.51 40.80 28.48
C TYR E 102 -47.91 41.10 27.98
N HIS E 103 -48.04 41.14 26.65
CA HIS E 103 -49.31 41.38 25.99
C HIS E 103 -49.78 40.10 25.31
N ILE E 104 -51.07 39.82 25.40
CA ILE E 104 -51.66 38.66 24.74
C ILE E 104 -52.15 39.12 23.38
N LEU E 105 -51.52 38.61 22.32
CA LEU E 105 -51.85 39.03 20.96
C LEU E 105 -52.80 38.08 20.25
N TRP E 106 -52.78 36.79 20.58
CA TRP E 106 -53.61 35.83 19.88
C TRP E 106 -53.93 34.67 20.82
N GLY E 107 -55.08 34.04 20.60
CA GLY E 107 -55.44 32.86 21.36
C GLY E 107 -55.85 33.18 22.80
N LEU E 108 -55.97 32.11 23.58
CA LEU E 108 -56.34 32.19 25.00
C LEU E 108 -57.64 32.96 25.17
N THR E 109 -58.63 32.60 24.36
CA THR E 109 -59.90 33.30 24.35
C THR E 109 -60.68 33.03 25.64
N ASN E 110 -61.79 33.76 25.79
CA ASN E 110 -62.69 33.60 26.94
C ASN E 110 -61.97 33.85 28.26
N GLU E 111 -61.16 34.91 28.31
CA GLU E 111 -60.47 35.32 29.53
C GLU E 111 -59.60 34.20 30.10
N ALA E 112 -58.91 33.48 29.22
CA ALA E 112 -58.00 32.44 29.66
C ALA E 112 -56.66 33.04 30.07
N VAL E 113 -55.90 32.27 30.84
CA VAL E 113 -54.61 32.71 31.34
C VAL E 113 -53.56 31.63 31.11
N PRO E 114 -52.28 31.97 31.01
CA PRO E 114 -51.24 30.94 30.87
C PRO E 114 -51.14 30.06 32.10
N THR E 115 -50.28 29.06 32.01
CA THR E 115 -50.15 28.07 33.07
C THR E 115 -49.64 28.72 34.35
N SER E 116 -49.94 28.06 35.48
CA SER E 116 -49.55 28.57 36.78
C SER E 116 -48.04 28.50 37.01
N GLU E 117 -47.36 27.52 36.40
CA GLU E 117 -45.92 27.37 36.54
C GLU E 117 -45.13 28.24 35.57
N LEU E 118 -45.77 29.28 35.02
CA LEU E 118 -45.08 30.16 34.08
C LEU E 118 -43.82 30.82 34.67
N PRO E 119 -43.81 31.29 35.92
CA PRO E 119 -42.54 31.81 36.47
C PRO E 119 -41.42 30.80 36.44
N ALA E 120 -41.70 29.52 36.69
CA ALA E 120 -40.66 28.50 36.59
C ALA E 120 -40.19 28.33 35.15
N HIS E 121 -41.13 28.38 34.19
CA HIS E 121 -40.75 28.29 32.78
C HIS E 121 -39.91 29.48 32.35
N PHE E 122 -40.29 30.67 32.79
CA PHE E 122 -39.56 31.87 32.39
C PHE E 122 -38.17 31.92 33.02
N LEU E 123 -38.04 31.41 34.25
CA LEU E 123 -36.75 31.43 34.91
C LEU E 123 -35.74 30.54 34.21
N SER E 124 -36.16 29.34 33.80
CA SER E 124 -35.26 28.43 33.10
C SER E 124 -35.05 28.84 31.65
N HIS E 125 -36.04 29.51 31.04
CA HIS E 125 -35.86 30.01 29.68
C HIS E 125 -34.73 31.02 29.61
N SER E 126 -34.65 31.92 30.58
CA SER E 126 -33.57 32.91 30.61
C SER E 126 -32.24 32.25 30.94
N GLU E 127 -32.25 31.26 31.83
CA GLU E 127 -31.00 30.66 32.28
C GLU E 127 -30.38 29.78 31.19
N ARG E 128 -31.19 28.95 30.53
CA ARG E 128 -30.64 28.02 29.54
C ARG E 128 -30.05 28.73 28.34
N ILE E 129 -30.39 30.00 28.11
CA ILE E 129 -29.74 30.76 27.06
C ILE E 129 -28.25 30.94 27.37
N LYS E 130 -27.94 31.22 28.63
CA LYS E 130 -26.55 31.43 29.02
C LYS E 130 -25.71 30.17 28.85
N ALA E 131 -26.25 29.02 29.26
CA ALA E 131 -25.46 27.79 29.29
C ALA E 131 -25.23 27.21 27.90
N THR E 132 -26.17 27.37 26.98
CA THR E 132 -26.07 26.77 25.66
C THR E 132 -25.95 27.79 24.54
N ASN E 133 -25.64 29.05 24.86
CA ASN E 133 -25.47 30.11 23.87
C ASN E 133 -26.69 30.23 22.96
N GLY E 134 -27.87 30.13 23.57
CA GLY E 134 -29.10 30.33 22.82
C GLY E 134 -29.49 29.21 21.90
N LYS E 135 -29.00 27.99 22.15
CA LYS E 135 -29.40 26.86 21.31
C LYS E 135 -30.67 26.20 21.82
N ASP E 136 -30.81 26.08 23.14
CA ASP E 136 -32.03 25.54 23.73
C ASP E 136 -33.19 26.52 23.54
N ARG E 137 -34.36 25.98 23.22
CA ARG E 137 -35.54 26.83 23.02
C ARG E 137 -36.82 26.31 23.66
N VAL E 138 -36.84 25.10 24.22
CA VAL E 138 -38.06 24.47 24.67
C VAL E 138 -37.88 23.94 26.09
N ILE E 139 -38.89 24.17 26.94
CA ILE E 139 -38.94 23.64 28.29
C ILE E 139 -40.19 22.77 28.41
N MET E 140 -40.04 21.57 28.99
CA MET E 140 -41.15 20.62 29.08
C MET E 140 -41.15 19.95 30.44
N HIS E 141 -42.34 19.80 31.02
CA HIS E 141 -42.53 19.10 32.29
C HIS E 141 -43.64 18.07 32.12
N CYS E 142 -43.41 16.87 32.66
CA CYS E 142 -44.39 15.80 32.59
C CYS E 142 -44.15 14.85 33.76
N HIS E 143 -45.18 14.05 34.05
CA HIS E 143 -45.17 13.12 35.18
C HIS E 143 -44.86 11.72 34.67
N ALA E 144 -43.57 11.45 34.48
CA ALA E 144 -43.15 10.15 33.96
C ALA E 144 -43.38 9.05 34.99
N THR E 145 -44.05 7.98 34.58
CA THR E 145 -44.51 6.97 35.53
C THR E 145 -43.34 6.22 36.16
N ASN E 146 -42.37 5.79 35.35
CA ASN E 146 -41.30 4.93 35.87
C ASN E 146 -40.26 5.70 36.66
N LEU E 147 -40.01 6.96 36.30
CA LEU E 147 -39.07 7.77 37.08
C LEU E 147 -39.65 8.12 38.45
N ILE E 148 -40.98 8.10 38.60
CA ILE E 148 -41.58 8.27 39.92
C ILE E 148 -41.25 7.09 40.80
N ALA E 149 -41.37 5.87 40.27
CA ALA E 149 -41.14 4.68 41.08
C ALA E 149 -39.69 4.56 41.52
N LEU E 150 -38.75 4.93 40.64
CA LEU E 150 -37.34 4.81 41.00
C LEU E 150 -36.95 5.79 42.09
N THR E 151 -37.63 6.93 42.18
CA THR E 151 -37.35 7.89 43.24
C THR E 151 -37.67 7.31 44.62
N TYR E 152 -38.75 6.53 44.71
CA TYR E 152 -39.17 5.92 45.97
C TYR E 152 -38.19 4.87 46.47
N VAL E 153 -37.34 4.31 45.61
CA VAL E 153 -36.54 3.14 45.96
C VAL E 153 -35.07 3.51 46.08
N LEU E 154 -34.60 4.39 45.20
CA LEU E 154 -33.19 4.77 45.17
C LEU E 154 -32.96 6.03 46.01
N GLU E 155 -31.71 6.20 46.44
CA GLU E 155 -31.33 7.35 47.24
C GLU E 155 -31.20 8.58 46.35
N ASN E 156 -31.88 9.66 46.73
CA ASN E 156 -31.94 10.87 45.92
C ASN E 156 -30.63 11.65 46.06
N ASP E 157 -29.61 11.16 45.36
CA ASP E 157 -28.33 11.84 45.25
C ASP E 157 -27.96 11.96 43.77
N THR E 158 -27.31 13.07 43.42
CA THR E 158 -27.03 13.35 42.02
C THR E 158 -26.13 12.28 41.40
N ALA E 159 -25.07 11.89 42.10
CA ALA E 159 -24.12 10.95 41.53
C ALA E 159 -24.66 9.52 41.53
N VAL E 160 -25.43 9.16 42.56
CA VAL E 160 -25.97 7.80 42.63
C VAL E 160 -27.06 7.60 41.59
N PHE E 161 -27.95 8.59 41.43
CA PHE E 161 -29.05 8.45 40.47
C PHE E 161 -28.53 8.44 39.04
N THR E 162 -27.51 9.25 38.74
CA THR E 162 -26.99 9.32 37.38
C THR E 162 -26.39 8.00 36.93
N ARG E 163 -25.64 7.35 37.81
CA ARG E 163 -24.98 6.10 37.43
C ARG E 163 -25.99 5.01 37.10
N GLN E 164 -27.07 4.90 37.87
CA GLN E 164 -28.05 3.84 37.65
C GLN E 164 -28.71 3.97 36.28
N LEU E 165 -29.06 5.19 35.88
CA LEU E 165 -29.66 5.40 34.57
C LEU E 165 -28.67 5.10 33.45
N TRP E 166 -27.40 5.48 33.63
CA TRP E 166 -26.39 5.21 32.62
C TRP E 166 -26.19 3.71 32.39
N GLU E 167 -26.52 2.88 33.38
CA GLU E 167 -26.41 1.44 33.24
C GLU E 167 -27.60 0.81 32.54
N GLY E 168 -28.72 1.52 32.45
CA GLY E 168 -29.94 0.94 31.90
C GLY E 168 -29.91 0.73 30.40
N SER E 169 -29.09 1.50 29.69
CA SER E 169 -28.97 1.35 28.25
C SER E 169 -27.67 1.99 27.79
N THR E 170 -27.14 1.48 26.69
CA THR E 170 -25.86 1.96 26.18
C THR E 170 -25.95 3.42 25.73
N GLU E 171 -27.04 3.79 25.07
CA GLU E 171 -27.17 5.11 24.47
C GLU E 171 -27.52 6.20 25.49
N CYS E 172 -27.79 5.84 26.74
CA CYS E 172 -28.14 6.86 27.74
C CYS E 172 -26.98 7.81 28.01
N LEU E 173 -25.75 7.28 28.05
CA LEU E 173 -24.60 8.13 28.32
C LEU E 173 -24.42 9.18 27.25
N VAL E 174 -24.76 8.84 26.00
CA VAL E 174 -24.59 9.78 24.89
C VAL E 174 -25.62 10.91 24.97
N VAL E 175 -26.87 10.58 25.32
CA VAL E 175 -27.95 11.56 25.24
C VAL E 175 -27.77 12.66 26.28
N PHE E 176 -27.52 12.30 27.53
CA PHE E 176 -27.30 13.26 28.60
C PHE E 176 -26.01 12.90 29.34
N PRO E 177 -24.86 13.29 28.79
CA PRO E 177 -23.59 12.99 29.48
C PRO E 177 -23.39 13.76 30.77
N ASP E 178 -24.16 14.81 31.01
CA ASP E 178 -23.99 15.64 32.20
C ASP E 178 -24.82 15.17 33.38
N GLY E 179 -25.49 14.03 33.27
CA GLY E 179 -26.26 13.49 34.38
C GLY E 179 -27.62 14.14 34.54
N VAL E 180 -28.21 13.92 35.70
CA VAL E 180 -29.52 14.43 36.04
C VAL E 180 -29.43 15.11 37.40
N GLY E 181 -30.36 16.03 37.64
CA GLY E 181 -30.39 16.79 38.88
C GLY E 181 -31.58 16.46 39.75
N ILE E 182 -31.34 16.45 41.06
CA ILE E 182 -32.37 16.15 42.05
C ILE E 182 -32.52 17.34 42.99
N LEU E 183 -33.73 17.50 43.52
CA LEU E 183 -34.09 18.59 44.41
C LEU E 183 -34.86 18.05 45.60
N PRO E 184 -34.79 18.74 46.75
CA PRO E 184 -35.62 18.35 47.88
C PRO E 184 -37.09 18.65 47.63
N TRP E 185 -37.95 17.91 48.32
CA TRP E 185 -39.39 18.06 48.12
C TRP E 185 -39.84 19.45 48.54
N MET E 186 -40.68 20.06 47.71
CA MET E 186 -41.25 21.37 47.99
C MET E 186 -42.71 21.39 47.54
N VAL E 187 -43.45 22.37 48.03
CA VAL E 187 -44.85 22.51 47.65
C VAL E 187 -44.92 23.13 46.25
N PRO E 188 -45.58 22.47 45.30
CA PRO E 188 -45.65 23.01 43.94
C PRO E 188 -46.49 24.28 43.87
N GLY E 189 -46.19 25.09 42.85
CA GLY E 189 -46.94 26.30 42.60
C GLY E 189 -46.42 27.55 43.26
N THR E 190 -45.20 27.52 43.78
CA THR E 190 -44.62 28.66 44.49
C THR E 190 -43.37 29.13 43.76
N ASP E 191 -42.93 30.34 44.09
CA ASP E 191 -41.68 30.85 43.53
C ASP E 191 -40.45 30.23 44.18
N ALA E 192 -40.63 29.43 45.24
CA ALA E 192 -39.48 28.77 45.87
C ALA E 192 -38.86 27.74 44.93
N ILE E 193 -39.69 26.90 44.31
CA ILE E 193 -39.18 25.90 43.37
C ILE E 193 -38.61 26.57 42.13
N GLY E 194 -39.23 27.65 41.66
CA GLY E 194 -38.74 28.32 40.47
C GLY E 194 -37.31 28.77 40.61
N GLN E 195 -36.95 29.30 41.77
CA GLN E 195 -35.56 29.66 42.02
C GLN E 195 -34.69 28.42 42.15
N ALA E 196 -35.20 27.37 42.78
CA ALA E 196 -34.42 26.15 42.97
C ALA E 196 -34.30 25.36 41.68
N THR E 197 -35.40 25.27 40.91
CA THR E 197 -35.35 24.53 39.64
C THR E 197 -34.41 25.21 38.64
N ALA E 198 -34.44 26.54 38.57
CA ALA E 198 -33.58 27.25 37.64
C ALA E 198 -32.11 27.17 38.03
N GLN E 199 -31.81 26.83 39.29
CA GLN E 199 -30.42 26.69 39.70
C GLN E 199 -29.83 25.36 39.22
N GLU E 200 -30.62 24.28 39.25
CA GLU E 200 -30.13 22.99 38.82
C GLU E 200 -29.95 22.93 37.30
N MET E 201 -30.67 23.77 36.56
CA MET E 201 -30.52 23.79 35.11
C MET E 201 -29.20 24.41 34.67
N GLN E 202 -28.44 25.02 35.58
CA GLN E 202 -27.15 25.58 35.24
C GLN E 202 -26.13 24.51 34.87
N LYS E 203 -26.32 23.28 35.34
CA LYS E 203 -25.38 22.20 35.06
C LYS E 203 -25.99 21.00 34.37
N HIS E 204 -27.31 20.82 34.43
CA HIS E 204 -27.99 19.69 33.82
C HIS E 204 -28.96 20.15 32.76
N SER E 205 -29.51 19.18 32.04
CA SER E 205 -30.63 19.41 31.12
C SER E 205 -31.85 18.60 31.50
N LEU E 206 -31.77 17.82 32.59
CA LEU E 206 -32.88 17.04 33.11
C LEU E 206 -32.91 17.20 34.62
N VAL E 207 -34.06 17.59 35.16
CA VAL E 207 -34.23 17.84 36.58
C VAL E 207 -35.46 17.10 37.08
N LEU E 208 -35.35 16.46 38.24
CA LEU E 208 -36.45 15.71 38.82
C LEU E 208 -37.11 16.47 39.96
N TRP E 209 -38.43 16.38 40.02
CA TRP E 209 -39.19 16.75 41.20
C TRP E 209 -39.65 15.46 41.86
N PRO E 210 -39.19 15.14 43.08
CA PRO E 210 -39.54 13.86 43.69
C PRO E 210 -41.05 13.69 43.84
N PHE E 211 -41.52 12.48 43.52
CA PHE E 211 -42.90 12.06 43.67
C PHE E 211 -43.87 12.86 42.80
N HIS E 212 -43.36 13.79 41.99
CA HIS E 212 -44.23 14.59 41.14
C HIS E 212 -43.93 14.44 39.65
N GLY E 213 -42.70 14.69 39.22
CA GLY E 213 -42.42 14.66 37.80
C GLY E 213 -40.99 15.09 37.52
N VAL E 214 -40.71 15.29 36.22
CA VAL E 214 -39.38 15.62 35.74
C VAL E 214 -39.46 16.78 34.77
N PHE E 215 -38.32 17.44 34.59
CA PHE E 215 -38.19 18.58 33.68
C PHE E 215 -37.17 18.25 32.60
N GLY E 216 -37.26 18.97 31.48
CA GLY E 216 -36.35 18.75 30.37
C GLY E 216 -36.25 19.96 29.47
N SER E 217 -35.17 19.99 28.69
CA SER E 217 -34.93 21.09 27.76
C SER E 217 -34.19 20.58 26.54
N GLY E 218 -34.38 21.26 25.41
CA GLY E 218 -33.76 20.86 24.17
C GLY E 218 -33.80 21.94 23.11
N PRO E 219 -33.11 21.73 22.00
CA PRO E 219 -33.05 22.76 20.94
C PRO E 219 -34.37 22.92 20.18
N THR E 220 -34.99 21.81 19.80
CA THR E 220 -36.25 21.83 19.07
C THR E 220 -37.28 20.96 19.78
N LEU E 221 -38.51 21.02 19.29
CA LEU E 221 -39.59 20.24 19.89
C LEU E 221 -39.35 18.74 19.74
N ASP E 222 -38.89 18.32 18.55
CA ASP E 222 -38.60 16.90 18.34
C ASP E 222 -37.44 16.43 19.21
N GLU E 223 -36.39 17.24 19.32
CA GLU E 223 -35.23 16.85 20.12
C GLU E 223 -35.57 16.82 21.61
N THR E 224 -36.36 17.78 22.08
CA THR E 224 -36.71 17.83 23.49
C THR E 224 -37.54 16.62 23.90
N PHE E 225 -38.50 16.22 23.06
CA PHE E 225 -39.34 15.06 23.39
C PHE E 225 -38.52 13.78 23.43
N GLY E 226 -37.58 13.63 22.50
CA GLY E 226 -36.78 12.42 22.47
C GLY E 226 -35.90 12.25 23.68
N LEU E 227 -35.39 13.36 24.23
CA LEU E 227 -34.51 13.29 25.40
C LEU E 227 -35.25 12.69 26.59
N ILE E 228 -36.47 13.14 26.84
CA ILE E 228 -37.26 12.59 27.94
C ILE E 228 -37.64 11.14 27.66
N ASP E 229 -37.93 10.83 26.39
CA ASP E 229 -38.31 9.47 26.02
C ASP E 229 -37.18 8.48 26.29
N THR E 230 -35.93 8.86 25.97
CA THR E 230 -34.81 7.96 26.16
C THR E 230 -34.58 7.67 27.64
N ALA E 231 -34.63 8.71 28.49
CA ALA E 231 -34.42 8.51 29.92
C ALA E 231 -35.49 7.64 30.53
N GLU E 232 -36.74 7.82 30.11
CA GLU E 232 -37.84 7.05 30.68
C GLU E 232 -37.75 5.58 30.34
N LYS E 233 -37.26 5.24 29.14
CA LYS E 233 -37.10 3.84 28.76
C LYS E 233 -36.07 3.15 29.64
N SER E 234 -34.98 3.85 29.95
CA SER E 234 -33.95 3.26 30.81
C SER E 234 -34.51 2.93 32.19
N ALA E 235 -35.37 3.80 32.73
CA ALA E 235 -35.99 3.53 34.02
C ALA E 235 -36.91 2.32 33.94
N GLN E 236 -37.53 2.08 32.79
CA GLN E 236 -38.44 0.95 32.66
C GLN E 236 -37.70 -0.38 32.80
N VAL E 237 -36.49 -0.47 32.24
CA VAL E 237 -35.70 -1.69 32.38
C VAL E 237 -35.20 -1.84 33.82
N LEU E 238 -34.74 -0.75 34.43
CA LEU E 238 -34.26 -0.82 35.80
C LEU E 238 -35.36 -1.26 36.76
N VAL E 239 -36.56 -0.70 36.60
CA VAL E 239 -37.68 -1.09 37.46
C VAL E 239 -38.01 -2.57 37.26
N LYS E 240 -38.02 -3.02 36.01
CA LYS E 240 -38.33 -4.41 35.73
C LYS E 240 -37.25 -5.34 36.27
N VAL E 241 -35.99 -4.92 36.21
CA VAL E 241 -34.90 -5.81 36.60
C VAL E 241 -34.65 -5.74 38.12
N TYR E 242 -34.99 -4.62 38.77
CA TYR E 242 -34.91 -4.59 40.22
C TYR E 242 -35.93 -5.52 40.85
N SER E 243 -36.98 -5.87 40.11
CA SER E 243 -37.90 -6.91 40.55
C SER E 243 -37.28 -8.30 40.52
N MET E 244 -36.08 -8.44 39.95
CA MET E 244 -35.37 -9.71 39.93
C MET E 244 -34.46 -9.90 41.14
N GLY E 245 -33.92 -8.81 41.69
CA GLY E 245 -33.01 -8.89 42.81
C GLY E 245 -31.89 -7.88 42.75
N GLY E 246 -31.59 -7.39 41.56
CA GLY E 246 -30.52 -6.45 41.33
C GLY E 246 -29.56 -6.93 40.26
N MET E 247 -28.56 -6.09 39.99
CA MET E 247 -27.59 -6.40 38.96
C MET E 247 -26.76 -7.62 39.33
N LYS E 248 -26.42 -8.42 38.32
CA LYS E 248 -25.44 -9.50 38.46
C LYS E 248 -24.22 -9.25 37.60
N GLN E 249 -24.41 -8.91 36.32
CA GLN E 249 -23.37 -8.39 35.46
C GLN E 249 -23.90 -7.14 34.78
N THR E 250 -23.00 -6.19 34.54
CA THR E 250 -23.41 -4.90 34.01
C THR E 250 -22.22 -4.23 33.34
N ILE E 251 -22.49 -3.14 32.63
CA ILE E 251 -21.43 -2.36 31.99
C ILE E 251 -20.51 -1.78 33.05
N SER E 252 -19.21 -1.95 32.86
CA SER E 252 -18.23 -1.57 33.86
C SER E 252 -17.73 -0.16 33.62
N ARG E 253 -16.90 0.34 34.55
CA ARG E 253 -16.36 1.69 34.43
C ARG E 253 -15.42 1.81 33.25
N GLU E 254 -14.59 0.79 33.02
CA GLU E 254 -13.67 0.83 31.88
C GLU E 254 -14.42 0.77 30.55
N GLU E 255 -15.64 0.24 30.56
CA GLU E 255 -16.44 0.19 29.34
C GLU E 255 -17.19 1.50 29.11
N LEU E 256 -17.71 2.10 30.18
CA LEU E 256 -18.38 3.40 30.03
C LEU E 256 -17.40 4.48 29.59
N ILE E 257 -16.19 4.47 30.15
CA ILE E 257 -15.20 5.47 29.75
C ILE E 257 -14.74 5.24 28.32
N ALA E 258 -14.80 3.99 27.83
CA ALA E 258 -14.45 3.72 26.44
C ALA E 258 -15.48 4.31 25.49
N LEU E 259 -16.75 4.30 25.88
CA LEU E 259 -17.80 4.87 25.04
C LEU E 259 -17.72 6.39 25.00
N GLY E 260 -17.24 7.01 26.08
CA GLY E 260 -17.19 8.46 26.12
C GLY E 260 -16.21 9.07 25.14
N LYS E 261 -15.06 8.43 24.96
CA LYS E 261 -14.02 9.00 24.10
C LYS E 261 -14.37 8.88 22.63
N ARG E 262 -15.09 7.82 22.24
CA ARG E 262 -15.41 7.65 20.83
C ARG E 262 -16.36 8.73 20.32
N PHE E 263 -17.37 9.08 21.10
CA PHE E 263 -18.36 10.06 20.69
C PHE E 263 -18.01 11.48 21.11
N GLY E 264 -16.86 11.68 21.75
CA GLY E 264 -16.45 13.01 22.16
C GLY E 264 -17.30 13.65 23.23
N VAL E 265 -17.69 12.89 24.24
CA VAL E 265 -18.49 13.41 25.34
C VAL E 265 -17.69 13.26 26.63
N THR E 266 -17.95 14.16 27.58
CA THR E 266 -17.23 14.18 28.85
C THR E 266 -18.14 13.68 29.96
N PRO E 267 -17.92 12.48 30.51
CA PRO E 267 -18.76 11.99 31.60
C PRO E 267 -18.58 12.82 32.87
N LEU E 268 -19.61 12.82 33.70
CA LEU E 268 -19.56 13.55 34.96
C LEU E 268 -18.54 12.92 35.89
N ALA E 269 -17.67 13.75 36.48
CA ALA E 269 -16.58 13.24 37.29
C ALA E 269 -17.10 12.56 38.55
N SER E 270 -18.02 13.20 39.26
CA SER E 270 -18.54 12.62 40.49
C SER E 270 -19.36 11.36 40.20
N ALA E 271 -20.14 11.37 39.11
CA ALA E 271 -20.98 10.22 38.80
C ALA E 271 -20.16 9.00 38.43
N LEU E 272 -19.02 9.18 37.78
CA LEU E 272 -18.20 8.06 37.36
C LEU E 272 -17.37 7.48 38.50
N ALA E 273 -17.26 8.19 39.62
CA ALA E 273 -16.45 7.71 40.72
C ALA E 273 -17.03 6.44 41.34
N LEU E 274 -18.34 6.40 41.53
CA LEU E 274 -18.98 5.25 42.17
C LEU E 274 -18.89 4.00 41.31
N MET F 1 -46.95 10.55 -15.25
CA MET F 1 -46.27 9.42 -14.65
C MET F 1 -46.51 9.38 -13.15
N GLN F 2 -46.71 8.18 -12.60
CA GLN F 2 -46.90 8.02 -11.17
C GLN F 2 -45.64 8.41 -10.41
N ASN F 3 -45.82 9.12 -9.32
CA ASN F 3 -44.68 9.58 -8.52
C ASN F 3 -43.98 8.39 -7.86
N ILE F 4 -42.70 8.58 -7.55
CA ILE F 4 -41.91 7.51 -6.96
C ILE F 4 -42.37 7.21 -5.54
N THR F 5 -42.99 8.19 -4.86
CA THR F 5 -43.42 7.99 -3.49
C THR F 5 -44.55 6.97 -3.37
N GLN F 6 -45.20 6.63 -4.49
CA GLN F 6 -46.25 5.62 -4.51
C GLN F 6 -45.73 4.24 -4.88
N SER F 7 -44.42 4.07 -5.00
CA SER F 7 -43.84 2.78 -5.34
C SER F 7 -44.07 1.79 -4.20
N TRP F 8 -44.10 0.51 -4.56
CA TRP F 8 -44.47 -0.52 -3.58
C TRP F 8 -43.41 -0.68 -2.50
N PHE F 9 -42.17 -0.24 -2.75
CA PHE F 9 -41.14 -0.39 -1.73
C PHE F 9 -41.09 0.81 -0.79
N VAL F 10 -41.43 2.01 -1.26
CA VAL F 10 -41.53 3.15 -0.36
C VAL F 10 -42.70 2.98 0.59
N GLN F 11 -43.83 2.49 0.09
CA GLN F 11 -44.96 2.21 0.96
C GLN F 11 -44.66 1.08 1.94
N GLY F 12 -43.74 0.18 1.58
CA GLY F 12 -43.37 -0.88 2.49
C GLY F 12 -42.41 -0.44 3.58
N MET F 13 -41.61 0.57 3.30
CA MET F 13 -40.72 1.12 4.32
C MET F 13 -41.47 1.99 5.32
N ILE F 14 -42.53 2.66 4.88
CA ILE F 14 -43.36 3.43 5.80
C ILE F 14 -44.03 2.52 6.81
N LYS F 15 -44.60 1.41 6.34
CA LYS F 15 -45.36 0.52 7.22
C LYS F 15 -44.47 -0.12 8.27
N ALA F 16 -43.26 -0.54 7.88
CA ALA F 16 -42.39 -1.23 8.83
C ALA F 16 -41.94 -0.32 9.96
N THR F 17 -41.58 0.93 9.64
CA THR F 17 -41.11 1.85 10.67
C THR F 17 -42.25 2.39 11.52
N THR F 18 -43.40 2.66 10.91
CA THR F 18 -44.56 3.15 11.67
C THR F 18 -45.04 2.10 12.66
N ASP F 19 -45.09 0.84 12.25
CA ASP F 19 -45.57 -0.21 13.12
C ASP F 19 -44.64 -0.43 14.31
N ALA F 20 -43.33 -0.23 14.11
CA ALA F 20 -42.38 -0.48 15.19
C ALA F 20 -42.42 0.62 16.25
N TRP F 21 -42.85 1.83 15.87
CA TRP F 21 -42.94 2.91 16.84
C TRP F 21 -44.05 2.68 17.85
N LEU F 22 -45.17 2.11 17.40
CA LEU F 22 -46.26 1.79 18.31
C LEU F 22 -45.89 0.69 19.29
N LYS F 23 -44.92 -0.15 18.95
CA LYS F 23 -44.39 -1.12 19.90
C LYS F 23 -43.48 -0.46 20.92
N GLY F 24 -42.83 0.64 20.55
CA GLY F 24 -41.97 1.37 21.47
C GLY F 24 -40.50 1.01 21.41
N TRP F 25 -40.07 0.29 20.38
CA TRP F 25 -38.69 -0.18 20.29
C TRP F 25 -37.73 0.84 19.70
N ASP F 26 -38.21 1.98 19.21
CA ASP F 26 -37.38 2.90 18.44
C ASP F 26 -37.54 4.33 18.93
N GLU F 27 -37.43 4.53 20.24
CA GLU F 27 -37.44 5.88 20.79
C GLU F 27 -36.26 6.69 20.24
N ARG F 28 -36.44 8.01 20.20
CA ARG F 28 -35.46 8.92 19.63
C ARG F 28 -35.10 8.53 18.20
N ASN F 29 -33.85 8.15 17.97
CA ASN F 29 -33.37 7.74 16.66
C ASN F 29 -32.62 6.41 16.74
N GLY F 30 -33.18 5.43 17.43
CA GLY F 30 -32.59 4.11 17.49
C GLY F 30 -33.27 3.15 16.53
N GLY F 31 -32.47 2.30 15.90
CA GLY F 31 -32.96 1.35 14.93
C GLY F 31 -32.67 1.77 13.50
N ASN F 32 -32.60 0.77 12.62
CA ASN F 32 -32.27 0.99 11.22
C ASN F 32 -32.95 -0.07 10.37
N LEU F 33 -33.04 0.19 9.07
CA LEU F 33 -33.72 -0.73 8.17
C LEU F 33 -33.21 -0.50 6.75
N THR F 34 -32.85 -1.59 6.07
CA THR F 34 -32.40 -1.53 4.69
C THR F 34 -33.07 -2.64 3.89
N LEU F 35 -33.29 -2.38 2.60
CA LEU F 35 -33.96 -3.31 1.71
C LEU F 35 -33.19 -3.40 0.39
N ARG F 36 -33.18 -4.60 -0.19
CA ARG F 36 -32.48 -4.85 -1.45
C ARG F 36 -33.48 -4.87 -2.60
N LEU F 37 -33.10 -4.27 -3.73
CA LEU F 37 -33.99 -4.13 -4.87
C LEU F 37 -33.38 -4.69 -6.15
N ASP F 38 -34.04 -4.43 -7.28
CA ASP F 38 -33.55 -4.85 -8.58
C ASP F 38 -33.64 -3.69 -9.55
N ASP F 39 -32.86 -3.77 -10.64
CA ASP F 39 -32.79 -2.67 -11.60
C ASP F 39 -34.14 -2.45 -12.27
N ALA F 40 -34.94 -3.50 -12.43
CA ALA F 40 -36.24 -3.36 -13.06
C ALA F 40 -37.19 -2.53 -12.19
N ASP F 41 -37.10 -2.69 -10.87
CA ASP F 41 -38.03 -2.01 -9.97
C ASP F 41 -37.85 -0.50 -10.02
N ILE F 42 -36.60 -0.03 -10.08
CA ILE F 42 -36.33 1.40 -10.05
C ILE F 42 -36.19 2.01 -11.44
N ALA F 43 -36.28 1.20 -12.50
CA ALA F 43 -36.14 1.73 -13.85
C ALA F 43 -37.22 2.73 -14.23
N PRO F 44 -38.52 2.47 -14.01
CA PRO F 44 -39.54 3.42 -14.51
C PRO F 44 -39.48 4.79 -13.86
N TYR F 45 -38.82 4.95 -12.72
CA TYR F 45 -38.79 6.22 -11.99
C TYR F 45 -37.53 7.02 -12.25
N HIS F 46 -36.99 6.95 -13.48
CA HIS F 46 -35.75 7.65 -13.78
C HIS F 46 -35.94 9.17 -13.90
N ASP F 47 -37.17 9.63 -14.12
CA ASP F 47 -37.42 11.06 -14.28
C ASP F 47 -37.10 11.83 -13.01
N ASN F 48 -37.48 11.28 -11.86
CA ASN F 48 -37.37 12.00 -10.60
C ASN F 48 -35.99 11.91 -9.96
N PHE F 49 -35.06 11.17 -10.56
CA PHE F 49 -33.75 11.00 -9.98
C PHE F 49 -32.97 12.31 -10.00
N HIS F 50 -32.03 12.44 -9.06
CA HIS F 50 -31.16 13.60 -9.01
C HIS F 50 -30.29 13.65 -10.26
N GLN F 51 -29.95 14.87 -10.69
CA GLN F 51 -29.13 15.03 -11.88
C GLN F 51 -27.64 15.06 -11.59
N GLN F 52 -27.24 15.29 -10.33
CA GLN F 52 -25.85 15.17 -9.91
C GLN F 52 -25.77 14.22 -8.72
N PRO F 53 -25.84 12.90 -8.98
CA PRO F 53 -25.74 11.93 -7.86
C PRO F 53 -24.44 12.08 -7.08
N ARG F 54 -24.56 12.28 -5.77
CA ARG F 54 -23.38 12.38 -4.92
C ARG F 54 -22.71 11.02 -4.77
N TYR F 55 -21.39 11.02 -4.68
CA TYR F 55 -20.60 9.81 -4.57
C TYR F 55 -19.95 9.74 -3.19
N ILE F 56 -20.12 8.61 -2.51
CA ILE F 56 -19.56 8.40 -1.18
C ILE F 56 -18.70 7.15 -1.20
N PRO F 57 -17.38 7.27 -1.03
CA PRO F 57 -16.53 6.08 -0.98
C PRO F 57 -16.81 5.23 0.25
N LEU F 58 -16.58 3.93 0.10
CA LEU F 58 -16.77 2.96 1.17
C LEU F 58 -15.44 2.69 1.88
N SER F 59 -15.53 2.19 3.11
CA SER F 59 -14.34 1.87 3.87
C SER F 59 -13.59 0.69 3.27
N GLN F 60 -14.30 -0.37 2.90
CA GLN F 60 -13.71 -1.55 2.30
C GLN F 60 -14.51 -1.94 1.06
N PRO F 61 -13.87 -2.60 0.09
CA PRO F 61 -14.57 -2.90 -1.16
C PRO F 61 -15.72 -3.88 -0.94
N MET F 62 -16.72 -3.79 -1.81
CA MET F 62 -17.88 -4.68 -1.81
C MET F 62 -18.04 -5.23 -3.23
N PRO F 63 -17.13 -6.10 -3.67
CA PRO F 63 -17.22 -6.61 -5.04
C PRO F 63 -18.47 -7.42 -5.31
N LEU F 64 -19.00 -8.13 -4.31
CA LEU F 64 -20.15 -8.98 -4.53
C LEU F 64 -21.42 -8.17 -4.76
N LEU F 65 -21.53 -7.00 -4.14
CA LEU F 65 -22.72 -6.17 -4.23
C LEU F 65 -22.66 -5.17 -5.38
N ALA F 66 -21.83 -5.41 -6.39
CA ALA F 66 -21.67 -4.46 -7.48
C ALA F 66 -22.96 -4.32 -8.28
N ASN F 67 -23.25 -3.09 -8.71
CA ASN F 67 -24.44 -2.77 -9.50
C ASN F 67 -25.72 -3.21 -8.80
N THR F 68 -25.79 -3.03 -7.49
CA THR F 68 -26.97 -3.43 -6.71
C THR F 68 -27.60 -2.20 -6.07
N PRO F 69 -28.86 -1.89 -6.34
CA PRO F 69 -29.52 -0.77 -5.67
C PRO F 69 -30.23 -1.18 -4.39
N PHE F 70 -30.30 -0.23 -3.46
CA PHE F 70 -30.95 -0.41 -2.18
C PHE F 70 -31.86 0.78 -1.89
N ILE F 71 -32.62 0.67 -0.80
CA ILE F 71 -33.34 1.80 -0.21
C ILE F 71 -33.09 1.74 1.30
N VAL F 72 -32.72 2.89 1.88
CA VAL F 72 -32.20 2.94 3.24
C VAL F 72 -32.94 4.01 4.02
N THR F 73 -32.59 4.13 5.30
CA THR F 73 -33.04 5.21 6.16
C THR F 73 -31.87 6.15 6.46
N GLY F 74 -32.21 7.41 6.73
CA GLY F 74 -31.19 8.41 6.99
C GLY F 74 -30.59 8.29 8.38
N SER F 75 -29.56 9.09 8.61
CA SER F 75 -28.87 9.13 9.89
C SER F 75 -29.41 10.29 10.72
N GLY F 76 -29.72 10.02 11.98
CA GLY F 76 -30.30 11.03 12.84
C GLY F 76 -31.75 11.33 12.56
N LYS F 77 -32.47 10.41 11.93
CA LYS F 77 -33.87 10.57 11.62
C LYS F 77 -34.74 9.83 12.63
N PHE F 78 -35.98 10.27 12.75
CA PHE F 78 -36.95 9.68 13.67
C PHE F 78 -37.86 8.73 12.90
N PHE F 79 -38.06 7.53 13.44
CA PHE F 79 -38.95 6.57 12.80
C PHE F 79 -40.38 7.07 12.73
N ARG F 80 -40.77 8.00 13.60
CA ARG F 80 -42.11 8.54 13.58
C ARG F 80 -42.34 9.52 12.43
N ASN F 81 -41.28 10.14 11.92
CA ASN F 81 -41.41 11.20 10.92
C ASN F 81 -41.38 10.69 9.49
N VAL F 82 -41.15 9.39 9.28
CA VAL F 82 -41.07 8.86 7.92
C VAL F 82 -42.41 9.01 7.20
N GLN F 83 -43.51 8.75 7.92
CA GLN F 83 -44.83 8.90 7.32
C GLN F 83 -45.16 10.35 6.98
N LEU F 84 -44.50 11.32 7.61
CA LEU F 84 -44.79 12.72 7.38
C LEU F 84 -44.23 13.21 6.05
N ASP F 85 -42.99 12.84 5.73
CA ASP F 85 -42.39 13.18 4.44
C ASP F 85 -41.31 12.15 4.09
N PRO F 86 -41.59 11.29 3.10
CA PRO F 86 -40.62 10.23 2.75
C PRO F 86 -39.30 10.78 2.21
N ALA F 87 -39.32 11.92 1.51
CA ALA F 87 -38.18 12.33 0.72
C ALA F 87 -36.97 12.65 1.59
N ALA F 88 -37.18 13.25 2.75
CA ALA F 88 -36.08 13.65 3.61
C ALA F 88 -35.64 12.56 4.57
N ASN F 89 -36.38 11.46 4.68
CA ASN F 89 -36.05 10.40 5.62
C ASN F 89 -35.58 9.11 4.95
N LEU F 90 -35.88 8.92 3.66
CA LEU F 90 -35.49 7.73 2.93
C LEU F 90 -34.67 8.14 1.72
N GLY F 91 -33.94 7.18 1.16
CA GLY F 91 -33.12 7.45 -0.02
C GLY F 91 -32.80 6.19 -0.77
N ILE F 92 -32.33 6.37 -1.99
CA ILE F 92 -31.95 5.28 -2.89
C ILE F 92 -30.46 5.38 -3.19
N VAL F 93 -29.75 4.26 -3.05
CA VAL F 93 -28.33 4.19 -3.31
C VAL F 93 -28.08 3.07 -4.32
N LYS F 94 -26.94 3.16 -5.00
CA LYS F 94 -26.56 2.18 -6.01
C LYS F 94 -25.05 1.98 -5.98
N VAL F 95 -24.61 0.76 -5.70
CA VAL F 95 -23.18 0.47 -5.64
C VAL F 95 -22.61 0.47 -7.06
N ASP F 96 -21.43 1.05 -7.22
CA ASP F 96 -20.82 1.19 -8.54
C ASP F 96 -20.37 -0.15 -9.08
N SER F 97 -19.80 -0.12 -10.29
CA SER F 97 -19.41 -1.34 -11.00
C SER F 97 -18.17 -1.99 -10.41
N CYS F 98 -17.48 -1.34 -9.48
CA CYS F 98 -16.29 -1.91 -8.87
C CYS F 98 -16.50 -2.31 -7.42
N GLY F 99 -17.49 -1.72 -6.73
CA GLY F 99 -17.73 -2.06 -5.35
C GLY F 99 -16.97 -1.25 -4.34
N ALA F 100 -16.54 -0.04 -4.71
CA ALA F 100 -15.80 0.83 -3.80
C ALA F 100 -16.55 2.10 -3.44
N GLY F 101 -17.79 2.26 -3.88
CA GLY F 101 -18.57 3.44 -3.55
C GLY F 101 -19.98 3.29 -4.09
N TYR F 102 -20.78 4.32 -3.85
CA TYR F 102 -22.17 4.31 -4.32
C TYR F 102 -22.61 5.72 -4.64
N HIS F 103 -23.68 5.81 -5.43
CA HIS F 103 -24.27 7.08 -5.83
C HIS F 103 -25.66 7.22 -5.23
N ILE F 104 -26.03 8.44 -4.86
CA ILE F 104 -27.35 8.74 -4.33
C ILE F 104 -28.21 9.27 -5.47
N LEU F 105 -29.23 8.51 -5.84
CA LEU F 105 -30.04 8.85 -7.01
C LEU F 105 -31.28 9.68 -6.67
N TRP F 106 -31.87 9.46 -5.50
CA TRP F 106 -33.11 10.14 -5.14
C TRP F 106 -33.23 10.21 -3.63
N GLY F 107 -33.88 11.27 -3.15
CA GLY F 107 -34.14 11.42 -1.74
C GLY F 107 -32.96 11.93 -0.94
N LEU F 108 -33.11 11.83 0.38
CA LEU F 108 -32.10 12.31 1.33
C LEU F 108 -31.71 13.77 1.07
N THR F 109 -32.74 14.61 0.97
CA THR F 109 -32.52 16.02 0.67
C THR F 109 -31.78 16.72 1.80
N ASN F 110 -31.12 17.82 1.46
CA ASN F 110 -30.40 18.66 2.40
C ASN F 110 -29.26 17.91 3.09
N GLU F 111 -28.39 17.33 2.26
CA GLU F 111 -27.09 16.80 2.71
C GLU F 111 -27.26 15.50 3.49
N ALA F 112 -28.49 15.12 3.80
CA ALA F 112 -28.74 13.94 4.62
C ALA F 112 -28.09 12.70 4.02
N VAL F 113 -27.52 11.87 4.88
CA VAL F 113 -26.74 10.71 4.45
C VAL F 113 -27.35 9.47 5.08
N PRO F 114 -27.08 8.28 4.49
CA PRO F 114 -27.61 7.03 5.07
C PRO F 114 -27.12 6.77 6.48
N THR F 115 -27.64 5.70 7.08
CA THR F 115 -27.38 5.43 8.49
C THR F 115 -25.90 5.12 8.73
N SER F 116 -25.49 5.28 9.98
CA SER F 116 -24.10 5.07 10.38
C SER F 116 -23.75 3.60 10.57
N GLU F 117 -24.75 2.71 10.61
CA GLU F 117 -24.52 1.28 10.74
C GLU F 117 -24.55 0.57 9.40
N LEU F 118 -24.47 1.30 8.29
CA LEU F 118 -24.47 0.67 6.98
C LEU F 118 -23.33 -0.34 6.80
N PRO F 119 -22.09 -0.09 7.25
CA PRO F 119 -21.07 -1.15 7.14
C PRO F 119 -21.48 -2.45 7.82
N ALA F 120 -22.15 -2.38 8.98
CA ALA F 120 -22.64 -3.59 9.61
C ALA F 120 -23.78 -4.21 8.81
N HIS F 121 -24.66 -3.38 8.24
CA HIS F 121 -25.74 -3.89 7.41
C HIS F 121 -25.20 -4.54 6.14
N PHE F 122 -24.21 -3.92 5.49
CA PHE F 122 -23.69 -4.43 4.23
C PHE F 122 -22.93 -5.74 4.42
N LEU F 123 -22.22 -5.90 5.53
CA LEU F 123 -21.49 -7.15 5.78
C LEU F 123 -22.45 -8.32 5.90
N SER F 124 -23.57 -8.13 6.61
CA SER F 124 -24.54 -9.21 6.78
C SER F 124 -25.33 -9.47 5.51
N HIS F 125 -25.53 -8.46 4.67
CA HIS F 125 -26.19 -8.67 3.38
C HIS F 125 -25.39 -9.63 2.52
N SER F 126 -24.07 -9.46 2.48
CA SER F 126 -23.23 -10.30 1.64
C SER F 126 -23.24 -11.76 2.11
N GLU F 127 -23.15 -11.97 3.43
CA GLU F 127 -23.04 -13.32 3.95
C GLU F 127 -24.33 -14.11 3.77
N ARG F 128 -25.48 -13.47 4.01
CA ARG F 128 -26.75 -14.20 3.99
C ARG F 128 -27.14 -14.64 2.59
N ILE F 129 -26.55 -14.06 1.54
CA ILE F 129 -26.80 -14.55 0.20
C ILE F 129 -26.15 -15.92 -0.01
N LYS F 130 -24.93 -16.09 0.52
CA LYS F 130 -24.24 -17.36 0.39
C LYS F 130 -24.96 -18.46 1.19
N ALA F 131 -25.44 -18.14 2.38
CA ALA F 131 -26.03 -19.13 3.26
C ALA F 131 -27.50 -19.41 2.95
N THR F 132 -28.09 -18.70 1.98
CA THR F 132 -29.50 -18.89 1.66
C THR F 132 -29.76 -18.99 0.16
N ASN F 133 -28.74 -18.77 -0.69
CA ASN F 133 -28.87 -18.85 -2.14
C ASN F 133 -29.82 -17.78 -2.67
N GLY F 134 -29.50 -16.54 -2.30
CA GLY F 134 -30.19 -15.38 -2.85
C GLY F 134 -31.66 -15.29 -2.51
N LYS F 135 -32.03 -15.52 -1.26
CA LYS F 135 -33.42 -15.40 -0.82
C LYS F 135 -33.64 -14.29 0.20
N ASP F 136 -32.76 -14.16 1.19
CA ASP F 136 -32.92 -13.12 2.20
C ASP F 136 -32.56 -11.76 1.62
N ARG F 137 -33.44 -10.78 1.79
CA ARG F 137 -33.27 -9.48 1.17
C ARG F 137 -33.36 -8.29 2.13
N VAL F 138 -33.73 -8.49 3.39
CA VAL F 138 -34.01 -7.39 4.31
C VAL F 138 -33.16 -7.57 5.57
N ILE F 139 -32.69 -6.45 6.11
CA ILE F 139 -31.97 -6.42 7.39
C ILE F 139 -32.61 -5.35 8.28
N MET F 140 -32.89 -5.70 9.54
CA MET F 140 -33.58 -4.82 10.46
C MET F 140 -32.91 -4.83 11.82
N HIS F 141 -32.81 -3.65 12.46
CA HIS F 141 -32.23 -3.52 13.79
C HIS F 141 -33.19 -2.71 14.65
N CYS F 142 -33.40 -3.15 15.88
CA CYS F 142 -34.30 -2.47 16.81
C CYS F 142 -33.94 -2.83 18.23
N HIS F 143 -34.22 -1.92 19.15
CA HIS F 143 -33.85 -2.06 20.56
C HIS F 143 -35.07 -2.61 21.31
N ALA F 144 -34.98 -3.85 21.75
CA ALA F 144 -36.10 -4.48 22.43
C ALA F 144 -36.17 -4.02 23.89
N THR F 145 -37.24 -4.42 24.57
CA THR F 145 -37.48 -4.00 25.95
C THR F 145 -37.48 -5.15 26.95
N ASN F 146 -37.99 -6.32 26.58
CA ASN F 146 -37.94 -7.48 27.45
C ASN F 146 -36.77 -8.40 27.15
N LEU F 147 -36.24 -8.35 25.92
CA LEU F 147 -34.99 -9.03 25.63
C LEU F 147 -33.84 -8.42 26.40
N ILE F 148 -33.85 -7.09 26.55
CA ILE F 148 -32.76 -6.41 27.26
C ILE F 148 -32.82 -6.73 28.75
N ALA F 149 -34.02 -6.80 29.31
CA ALA F 149 -34.16 -7.09 30.74
C ALA F 149 -33.60 -8.46 31.08
N LEU F 150 -33.84 -9.46 30.23
CA LEU F 150 -33.32 -10.80 30.48
C LEU F 150 -31.79 -10.78 30.50
N THR F 151 -31.17 -9.99 29.64
CA THR F 151 -29.72 -10.03 29.50
C THR F 151 -29.01 -9.57 30.77
N TYR F 152 -29.61 -8.64 31.52
CA TYR F 152 -28.99 -8.11 32.72
C TYR F 152 -28.88 -9.13 33.85
N VAL F 153 -29.56 -10.29 33.75
CA VAL F 153 -29.57 -11.26 34.82
C VAL F 153 -29.23 -12.65 34.31
N LEU F 154 -29.23 -12.83 32.99
CA LEU F 154 -28.98 -14.13 32.39
C LEU F 154 -27.52 -14.29 32.03
N GLU F 155 -27.07 -15.54 32.01
CA GLU F 155 -25.72 -15.85 31.57
C GLU F 155 -25.58 -15.62 30.08
N ASN F 156 -24.51 -14.92 29.69
CA ASN F 156 -24.31 -14.53 28.29
C ASN F 156 -23.60 -15.66 27.56
N ASP F 157 -24.39 -16.64 27.13
CA ASP F 157 -23.91 -17.76 26.34
C ASP F 157 -24.94 -18.14 25.30
N THR F 158 -24.47 -18.79 24.23
CA THR F 158 -25.35 -19.19 23.14
C THR F 158 -26.15 -20.45 23.48
N ALA F 159 -25.72 -21.21 24.49
CA ALA F 159 -26.33 -22.51 24.75
C ALA F 159 -27.68 -22.40 25.46
N VAL F 160 -27.69 -21.83 26.66
CA VAL F 160 -28.92 -21.85 27.45
C VAL F 160 -29.84 -20.69 27.10
N PHE F 161 -29.29 -19.57 26.60
CA PHE F 161 -30.14 -18.47 26.18
C PHE F 161 -31.04 -18.88 25.03
N THR F 162 -30.49 -19.61 24.06
CA THR F 162 -31.32 -20.16 22.99
C THR F 162 -32.32 -21.15 23.53
N ARG F 163 -31.89 -22.00 24.48
CA ARG F 163 -32.78 -23.01 25.04
C ARG F 163 -33.91 -22.39 25.85
N GLN F 164 -33.61 -21.39 26.68
CA GLN F 164 -34.63 -20.77 27.51
C GLN F 164 -35.68 -20.07 26.65
N LEU F 165 -35.25 -19.36 25.61
CA LEU F 165 -36.19 -18.72 24.69
C LEU F 165 -37.09 -19.75 24.01
N TRP F 166 -36.57 -20.96 23.81
CA TRP F 166 -37.38 -22.02 23.20
C TRP F 166 -38.43 -22.57 24.15
N GLU F 167 -38.34 -22.25 25.44
CA GLU F 167 -39.29 -22.74 26.43
C GLU F 167 -40.47 -21.81 26.64
N GLY F 168 -40.51 -20.66 25.96
CA GLY F 168 -41.62 -19.73 26.15
C GLY F 168 -42.87 -20.10 25.41
N SER F 169 -42.75 -20.70 24.23
CA SER F 169 -43.92 -21.07 23.44
C SER F 169 -43.53 -22.16 22.44
N THR F 170 -44.55 -22.83 21.92
CA THR F 170 -44.31 -23.94 20.99
C THR F 170 -43.79 -23.44 19.65
N GLU F 171 -44.37 -22.36 19.13
CA GLU F 171 -44.00 -21.86 17.81
C GLU F 171 -42.59 -21.30 17.76
N CYS F 172 -41.97 -21.09 18.92
CA CYS F 172 -40.60 -20.56 18.94
C CYS F 172 -39.63 -21.51 18.25
N LEU F 173 -39.75 -22.81 18.53
CA LEU F 173 -38.84 -23.78 17.94
C LEU F 173 -38.95 -23.82 16.42
N VAL F 174 -40.18 -23.78 15.90
CA VAL F 174 -40.38 -23.90 14.45
C VAL F 174 -39.87 -22.66 13.74
N VAL F 175 -40.13 -21.47 14.32
CA VAL F 175 -39.82 -20.23 13.63
C VAL F 175 -38.32 -20.06 13.46
N PHE F 176 -37.56 -20.30 14.53
CA PHE F 176 -36.10 -20.17 14.50
C PHE F 176 -35.47 -21.44 15.04
N PRO F 177 -35.48 -22.52 14.26
CA PRO F 177 -34.80 -23.75 14.70
C PRO F 177 -33.29 -23.61 14.81
N ASP F 178 -32.69 -22.62 14.15
CA ASP F 178 -31.25 -22.44 14.17
C ASP F 178 -30.76 -21.65 15.38
N GLY F 179 -31.66 -21.11 16.19
CA GLY F 179 -31.26 -20.41 17.39
C GLY F 179 -30.89 -18.96 17.15
N VAL F 180 -30.30 -18.37 18.19
CA VAL F 180 -29.85 -16.98 18.16
C VAL F 180 -28.40 -16.93 18.64
N GLY F 181 -27.77 -15.78 18.44
CA GLY F 181 -26.38 -15.62 18.84
C GLY F 181 -26.16 -14.46 19.79
N ILE F 182 -25.08 -14.52 20.56
CA ILE F 182 -24.72 -13.48 21.51
C ILE F 182 -23.27 -13.10 21.28
N LEU F 183 -22.95 -11.83 21.50
CA LEU F 183 -21.61 -11.29 21.28
C LEU F 183 -21.11 -10.62 22.55
N PRO F 184 -19.79 -10.55 22.74
CA PRO F 184 -19.26 -9.79 23.87
C PRO F 184 -19.50 -8.31 23.69
N TRP F 185 -19.58 -7.59 24.81
CA TRP F 185 -19.90 -6.17 24.76
C TRP F 185 -18.75 -5.41 24.13
N MET F 186 -19.01 -4.81 22.97
CA MET F 186 -18.08 -3.93 22.29
C MET F 186 -18.80 -2.66 21.88
N VAL F 187 -18.03 -1.60 21.68
CA VAL F 187 -18.60 -0.28 21.40
C VAL F 187 -19.34 -0.33 20.07
N PRO F 188 -20.59 0.13 19.99
CA PRO F 188 -21.29 0.13 18.70
C PRO F 188 -20.69 1.15 17.74
N GLY F 189 -20.91 0.89 16.46
CA GLY F 189 -20.39 1.75 15.41
C GLY F 189 -18.98 1.44 14.99
N THR F 190 -18.34 0.44 15.58
CA THR F 190 -16.99 0.05 15.24
C THR F 190 -17.00 -1.07 14.20
N ASP F 191 -15.97 -1.08 13.35
CA ASP F 191 -15.86 -2.09 12.31
C ASP F 191 -15.73 -3.49 12.87
N ALA F 192 -15.24 -3.64 14.10
CA ALA F 192 -15.15 -4.96 14.70
C ALA F 192 -16.54 -5.54 14.99
N ILE F 193 -17.51 -4.67 15.26
CA ILE F 193 -18.87 -5.14 15.54
C ILE F 193 -19.50 -5.72 14.28
N GLY F 194 -19.20 -5.15 13.11
CA GLY F 194 -19.73 -5.71 11.87
C GLY F 194 -19.13 -7.05 11.54
N GLN F 195 -17.83 -7.21 11.74
CA GLN F 195 -17.16 -8.47 11.42
C GLN F 195 -17.60 -9.58 12.38
N ALA F 196 -17.83 -9.24 13.64
CA ALA F 196 -18.29 -10.25 14.59
C ALA F 196 -19.76 -10.58 14.38
N THR F 197 -20.57 -9.59 13.99
CA THR F 197 -21.98 -9.85 13.71
C THR F 197 -22.15 -10.77 12.50
N ALA F 198 -21.39 -10.51 11.43
CA ALA F 198 -21.47 -11.36 10.25
C ALA F 198 -20.99 -12.78 10.54
N GLN F 199 -20.11 -12.94 11.53
CA GLN F 199 -19.63 -14.27 11.90
C GLN F 199 -20.76 -15.12 12.45
N GLU F 200 -21.64 -14.51 13.26
CA GLU F 200 -22.76 -15.27 13.83
C GLU F 200 -23.93 -15.38 12.86
N MET F 201 -24.04 -14.44 11.91
CA MET F 201 -25.08 -14.51 10.89
C MET F 201 -24.90 -15.68 9.92
N GLN F 202 -23.72 -16.32 9.92
CA GLN F 202 -23.53 -17.47 9.05
C GLN F 202 -24.36 -18.68 9.48
N LYS F 203 -24.72 -18.76 10.75
CA LYS F 203 -25.46 -19.90 11.29
C LYS F 203 -26.91 -19.57 11.65
N HIS F 204 -27.14 -18.51 12.42
CA HIS F 204 -28.47 -18.16 12.90
C HIS F 204 -29.01 -16.95 12.15
N SER F 205 -30.32 -16.79 12.20
CA SER F 205 -31.00 -15.66 11.60
C SER F 205 -31.35 -14.58 12.61
N LEU F 206 -30.86 -14.68 13.84
CA LEU F 206 -31.08 -13.66 14.86
C LEU F 206 -29.79 -13.47 15.66
N VAL F 207 -29.40 -12.22 15.86
CA VAL F 207 -28.21 -11.88 16.63
C VAL F 207 -28.62 -10.96 17.77
N LEU F 208 -28.16 -11.29 18.98
CA LEU F 208 -28.50 -10.56 20.18
C LEU F 208 -27.26 -9.88 20.74
N TRP F 209 -27.29 -8.56 20.83
CA TRP F 209 -26.24 -7.80 21.49
C TRP F 209 -26.66 -7.54 22.92
N PRO F 210 -25.86 -7.93 23.92
CA PRO F 210 -26.23 -7.63 25.31
C PRO F 210 -26.37 -6.13 25.55
N PHE F 211 -27.42 -5.77 26.28
CA PHE F 211 -27.64 -4.43 26.81
C PHE F 211 -27.95 -3.40 25.73
N HIS F 212 -27.95 -3.80 24.45
CA HIS F 212 -28.25 -2.87 23.36
C HIS F 212 -29.52 -3.24 22.60
N GLY F 213 -29.59 -4.41 21.98
CA GLY F 213 -30.70 -4.69 21.09
C GLY F 213 -30.62 -6.02 20.38
N VAL F 214 -31.16 -6.10 19.17
CA VAL F 214 -31.25 -7.37 18.45
C VAL F 214 -31.22 -7.08 16.96
N PHE F 215 -30.87 -8.11 16.18
CA PHE F 215 -30.82 -8.05 14.73
C PHE F 215 -31.72 -9.13 14.13
N GLY F 216 -32.05 -8.97 12.85
CA GLY F 216 -32.90 -9.92 12.17
C GLY F 216 -32.57 -10.01 10.69
N SER F 217 -33.17 -11.01 10.05
CA SER F 217 -32.96 -11.26 8.63
C SER F 217 -34.16 -12.02 8.08
N GLY F 218 -34.55 -11.68 6.85
CA GLY F 218 -35.69 -12.30 6.23
C GLY F 218 -35.79 -12.02 4.74
N PRO F 219 -36.73 -12.67 4.07
CA PRO F 219 -36.92 -12.45 2.63
C PRO F 219 -37.80 -11.24 2.34
N THR F 220 -38.60 -10.82 3.31
CA THR F 220 -39.50 -9.68 3.13
C THR F 220 -39.65 -8.97 4.46
N LEU F 221 -40.13 -7.73 4.40
CA LEU F 221 -40.31 -6.93 5.62
C LEU F 221 -41.30 -7.59 6.56
N ASP F 222 -42.39 -8.16 6.03
CA ASP F 222 -43.37 -8.84 6.86
C ASP F 222 -42.74 -10.05 7.56
N GLU F 223 -41.90 -10.80 6.86
CA GLU F 223 -41.26 -11.96 7.47
C GLU F 223 -40.17 -11.57 8.43
N THR F 224 -39.51 -10.42 8.21
CA THR F 224 -38.48 -9.97 9.14
C THR F 224 -39.09 -9.39 10.40
N PHE F 225 -40.21 -8.67 10.27
CA PHE F 225 -40.85 -8.10 11.46
C PHE F 225 -41.44 -9.19 12.35
N GLY F 226 -42.09 -10.20 11.74
CA GLY F 226 -42.70 -11.26 12.52
C GLY F 226 -41.71 -12.23 13.12
N LEU F 227 -40.43 -12.12 12.74
CA LEU F 227 -39.41 -12.96 13.37
C LEU F 227 -38.97 -12.37 14.70
N ILE F 228 -38.68 -11.07 14.73
CA ILE F 228 -38.36 -10.40 15.98
C ILE F 228 -39.61 -10.29 16.87
N ASP F 229 -40.78 -10.10 16.25
CA ASP F 229 -42.02 -10.02 17.03
C ASP F 229 -42.28 -11.29 17.81
N THR F 230 -42.06 -12.46 17.17
CA THR F 230 -42.21 -13.73 17.87
C THR F 230 -41.18 -13.87 18.98
N ALA F 231 -39.98 -13.35 18.76
CA ALA F 231 -38.92 -13.43 19.77
C ALA F 231 -39.29 -12.63 21.02
N GLU F 232 -39.83 -11.41 20.82
CA GLU F 232 -40.12 -10.55 21.95
C GLU F 232 -41.31 -11.05 22.76
N LYS F 233 -42.37 -11.50 22.08
CA LYS F 233 -43.53 -12.03 22.80
C LYS F 233 -43.17 -13.25 23.63
N SER F 234 -42.30 -14.12 23.09
CA SER F 234 -41.82 -15.25 23.86
C SER F 234 -40.98 -14.78 25.03
N ALA F 235 -40.22 -13.70 24.85
CA ALA F 235 -39.44 -13.16 25.96
C ALA F 235 -40.30 -12.37 26.94
N GLN F 236 -41.49 -11.95 26.52
CA GLN F 236 -42.39 -11.22 27.41
C GLN F 236 -42.92 -12.13 28.51
N VAL F 237 -43.43 -13.30 28.12
CA VAL F 237 -43.98 -14.24 29.11
C VAL F 237 -42.88 -14.75 30.03
N LEU F 238 -41.64 -14.73 29.57
CA LEU F 238 -40.53 -15.22 30.40
C LEU F 238 -40.34 -14.35 31.64
N VAL F 239 -40.23 -13.04 31.44
CA VAL F 239 -40.06 -12.12 32.57
C VAL F 239 -41.31 -12.08 33.43
N LYS F 240 -42.49 -12.19 32.81
CA LYS F 240 -43.74 -12.22 33.55
C LYS F 240 -43.78 -13.44 34.49
N VAL F 241 -43.46 -14.62 33.95
CA VAL F 241 -43.40 -15.82 34.79
C VAL F 241 -42.22 -15.74 35.74
N TYR F 242 -41.10 -15.16 35.30
CA TYR F 242 -39.91 -15.06 36.16
C TYR F 242 -40.19 -14.20 37.38
N SER F 243 -40.99 -13.13 37.22
CA SER F 243 -41.26 -12.24 38.34
C SER F 243 -42.16 -12.87 39.40
N MET F 244 -42.89 -13.93 39.06
CA MET F 244 -43.85 -14.53 39.97
C MET F 244 -43.23 -15.56 40.90
N GLY F 245 -41.93 -15.83 40.78
CA GLY F 245 -41.28 -16.78 41.67
C GLY F 245 -40.26 -17.67 40.99
N GLY F 246 -40.40 -17.88 39.68
CA GLY F 246 -39.47 -18.68 38.92
C GLY F 246 -40.21 -19.68 38.06
N MET F 247 -39.46 -20.69 37.60
CA MET F 247 -40.00 -21.72 36.72
C MET F 247 -40.40 -22.94 37.54
N LYS F 248 -41.61 -23.45 37.30
CA LYS F 248 -42.11 -24.62 37.99
C LYS F 248 -42.39 -25.80 37.07
N GLN F 249 -42.96 -25.56 35.89
CA GLN F 249 -43.09 -26.59 34.87
C GLN F 249 -42.79 -25.97 33.51
N THR F 250 -42.02 -26.67 32.69
CA THR F 250 -41.59 -26.14 31.41
C THR F 250 -41.62 -27.26 30.38
N ILE F 251 -41.01 -27.00 29.22
CA ILE F 251 -40.99 -27.96 28.14
C ILE F 251 -39.87 -28.98 28.36
N SER F 252 -40.19 -30.25 28.25
CA SER F 252 -39.20 -31.30 28.37
C SER F 252 -38.39 -31.42 27.08
N ARG F 253 -37.21 -32.03 27.20
CA ARG F 253 -36.32 -32.17 26.06
C ARG F 253 -36.93 -33.09 25.00
N GLU F 254 -37.59 -34.17 25.42
CA GLU F 254 -38.17 -35.10 24.46
C GLU F 254 -39.27 -34.43 23.64
N GLU F 255 -40.07 -33.58 24.27
CA GLU F 255 -41.13 -32.89 23.54
C GLU F 255 -40.58 -31.98 22.46
N LEU F 256 -39.42 -31.36 22.70
CA LEU F 256 -38.76 -30.59 21.65
C LEU F 256 -38.33 -31.48 20.51
N ILE F 257 -37.87 -32.70 20.81
CA ILE F 257 -37.51 -33.64 19.76
C ILE F 257 -38.75 -34.12 19.02
N ALA F 258 -39.84 -34.39 19.75
CA ALA F 258 -41.07 -34.84 19.12
C ALA F 258 -41.63 -33.78 18.18
N LEU F 259 -41.61 -32.52 18.60
CA LEU F 259 -42.09 -31.44 17.76
C LEU F 259 -41.19 -31.19 16.55
N GLY F 260 -39.92 -31.56 16.65
CA GLY F 260 -38.99 -31.27 15.56
C GLY F 260 -39.33 -32.01 14.27
N LYS F 261 -39.63 -33.30 14.38
CA LYS F 261 -39.89 -34.10 13.18
C LYS F 261 -41.25 -33.82 12.57
N ARG F 262 -42.16 -33.19 13.31
CA ARG F 262 -43.50 -32.95 12.77
C ARG F 262 -43.47 -32.00 11.59
N PHE F 263 -42.69 -30.93 11.69
CA PHE F 263 -42.61 -29.91 10.66
C PHE F 263 -41.30 -29.95 9.87
N GLY F 264 -40.49 -30.99 10.05
CA GLY F 264 -39.28 -31.15 9.27
C GLY F 264 -38.22 -30.10 9.49
N VAL F 265 -37.93 -29.77 10.75
CA VAL F 265 -36.91 -28.80 11.09
C VAL F 265 -35.92 -29.44 12.05
N THR F 266 -34.63 -29.18 11.82
CA THR F 266 -33.57 -29.78 12.63
C THR F 266 -33.09 -28.78 13.65
N PRO F 267 -33.31 -29.00 14.94
CA PRO F 267 -32.90 -28.02 15.95
C PRO F 267 -31.39 -28.05 16.18
N LEU F 268 -30.91 -26.98 16.81
CA LEU F 268 -29.49 -26.89 17.15
C LEU F 268 -29.13 -27.97 18.16
N ALA F 269 -28.01 -28.64 17.93
CA ALA F 269 -27.62 -29.76 18.79
C ALA F 269 -27.08 -29.28 20.14
N SER F 270 -26.29 -28.20 20.13
CA SER F 270 -25.65 -27.75 21.36
C SER F 270 -26.69 -27.29 22.39
N ALA F 271 -27.70 -26.56 21.95
CA ALA F 271 -28.74 -26.10 22.88
C ALA F 271 -29.61 -27.27 23.34
N LEU F 272 -29.96 -28.17 22.43
CA LEU F 272 -30.80 -29.30 22.80
C LEU F 272 -30.09 -30.27 23.74
N ALA F 273 -28.76 -30.23 23.78
CA ALA F 273 -28.03 -31.07 24.73
C ALA F 273 -28.34 -30.67 26.17
N LEU F 274 -28.42 -29.37 26.43
CA LEU F 274 -28.75 -28.88 27.77
C LEU F 274 -30.19 -29.22 28.13
N MET G 1 -82.30 21.57 9.58
CA MET G 1 -82.34 21.39 11.02
C MET G 1 -81.27 20.38 11.41
N GLN G 2 -80.17 20.87 11.99
CA GLN G 2 -79.06 20.00 12.36
C GLN G 2 -79.52 18.91 13.32
N ASN G 3 -79.12 17.68 13.03
CA ASN G 3 -79.53 16.54 13.85
C ASN G 3 -78.84 16.58 15.21
N ILE G 4 -79.44 15.87 16.17
CA ILE G 4 -79.00 15.94 17.55
C ILE G 4 -77.61 15.36 17.79
N THR G 5 -77.10 14.54 16.86
CA THR G 5 -75.81 13.90 17.06
C THR G 5 -74.64 14.86 16.89
N GLN G 6 -74.88 16.09 16.42
CA GLN G 6 -73.85 17.10 16.34
C GLN G 6 -73.89 18.08 17.51
N SER G 7 -74.78 17.86 18.47
CA SER G 7 -74.91 18.76 19.60
C SER G 7 -73.74 18.60 20.56
N TRP G 8 -73.68 19.50 21.55
CA TRP G 8 -72.59 19.45 22.52
C TRP G 8 -72.70 18.25 23.43
N PHE G 9 -73.93 17.89 23.83
CA PHE G 9 -74.11 16.82 24.81
C PHE G 9 -74.02 15.43 24.21
N VAL G 10 -74.13 15.31 22.89
CA VAL G 10 -74.02 14.00 22.24
C VAL G 10 -72.58 13.71 21.84
N GLN G 11 -71.87 14.71 21.31
CA GLN G 11 -70.47 14.52 20.97
C GLN G 11 -69.62 14.25 22.21
N GLY G 12 -70.05 14.75 23.37
CA GLY G 12 -69.32 14.47 24.59
C GLY G 12 -69.39 13.02 25.00
N MET G 13 -70.56 12.40 24.86
CA MET G 13 -70.71 10.99 25.20
C MET G 13 -69.89 10.12 24.26
N ILE G 14 -69.82 10.49 22.98
CA ILE G 14 -69.00 9.74 22.03
C ILE G 14 -67.54 9.82 22.43
N LYS G 15 -67.08 11.01 22.83
CA LYS G 15 -65.68 11.20 23.19
C LYS G 15 -65.30 10.39 24.43
N ALA G 16 -66.17 10.38 25.44
CA ALA G 16 -65.81 9.78 26.72
C ALA G 16 -65.80 8.26 26.67
N THR G 17 -66.72 7.66 25.91
CA THR G 17 -66.78 6.20 25.84
C THR G 17 -65.54 5.61 25.19
N THR G 18 -65.04 6.26 24.12
CA THR G 18 -63.89 5.72 23.41
C THR G 18 -62.61 5.86 24.21
N ASP G 19 -62.46 6.95 24.97
CA ASP G 19 -61.27 7.13 25.78
C ASP G 19 -61.21 6.10 26.91
N ALA G 20 -62.35 5.78 27.51
CA ALA G 20 -62.37 4.78 28.57
C ALA G 20 -62.13 3.39 28.01
N TRP G 21 -62.58 3.12 26.79
CA TRP G 21 -62.37 1.82 26.17
C TRP G 21 -60.91 1.60 25.82
N LEU G 22 -60.26 2.61 25.22
CA LEU G 22 -58.88 2.47 24.77
C LEU G 22 -57.90 2.36 25.92
N LYS G 23 -58.34 2.64 27.15
CA LYS G 23 -57.47 2.55 28.33
C LYS G 23 -57.46 1.16 28.93
N GLY G 24 -58.14 0.19 28.32
CA GLY G 24 -58.26 -1.13 28.91
C GLY G 24 -59.07 -1.14 30.18
N TRP G 25 -60.19 -0.41 30.20
CA TRP G 25 -61.00 -0.25 31.40
C TRP G 25 -62.38 -0.85 31.30
N ASP G 26 -62.90 -1.08 30.10
CA ASP G 26 -64.32 -1.31 29.90
C ASP G 26 -64.57 -2.51 29.00
N GLU G 27 -63.93 -3.64 29.34
CA GLU G 27 -64.08 -4.86 28.56
C GLU G 27 -65.55 -5.30 28.52
N ARG G 28 -65.95 -5.84 27.37
CA ARG G 28 -67.30 -6.33 27.13
C ARG G 28 -68.35 -5.25 27.39
N ASN G 29 -69.29 -5.52 28.30
CA ASN G 29 -70.39 -4.62 28.58
C ASN G 29 -70.19 -3.80 29.86
N GLY G 30 -69.03 -3.94 30.51
CA GLY G 30 -68.79 -3.19 31.72
C GLY G 30 -68.77 -1.70 31.50
N GLY G 31 -69.37 -0.94 32.41
CA GLY G 31 -69.32 0.51 32.34
C GLY G 31 -70.70 1.13 32.22
N ASN G 32 -70.93 2.20 32.99
CA ASN G 32 -72.19 2.93 32.95
C ASN G 32 -71.90 4.40 33.23
N LEU G 33 -72.67 5.28 32.59
CA LEU G 33 -72.41 6.71 32.64
C LEU G 33 -73.72 7.48 32.50
N THR G 34 -73.94 8.45 33.38
CA THR G 34 -75.13 9.29 33.36
C THR G 34 -74.74 10.76 33.33
N LEU G 35 -75.51 11.57 32.59
CA LEU G 35 -75.29 13.00 32.50
C LEU G 35 -76.63 13.71 32.64
N ARG G 36 -76.80 14.45 33.73
CA ARG G 36 -78.04 15.20 33.95
C ARG G 36 -78.08 16.40 33.02
N LEU G 37 -79.22 16.60 32.37
CA LEU G 37 -79.38 17.63 31.36
C LEU G 37 -80.44 18.63 31.77
N ASP G 38 -80.39 19.80 31.14
CA ASP G 38 -81.35 20.87 31.38
C ASP G 38 -82.41 20.89 30.28
N ASP G 39 -83.50 21.61 30.56
CA ASP G 39 -84.62 21.64 29.63
C ASP G 39 -84.34 22.51 28.40
N ALA G 40 -83.42 23.48 28.53
CA ALA G 40 -83.17 24.40 27.43
C ALA G 40 -82.35 23.73 26.32
N ASP G 41 -81.45 22.82 26.69
CA ASP G 41 -80.53 22.24 25.71
C ASP G 41 -81.24 21.32 24.72
N ILE G 42 -82.21 20.52 25.21
CA ILE G 42 -82.87 19.55 24.35
C ILE G 42 -84.08 20.12 23.62
N ALA G 43 -84.46 21.38 23.90
CA ALA G 43 -85.60 21.97 23.23
C ALA G 43 -85.42 22.14 21.72
N PRO G 44 -84.31 22.65 21.20
CA PRO G 44 -84.23 22.89 19.75
C PRO G 44 -84.34 21.65 18.88
N TYR G 45 -84.09 20.45 19.44
CA TYR G 45 -84.05 19.22 18.65
C TYR G 45 -85.32 18.39 18.84
N HIS G 46 -86.48 19.03 18.92
CA HIS G 46 -87.71 18.30 19.22
C HIS G 46 -88.22 17.48 18.03
N ASP G 47 -87.62 17.62 16.86
CA ASP G 47 -88.02 16.82 15.70
C ASP G 47 -87.61 15.36 15.83
N ASN G 48 -86.66 15.04 16.70
CA ASN G 48 -86.08 13.71 16.76
C ASN G 48 -86.62 12.86 17.92
N PHE G 49 -87.66 13.31 18.61
CA PHE G 49 -88.17 12.58 19.75
C PHE G 49 -89.18 11.52 19.33
N HIS G 50 -89.25 10.45 20.12
CA HIS G 50 -90.12 9.32 19.80
C HIS G 50 -91.59 9.72 19.91
N GLN G 51 -92.43 9.05 19.12
CA GLN G 51 -93.86 9.31 19.14
C GLN G 51 -94.55 8.66 20.34
N GLN G 52 -94.05 7.51 20.80
CA GLN G 52 -94.68 6.74 21.87
C GLN G 52 -93.68 6.49 22.98
N PRO G 53 -93.51 7.45 23.89
CA PRO G 53 -92.62 7.23 25.05
C PRO G 53 -93.00 5.99 25.85
N ARG G 54 -92.12 5.00 25.89
CA ARG G 54 -92.33 3.81 26.69
C ARG G 54 -92.24 4.17 28.18
N TYR G 55 -93.10 3.55 28.98
CA TYR G 55 -93.15 3.82 30.42
C TYR G 55 -92.65 2.60 31.18
N ILE G 56 -91.67 2.83 32.05
CA ILE G 56 -91.14 1.79 32.94
C ILE G 56 -91.16 2.33 34.36
N PRO G 57 -91.89 1.69 35.28
CA PRO G 57 -92.00 2.25 36.64
C PRO G 57 -90.71 2.11 37.42
N LEU G 58 -90.57 2.94 38.45
CA LEU G 58 -89.40 2.93 39.31
C LEU G 58 -89.62 1.98 40.49
N SER G 59 -88.51 1.40 40.96
CA SER G 59 -88.58 0.50 42.11
C SER G 59 -89.04 1.24 43.37
N GLN G 60 -88.51 2.44 43.59
CA GLN G 60 -88.87 3.26 44.73
C GLN G 60 -89.03 4.70 44.26
N PRO G 61 -89.86 5.50 44.96
CA PRO G 61 -90.09 6.88 44.52
C PRO G 61 -88.85 7.75 44.74
N MET G 62 -88.64 8.68 43.80
CA MET G 62 -87.56 9.67 43.87
C MET G 62 -88.16 11.02 43.54
N PRO G 63 -88.87 11.64 44.48
CA PRO G 63 -89.58 12.90 44.17
C PRO G 63 -88.67 14.04 43.77
N LEU G 64 -87.44 14.09 44.29
CA LEU G 64 -86.57 15.24 44.04
C LEU G 64 -86.16 15.33 42.57
N LEU G 65 -86.01 14.19 41.90
CA LEU G 65 -85.51 14.16 40.52
C LEU G 65 -86.61 14.34 39.48
N ALA G 66 -87.72 14.96 39.85
CA ALA G 66 -88.85 15.10 38.94
C ALA G 66 -88.52 16.06 37.80
N ASN G 67 -89.00 15.71 36.61
CA ASN G 67 -88.94 16.55 35.42
C ASN G 67 -87.50 16.87 35.00
N THR G 68 -86.55 15.99 35.30
CA THR G 68 -85.16 16.21 34.91
C THR G 68 -84.81 15.26 33.77
N PRO G 69 -84.55 15.75 32.57
CA PRO G 69 -84.13 14.87 31.47
C PRO G 69 -82.67 14.49 31.59
N PHE G 70 -82.37 13.24 31.24
CA PHE G 70 -81.03 12.69 31.38
C PHE G 70 -80.56 12.11 30.05
N ILE G 71 -79.33 11.60 30.05
CA ILE G 71 -78.80 10.77 28.98
C ILE G 71 -77.87 9.74 29.59
N VAL G 72 -78.12 8.46 29.30
CA VAL G 72 -77.40 7.35 29.90
C VAL G 72 -77.07 6.32 28.82
N THR G 73 -76.29 5.32 29.22
CA THR G 73 -75.90 4.23 28.34
C THR G 73 -76.80 3.03 28.55
N GLY G 74 -77.09 2.31 27.46
CA GLY G 74 -77.94 1.15 27.54
C GLY G 74 -77.26 -0.03 28.19
N SER G 75 -78.09 -0.96 28.69
CA SER G 75 -77.59 -2.16 29.33
C SER G 75 -77.26 -3.22 28.30
N GLY G 76 -76.14 -3.91 28.50
CA GLY G 76 -75.68 -4.92 27.58
C GLY G 76 -74.95 -4.38 26.36
N LYS G 77 -74.75 -3.08 26.27
CA LYS G 77 -74.07 -2.46 25.14
C LYS G 77 -72.57 -2.46 25.37
N PHE G 78 -71.83 -2.36 24.26
CA PHE G 78 -70.37 -2.35 24.28
C PHE G 78 -69.86 -0.93 24.15
N PHE G 79 -68.91 -0.55 25.01
CA PHE G 79 -68.30 0.77 24.90
C PHE G 79 -67.52 0.93 23.59
N ARG G 80 -67.13 -0.16 22.94
CA ARG G 80 -66.36 -0.06 21.70
C ARG G 80 -67.25 0.37 20.52
N ASN G 81 -68.51 -0.05 20.53
CA ASN G 81 -69.44 0.19 19.41
C ASN G 81 -70.31 1.43 19.62
N VAL G 82 -70.10 2.17 20.70
CA VAL G 82 -70.95 3.32 20.98
C VAL G 82 -70.63 4.45 20.01
N GLN G 83 -69.34 4.66 19.73
CA GLN G 83 -68.90 5.71 18.82
C GLN G 83 -69.48 5.54 17.43
N LEU G 84 -69.51 4.30 16.92
CA LEU G 84 -70.04 4.05 15.58
C LEU G 84 -71.50 4.48 15.45
N ASP G 85 -72.33 4.21 16.46
CA ASP G 85 -73.75 4.54 16.38
C ASP G 85 -74.33 4.77 17.77
N PRO G 86 -74.44 6.05 18.18
CA PRO G 86 -75.04 6.35 19.49
C PRO G 86 -76.55 6.21 19.52
N ALA G 87 -77.21 6.24 18.36
CA ALA G 87 -78.67 6.21 18.33
C ALA G 87 -79.20 4.91 18.91
N ALA G 88 -78.61 3.79 18.53
CA ALA G 88 -79.02 2.49 19.05
C ALA G 88 -78.35 2.13 20.35
N ASN G 89 -77.45 2.99 20.87
CA ASN G 89 -76.71 2.70 22.08
C ASN G 89 -76.96 3.71 23.20
N LEU G 90 -77.41 4.92 22.89
CA LEU G 90 -77.68 5.94 23.89
C LEU G 90 -79.12 6.44 23.74
N GLY G 91 -79.71 6.82 24.87
CA GLY G 91 -81.07 7.33 24.86
C GLY G 91 -81.25 8.38 25.93
N ILE G 92 -82.11 9.35 25.63
CA ILE G 92 -82.42 10.44 26.54
C ILE G 92 -83.80 10.19 27.14
N VAL G 93 -83.87 10.18 28.46
CA VAL G 93 -85.11 9.91 29.17
C VAL G 93 -85.39 11.07 30.13
N LYS G 94 -86.66 11.22 30.49
CA LYS G 94 -87.10 12.24 31.42
C LYS G 94 -88.03 11.63 32.45
N VAL G 95 -88.01 12.19 33.66
CA VAL G 95 -88.81 11.69 34.77
C VAL G 95 -90.15 12.42 34.77
N ASP G 96 -91.15 11.80 35.38
CA ASP G 96 -92.48 12.39 35.44
C ASP G 96 -92.56 13.42 36.56
N SER G 97 -93.76 13.97 36.76
CA SER G 97 -93.94 15.00 37.77
C SER G 97 -93.96 14.43 39.19
N CYS G 98 -94.49 13.22 39.35
CA CYS G 98 -94.67 12.62 40.68
C CYS G 98 -93.51 11.73 41.10
N GLY G 99 -92.48 11.61 40.28
CA GLY G 99 -91.36 10.75 40.62
C GLY G 99 -91.70 9.28 40.68
N ALA G 100 -92.46 8.78 39.70
CA ALA G 100 -92.87 7.38 39.66
C ALA G 100 -92.21 6.59 38.54
N GLY G 101 -91.97 7.21 37.38
CA GLY G 101 -91.34 6.53 36.27
C GLY G 101 -90.66 7.49 35.32
N TYR G 102 -90.23 6.99 34.16
CA TYR G 102 -89.57 7.84 33.17
C TYR G 102 -90.05 7.47 31.78
N HIS G 103 -89.91 8.43 30.86
CA HIS G 103 -90.33 8.27 29.47
C HIS G 103 -89.08 8.30 28.58
N ILE G 104 -89.02 7.38 27.63
CA ILE G 104 -87.91 7.33 26.70
C ILE G 104 -88.21 8.28 25.54
N LEU G 105 -87.36 9.30 25.37
CA LEU G 105 -87.60 10.34 24.37
C LEU G 105 -86.93 10.04 23.04
N TRP G 106 -85.62 9.81 23.06
CA TRP G 106 -84.84 9.65 21.83
C TRP G 106 -83.97 8.41 21.93
N GLY G 107 -83.76 7.77 20.77
CA GLY G 107 -82.84 6.65 20.68
C GLY G 107 -83.30 5.43 21.44
N LEU G 108 -82.32 4.61 21.82
CA LEU G 108 -82.56 3.37 22.56
C LEU G 108 -83.51 2.44 21.80
N THR G 109 -83.18 2.21 20.54
CA THR G 109 -84.01 1.38 19.67
C THR G 109 -83.73 -0.10 19.93
N ASN G 110 -84.29 -0.97 19.09
CA ASN G 110 -84.18 -2.42 19.24
C ASN G 110 -84.69 -2.88 20.61
N GLU G 111 -85.65 -2.14 21.15
CA GLU G 111 -86.21 -2.41 22.49
C GLU G 111 -85.10 -2.46 23.54
N ALA G 112 -84.13 -1.57 23.42
CA ALA G 112 -83.07 -1.47 24.42
C ALA G 112 -83.61 -0.81 25.68
N VAL G 113 -82.96 -1.12 26.80
CA VAL G 113 -83.35 -0.56 28.10
C VAL G 113 -82.12 0.12 28.70
N PRO G 114 -82.32 1.09 29.59
CA PRO G 114 -81.19 1.72 30.27
C PRO G 114 -80.41 0.71 31.11
N THR G 115 -79.30 1.18 31.65
CA THR G 115 -78.39 0.31 32.39
C THR G 115 -79.09 -0.31 33.59
N SER G 116 -78.71 -1.54 33.91
CA SER G 116 -79.28 -2.24 35.06
C SER G 116 -78.88 -1.60 36.38
N GLU G 117 -77.81 -0.81 36.39
CA GLU G 117 -77.39 -0.06 37.57
C GLU G 117 -78.12 1.26 37.73
N LEU G 118 -79.27 1.42 37.05
CA LEU G 118 -80.00 2.68 37.13
C LEU G 118 -80.45 3.06 38.54
N PRO G 119 -81.03 2.17 39.36
CA PRO G 119 -81.41 2.59 40.70
C PRO G 119 -80.25 3.07 41.56
N ALA G 120 -79.05 2.52 41.37
CA ALA G 120 -77.91 2.93 42.18
C ALA G 120 -77.45 4.34 41.83
N HIS G 121 -77.87 4.86 40.68
CA HIS G 121 -77.40 6.17 40.23
C HIS G 121 -78.36 7.29 40.61
N PHE G 122 -79.67 7.02 40.60
CA PHE G 122 -80.64 8.04 41.01
C PHE G 122 -80.64 8.26 42.52
N LEU G 123 -80.37 7.21 43.29
CA LEU G 123 -80.14 7.40 44.72
C LEU G 123 -78.89 8.22 44.98
N SER G 124 -77.95 8.21 44.05
CA SER G 124 -76.71 8.97 44.20
C SER G 124 -76.76 10.32 43.51
N HIS G 125 -77.57 10.46 42.47
CA HIS G 125 -77.69 11.73 41.77
C HIS G 125 -78.25 12.82 42.68
N SER G 126 -79.25 12.47 43.50
CA SER G 126 -79.87 13.47 44.36
C SER G 126 -78.92 13.95 45.44
N GLU G 127 -78.10 13.06 45.99
CA GLU G 127 -77.19 13.44 47.08
C GLU G 127 -76.19 14.47 46.62
N ARG G 128 -75.65 14.32 45.40
CA ARG G 128 -74.67 15.27 44.90
C ARG G 128 -75.29 16.65 44.71
N ILE G 129 -76.58 16.72 44.38
CA ILE G 129 -77.25 18.01 44.28
C ILE G 129 -77.30 18.70 45.64
N LYS G 130 -77.63 17.95 46.69
CA LYS G 130 -77.71 18.51 48.03
C LYS G 130 -76.33 18.94 48.53
N ALA G 131 -75.32 18.10 48.36
CA ALA G 131 -74.01 18.38 48.93
C ALA G 131 -73.26 19.46 48.16
N THR G 132 -73.55 19.63 46.87
CA THR G 132 -72.83 20.58 46.03
C THR G 132 -73.73 21.68 45.47
N ASN G 133 -74.92 21.86 46.02
CA ASN G 133 -75.87 22.88 45.56
C ASN G 133 -76.16 22.74 44.07
N GLY G 134 -76.29 21.50 43.61
CA GLY G 134 -76.64 21.24 42.23
C GLY G 134 -75.57 21.60 41.22
N LYS G 135 -74.31 21.33 41.52
CA LYS G 135 -73.24 21.55 40.56
C LYS G 135 -72.69 20.26 39.96
N ASP G 136 -72.95 19.11 40.58
CA ASP G 136 -72.54 17.82 40.04
C ASP G 136 -73.60 17.30 39.07
N ARG G 137 -73.14 16.72 37.96
CA ARG G 137 -74.08 16.27 36.94
C ARG G 137 -73.69 14.93 36.31
N VAL G 138 -72.76 14.18 36.88
CA VAL G 138 -72.30 12.93 36.26
C VAL G 138 -71.96 11.92 37.34
N ILE G 139 -72.40 10.68 37.15
CA ILE G 139 -71.98 9.54 37.96
C ILE G 139 -71.34 8.52 37.01
N MET G 140 -70.14 8.07 37.35
CA MET G 140 -69.37 7.19 36.48
C MET G 140 -68.85 6.00 37.26
N HIS G 141 -68.88 4.83 36.62
CA HIS G 141 -68.29 3.61 37.18
C HIS G 141 -67.59 2.86 36.08
N CYS G 142 -66.39 2.37 36.37
CA CYS G 142 -65.61 1.60 35.41
C CYS G 142 -64.64 0.70 36.17
N HIS G 143 -64.51 -0.54 35.71
CA HIS G 143 -63.58 -1.50 36.32
C HIS G 143 -62.15 -1.13 35.91
N ALA G 144 -61.64 -0.11 36.57
CA ALA G 144 -60.23 0.25 36.41
C ALA G 144 -59.37 -0.91 36.88
N THR G 145 -58.36 -1.25 36.08
CA THR G 145 -57.61 -2.49 36.30
C THR G 145 -56.81 -2.45 37.60
N ASN G 146 -56.02 -1.38 37.80
CA ASN G 146 -55.07 -1.38 38.91
C ASN G 146 -55.73 -1.10 40.26
N LEU G 147 -56.82 -0.32 40.28
CA LEU G 147 -57.51 -0.08 41.54
C LEU G 147 -58.00 -1.38 42.16
N ILE G 148 -58.45 -2.32 41.32
CA ILE G 148 -58.86 -3.62 41.82
C ILE G 148 -57.69 -4.34 42.48
N ALA G 149 -56.50 -4.24 41.89
CA ALA G 149 -55.36 -5.01 42.37
C ALA G 149 -54.98 -4.64 43.80
N LEU G 150 -54.96 -3.35 44.12
CA LEU G 150 -54.51 -2.92 45.44
C LEU G 150 -55.56 -3.14 46.53
N THR G 151 -56.81 -3.46 46.17
CA THR G 151 -57.79 -3.84 47.17
C THR G 151 -57.47 -5.19 47.81
N TYR G 152 -56.58 -5.97 47.20
CA TYR G 152 -56.20 -7.28 47.70
C TYR G 152 -54.98 -7.24 48.62
N VAL G 153 -54.30 -6.10 48.71
CA VAL G 153 -53.03 -6.02 49.43
C VAL G 153 -53.20 -5.15 50.67
N LEU G 154 -54.09 -4.17 50.59
CA LEU G 154 -54.30 -3.21 51.66
C LEU G 154 -55.70 -3.38 52.25
N GLU G 155 -55.83 -3.01 53.53
CA GLU G 155 -57.08 -3.23 54.25
C GLU G 155 -58.21 -2.37 53.66
N ASN G 156 -59.43 -2.87 53.84
CA ASN G 156 -60.63 -2.18 53.32
C ASN G 156 -61.12 -1.14 54.31
N ASP G 157 -60.22 -0.21 54.66
CA ASP G 157 -60.49 0.83 55.63
C ASP G 157 -60.27 2.20 55.01
N THR G 158 -61.14 3.15 55.36
CA THR G 158 -61.09 4.47 54.74
C THR G 158 -59.79 5.19 55.02
N ALA G 159 -59.30 5.11 56.27
CA ALA G 159 -58.10 5.86 56.64
C ALA G 159 -56.87 5.36 55.90
N VAL G 160 -56.71 4.04 55.80
CA VAL G 160 -55.49 3.49 55.22
C VAL G 160 -55.41 3.74 53.71
N PHE G 161 -56.54 3.61 53.02
CA PHE G 161 -56.53 3.76 51.56
C PHE G 161 -56.31 5.22 51.16
N THR G 162 -57.00 6.15 51.82
CA THR G 162 -56.83 7.56 51.49
C THR G 162 -55.41 8.03 51.77
N ARG G 163 -54.82 7.55 52.86
CA ARG G 163 -53.41 7.85 53.12
C ARG G 163 -52.52 7.26 52.04
N GLN G 164 -52.84 6.05 51.57
CA GLN G 164 -52.00 5.39 50.58
C GLN G 164 -52.01 6.16 49.25
N LEU G 165 -53.20 6.51 48.77
CA LEU G 165 -53.30 7.18 47.46
C LEU G 165 -52.63 8.54 47.48
N TRP G 166 -52.61 9.22 48.63
CA TRP G 166 -51.97 10.53 48.70
C TRP G 166 -50.46 10.43 48.51
N GLU G 167 -49.85 9.32 48.93
CA GLU G 167 -48.41 9.17 48.79
C GLU G 167 -47.97 8.85 47.37
N GLY G 168 -48.87 8.33 46.53
CA GLY G 168 -48.48 7.95 45.19
C GLY G 168 -48.36 9.10 44.21
N SER G 169 -48.81 10.30 44.60
CA SER G 169 -48.76 11.45 43.72
C SER G 169 -49.01 12.71 44.53
N THR G 170 -48.32 13.79 44.17
CA THR G 170 -48.50 15.05 44.87
C THR G 170 -49.89 15.62 44.66
N GLU G 171 -50.43 15.51 43.44
CA GLU G 171 -51.70 16.13 43.10
C GLU G 171 -52.90 15.43 43.72
N CYS G 172 -52.71 14.26 44.34
CA CYS G 172 -53.85 13.47 44.78
C CYS G 172 -54.67 14.19 45.84
N LEU G 173 -54.01 14.86 46.78
CA LEU G 173 -54.72 15.53 47.87
C LEU G 173 -55.63 16.64 47.33
N VAL G 174 -55.14 17.39 46.34
CA VAL G 174 -55.89 18.53 45.84
C VAL G 174 -57.17 18.10 45.13
N VAL G 175 -57.21 16.87 44.61
CA VAL G 175 -58.35 16.44 43.80
C VAL G 175 -59.47 15.88 44.67
N PHE G 176 -59.13 15.00 45.61
CA PHE G 176 -60.11 14.43 46.54
C PHE G 176 -59.61 14.58 47.97
N PRO G 177 -59.64 15.81 48.52
CA PRO G 177 -59.19 16.00 49.90
C PRO G 177 -60.04 15.28 50.92
N ASP G 178 -61.33 15.10 50.66
CA ASP G 178 -62.23 14.45 51.61
C ASP G 178 -62.03 12.94 51.69
N GLY G 179 -61.00 12.40 51.03
CA GLY G 179 -60.68 10.99 51.14
C GLY G 179 -61.58 10.11 50.28
N VAL G 180 -61.30 8.81 50.34
CA VAL G 180 -62.06 7.80 49.64
C VAL G 180 -62.46 6.71 50.62
N GLY G 181 -63.75 6.41 50.68
CA GLY G 181 -64.29 5.39 51.56
C GLY G 181 -64.60 4.12 50.79
N ILE G 182 -64.28 2.98 51.40
CA ILE G 182 -64.38 1.69 50.72
C ILE G 182 -65.45 0.86 51.41
N LEU G 183 -66.35 0.30 50.60
CA LEU G 183 -67.46 -0.51 51.08
C LEU G 183 -67.01 -1.94 51.32
N PRO G 184 -67.87 -2.78 51.88
CA PRO G 184 -67.65 -4.22 51.82
C PRO G 184 -68.34 -4.82 50.60
N TRP G 185 -67.91 -6.04 50.26
CA TRP G 185 -68.47 -6.72 49.10
C TRP G 185 -69.94 -7.04 49.30
N MET G 186 -70.73 -6.91 48.24
CA MET G 186 -72.12 -7.33 48.25
C MET G 186 -72.57 -7.56 46.83
N VAL G 187 -73.61 -8.38 46.68
CA VAL G 187 -74.04 -8.82 45.34
C VAL G 187 -74.63 -7.65 44.57
N PRO G 188 -74.19 -7.38 43.36
CA PRO G 188 -74.77 -6.29 42.57
C PRO G 188 -76.10 -6.72 41.96
N GLY G 189 -76.68 -5.81 41.18
CA GLY G 189 -77.94 -6.06 40.52
C GLY G 189 -79.17 -5.93 41.38
N THR G 190 -79.01 -5.51 42.63
CA THR G 190 -80.12 -5.38 43.58
C THR G 190 -80.25 -3.91 44.00
N ASP G 191 -81.12 -3.67 44.99
CA ASP G 191 -81.31 -2.33 45.52
C ASP G 191 -80.50 -2.07 46.79
N ALA G 192 -80.04 -3.13 47.47
CA ALA G 192 -79.21 -2.93 48.65
C ALA G 192 -77.85 -2.35 48.28
N ILE G 193 -77.34 -2.69 47.10
CA ILE G 193 -76.07 -2.13 46.66
C ILE G 193 -76.21 -0.63 46.37
N GLY G 194 -77.35 -0.24 45.80
CA GLY G 194 -77.54 1.17 45.47
C GLY G 194 -77.58 2.07 46.69
N GLN G 195 -78.25 1.63 47.75
CA GLN G 195 -78.43 2.48 48.93
C GLN G 195 -77.10 2.70 49.65
N ALA G 196 -76.25 1.68 49.73
CA ALA G 196 -75.00 1.80 50.49
C ALA G 196 -74.09 2.85 49.87
N THR G 197 -73.93 2.83 48.54
CA THR G 197 -73.10 3.83 47.89
C THR G 197 -73.72 5.22 47.99
N ALA G 198 -75.04 5.31 47.82
CA ALA G 198 -75.71 6.60 47.96
C ALA G 198 -75.62 7.13 49.38
N GLN G 199 -75.51 6.25 50.37
CA GLN G 199 -75.33 6.69 51.74
C GLN G 199 -73.90 7.18 51.98
N GLU G 200 -72.91 6.45 51.47
CA GLU G 200 -71.52 6.82 51.72
C GLU G 200 -71.11 8.04 50.92
N MET G 201 -71.79 8.32 49.80
CA MET G 201 -71.43 9.45 48.96
C MET G 201 -71.72 10.79 49.63
N GLN G 202 -72.51 10.80 50.71
CA GLN G 202 -72.74 12.04 51.44
C GLN G 202 -71.44 12.64 51.96
N LYS G 203 -70.45 11.80 52.26
CA LYS G 203 -69.16 12.27 52.75
C LYS G 203 -68.02 12.10 51.74
N HIS G 204 -68.15 11.18 50.80
CA HIS G 204 -67.10 10.88 49.84
C HIS G 204 -67.54 11.17 48.42
N SER G 205 -66.59 11.53 47.57
CA SER G 205 -66.82 11.63 46.14
C SER G 205 -66.31 10.41 45.37
N LEU G 206 -65.44 9.61 45.99
CA LEU G 206 -64.91 8.39 45.39
C LEU G 206 -65.30 7.21 46.26
N VAL G 207 -66.00 6.24 45.68
CA VAL G 207 -66.50 5.07 46.40
C VAL G 207 -65.99 3.82 45.69
N LEU G 208 -65.26 2.98 46.42
CA LEU G 208 -64.66 1.78 45.86
C LEU G 208 -65.53 0.56 46.14
N TRP G 209 -65.91 -0.14 45.08
CA TRP G 209 -66.58 -1.42 45.21
C TRP G 209 -65.54 -2.52 45.28
N PRO G 210 -65.52 -3.34 46.33
CA PRO G 210 -64.53 -4.42 46.39
C PRO G 210 -64.68 -5.37 45.22
N PHE G 211 -63.55 -5.71 44.60
CA PHE G 211 -63.47 -6.65 43.49
C PHE G 211 -64.38 -6.28 42.33
N HIS G 212 -64.90 -5.05 42.29
CA HIS G 212 -65.72 -4.60 41.19
C HIS G 212 -65.18 -3.36 40.49
N GLY G 213 -64.84 -2.30 41.24
CA GLY G 213 -64.34 -1.11 40.58
C GLY G 213 -64.39 0.18 41.40
N VAL G 214 -64.84 1.26 40.76
CA VAL G 214 -64.77 2.60 41.34
C VAL G 214 -66.05 3.37 41.01
N PHE G 215 -66.34 4.39 41.83
CA PHE G 215 -67.40 5.33 41.59
C PHE G 215 -66.86 6.76 41.73
N GLY G 216 -67.53 7.71 41.08
CA GLY G 216 -67.12 9.09 41.16
C GLY G 216 -68.15 10.02 40.57
N SER G 217 -68.05 11.29 40.97
CA SER G 217 -68.97 12.32 40.50
C SER G 217 -68.19 13.57 40.15
N GLY G 218 -68.74 14.35 39.22
CA GLY G 218 -68.10 15.55 38.75
C GLY G 218 -69.05 16.53 38.10
N PRO G 219 -68.64 17.80 37.98
CA PRO G 219 -69.54 18.82 37.45
C PRO G 219 -69.68 18.78 35.94
N THR G 220 -68.62 18.37 35.25
CA THR G 220 -68.60 18.31 33.79
C THR G 220 -68.14 16.94 33.34
N LEU G 221 -68.24 16.68 32.04
CA LEU G 221 -67.90 15.37 31.50
C LEU G 221 -66.41 15.07 31.68
N ASP G 222 -65.55 16.08 31.49
CA ASP G 222 -64.12 15.84 31.52
C ASP G 222 -63.56 15.75 32.93
N GLU G 223 -64.08 16.57 33.85
CA GLU G 223 -63.51 16.63 35.19
C GLU G 223 -63.67 15.30 35.93
N THR G 224 -64.82 14.66 35.79
CA THR G 224 -65.02 13.36 36.44
C THR G 224 -64.16 12.30 35.80
N PHE G 225 -63.99 12.34 34.47
CA PHE G 225 -63.09 11.39 33.81
C PHE G 225 -61.66 11.63 34.25
N GLY G 226 -61.26 12.90 34.39
CA GLY G 226 -59.95 13.19 34.94
C GLY G 226 -59.82 12.80 36.40
N LEU G 227 -60.91 12.91 37.16
CA LEU G 227 -60.88 12.52 38.56
C LEU G 227 -60.60 11.03 38.72
N ILE G 228 -61.22 10.20 37.90
CA ILE G 228 -61.00 8.76 37.99
C ILE G 228 -59.59 8.39 37.58
N ASP G 229 -59.06 9.07 36.56
CA ASP G 229 -57.69 8.79 36.13
C ASP G 229 -56.67 9.36 37.08
N THR G 230 -57.02 10.37 37.86
CA THR G 230 -56.08 10.96 38.82
C THR G 230 -55.70 9.96 39.89
N ALA G 231 -56.69 9.25 40.45
CA ALA G 231 -56.39 8.22 41.43
C ALA G 231 -55.81 6.98 40.77
N GLU G 232 -56.17 6.71 39.51
CA GLU G 232 -55.65 5.55 38.81
C GLU G 232 -54.16 5.71 38.49
N LYS G 233 -53.71 6.93 38.25
CA LYS G 233 -52.27 7.17 38.09
C LYS G 233 -51.52 6.81 39.36
N SER G 234 -52.09 7.16 40.51
CA SER G 234 -51.43 6.88 41.79
C SER G 234 -51.35 5.38 42.07
N ALA G 235 -52.42 4.65 41.78
CA ALA G 235 -52.42 3.21 42.06
C ALA G 235 -51.38 2.48 41.23
N GLN G 236 -51.17 2.92 40.00
CA GLN G 236 -50.17 2.30 39.14
C GLN G 236 -48.75 2.59 39.62
N VAL G 237 -48.55 3.71 40.30
CA VAL G 237 -47.23 4.03 40.85
C VAL G 237 -46.91 3.11 42.03
N LEU G 238 -47.87 2.93 42.93
CA LEU G 238 -47.62 2.08 44.10
C LEU G 238 -47.38 0.64 43.72
N VAL G 239 -48.05 0.16 42.66
CA VAL G 239 -47.93 -1.25 42.27
C VAL G 239 -46.49 -1.56 41.86
N LYS G 240 -45.87 -0.66 41.10
CA LYS G 240 -44.50 -0.89 40.68
C LYS G 240 -43.55 -0.91 41.87
N VAL G 241 -43.73 0.03 42.81
CA VAL G 241 -42.85 0.07 43.99
C VAL G 241 -43.12 -1.11 44.91
N TYR G 242 -44.40 -1.48 45.06
CA TYR G 242 -44.74 -2.65 45.86
C TYR G 242 -44.13 -3.92 45.27
N SER G 243 -44.18 -4.05 43.94
CA SER G 243 -43.61 -5.22 43.29
C SER G 243 -42.09 -5.29 43.47
N MET G 244 -41.45 -4.13 43.60
CA MET G 244 -40.00 -4.09 43.68
C MET G 244 -39.48 -4.51 45.05
N GLY G 245 -40.32 -4.51 46.07
CA GLY G 245 -39.88 -4.86 47.41
C GLY G 245 -40.51 -4.05 48.52
N GLY G 246 -41.40 -3.12 48.17
CA GLY G 246 -42.08 -2.30 49.15
C GLY G 246 -41.55 -0.88 49.17
N MET G 247 -42.39 0.02 49.68
CA MET G 247 -42.04 1.44 49.73
C MET G 247 -40.84 1.66 50.63
N LYS G 248 -39.90 2.49 50.16
CA LYS G 248 -38.70 2.83 50.92
C LYS G 248 -38.73 4.24 51.45
N GLN G 249 -39.40 5.17 50.76
CA GLN G 249 -39.57 6.53 51.22
C GLN G 249 -40.96 7.00 50.81
N THR G 250 -41.42 8.09 51.44
CA THR G 250 -42.76 8.59 51.19
C THR G 250 -42.80 10.07 51.56
N ILE G 251 -44.02 10.62 51.53
CA ILE G 251 -44.23 12.02 51.88
C ILE G 251 -44.59 12.11 53.35
N SER G 252 -43.88 12.95 54.09
CA SER G 252 -44.13 13.11 55.51
C SER G 252 -45.50 13.73 55.76
N ARG G 253 -46.09 13.39 56.91
CA ARG G 253 -47.39 13.93 57.27
C ARG G 253 -47.35 15.45 57.40
N GLU G 254 -46.23 16.00 57.86
CA GLU G 254 -46.10 17.44 57.96
C GLU G 254 -46.18 18.11 56.59
N GLU G 255 -45.55 17.50 55.58
CA GLU G 255 -45.60 18.06 54.23
C GLU G 255 -47.01 18.07 53.68
N LEU G 256 -47.79 17.01 53.95
CA LEU G 256 -49.17 16.98 53.49
C LEU G 256 -50.01 18.05 54.18
N ILE G 257 -49.67 18.39 55.42
CA ILE G 257 -50.40 19.44 56.15
C ILE G 257 -50.23 20.78 55.44
N ALA G 258 -49.01 21.10 55.00
CA ALA G 258 -48.77 22.35 54.30
C ALA G 258 -49.30 22.32 52.88
N LEU G 259 -49.51 21.12 52.32
CA LEU G 259 -50.03 21.03 50.96
C LEU G 259 -51.46 21.54 50.88
N GLY G 260 -52.30 21.17 51.83
CA GLY G 260 -53.67 21.64 51.83
C GLY G 260 -53.78 23.13 52.06
N LYS G 261 -52.88 23.70 52.86
CA LYS G 261 -52.93 25.13 53.15
C LYS G 261 -52.67 25.96 51.90
N ARG G 262 -51.79 25.48 51.01
CA ARG G 262 -51.45 26.25 49.82
C ARG G 262 -52.65 26.43 48.91
N PHE G 263 -53.40 25.36 48.66
CA PHE G 263 -54.56 25.41 47.79
C PHE G 263 -55.86 25.63 48.54
N GLY G 264 -55.82 25.69 49.88
CA GLY G 264 -57.00 25.97 50.66
C GLY G 264 -58.01 24.84 50.71
N VAL G 265 -57.60 23.69 51.24
CA VAL G 265 -58.49 22.55 51.43
C VAL G 265 -58.26 21.97 52.82
N THR G 266 -59.24 21.21 53.28
CA THR G 266 -59.18 20.61 54.61
C THR G 266 -58.93 19.12 54.50
N PRO G 267 -57.73 18.64 54.83
CA PRO G 267 -57.47 17.20 54.77
C PRO G 267 -58.29 16.43 55.80
N LEU G 268 -58.56 15.17 55.48
CA LEU G 268 -59.28 14.30 56.40
C LEU G 268 -58.48 14.10 57.68
N ALA G 269 -59.17 14.11 58.81
CA ALA G 269 -58.50 13.94 60.10
C ALA G 269 -58.08 12.49 60.30
N SER G 270 -58.95 11.53 59.96
CA SER G 270 -58.66 10.12 60.19
C SER G 270 -57.46 9.66 59.36
N ALA G 271 -57.41 10.06 58.10
CA ALA G 271 -56.33 9.63 57.23
C ALA G 271 -55.02 10.34 57.55
N LEU G 272 -55.10 11.61 57.97
CA LEU G 272 -53.89 12.36 58.30
C LEU G 272 -53.31 11.92 59.63
N ALA G 273 -54.14 11.41 60.54
CA ALA G 273 -53.64 10.91 61.81
C ALA G 273 -52.74 9.70 61.62
N LEU G 274 -53.04 8.85 60.64
CA LEU G 274 -52.23 7.68 60.35
C LEU G 274 -50.89 8.09 59.74
N MET H 1 -74.00 -3.46 -8.40
CA MET H 1 -74.17 -4.10 -7.10
C MET H 1 -72.94 -3.86 -6.24
N GLN H 2 -73.17 -3.56 -4.97
CA GLN H 2 -72.06 -3.35 -4.03
C GLN H 2 -71.25 -4.63 -3.88
N ASN H 3 -69.94 -4.47 -3.76
CA ASN H 3 -69.06 -5.61 -3.61
C ASN H 3 -69.33 -6.33 -2.30
N ILE H 4 -69.10 -7.65 -2.30
CA ILE H 4 -69.29 -8.45 -1.10
C ILE H 4 -68.30 -8.06 0.00
N THR H 5 -67.22 -7.35 -0.35
CA THR H 5 -66.25 -6.92 0.64
C THR H 5 -66.81 -5.91 1.64
N GLN H 6 -67.97 -5.31 1.35
CA GLN H 6 -68.60 -4.37 2.26
C GLN H 6 -69.89 -4.89 2.86
N SER H 7 -70.05 -6.21 2.95
CA SER H 7 -71.25 -6.79 3.53
C SER H 7 -71.16 -6.81 5.05
N TRP H 8 -72.21 -7.32 5.69
CA TRP H 8 -72.22 -7.38 7.15
C TRP H 8 -71.36 -8.53 7.68
N PHE H 9 -71.28 -9.64 6.96
CA PHE H 9 -70.53 -10.79 7.48
C PHE H 9 -69.02 -10.61 7.32
N VAL H 10 -68.57 -9.98 6.24
CA VAL H 10 -67.13 -9.75 6.07
C VAL H 10 -66.64 -8.72 7.07
N GLN H 11 -67.43 -7.66 7.30
CA GLN H 11 -67.03 -6.59 8.21
C GLN H 11 -66.86 -7.08 9.63
N GLY H 12 -67.49 -8.19 10.00
CA GLY H 12 -67.25 -8.77 11.31
C GLY H 12 -65.84 -9.30 11.46
N MET H 13 -65.29 -9.89 10.40
CA MET H 13 -63.94 -10.45 10.46
C MET H 13 -62.89 -9.34 10.47
N ILE H 14 -63.11 -8.27 9.70
CA ILE H 14 -62.18 -7.16 9.67
C ILE H 14 -62.12 -6.48 11.04
N LYS H 15 -63.27 -6.38 11.72
CA LYS H 15 -63.32 -5.72 13.01
C LYS H 15 -62.59 -6.51 14.09
N ALA H 16 -62.80 -7.83 14.13
CA ALA H 16 -62.18 -8.64 15.18
C ALA H 16 -60.69 -8.87 14.91
N THR H 17 -60.32 -9.08 13.64
CA THR H 17 -58.91 -9.28 13.30
C THR H 17 -58.09 -8.05 13.64
N THR H 18 -58.63 -6.86 13.34
CA THR H 18 -57.95 -5.63 13.72
C THR H 18 -57.86 -5.49 15.24
N ASP H 19 -58.90 -5.92 15.95
CA ASP H 19 -58.93 -5.74 17.39
C ASP H 19 -58.04 -6.75 18.12
N ALA H 20 -57.78 -7.91 17.51
CA ALA H 20 -56.90 -8.88 18.15
C ALA H 20 -55.44 -8.45 18.06
N TRP H 21 -55.04 -7.90 16.90
CA TRP H 21 -53.68 -7.41 16.75
C TRP H 21 -53.41 -6.23 17.68
N LEU H 22 -54.37 -5.32 17.81
CA LEU H 22 -54.20 -4.17 18.69
C LEU H 22 -54.12 -4.59 20.15
N LYS H 23 -54.75 -5.71 20.52
CA LYS H 23 -54.70 -6.18 21.88
C LYS H 23 -53.43 -6.97 22.19
N GLY H 24 -52.60 -7.24 21.19
CA GLY H 24 -51.30 -7.85 21.41
C GLY H 24 -51.34 -9.35 21.64
N TRP H 25 -51.96 -10.09 20.74
CA TRP H 25 -52.17 -11.52 20.92
C TRP H 25 -51.75 -12.39 19.74
N ASP H 26 -51.42 -11.81 18.59
CA ASP H 26 -51.35 -12.59 17.35
C ASP H 26 -50.00 -12.48 16.65
N GLU H 27 -48.92 -12.74 17.39
CA GLU H 27 -47.57 -12.83 16.85
C GLU H 27 -47.54 -13.56 15.51
N ARG H 28 -47.01 -12.88 14.49
CA ARG H 28 -46.92 -13.39 13.12
C ARG H 28 -48.27 -13.89 12.60
N ASN H 29 -48.48 -15.20 12.60
CA ASN H 29 -49.65 -15.80 11.98
C ASN H 29 -50.60 -16.46 12.98
N GLY H 30 -50.37 -16.29 14.28
CA GLY H 30 -51.25 -16.90 15.25
C GLY H 30 -52.66 -16.35 15.16
N GLY H 31 -53.62 -17.27 15.18
CA GLY H 31 -55.02 -16.88 15.15
C GLY H 31 -55.74 -17.44 13.92
N ASN H 32 -57.01 -17.79 14.13
CA ASN H 32 -57.84 -18.35 13.07
C ASN H 32 -59.30 -18.17 13.46
N LEU H 33 -60.13 -17.75 12.50
CA LEU H 33 -61.53 -17.46 12.76
C LEU H 33 -62.42 -18.17 11.75
N THR H 34 -63.51 -18.75 12.25
CA THR H 34 -64.54 -19.39 11.43
C THR H 34 -65.89 -18.91 11.88
N LEU H 35 -66.75 -18.55 10.91
CA LEU H 35 -68.10 -18.08 11.21
C LEU H 35 -69.08 -18.82 10.31
N ARG H 36 -69.97 -19.59 10.91
CA ARG H 36 -71.00 -20.31 10.16
C ARG H 36 -72.04 -19.34 9.63
N LEU H 37 -72.33 -19.43 8.33
CA LEU H 37 -73.23 -18.51 7.66
C LEU H 37 -74.44 -19.28 7.12
N ASP H 38 -75.27 -18.57 6.36
CA ASP H 38 -76.48 -19.12 5.79
C ASP H 38 -76.50 -18.89 4.28
N ASP H 39 -77.34 -19.66 3.60
CA ASP H 39 -77.45 -19.56 2.15
C ASP H 39 -77.99 -18.20 1.73
N ALA H 40 -78.93 -17.65 2.49
CA ALA H 40 -79.48 -16.34 2.17
C ALA H 40 -78.41 -15.24 2.27
N ASP H 41 -77.52 -15.36 3.26
CA ASP H 41 -76.53 -14.32 3.48
C ASP H 41 -75.52 -14.24 2.35
N ILE H 42 -75.32 -15.34 1.61
CA ILE H 42 -74.35 -15.37 0.52
C ILE H 42 -74.99 -15.34 -0.85
N ALA H 43 -76.32 -15.44 -0.94
CA ALA H 43 -76.98 -15.51 -2.24
C ALA H 43 -76.80 -14.26 -3.09
N PRO H 44 -77.05 -13.03 -2.61
CA PRO H 44 -77.05 -11.88 -3.52
C PRO H 44 -75.70 -11.55 -4.12
N TYR H 45 -74.60 -12.04 -3.55
CA TYR H 45 -73.25 -11.67 -3.99
C TYR H 45 -72.62 -12.71 -4.88
N HIS H 46 -73.41 -13.37 -5.74
CA HIS H 46 -72.88 -14.41 -6.60
C HIS H 46 -72.00 -13.86 -7.73
N ASP H 47 -72.02 -12.54 -7.95
CA ASP H 47 -71.26 -11.96 -9.05
C ASP H 47 -69.75 -12.00 -8.83
N ASN H 48 -69.31 -12.02 -7.56
CA ASN H 48 -67.89 -12.09 -7.25
C ASN H 48 -67.39 -13.52 -7.05
N PHE H 49 -68.28 -14.51 -7.15
CA PHE H 49 -67.86 -15.89 -6.98
C PHE H 49 -66.96 -16.35 -8.12
N HIS H 50 -65.94 -17.12 -7.78
CA HIS H 50 -65.03 -17.65 -8.80
C HIS H 50 -65.76 -18.66 -9.69
N GLN H 51 -65.25 -18.83 -10.91
CA GLN H 51 -65.88 -19.73 -11.86
C GLN H 51 -65.67 -21.19 -11.48
N GLN H 52 -64.46 -21.55 -11.03
CA GLN H 52 -64.11 -22.94 -10.75
C GLN H 52 -63.98 -23.16 -9.24
N PRO H 53 -64.94 -23.84 -8.63
CA PRO H 53 -64.79 -24.20 -7.21
C PRO H 53 -63.72 -25.27 -7.03
N ARG H 54 -62.75 -24.98 -6.18
CA ARG H 54 -61.67 -25.93 -5.91
C ARG H 54 -62.06 -26.85 -4.77
N TYR H 55 -62.08 -28.15 -5.04
CA TYR H 55 -62.47 -29.16 -4.07
C TYR H 55 -61.24 -29.66 -3.32
N ILE H 56 -61.40 -29.87 -2.01
CA ILE H 56 -60.36 -30.47 -1.18
C ILE H 56 -61.01 -31.54 -0.33
N PRO H 57 -60.55 -32.80 -0.39
CA PRO H 57 -61.17 -33.84 0.43
C PRO H 57 -60.89 -33.65 1.90
N LEU H 58 -61.78 -34.20 2.73
CA LEU H 58 -61.61 -34.16 4.17
C LEU H 58 -61.10 -35.50 4.68
N SER H 59 -60.27 -35.43 5.72
CA SER H 59 -59.73 -36.66 6.32
C SER H 59 -60.85 -37.51 6.91
N GLN H 60 -61.82 -36.89 7.57
CA GLN H 60 -62.95 -37.59 8.15
C GLN H 60 -64.24 -36.90 7.71
N PRO H 61 -65.23 -37.65 7.23
CA PRO H 61 -66.45 -37.01 6.72
C PRO H 61 -67.22 -36.29 7.82
N MET H 62 -67.95 -35.25 7.42
CA MET H 62 -68.75 -34.43 8.32
C MET H 62 -70.17 -34.36 7.77
N PRO H 63 -70.97 -35.42 7.97
CA PRO H 63 -72.32 -35.43 7.39
C PRO H 63 -73.23 -34.35 7.93
N LEU H 64 -73.05 -33.94 9.19
CA LEU H 64 -73.96 -32.98 9.80
C LEU H 64 -73.82 -31.59 9.21
N LEU H 65 -72.60 -31.22 8.77
CA LEU H 65 -72.33 -29.87 8.26
C LEU H 65 -72.53 -29.77 6.76
N ALA H 66 -73.38 -30.60 6.17
CA ALA H 66 -73.58 -30.58 4.73
C ALA H 66 -74.26 -29.29 4.29
N ASN H 67 -73.80 -28.76 3.16
CA ASN H 67 -74.39 -27.57 2.53
C ASN H 67 -74.35 -26.37 3.48
N THR H 68 -73.26 -26.23 4.22
CA THR H 68 -73.12 -25.14 5.19
C THR H 68 -72.00 -24.21 4.75
N PRO H 69 -72.30 -23.01 4.24
CA PRO H 69 -71.23 -22.08 3.85
C PRO H 69 -70.46 -21.57 5.05
N PHE H 70 -69.19 -21.25 4.82
CA PHE H 70 -68.29 -20.79 5.86
C PHE H 70 -67.47 -19.62 5.34
N ILE H 71 -66.87 -18.90 6.29
CA ILE H 71 -65.88 -17.86 6.00
C ILE H 71 -64.69 -18.08 6.92
N VAL H 72 -63.50 -18.09 6.34
CA VAL H 72 -62.27 -18.50 7.02
C VAL H 72 -61.19 -17.46 6.78
N THR H 73 -60.00 -17.75 7.29
CA THR H 73 -58.79 -16.98 7.02
C THR H 73 -57.71 -17.91 6.48
N GLY H 74 -56.95 -17.43 5.52
CA GLY H 74 -55.99 -18.27 4.84
C GLY H 74 -54.86 -18.74 5.74
N SER H 75 -54.09 -19.69 5.22
CA SER H 75 -52.98 -20.27 5.97
C SER H 75 -51.73 -19.42 5.81
N GLY H 76 -51.04 -19.18 6.92
CA GLY H 76 -49.83 -18.38 6.90
C GLY H 76 -50.05 -16.89 6.83
N LYS H 77 -51.29 -16.43 6.91
CA LYS H 77 -51.61 -15.02 6.78
C LYS H 77 -51.29 -14.27 8.07
N PHE H 78 -51.37 -12.94 7.99
CA PHE H 78 -51.07 -12.06 9.11
C PHE H 78 -52.34 -11.34 9.55
N PHE H 79 -52.49 -11.17 10.87
CA PHE H 79 -53.66 -10.48 11.40
C PHE H 79 -53.61 -8.99 11.09
N ARG H 80 -52.42 -8.41 10.96
CA ARG H 80 -52.31 -6.98 10.69
C ARG H 80 -52.80 -6.63 9.29
N ASN H 81 -52.67 -7.55 8.34
CA ASN H 81 -52.91 -7.26 6.94
C ASN H 81 -54.37 -7.42 6.52
N VAL H 82 -55.24 -7.89 7.42
CA VAL H 82 -56.61 -8.22 7.03
C VAL H 82 -57.36 -6.97 6.61
N GLN H 83 -57.18 -5.86 7.32
CA GLN H 83 -57.87 -4.62 6.97
C GLN H 83 -57.42 -4.05 5.63
N LEU H 84 -56.26 -4.45 5.13
CA LEU H 84 -55.75 -3.95 3.87
C LEU H 84 -56.31 -4.69 2.67
N ASP H 85 -56.16 -6.02 2.64
CA ASP H 85 -56.57 -6.85 1.51
C ASP H 85 -57.46 -7.98 2.00
N PRO H 86 -58.74 -7.71 2.23
CA PRO H 86 -59.66 -8.79 2.64
C PRO H 86 -59.80 -9.90 1.61
N ALA H 87 -59.72 -9.58 0.32
CA ALA H 87 -59.93 -10.61 -0.70
C ALA H 87 -58.76 -11.58 -0.75
N ALA H 88 -57.53 -11.09 -0.53
CA ALA H 88 -56.36 -11.95 -0.57
C ALA H 88 -56.23 -12.83 0.66
N ASN H 89 -56.74 -12.39 1.81
CA ASN H 89 -56.59 -13.10 3.07
C ASN H 89 -57.80 -13.96 3.42
N LEU H 90 -59.00 -13.40 3.37
CA LEU H 90 -60.20 -14.11 3.74
C LEU H 90 -60.65 -15.05 2.62
N GLY H 91 -61.39 -16.08 3.00
CA GLY H 91 -61.88 -17.04 2.04
C GLY H 91 -63.25 -17.56 2.45
N ILE H 92 -64.05 -17.93 1.45
CA ILE H 92 -65.39 -18.47 1.66
C ILE H 92 -65.41 -19.88 1.11
N VAL H 93 -65.73 -20.85 1.96
CA VAL H 93 -65.77 -22.26 1.57
C VAL H 93 -67.20 -22.77 1.76
N LYS H 94 -67.51 -23.86 1.07
CA LYS H 94 -68.83 -24.47 1.11
C LYS H 94 -68.69 -25.98 1.05
N VAL H 95 -69.41 -26.67 1.94
CA VAL H 95 -69.35 -28.13 2.03
C VAL H 95 -70.37 -28.74 1.08
N ASP H 96 -70.05 -29.90 0.52
CA ASP H 96 -70.91 -30.54 -0.46
C ASP H 96 -72.09 -31.25 0.24
N SER H 97 -72.88 -31.97 -0.56
CA SER H 97 -74.08 -32.62 -0.04
C SER H 97 -73.77 -33.84 0.80
N CYS H 98 -72.71 -34.59 0.48
CA CYS H 98 -72.39 -35.82 1.18
C CYS H 98 -71.38 -35.62 2.31
N GLY H 99 -70.94 -34.40 2.56
CA GLY H 99 -69.99 -34.16 3.64
C GLY H 99 -68.64 -34.81 3.43
N ALA H 100 -68.09 -34.73 2.22
CA ALA H 100 -66.78 -35.28 1.93
C ALA H 100 -65.68 -34.24 1.79
N GLY H 101 -66.01 -33.04 1.33
CA GLY H 101 -65.04 -31.99 1.15
C GLY H 101 -65.70 -30.65 1.06
N TYR H 102 -64.92 -29.64 0.68
CA TYR H 102 -65.41 -28.28 0.58
C TYR H 102 -64.94 -27.65 -0.72
N HIS H 103 -65.66 -26.62 -1.15
CA HIS H 103 -65.35 -25.88 -2.37
C HIS H 103 -65.01 -24.44 -2.00
N ILE H 104 -63.91 -23.93 -2.55
CA ILE H 104 -63.48 -22.55 -2.32
C ILE H 104 -64.24 -21.68 -3.32
N LEU H 105 -65.22 -20.93 -2.83
CA LEU H 105 -66.05 -20.09 -3.69
C LEU H 105 -65.50 -18.68 -3.87
N TRP H 106 -64.74 -18.18 -2.89
CA TRP H 106 -64.31 -16.79 -2.92
C TRP H 106 -62.94 -16.66 -2.27
N GLY H 107 -62.22 -15.61 -2.66
CA GLY H 107 -60.97 -15.22 -2.06
C GLY H 107 -59.88 -16.28 -2.19
N LEU H 108 -58.93 -16.20 -1.26
CA LEU H 108 -57.82 -17.16 -1.18
C LEU H 108 -57.04 -17.24 -2.49
N THR H 109 -56.79 -16.08 -3.10
CA THR H 109 -56.06 -16.04 -4.36
C THR H 109 -54.60 -16.45 -4.14
N ASN H 110 -53.85 -16.53 -5.25
CA ASN H 110 -52.46 -16.98 -5.24
C ASN H 110 -52.33 -18.39 -4.64
N GLU H 111 -53.33 -19.23 -4.93
CA GLU H 111 -53.36 -20.61 -4.44
C GLU H 111 -53.25 -20.64 -2.92
N ALA H 112 -54.20 -19.99 -2.25
CA ALA H 112 -54.21 -19.97 -0.79
C ALA H 112 -55.19 -20.99 -0.25
N VAL H 113 -54.77 -21.71 0.78
CA VAL H 113 -55.58 -22.75 1.39
C VAL H 113 -56.02 -22.29 2.78
N PRO H 114 -57.16 -22.76 3.29
CA PRO H 114 -57.58 -22.38 4.64
C PRO H 114 -56.60 -22.88 5.69
N THR H 115 -56.87 -22.47 6.93
CA THR H 115 -55.92 -22.72 8.02
C THR H 115 -55.73 -24.22 8.24
N SER H 116 -54.53 -24.57 8.70
CA SER H 116 -54.22 -25.96 9.02
C SER H 116 -55.01 -26.48 10.21
N GLU H 117 -55.67 -25.61 10.95
CA GLU H 117 -56.54 -26.01 12.04
C GLU H 117 -58.00 -26.14 11.62
N LEU H 118 -58.27 -26.18 10.32
CA LEU H 118 -59.64 -26.32 9.85
C LEU H 118 -60.32 -27.61 10.33
N PRO H 119 -59.69 -28.79 10.33
CA PRO H 119 -60.37 -29.98 10.86
C PRO H 119 -60.83 -29.81 12.29
N ALA H 120 -60.04 -29.14 13.13
CA ALA H 120 -60.48 -28.84 14.49
C ALA H 120 -61.68 -27.90 14.47
N HIS H 121 -61.74 -27.01 13.47
CA HIS H 121 -62.85 -26.06 13.39
C HIS H 121 -64.12 -26.73 12.89
N PHE H 122 -64.00 -27.68 11.96
CA PHE H 122 -65.18 -28.36 11.44
C PHE H 122 -65.74 -29.38 12.44
N LEU H 123 -64.88 -29.99 13.25
CA LEU H 123 -65.37 -30.87 14.30
C LEU H 123 -66.04 -30.09 15.43
N SER H 124 -65.52 -28.91 15.76
CA SER H 124 -66.08 -28.12 16.84
C SER H 124 -67.49 -27.62 16.50
N HIS H 125 -67.71 -27.23 15.24
CA HIS H 125 -69.04 -26.77 14.84
C HIS H 125 -70.08 -27.88 15.00
N SER H 126 -69.67 -29.15 14.86
CA SER H 126 -70.62 -30.25 14.98
C SER H 126 -71.09 -30.45 16.41
N GLU H 127 -70.19 -30.26 17.38
CA GLU H 127 -70.56 -30.46 18.78
C GLU H 127 -71.37 -29.29 19.33
N ARG H 128 -71.04 -28.07 18.92
CA ARG H 128 -71.70 -26.89 19.50
C ARG H 128 -73.13 -26.74 19.03
N ILE H 129 -73.43 -27.15 17.79
CA ILE H 129 -74.83 -27.12 17.35
C ILE H 129 -75.66 -28.10 18.16
N LYS H 130 -75.08 -29.23 18.55
CA LYS H 130 -75.80 -30.19 19.39
C LYS H 130 -76.01 -29.64 20.79
N ALA H 131 -74.96 -29.06 21.39
CA ALA H 131 -75.02 -28.68 22.80
C ALA H 131 -76.01 -27.54 23.03
N THR H 132 -76.00 -26.53 22.16
CA THR H 132 -76.82 -25.34 22.37
C THR H 132 -77.94 -25.21 21.34
N ASN H 133 -78.24 -26.28 20.60
CA ASN H 133 -79.37 -26.34 19.65
C ASN H 133 -79.22 -25.20 18.64
N GLY H 134 -78.20 -25.37 17.79
CA GLY H 134 -78.00 -24.48 16.66
C GLY H 134 -77.80 -23.03 16.99
N LYS H 135 -77.09 -22.73 18.09
CA LYS H 135 -76.87 -21.34 18.47
C LYS H 135 -75.44 -20.89 18.18
N ASP H 136 -74.44 -21.67 18.59
CA ASP H 136 -73.05 -21.27 18.41
C ASP H 136 -72.70 -21.22 16.92
N ARG H 137 -72.00 -20.15 16.54
CA ARG H 137 -71.60 -19.96 15.15
C ARG H 137 -70.18 -19.42 15.00
N VAL H 138 -69.42 -19.25 16.07
CA VAL H 138 -68.11 -18.61 16.02
C VAL H 138 -67.11 -19.46 16.79
N ILE H 139 -65.95 -19.72 16.17
CA ILE H 139 -64.80 -20.29 16.84
C ILE H 139 -63.61 -19.38 16.58
N MET H 140 -62.88 -19.03 17.64
CA MET H 140 -61.74 -18.14 17.55
C MET H 140 -60.57 -18.73 18.30
N HIS H 141 -59.36 -18.44 17.82
CA HIS H 141 -58.12 -18.82 18.46
C HIS H 141 -57.19 -17.62 18.47
N CYS H 142 -56.39 -17.51 19.52
CA CYS H 142 -55.46 -16.39 19.67
C CYS H 142 -54.49 -16.72 20.78
N HIS H 143 -53.31 -16.11 20.72
CA HIS H 143 -52.25 -16.35 21.70
C HIS H 143 -52.25 -15.21 22.72
N ALA H 144 -53.18 -15.30 23.66
CA ALA H 144 -53.26 -14.31 24.73
C ALA H 144 -52.09 -14.47 25.70
N THR H 145 -51.62 -13.36 26.24
CA THR H 145 -50.38 -13.36 27.01
C THR H 145 -50.58 -13.96 28.40
N ASN H 146 -51.42 -13.32 29.21
CA ASN H 146 -51.54 -13.73 30.62
C ASN H 146 -52.17 -15.11 30.74
N LEU H 147 -53.16 -15.42 29.92
CA LEU H 147 -53.80 -16.73 29.98
C LEU H 147 -52.80 -17.85 29.73
N ILE H 148 -51.93 -17.67 28.72
CA ILE H 148 -50.90 -18.66 28.44
C ILE H 148 -49.86 -18.70 29.56
N ALA H 149 -49.47 -17.53 30.07
CA ALA H 149 -48.36 -17.48 31.02
C ALA H 149 -48.74 -18.03 32.39
N LEU H 150 -50.04 -18.10 32.71
CA LEU H 150 -50.44 -18.58 34.02
C LEU H 150 -50.17 -20.07 34.20
N THR H 151 -50.21 -20.84 33.11
CA THR H 151 -50.12 -22.29 33.19
C THR H 151 -48.72 -22.78 33.58
N TYR H 152 -47.72 -21.90 33.62
CA TYR H 152 -46.37 -22.33 33.95
C TYR H 152 -46.14 -22.50 35.45
N VAL H 153 -47.02 -21.98 36.30
CA VAL H 153 -46.84 -22.05 37.74
C VAL H 153 -48.01 -22.82 38.36
N LEU H 154 -49.18 -22.72 37.74
CA LEU H 154 -50.38 -23.35 38.25
C LEU H 154 -50.45 -24.81 37.81
N GLU H 155 -51.59 -25.43 38.06
CA GLU H 155 -51.85 -26.81 37.68
C GLU H 155 -52.93 -26.85 36.60
N ASN H 156 -52.72 -27.69 35.59
CA ASN H 156 -53.60 -27.73 34.42
C ASN H 156 -54.74 -28.72 34.67
N ASP H 157 -55.64 -28.34 35.57
CA ASP H 157 -56.83 -29.10 35.85
C ASP H 157 -58.05 -28.19 35.76
N THR H 158 -59.17 -28.77 35.31
CA THR H 158 -60.38 -27.98 35.10
C THR H 158 -60.92 -27.40 36.40
N ALA H 159 -60.87 -28.20 37.49
CA ALA H 159 -61.47 -27.76 38.74
C ALA H 159 -60.76 -26.56 39.33
N VAL H 160 -59.44 -26.62 39.45
CA VAL H 160 -58.69 -25.54 40.09
C VAL H 160 -58.69 -24.30 39.21
N PHE H 161 -58.47 -24.47 37.91
CA PHE H 161 -58.35 -23.31 37.01
C PHE H 161 -59.62 -22.47 36.99
N THR H 162 -60.78 -23.13 36.86
CA THR H 162 -62.04 -22.39 36.81
C THR H 162 -62.31 -21.68 38.13
N ARG H 163 -61.90 -22.30 39.25
CA ARG H 163 -62.09 -21.66 40.55
C ARG H 163 -61.34 -20.34 40.64
N GLN H 164 -60.08 -20.32 40.19
CA GLN H 164 -59.32 -19.08 40.20
C GLN H 164 -59.91 -18.05 39.26
N LEU H 165 -60.34 -18.47 38.07
CA LEU H 165 -60.97 -17.54 37.15
C LEU H 165 -62.30 -17.03 37.68
N TRP H 166 -62.89 -17.74 38.65
CA TRP H 166 -64.12 -17.29 39.27
C TRP H 166 -63.88 -16.32 40.42
N GLU H 167 -62.64 -16.17 40.87
CA GLU H 167 -62.35 -15.34 42.04
C GLU H 167 -61.75 -13.98 41.69
N GLY H 168 -61.09 -13.86 40.54
CA GLY H 168 -60.46 -12.60 40.19
C GLY H 168 -61.45 -11.52 39.75
N SER H 169 -62.62 -11.92 39.26
CA SER H 169 -63.58 -10.95 38.74
C SER H 169 -64.99 -11.36 39.15
N THR H 170 -65.86 -10.36 39.27
CA THR H 170 -67.25 -10.64 39.62
C THR H 170 -68.03 -11.19 38.44
N GLU H 171 -67.77 -10.67 37.24
CA GLU H 171 -68.56 -11.01 36.05
C GLU H 171 -68.33 -12.43 35.56
N CYS H 172 -67.28 -13.10 36.03
CA CYS H 172 -66.84 -14.35 35.39
C CYS H 172 -67.89 -15.45 35.52
N LEU H 173 -68.52 -15.58 36.69
CA LEU H 173 -69.43 -16.69 36.90
C LEU H 173 -70.62 -16.64 35.94
N VAL H 174 -71.17 -15.45 35.71
CA VAL H 174 -72.29 -15.33 34.79
C VAL H 174 -71.85 -15.58 33.36
N VAL H 175 -70.64 -15.14 32.99
CA VAL H 175 -70.18 -15.27 31.61
C VAL H 175 -69.96 -16.73 31.24
N PHE H 176 -69.22 -17.46 32.07
CA PHE H 176 -68.96 -18.89 31.84
C PHE H 176 -69.26 -19.66 33.13
N PRO H 177 -70.52 -19.97 33.39
CA PRO H 177 -70.83 -20.86 34.52
C PRO H 177 -70.31 -22.27 34.33
N ASP H 178 -70.07 -22.68 33.09
CA ASP H 178 -69.64 -24.04 32.78
C ASP H 178 -68.13 -24.24 32.96
N GLY H 179 -67.38 -23.19 33.24
CA GLY H 179 -65.95 -23.32 33.42
C GLY H 179 -65.22 -23.42 32.10
N VAL H 180 -63.91 -23.70 32.21
CA VAL H 180 -63.03 -23.80 31.06
C VAL H 180 -62.34 -25.16 31.08
N GLY H 181 -62.30 -25.81 29.91
CA GLY H 181 -61.65 -27.09 29.77
C GLY H 181 -60.17 -26.95 29.44
N ILE H 182 -59.43 -28.03 29.64
CA ILE H 182 -57.99 -28.04 29.44
C ILE H 182 -57.56 -29.42 28.96
N LEU H 183 -56.54 -29.45 28.11
CA LEU H 183 -55.96 -30.67 27.54
C LEU H 183 -54.52 -30.82 28.02
N PRO H 184 -53.91 -31.99 27.79
CA PRO H 184 -52.47 -32.12 28.00
C PRO H 184 -51.69 -31.78 26.74
N TRP H 185 -50.38 -31.65 26.90
CA TRP H 185 -49.51 -31.29 25.78
C TRP H 185 -49.46 -32.43 24.77
N MET H 186 -49.69 -32.11 23.50
CA MET H 186 -49.44 -33.03 22.40
C MET H 186 -49.34 -32.20 21.12
N VAL H 187 -48.75 -32.82 20.10
CA VAL H 187 -48.30 -32.07 18.92
C VAL H 187 -49.50 -31.44 18.23
N PRO H 188 -49.46 -30.15 17.93
CA PRO H 188 -50.59 -29.49 17.26
C PRO H 188 -50.65 -29.81 15.77
N GLY H 189 -51.73 -29.37 15.14
CA GLY H 189 -51.90 -29.52 13.72
C GLY H 189 -52.30 -30.91 13.26
N THR H 190 -52.54 -31.84 14.19
CA THR H 190 -52.90 -33.20 13.85
C THR H 190 -54.40 -33.41 13.98
N ASP H 191 -54.87 -34.57 13.51
CA ASP H 191 -56.27 -34.92 13.64
C ASP H 191 -56.64 -35.28 15.07
N ALA H 192 -55.66 -35.68 15.89
CA ALA H 192 -55.94 -35.96 17.29
C ALA H 192 -56.31 -34.70 18.05
N ILE H 193 -55.62 -33.58 17.77
CA ILE H 193 -55.94 -32.33 18.46
C ILE H 193 -57.28 -31.78 17.97
N GLY H 194 -57.68 -32.12 16.74
CA GLY H 194 -59.01 -31.76 16.30
C GLY H 194 -60.09 -32.55 17.00
N GLN H 195 -59.75 -33.76 17.45
CA GLN H 195 -60.75 -34.62 18.08
C GLN H 195 -60.73 -34.49 19.60
N ALA H 196 -59.54 -34.33 20.19
CA ALA H 196 -59.46 -34.26 21.65
C ALA H 196 -60.16 -33.01 22.17
N THR H 197 -59.98 -31.87 21.50
CA THR H 197 -60.66 -30.65 21.92
C THR H 197 -62.15 -30.74 21.66
N ALA H 198 -62.56 -31.28 20.51
CA ALA H 198 -63.98 -31.42 20.20
C ALA H 198 -64.69 -32.29 21.23
N GLN H 199 -63.96 -33.21 21.87
CA GLN H 199 -64.53 -33.97 22.98
C GLN H 199 -64.85 -33.06 24.16
N GLU H 200 -63.98 -32.10 24.46
CA GLU H 200 -64.21 -31.18 25.56
C GLU H 200 -65.24 -30.11 25.21
N MET H 201 -65.52 -29.89 23.93
CA MET H 201 -66.41 -28.81 23.53
C MET H 201 -67.87 -29.14 23.77
N GLN H 202 -68.21 -30.40 24.07
CA GLN H 202 -69.58 -30.76 24.41
C GLN H 202 -69.97 -30.29 25.81
N LYS H 203 -68.99 -30.11 26.70
CA LYS H 203 -69.27 -29.76 28.08
C LYS H 203 -69.11 -28.28 28.38
N HIS H 204 -68.27 -27.57 27.63
CA HIS H 204 -67.98 -26.16 27.90
C HIS H 204 -67.94 -25.39 26.59
N SER H 205 -67.70 -24.09 26.69
CA SER H 205 -67.54 -23.23 25.54
C SER H 205 -66.13 -22.68 25.40
N LEU H 206 -65.32 -22.73 26.45
CA LEU H 206 -63.93 -22.29 26.43
C LEU H 206 -63.04 -23.49 26.74
N VAL H 207 -62.04 -23.73 25.89
CA VAL H 207 -61.01 -24.74 26.13
C VAL H 207 -59.67 -24.12 25.80
N LEU H 208 -58.73 -24.24 26.72
CA LEU H 208 -57.43 -23.59 26.61
C LEU H 208 -56.35 -24.64 26.39
N TRP H 209 -55.58 -24.46 25.32
CA TRP H 209 -54.44 -25.35 25.04
C TRP H 209 -53.24 -24.88 25.83
N PRO H 210 -52.66 -25.70 26.71
CA PRO H 210 -51.55 -25.23 27.54
C PRO H 210 -50.39 -24.73 26.70
N PHE H 211 -49.83 -23.59 27.11
CA PHE H 211 -48.65 -22.96 26.52
C PHE H 211 -48.82 -22.63 25.05
N HIS H 212 -50.03 -22.74 24.50
CA HIS H 212 -50.26 -22.50 23.08
C HIS H 212 -51.20 -21.34 22.84
N GLY H 213 -52.39 -21.35 23.44
CA GLY H 213 -53.38 -20.32 23.15
C GLY H 213 -54.71 -20.69 23.77
N VAL H 214 -55.78 -20.11 23.21
CA VAL H 214 -57.13 -20.33 23.72
C VAL H 214 -58.05 -20.69 22.56
N PHE H 215 -59.19 -21.26 22.92
CA PHE H 215 -60.29 -21.53 21.99
C PHE H 215 -61.56 -20.93 22.57
N GLY H 216 -62.44 -20.48 21.68
CA GLY H 216 -63.66 -19.82 22.10
C GLY H 216 -64.82 -20.17 21.20
N SER H 217 -66.02 -19.97 21.74
CA SER H 217 -67.26 -20.22 21.00
C SER H 217 -68.32 -19.25 21.49
N GLY H 218 -69.34 -19.05 20.66
CA GLY H 218 -70.42 -18.15 20.98
C GLY H 218 -71.41 -17.99 19.84
N PRO H 219 -72.48 -17.24 20.11
CA PRO H 219 -73.50 -17.03 19.06
C PRO H 219 -73.10 -15.96 18.06
N THR H 220 -72.39 -14.93 18.50
CA THR H 220 -71.98 -13.82 17.66
C THR H 220 -70.49 -13.55 17.85
N LEU H 221 -69.98 -12.64 17.01
CA LEU H 221 -68.57 -12.26 17.06
C LEU H 221 -68.29 -11.34 18.25
N ASP H 222 -69.25 -10.49 18.61
CA ASP H 222 -69.05 -9.55 19.71
C ASP H 222 -68.93 -10.27 21.05
N GLU H 223 -69.80 -11.25 21.30
CA GLU H 223 -69.76 -11.97 22.57
C GLU H 223 -68.49 -12.81 22.69
N THR H 224 -68.01 -13.37 21.57
CA THR H 224 -66.84 -14.24 21.62
C THR H 224 -65.60 -13.47 22.08
N PHE H 225 -65.44 -12.22 21.62
CA PHE H 225 -64.35 -11.39 22.12
C PHE H 225 -64.54 -11.08 23.61
N GLY H 226 -65.75 -10.70 24.00
CA GLY H 226 -66.03 -10.47 25.41
C GLY H 226 -65.96 -11.74 26.23
N LEU H 227 -66.19 -12.89 25.59
CA LEU H 227 -65.98 -14.17 26.24
C LEU H 227 -64.50 -14.41 26.53
N ILE H 228 -63.63 -13.93 25.64
CA ILE H 228 -62.19 -14.11 25.82
C ILE H 228 -61.60 -12.95 26.61
N ASP H 229 -62.08 -11.73 26.37
CA ASP H 229 -61.56 -10.58 27.09
C ASP H 229 -61.82 -10.68 28.58
N THR H 230 -62.90 -11.36 28.98
CA THR H 230 -63.19 -11.54 30.40
C THR H 230 -62.13 -12.39 31.07
N ALA H 231 -61.66 -13.45 30.39
CA ALA H 231 -60.64 -14.31 30.98
C ALA H 231 -59.31 -13.61 31.13
N GLU H 232 -58.88 -12.88 30.08
CA GLU H 232 -57.61 -12.17 30.15
C GLU H 232 -57.65 -11.06 31.20
N LYS H 233 -58.79 -10.36 31.30
CA LYS H 233 -58.91 -9.29 32.29
C LYS H 233 -58.79 -9.85 33.71
N SER H 234 -59.42 -10.98 33.97
CA SER H 234 -59.24 -11.64 35.26
C SER H 234 -57.82 -12.14 35.43
N ALA H 235 -57.23 -12.67 34.36
CA ALA H 235 -55.87 -13.20 34.43
C ALA H 235 -54.86 -12.10 34.74
N GLN H 236 -55.08 -10.91 34.20
CA GLN H 236 -54.18 -9.79 34.48
C GLN H 236 -54.18 -9.42 35.95
N VAL H 237 -55.31 -9.61 36.63
CA VAL H 237 -55.37 -9.31 38.06
C VAL H 237 -54.56 -10.33 38.87
N LEU H 238 -54.66 -11.61 38.51
CA LEU H 238 -53.94 -12.64 39.26
C LEU H 238 -52.43 -12.48 39.14
N VAL H 239 -51.94 -12.07 37.96
CA VAL H 239 -50.50 -11.92 37.77
C VAL H 239 -49.94 -10.88 38.73
N LYS H 240 -50.66 -9.77 38.93
CA LYS H 240 -50.16 -8.71 39.79
C LYS H 240 -50.10 -9.17 41.24
N VAL H 241 -51.17 -9.78 41.75
CA VAL H 241 -51.23 -10.11 43.17
C VAL H 241 -50.22 -11.20 43.52
N TYR H 242 -49.99 -12.16 42.63
CA TYR H 242 -49.05 -13.24 42.93
C TYR H 242 -47.64 -12.72 43.13
N SER H 243 -47.30 -11.58 42.52
CA SER H 243 -46.02 -10.94 42.77
C SER H 243 -46.10 -9.88 43.87
N MET H 244 -47.29 -9.63 44.42
CA MET H 244 -47.43 -8.73 45.56
C MET H 244 -47.08 -9.40 46.88
N GLY H 245 -47.27 -10.71 46.99
CA GLY H 245 -47.07 -11.42 48.23
C GLY H 245 -48.09 -12.52 48.43
N GLY H 246 -49.15 -12.49 47.62
CA GLY H 246 -50.16 -13.53 47.68
C GLY H 246 -51.60 -13.01 47.73
N MET H 247 -52.54 -13.87 47.34
CA MET H 247 -53.95 -13.52 47.37
C MET H 247 -54.44 -13.48 48.81
N LYS H 248 -55.03 -12.35 49.22
CA LYS H 248 -55.28 -12.15 50.64
C LYS H 248 -56.75 -11.85 50.92
N GLN H 249 -57.44 -11.17 50.01
CA GLN H 249 -58.89 -11.14 49.98
C GLN H 249 -59.38 -11.88 48.75
N THR H 250 -60.65 -12.26 48.77
CA THR H 250 -61.21 -13.12 47.72
C THR H 250 -62.73 -13.02 47.76
N ILE H 251 -63.38 -13.79 46.90
CA ILE H 251 -64.82 -14.00 46.93
C ILE H 251 -65.06 -15.39 47.49
N SER H 252 -65.59 -15.47 48.71
CA SER H 252 -65.76 -16.75 49.38
C SER H 252 -66.86 -17.56 48.70
N ARG H 253 -66.86 -18.87 49.00
CA ARG H 253 -67.79 -19.79 48.35
C ARG H 253 -69.23 -19.45 48.66
N GLU H 254 -69.52 -19.10 49.92
CA GLU H 254 -70.90 -18.77 50.28
C GLU H 254 -71.38 -17.52 49.53
N GLU H 255 -70.45 -16.63 49.16
CA GLU H 255 -70.81 -15.51 48.31
C GLU H 255 -71.10 -15.98 46.89
N LEU H 256 -70.32 -16.93 46.39
CA LEU H 256 -70.45 -17.37 45.00
C LEU H 256 -71.77 -18.07 44.75
N ILE H 257 -72.22 -18.90 45.71
CA ILE H 257 -73.47 -19.62 45.51
C ILE H 257 -74.64 -18.66 45.43
N ALA H 258 -74.61 -17.58 46.24
CA ALA H 258 -75.64 -16.56 46.15
C ALA H 258 -75.61 -15.85 44.80
N LEU H 259 -74.43 -15.73 44.18
CA LEU H 259 -74.35 -15.11 42.86
C LEU H 259 -75.13 -15.89 41.84
N GLY H 260 -74.96 -17.22 41.82
CA GLY H 260 -75.68 -18.04 40.85
C GLY H 260 -77.18 -18.03 41.06
N LYS H 261 -77.62 -18.06 42.32
CA LYS H 261 -79.05 -18.01 42.61
C LYS H 261 -79.65 -16.70 42.16
N ARG H 262 -78.96 -15.58 42.39
CA ARG H 262 -79.49 -14.29 42.01
C ARG H 262 -79.62 -14.16 40.49
N PHE H 263 -78.62 -14.64 39.76
CA PHE H 263 -78.61 -14.53 38.30
C PHE H 263 -79.21 -15.73 37.60
N GLY H 264 -79.66 -16.74 38.34
CA GLY H 264 -80.34 -17.87 37.75
C GLY H 264 -79.49 -18.70 36.82
N VAL H 265 -78.27 -19.02 37.25
CA VAL H 265 -77.36 -19.86 36.47
C VAL H 265 -76.89 -21.01 37.35
N THR H 266 -76.43 -22.07 36.71
CA THR H 266 -76.00 -23.26 37.41
C THR H 266 -74.48 -23.30 37.44
N PRO H 267 -73.83 -22.99 38.55
CA PRO H 267 -72.37 -23.05 38.60
C PRO H 267 -71.87 -24.49 38.53
N LEU H 268 -70.66 -24.65 38.02
CA LEU H 268 -70.05 -25.97 37.89
C LEU H 268 -69.88 -26.60 39.27
N ALA H 269 -70.59 -27.70 39.51
CA ALA H 269 -70.59 -28.33 40.83
C ALA H 269 -69.20 -28.83 41.20
N SER H 270 -68.46 -29.37 40.25
CA SER H 270 -67.11 -29.84 40.52
C SER H 270 -66.21 -28.69 40.93
N ALA H 271 -66.33 -27.54 40.25
CA ALA H 271 -65.52 -26.38 40.60
C ALA H 271 -65.99 -25.71 41.89
N LEU H 272 -67.30 -25.70 42.13
CA LEU H 272 -67.84 -25.06 43.33
C LEU H 272 -67.55 -25.87 44.60
N ALA H 273 -67.18 -27.14 44.46
CA ALA H 273 -66.92 -27.97 45.64
C ALA H 273 -65.64 -27.54 46.36
N LEU H 274 -64.71 -26.90 45.64
CA LEU H 274 -63.46 -26.47 46.25
C LEU H 274 -63.69 -25.35 47.25
N MET I 1 27.82 24.92 -34.58
CA MET I 1 27.79 24.51 -33.18
C MET I 1 28.66 23.28 -32.97
N GLN I 2 29.50 23.32 -31.94
CA GLN I 2 30.35 22.18 -31.62
C GLN I 2 29.49 20.99 -31.21
N ASN I 3 29.86 19.81 -31.71
CA ASN I 3 29.10 18.61 -31.39
C ASN I 3 29.23 18.26 -29.92
N ILE I 4 28.23 17.54 -29.41
CA ILE I 4 28.22 17.14 -28.00
C ILE I 4 29.34 16.14 -27.72
N THR I 5 29.75 15.36 -28.72
CA THR I 5 30.81 14.38 -28.51
C THR I 5 32.16 15.03 -28.24
N GLN I 6 32.30 16.33 -28.51
CA GLN I 6 33.53 17.06 -28.23
C GLN I 6 33.44 17.89 -26.96
N SER I 7 32.44 17.61 -26.12
CA SER I 7 32.27 18.35 -24.88
C SER I 7 33.38 18.00 -23.89
N TRP I 8 33.48 18.81 -22.83
CA TRP I 8 34.54 18.61 -21.86
C TRP I 8 34.27 17.42 -20.94
N PHE I 9 33.03 16.94 -20.86
CA PHE I 9 32.73 15.80 -20.00
C PHE I 9 32.72 14.48 -20.73
N VAL I 10 32.39 14.46 -22.02
CA VAL I 10 32.48 13.23 -22.79
C VAL I 10 33.94 12.86 -23.03
N GLN I 11 34.77 13.85 -23.38
CA GLN I 11 36.19 13.58 -23.58
C GLN I 11 36.87 13.18 -22.28
N GLY I 12 36.30 13.57 -21.14
CA GLY I 12 36.85 13.15 -19.86
C GLY I 12 36.40 11.77 -19.44
N MET I 13 35.26 11.31 -19.96
CA MET I 13 34.79 9.97 -19.63
C MET I 13 35.49 8.91 -20.47
N ILE I 14 35.96 9.27 -21.66
CA ILE I 14 36.75 8.35 -22.47
C ILE I 14 38.10 8.08 -21.79
N LYS I 15 38.73 9.12 -21.26
CA LYS I 15 40.05 8.99 -20.67
C LYS I 15 40.03 8.05 -19.47
N ALA I 16 39.00 8.14 -18.63
CA ALA I 16 38.95 7.32 -17.43
C ALA I 16 38.84 5.83 -17.76
N THR I 17 38.00 5.48 -18.72
CA THR I 17 37.81 4.07 -19.07
C THR I 17 38.98 3.53 -19.89
N THR I 18 39.54 4.34 -20.79
CA THR I 18 40.67 3.89 -21.59
C THR I 18 41.89 3.63 -20.72
N ASP I 19 42.14 4.50 -19.74
CA ASP I 19 43.30 4.34 -18.88
C ASP I 19 43.19 3.06 -18.03
N ALA I 20 41.98 2.71 -17.60
CA ALA I 20 41.80 1.53 -16.78
C ALA I 20 41.92 0.25 -17.60
N TRP I 21 41.64 0.33 -18.90
CA TRP I 21 41.77 -0.85 -19.76
C TRP I 21 43.23 -1.27 -19.90
N LEU I 22 44.14 -0.29 -19.96
CA LEU I 22 45.56 -0.61 -20.02
C LEU I 22 46.12 -1.08 -18.68
N LYS I 23 45.41 -0.81 -17.59
CA LYS I 23 45.81 -1.35 -16.29
C LYS I 23 45.40 -2.82 -16.16
N GLY I 24 44.27 -3.21 -16.73
CA GLY I 24 43.84 -4.59 -16.69
C GLY I 24 42.80 -4.92 -15.66
N TRP I 25 42.09 -3.93 -15.12
CA TRP I 25 41.08 -4.16 -14.09
C TRP I 25 39.68 -4.35 -14.63
N ASP I 26 39.49 -4.29 -15.95
CA ASP I 26 38.16 -4.26 -16.55
C ASP I 26 38.05 -5.26 -17.69
N GLU I 27 38.46 -6.50 -17.44
CA GLU I 27 38.27 -7.56 -18.43
C GLU I 27 36.79 -7.74 -18.73
N ARG I 28 36.48 -8.05 -19.99
CA ARG I 28 35.12 -8.15 -20.49
C ARG I 28 34.33 -6.88 -20.20
N ASN I 29 33.26 -6.98 -19.41
CA ASN I 29 32.42 -5.85 -19.05
C ASN I 29 32.34 -5.68 -17.54
N GLY I 30 33.50 -5.74 -16.87
CA GLY I 30 33.55 -5.54 -15.44
C GLY I 30 33.89 -4.11 -15.08
N GLY I 31 33.07 -3.51 -14.23
CA GLY I 31 33.27 -2.14 -13.80
C GLY I 31 32.37 -1.16 -14.53
N ASN I 32 32.08 -0.05 -13.85
CA ASN I 32 31.23 0.99 -14.41
C ASN I 32 31.57 2.32 -13.75
N LEU I 33 31.12 3.41 -14.38
CA LEU I 33 31.46 4.76 -13.95
C LEU I 33 30.26 5.68 -14.14
N THR I 34 30.08 6.60 -13.19
CA THR I 34 29.03 7.60 -13.25
C THR I 34 29.59 8.95 -12.84
N LEU I 35 29.03 10.01 -13.41
CA LEU I 35 29.47 11.38 -13.13
C LEU I 35 28.25 12.28 -13.01
N ARG I 36 28.33 13.25 -12.09
CA ARG I 36 27.26 14.20 -11.85
C ARG I 36 27.58 15.53 -12.53
N LEU I 37 26.59 16.10 -13.20
CA LEU I 37 26.74 17.33 -13.96
C LEU I 37 25.80 18.40 -13.42
N ASP I 38 25.82 19.56 -14.06
CA ASP I 38 24.93 20.67 -13.73
C ASP I 38 24.11 21.03 -14.96
N ASP I 39 22.95 21.65 -14.71
CA ASP I 39 22.02 21.93 -15.80
C ASP I 39 22.60 22.92 -16.80
N ALA I 40 23.56 23.73 -16.38
CA ALA I 40 24.20 24.67 -17.31
C ALA I 40 25.16 23.95 -18.25
N ASP I 41 25.72 22.82 -17.82
CA ASP I 41 26.69 22.11 -18.65
C ASP I 41 26.06 21.56 -19.92
N ILE I 42 24.85 21.01 -19.81
CA ILE I 42 24.19 20.38 -20.95
C ILE I 42 23.24 21.31 -21.68
N ALA I 43 23.15 22.57 -21.26
CA ALA I 43 22.23 23.51 -21.91
C ALA I 43 22.56 23.76 -23.38
N PRO I 44 23.81 24.07 -23.77
CA PRO I 44 24.06 24.37 -25.20
C PRO I 44 23.82 23.19 -26.12
N TYR I 45 23.81 21.95 -25.61
CA TYR I 45 23.70 20.76 -26.44
C TYR I 45 22.26 20.28 -26.57
N HIS I 46 21.30 21.21 -26.48
CA HIS I 46 19.89 20.88 -26.60
C HIS I 46 19.54 20.33 -27.99
N ASP I 47 20.23 20.79 -29.04
CA ASP I 47 19.84 20.45 -30.40
C ASP I 47 19.89 18.94 -30.65
N ASN I 48 20.94 18.28 -30.16
CA ASN I 48 21.16 16.87 -30.44
C ASN I 48 20.35 15.93 -29.55
N PHE I 49 19.59 16.48 -28.60
CA PHE I 49 18.82 15.64 -27.68
C PHE I 49 17.74 14.87 -28.41
N HIS I 50 17.48 13.65 -27.96
CA HIS I 50 16.45 12.82 -28.57
C HIS I 50 15.07 13.45 -28.37
N GLN I 51 14.22 13.32 -29.38
CA GLN I 51 12.89 13.91 -29.33
C GLN I 51 11.89 13.07 -28.55
N GLN I 52 12.23 11.83 -28.22
CA GLN I 52 11.35 10.93 -27.46
C GLN I 52 12.12 10.34 -26.30
N PRO I 53 12.36 11.13 -25.24
CA PRO I 53 13.11 10.62 -24.08
C PRO I 53 12.41 9.42 -23.45
N ARG I 54 13.10 8.28 -23.48
CA ARG I 54 12.58 7.08 -22.84
C ARG I 54 12.53 7.27 -21.32
N TYR I 55 11.47 6.77 -20.72
CA TYR I 55 11.26 6.89 -19.27
C TYR I 55 11.44 5.53 -18.62
N ILE I 56 12.30 5.48 -17.61
CA ILE I 56 12.62 4.25 -16.89
C ILE I 56 12.28 4.45 -15.42
N PRO I 57 11.32 3.72 -14.86
CA PRO I 57 11.01 3.88 -13.44
C PRO I 57 12.16 3.39 -12.55
N LEU I 58 12.26 4.01 -11.38
CA LEU I 58 13.24 3.62 -10.38
C LEU I 58 12.65 2.64 -9.38
N SER I 59 13.52 1.82 -8.80
CA SER I 59 13.06 0.82 -7.84
C SER I 59 12.48 1.47 -6.59
N GLN I 60 13.15 2.50 -6.07
CA GLN I 60 12.73 3.19 -4.86
C GLN I 60 12.95 4.68 -5.04
N PRO I 61 12.18 5.51 -4.33
CA PRO I 61 12.28 6.96 -4.53
C PRO I 61 13.65 7.50 -4.14
N MET I 62 14.10 8.50 -4.88
CA MET I 62 15.34 9.23 -4.58
C MET I 62 15.06 10.72 -4.67
N PRO I 63 14.34 11.27 -3.68
CA PRO I 63 13.94 12.68 -3.77
C PRO I 63 15.10 13.66 -3.78
N LEU I 64 16.22 13.31 -3.15
CA LEU I 64 17.33 14.26 -3.04
C LEU I 64 17.93 14.59 -4.40
N LEU I 65 17.85 13.66 -5.36
CA LEU I 65 18.49 13.82 -6.65
C LEU I 65 17.54 14.37 -7.72
N ALA I 66 16.46 15.04 -7.31
CA ALA I 66 15.48 15.52 -8.27
C ALA I 66 16.08 16.60 -9.16
N ASN I 67 15.71 16.57 -10.45
CA ASN I 67 16.14 17.56 -11.43
C ASN I 67 17.66 17.61 -11.56
N THR I 68 18.30 16.45 -11.52
CA THR I 68 19.75 16.36 -11.59
C THR I 68 20.16 15.51 -12.79
N PRO I 69 21.02 16.01 -13.67
CA PRO I 69 21.52 15.20 -14.79
C PRO I 69 22.82 14.47 -14.47
N PHE I 70 23.02 13.37 -15.18
CA PHE I 70 24.22 12.55 -15.03
C PHE I 70 24.71 12.11 -16.40
N ILE I 71 25.86 11.44 -16.41
CA ILE I 71 26.36 10.71 -17.58
C ILE I 71 26.91 9.38 -17.09
N VAL I 72 26.53 8.29 -17.75
CA VAL I 72 26.80 6.94 -17.29
C VAL I 72 27.38 6.11 -18.42
N THR I 73 27.67 4.85 -18.12
CA THR I 73 28.07 3.85 -19.10
C THR I 73 26.96 2.82 -19.28
N GLY I 74 26.94 2.20 -20.45
CA GLY I 74 25.90 1.25 -20.78
C GLY I 74 26.04 -0.06 -20.03
N SER I 75 25.05 -0.92 -20.20
CA SER I 75 25.03 -2.24 -19.58
C SER I 75 25.53 -3.28 -20.58
N GLY I 76 26.49 -4.10 -20.14
CA GLY I 76 27.08 -5.07 -21.03
C GLY I 76 28.05 -4.51 -22.05
N LYS I 77 28.57 -3.31 -21.82
CA LYS I 77 29.49 -2.67 -22.73
C LYS I 77 30.93 -2.93 -22.32
N PHE I 78 31.83 -2.88 -23.30
CA PHE I 78 33.26 -3.10 -23.08
C PHE I 78 33.95 -1.76 -22.88
N PHE I 79 34.76 -1.65 -21.83
CA PHE I 79 35.49 -0.42 -21.57
C PHE I 79 36.46 -0.09 -22.71
N ARG I 80 36.89 -1.08 -23.48
CA ARG I 80 37.80 -0.84 -24.59
C ARG I 80 37.12 -0.19 -25.78
N ASN I 81 35.81 -0.36 -25.93
CA ASN I 81 35.08 0.13 -27.09
C ASN I 81 34.58 1.56 -26.94
N VAL I 82 34.72 2.16 -25.76
CA VAL I 82 34.17 3.49 -25.53
C VAL I 82 34.85 4.52 -26.43
N GLN I 83 36.15 4.37 -26.65
CA GLN I 83 36.87 5.30 -27.51
C GLN I 83 36.48 5.17 -28.98
N LEU I 84 35.89 4.05 -29.36
CA LEU I 84 35.55 3.81 -30.77
C LEU I 84 34.20 4.39 -31.15
N ASP I 85 33.18 4.21 -30.31
CA ASP I 85 31.84 4.71 -30.60
C ASP I 85 31.25 5.28 -29.31
N PRO I 86 31.49 6.56 -29.03
CA PRO I 86 30.98 7.14 -27.78
C PRO I 86 29.47 7.12 -27.66
N ALA I 87 28.74 7.27 -28.77
CA ALA I 87 27.30 7.41 -28.69
C ALA I 87 26.60 6.09 -28.36
N ALA I 88 27.27 4.96 -28.59
CA ALA I 88 26.67 3.66 -28.32
C ALA I 88 27.01 3.12 -26.94
N ASN I 89 28.03 3.68 -26.28
CA ASN I 89 28.48 3.17 -24.98
C ASN I 89 28.19 4.12 -23.83
N LEU I 90 27.82 5.36 -24.11
CA LEU I 90 27.57 6.36 -23.07
C LEU I 90 26.18 6.97 -23.29
N GLY I 91 25.64 7.55 -22.22
CA GLY I 91 24.34 8.18 -22.29
C GLY I 91 24.19 9.25 -21.24
N ILE I 92 23.14 10.06 -21.40
CA ILE I 92 22.84 11.17 -20.50
C ILE I 92 21.45 10.95 -19.93
N VAL I 93 21.35 10.98 -18.60
CA VAL I 93 20.08 10.77 -17.90
C VAL I 93 19.75 12.02 -17.10
N LYS I 94 18.48 12.13 -16.70
CA LYS I 94 18.01 13.26 -15.92
C LYS I 94 16.86 12.81 -15.04
N VAL I 95 17.04 12.90 -13.72
CA VAL I 95 15.99 12.53 -12.79
C VAL I 95 14.88 13.56 -12.83
N ASP I 96 13.63 13.09 -12.72
CA ASP I 96 12.48 13.98 -12.82
C ASP I 96 12.29 14.79 -11.55
N SER I 97 11.23 15.60 -11.52
CA SER I 97 11.01 16.54 -10.43
C SER I 97 10.57 15.86 -9.14
N CYS I 98 10.11 14.61 -9.21
CA CYS I 98 9.67 13.89 -8.02
C CYS I 98 10.71 12.91 -7.48
N GLY I 99 11.50 12.30 -8.34
CA GLY I 99 12.51 11.35 -7.90
C GLY I 99 12.11 9.90 -8.02
N ALA I 100 11.19 9.55 -8.93
CA ALA I 100 10.77 8.18 -9.13
C ALA I 100 11.15 7.63 -10.49
N GLY I 101 12.01 8.32 -11.23
CA GLY I 101 12.41 7.85 -12.54
C GLY I 101 13.33 8.86 -13.20
N TYR I 102 13.69 8.55 -14.44
CA TYR I 102 14.57 9.43 -15.20
C TYR I 102 14.28 9.29 -16.69
N HIS I 103 14.76 10.25 -17.45
CA HIS I 103 14.65 10.26 -18.89
C HIS I 103 16.03 10.05 -19.53
N ILE I 104 16.03 9.69 -20.81
CA ILE I 104 17.25 9.52 -21.59
C ILE I 104 17.20 10.52 -22.73
N LEU I 105 18.20 11.42 -22.76
CA LEU I 105 18.20 12.52 -23.72
C LEU I 105 19.12 12.29 -24.90
N TRP I 106 20.24 11.60 -24.71
CA TRP I 106 21.24 11.45 -25.77
C TRP I 106 22.04 10.18 -25.54
N GLY I 107 22.44 9.54 -26.63
CA GLY I 107 23.27 8.35 -26.54
C GLY I 107 22.48 7.08 -26.29
N LEU I 108 23.24 6.02 -26.02
CA LEU I 108 22.69 4.69 -25.75
C LEU I 108 21.77 4.23 -26.88
N THR I 109 22.27 4.36 -28.10
CA THR I 109 21.47 4.04 -29.27
C THR I 109 21.21 2.53 -29.36
N ASN I 110 20.26 2.17 -30.22
CA ASN I 110 19.88 0.78 -30.47
C ASN I 110 19.43 0.09 -29.18
N GLU I 111 18.65 0.80 -28.38
CA GLU I 111 18.05 0.27 -27.14
C GLU I 111 19.18 -0.21 -26.22
N ALA I 112 19.88 0.76 -25.63
CA ALA I 112 20.86 0.46 -24.59
C ALA I 112 20.44 1.11 -23.28
N VAL I 113 20.70 0.40 -22.19
CA VAL I 113 20.23 0.84 -20.87
C VAL I 113 21.45 1.02 -19.97
N PRO I 114 21.34 1.89 -18.96
CA PRO I 114 22.47 2.12 -18.05
C PRO I 114 22.86 0.85 -17.31
N THR I 115 23.97 0.97 -16.57
CA THR I 115 24.55 -0.19 -15.90
C THR I 115 23.61 -0.76 -14.85
N SER I 116 23.71 -2.07 -14.66
CA SER I 116 22.82 -2.76 -13.71
C SER I 116 23.12 -2.38 -12.27
N GLU I 117 24.28 -1.80 -11.99
CA GLU I 117 24.63 -1.37 -10.64
C GLU I 117 24.30 0.09 -10.38
N LEU I 118 23.35 0.66 -11.13
CA LEU I 118 22.96 2.04 -10.91
C LEU I 118 22.39 2.30 -9.52
N PRO I 119 21.53 1.45 -8.94
CA PRO I 119 21.08 1.71 -7.57
C PRO I 119 22.21 1.86 -6.57
N ALA I 120 23.26 1.06 -6.69
CA ALA I 120 24.43 1.24 -5.83
C ALA I 120 25.11 2.57 -6.09
N HIS I 121 25.22 2.97 -7.35
CA HIS I 121 25.81 4.25 -7.69
C HIS I 121 24.94 5.41 -7.22
N PHE I 122 23.62 5.30 -7.43
CA PHE I 122 22.71 6.38 -7.06
C PHE I 122 22.62 6.56 -5.55
N LEU I 123 22.59 5.46 -4.79
CA LEU I 123 22.49 5.58 -3.34
C LEU I 123 23.76 6.16 -2.73
N SER I 124 24.92 5.84 -3.29
CA SER I 124 26.17 6.41 -2.78
C SER I 124 26.33 7.87 -3.19
N HIS I 125 25.78 8.25 -4.35
CA HIS I 125 25.79 9.66 -4.76
C HIS I 125 25.04 10.51 -3.75
N SER I 126 23.88 10.05 -3.31
CA SER I 126 23.06 10.81 -2.38
C SER I 126 23.73 10.94 -1.01
N GLU I 127 24.36 9.87 -0.53
CA GLU I 127 24.90 9.87 0.82
C GLU I 127 26.13 10.76 0.91
N ARG I 128 27.05 10.64 -0.05
CA ARG I 128 28.31 11.38 0.01
C ARG I 128 28.11 12.89 -0.11
N ILE I 129 26.93 13.35 -0.55
CA ILE I 129 26.66 14.79 -0.54
C ILE I 129 26.52 15.29 0.90
N LYS I 130 25.91 14.48 1.77
CA LYS I 130 25.68 14.92 3.14
C LYS I 130 26.97 14.93 3.94
N ALA I 131 27.81 13.91 3.77
CA ALA I 131 29.02 13.78 4.57
C ALA I 131 30.17 14.64 4.06
N THR I 132 30.01 15.31 2.92
CA THR I 132 31.09 16.07 2.30
C THR I 132 30.67 17.50 1.95
N ASN I 133 29.38 17.80 2.00
CA ASN I 133 28.81 19.11 1.69
C ASN I 133 28.95 19.41 0.21
N GLY I 134 28.45 18.50 -0.63
CA GLY I 134 28.31 18.76 -2.05
C GLY I 134 29.59 18.96 -2.82
N LYS I 135 30.63 18.17 -2.56
CA LYS I 135 31.88 18.26 -3.31
C LYS I 135 32.17 17.01 -4.12
N ASP I 136 31.91 15.83 -3.56
CA ASP I 136 32.15 14.59 -4.29
C ASP I 136 31.12 14.43 -5.40
N ARG I 137 31.57 14.08 -6.60
CA ARG I 137 30.70 13.98 -7.75
C ARG I 137 30.85 12.70 -8.57
N VAL I 138 31.87 11.87 -8.30
CA VAL I 138 32.20 10.75 -9.16
C VAL I 138 32.19 9.47 -8.33
N ILE I 139 31.70 8.38 -8.92
CA ILE I 139 31.72 7.05 -8.33
C ILE I 139 32.32 6.09 -9.35
N MET I 140 33.26 5.25 -8.92
CA MET I 140 33.95 4.32 -9.79
C MET I 140 34.04 2.94 -9.15
N HIS I 141 33.86 1.90 -9.96
CA HIS I 141 33.97 0.51 -9.53
C HIS I 141 34.89 -0.24 -10.48
N CYS I 142 35.82 -1.02 -9.93
CA CYS I 142 36.74 -1.80 -10.75
C CYS I 142 37.27 -2.98 -9.94
N HIS I 143 37.65 -4.03 -10.66
CA HIS I 143 38.18 -5.26 -10.06
C HIS I 143 39.70 -5.13 -10.00
N ALA I 144 40.23 -4.77 -8.84
CA ALA I 144 41.67 -4.69 -8.66
C ALA I 144 42.28 -6.09 -8.68
N THR I 145 43.36 -6.25 -9.43
CA THR I 145 43.91 -7.59 -9.64
C THR I 145 44.56 -8.15 -8.38
N ASN I 146 45.27 -7.31 -7.63
CA ASN I 146 46.00 -7.76 -6.45
C ASN I 146 45.14 -7.69 -5.19
N LEU I 147 44.26 -6.68 -5.10
CA LEU I 147 43.43 -6.54 -3.92
C LEU I 147 42.51 -7.74 -3.71
N ILE I 148 42.17 -8.46 -4.78
CA ILE I 148 41.42 -9.70 -4.62
C ILE I 148 42.29 -10.77 -3.99
N ALA I 149 43.57 -10.83 -4.36
CA ALA I 149 44.47 -11.83 -3.80
C ALA I 149 44.64 -11.64 -2.30
N LEU I 150 44.73 -10.39 -1.84
CA LEU I 150 44.89 -10.14 -0.41
C LEU I 150 43.71 -10.64 0.39
N THR I 151 42.51 -10.67 -0.21
CA THR I 151 41.34 -11.11 0.53
C THR I 151 41.36 -12.61 0.80
N TYR I 152 41.91 -13.40 -0.12
CA TYR I 152 41.96 -14.85 0.05
C TYR I 152 42.89 -15.29 1.17
N VAL I 153 43.75 -14.41 1.68
CA VAL I 153 44.73 -14.79 2.70
C VAL I 153 44.66 -13.94 3.95
N LEU I 154 44.03 -12.78 3.93
CA LEU I 154 43.98 -11.89 5.09
C LEU I 154 42.61 -11.98 5.75
N GLU I 155 42.58 -11.68 7.05
CA GLU I 155 41.35 -11.78 7.82
C GLU I 155 40.36 -10.71 7.37
N ASN I 156 39.12 -11.12 7.11
CA ASN I 156 38.09 -10.22 6.56
C ASN I 156 37.52 -9.37 7.69
N ASP I 157 38.32 -8.41 8.13
CA ASP I 157 37.94 -7.47 9.17
C ASP I 157 38.39 -6.06 8.77
N THR I 158 37.69 -5.07 9.30
CA THR I 158 37.99 -3.68 8.93
C THR I 158 39.28 -3.19 9.56
N ALA I 159 39.60 -3.65 10.78
CA ALA I 159 40.70 -3.08 11.53
C ALA I 159 42.06 -3.44 10.92
N VAL I 160 42.38 -4.74 10.86
CA VAL I 160 43.70 -5.16 10.41
C VAL I 160 43.89 -4.84 8.93
N PHE I 161 42.83 -4.99 8.13
CA PHE I 161 42.91 -4.70 6.70
C PHE I 161 43.33 -3.26 6.46
N THR I 162 42.69 -2.32 7.16
CA THR I 162 43.04 -0.91 7.00
C THR I 162 44.48 -0.63 7.39
N ARG I 163 44.93 -1.22 8.50
CA ARG I 163 46.27 -0.93 8.99
C ARG I 163 47.36 -1.50 8.09
N GLN I 164 47.08 -2.60 7.39
CA GLN I 164 48.11 -3.22 6.55
C GLN I 164 48.39 -2.37 5.32
N LEU I 165 47.35 -1.91 4.63
CA LEU I 165 47.56 -1.01 3.49
C LEU I 165 48.15 0.31 3.93
N TRP I 166 47.94 0.70 5.19
CA TRP I 166 48.55 1.91 5.72
C TRP I 166 50.06 1.77 5.85
N GLU I 167 50.57 0.54 5.88
CA GLU I 167 52.00 0.29 6.00
C GLU I 167 52.71 0.14 4.66
N GLY I 168 51.95 0.15 3.55
CA GLY I 168 52.57 0.00 2.24
C GLY I 168 53.45 1.16 1.84
N SER I 169 53.01 2.38 2.06
CA SER I 169 53.79 3.56 1.66
C SER I 169 53.38 4.74 2.53
N THR I 170 54.22 5.77 2.50
CA THR I 170 54.00 6.94 3.35
C THR I 170 52.75 7.70 2.96
N GLU I 171 52.52 7.89 1.65
CA GLU I 171 51.39 8.66 1.18
C GLU I 171 50.04 7.98 1.42
N CYS I 172 50.05 6.71 1.81
CA CYS I 172 48.79 6.01 2.10
C CYS I 172 48.04 6.66 3.24
N LEU I 173 48.74 7.10 4.28
CA LEU I 173 48.08 7.73 5.42
C LEU I 173 47.34 8.99 5.01
N VAL I 174 47.99 9.85 4.22
CA VAL I 174 47.38 11.14 3.87
C VAL I 174 46.17 10.94 2.98
N VAL I 175 46.25 10.05 2.00
CA VAL I 175 45.22 9.95 0.98
C VAL I 175 43.90 9.45 1.57
N PHE I 176 43.95 8.39 2.37
CA PHE I 176 42.74 7.80 2.95
C PHE I 176 42.92 7.64 4.46
N PRO I 177 42.81 8.75 5.20
CA PRO I 177 42.85 8.64 6.67
C PRO I 177 41.68 7.87 7.26
N ASP I 178 40.57 7.79 6.55
CA ASP I 178 39.38 7.10 7.06
C ASP I 178 39.40 5.61 6.79
N GLY I 179 40.44 5.10 6.13
CA GLY I 179 40.56 3.67 5.92
C GLY I 179 39.63 3.16 4.82
N VAL I 180 39.40 1.84 4.87
CA VAL I 180 38.57 1.16 3.89
C VAL I 180 37.52 0.36 4.64
N GLY I 181 36.44 0.03 3.94
CA GLY I 181 35.35 -0.76 4.48
C GLY I 181 35.30 -2.13 3.84
N ILE I 182 34.97 -3.14 4.63
CA ILE I 182 34.86 -4.52 4.17
C ILE I 182 33.50 -5.05 4.55
N LEU I 183 32.82 -5.69 3.62
CA LEU I 183 31.48 -6.20 3.81
C LEU I 183 31.47 -7.72 3.78
N PRO I 184 30.51 -8.36 4.46
CA PRO I 184 30.33 -9.81 4.29
C PRO I 184 29.93 -10.14 2.86
N TRP I 185 30.32 -11.31 2.41
CA TRP I 185 30.09 -11.71 1.02
C TRP I 185 28.59 -11.82 0.76
N MET I 186 28.10 -11.04 -0.21
CA MET I 186 26.71 -11.10 -0.65
C MET I 186 26.69 -11.13 -2.18
N VAL I 187 25.58 -11.60 -2.71
CA VAL I 187 25.44 -11.73 -4.16
C VAL I 187 25.41 -10.34 -4.80
N PRO I 188 26.26 -10.04 -5.76
CA PRO I 188 26.25 -8.70 -6.38
C PRO I 188 25.01 -8.49 -7.22
N GLY I 189 24.68 -7.21 -7.41
CA GLY I 189 23.52 -6.84 -8.19
C GLY I 189 22.21 -6.81 -7.44
N THR I 190 22.23 -7.03 -6.12
CA THR I 190 21.04 -7.02 -5.30
C THR I 190 20.87 -5.66 -4.64
N ASP I 191 19.62 -5.36 -4.26
CA ASP I 191 19.35 -4.12 -3.54
C ASP I 191 19.95 -4.15 -2.14
N ALA I 192 20.11 -5.33 -1.56
CA ALA I 192 20.71 -5.44 -0.24
C ALA I 192 22.16 -4.98 -0.25
N ILE I 193 22.91 -5.34 -1.31
CA ILE I 193 24.31 -4.92 -1.40
C ILE I 193 24.41 -3.42 -1.63
N GLY I 194 23.40 -2.82 -2.28
CA GLY I 194 23.42 -1.38 -2.47
C GLY I 194 23.26 -0.62 -1.16
N GLN I 195 22.34 -1.08 -0.30
CA GLN I 195 22.14 -0.41 0.98
C GLN I 195 23.35 -0.58 1.89
N ALA I 196 23.93 -1.77 1.93
CA ALA I 196 25.10 -2.01 2.76
C ALA I 196 26.30 -1.20 2.30
N THR I 197 26.47 -1.04 0.99
CA THR I 197 27.57 -0.22 0.47
C THR I 197 27.40 1.24 0.89
N ALA I 198 26.17 1.76 0.83
CA ALA I 198 25.92 3.15 1.19
C ALA I 198 26.20 3.40 2.67
N GLN I 199 25.95 2.41 3.52
CA GLN I 199 26.19 2.60 4.96
C GLN I 199 27.66 2.79 5.26
N GLU I 200 28.54 2.03 4.59
CA GLU I 200 29.97 2.19 4.83
C GLU I 200 30.54 3.45 4.18
N MET I 201 29.88 3.97 3.13
CA MET I 201 30.33 5.21 2.52
C MET I 201 30.13 6.42 3.41
N GLN I 202 29.37 6.28 4.50
CA GLN I 202 29.20 7.38 5.45
C GLN I 202 30.48 7.67 6.22
N LYS I 203 31.43 6.75 6.24
CA LYS I 203 32.66 6.89 7.01
C LYS I 203 33.91 6.99 6.15
N HIS I 204 34.14 6.04 5.25
CA HIS I 204 35.35 5.99 4.44
C HIS I 204 35.01 6.22 2.99
N SER I 205 36.04 6.59 2.21
CA SER I 205 35.90 6.79 0.78
C SER I 205 36.42 5.60 -0.04
N LEU I 206 36.75 4.50 0.62
CA LEU I 206 37.19 3.28 -0.05
C LEU I 206 36.39 2.11 0.50
N VAL I 207 35.86 1.28 -0.38
CA VAL I 207 35.03 0.13 0.00
C VAL I 207 35.57 -1.11 -0.67
N LEU I 208 35.74 -2.18 0.12
CA LEU I 208 36.21 -3.47 -0.38
C LEU I 208 35.08 -4.48 -0.36
N TRP I 209 34.91 -5.19 -1.48
CA TRP I 209 34.09 -6.38 -1.53
C TRP I 209 35.01 -7.59 -1.60
N PRO I 210 34.88 -8.56 -0.68
CA PRO I 210 35.77 -9.71 -0.72
C PRO I 210 35.67 -10.46 -2.05
N PHE I 211 36.82 -10.77 -2.63
CA PHE I 211 37.01 -11.58 -3.82
C PHE I 211 36.47 -10.93 -5.09
N HIS I 212 35.89 -9.73 -5.04
CA HIS I 212 35.23 -9.15 -6.20
C HIS I 212 35.93 -7.89 -6.70
N GLY I 213 36.07 -6.86 -5.88
CA GLY I 213 36.57 -5.60 -6.40
C GLY I 213 36.64 -4.51 -5.34
N VAL I 214 36.39 -3.28 -5.78
CA VAL I 214 36.61 -2.09 -4.96
C VAL I 214 35.70 -0.97 -5.46
N PHE I 215 35.46 0.01 -4.58
CA PHE I 215 34.66 1.19 -4.88
C PHE I 215 35.44 2.44 -4.49
N GLY I 216 35.11 3.56 -5.12
CA GLY I 216 35.79 4.81 -4.83
C GLY I 216 34.88 6.01 -5.01
N SER I 217 35.37 7.16 -4.55
CA SER I 217 34.64 8.41 -4.65
C SER I 217 35.63 9.57 -4.62
N GLY I 218 35.28 10.66 -5.30
CA GLY I 218 36.14 11.82 -5.36
C GLY I 218 35.47 13.02 -5.99
N PRO I 219 36.15 14.17 -5.96
CA PRO I 219 35.56 15.39 -6.55
C PRO I 219 35.55 15.36 -8.06
N THR I 220 36.63 14.93 -8.70
CA THR I 220 36.72 14.87 -10.15
C THR I 220 37.25 13.50 -10.57
N LEU I 221 37.28 13.28 -11.89
CA LEU I 221 37.70 11.98 -12.42
C LEU I 221 39.17 11.72 -12.12
N ASP I 222 40.02 12.73 -12.27
CA ASP I 222 41.44 12.56 -11.98
C ASP I 222 41.69 12.26 -10.51
N GLU I 223 40.97 12.94 -9.62
CA GLU I 223 41.13 12.69 -8.19
C GLU I 223 40.57 11.34 -7.79
N THR I 224 39.54 10.85 -8.48
CA THR I 224 38.97 9.55 -8.15
C THR I 224 39.87 8.42 -8.62
N PHE I 225 40.49 8.57 -9.80
CA PHE I 225 41.38 7.53 -10.30
C PHE I 225 42.60 7.36 -9.41
N GLY I 226 43.17 8.47 -8.94
CA GLY I 226 44.35 8.40 -8.10
C GLY I 226 44.13 7.76 -6.74
N LEU I 227 42.90 7.74 -6.26
CA LEU I 227 42.62 7.11 -4.98
C LEU I 227 42.79 5.59 -5.07
N ILE I 228 42.18 4.97 -6.08
CA ILE I 228 42.32 3.53 -6.26
C ILE I 228 43.71 3.19 -6.78
N ASP I 229 44.29 4.06 -7.62
CA ASP I 229 45.63 3.83 -8.13
C ASP I 229 46.65 3.80 -7.00
N THR I 230 46.54 4.72 -6.05
CA THR I 230 47.44 4.71 -4.89
C THR I 230 47.20 3.47 -4.04
N ALA I 231 45.94 3.09 -3.85
CA ALA I 231 45.64 1.89 -3.06
C ALA I 231 46.21 0.64 -3.70
N GLU I 232 46.08 0.52 -5.02
CA GLU I 232 46.56 -0.69 -5.71
C GLU I 232 48.07 -0.79 -5.66
N LYS I 233 48.78 0.31 -5.88
CA LYS I 233 50.24 0.29 -5.85
C LYS I 233 50.75 -0.09 -4.46
N SER I 234 50.10 0.42 -3.41
CA SER I 234 50.47 0.04 -2.06
C SER I 234 50.26 -1.45 -1.83
N ALA I 235 49.18 -2.01 -2.37
CA ALA I 235 48.94 -3.44 -2.23
C ALA I 235 49.88 -4.27 -3.10
N GLN I 236 50.47 -3.66 -4.14
CA GLN I 236 51.40 -4.41 -4.99
C GLN I 236 52.64 -4.82 -4.22
N VAL I 237 53.26 -3.87 -3.51
CA VAL I 237 54.47 -4.18 -2.76
C VAL I 237 54.18 -5.10 -1.59
N LEU I 238 52.94 -5.16 -1.11
CA LEU I 238 52.62 -6.00 0.04
C LEU I 238 52.77 -7.48 -0.30
N VAL I 239 52.14 -7.92 -1.40
CA VAL I 239 52.24 -9.32 -1.80
C VAL I 239 53.65 -9.65 -2.27
N LYS I 240 54.31 -8.70 -2.92
CA LYS I 240 55.70 -8.89 -3.33
C LYS I 240 56.59 -9.16 -2.12
N VAL I 241 56.41 -8.37 -1.06
CA VAL I 241 57.13 -8.63 0.19
C VAL I 241 56.59 -9.88 0.86
N TYR I 242 55.26 -10.06 0.85
CA TYR I 242 54.65 -11.18 1.55
C TYR I 242 55.09 -12.52 0.97
N SER I 243 55.17 -12.62 -0.35
CA SER I 243 55.52 -13.89 -0.99
C SER I 243 56.98 -14.28 -0.75
N MET I 244 57.82 -13.35 -0.30
CA MET I 244 59.21 -13.67 -0.02
C MET I 244 59.40 -14.28 1.36
N GLY I 245 58.35 -14.38 2.17
CA GLY I 245 58.46 -14.98 3.49
C GLY I 245 57.69 -14.23 4.56
N GLY I 246 57.30 -13.00 4.26
CA GLY I 246 56.55 -12.17 5.19
C GLY I 246 57.30 -10.90 5.53
N MET I 247 56.67 -10.11 6.40
CA MET I 247 57.26 -8.85 6.82
C MET I 247 58.38 -9.09 7.83
N LYS I 248 59.39 -8.22 7.80
CA LYS I 248 60.49 -8.26 8.75
C LYS I 248 60.67 -6.94 9.50
N GLN I 249 60.38 -5.81 8.86
CA GLN I 249 60.41 -4.52 9.54
C GLN I 249 59.42 -3.59 8.83
N THR I 250 58.43 -3.10 9.58
CA THR I 250 57.38 -2.28 9.01
C THR I 250 57.27 -0.94 9.72
N ILE I 251 56.23 -0.18 9.44
CA ILE I 251 56.01 1.13 10.04
C ILE I 251 55.44 0.94 11.44
N SER I 252 56.07 1.59 12.42
CA SER I 252 55.60 1.51 13.79
C SER I 252 54.34 2.36 13.98
N ARG I 253 53.61 2.06 15.06
CA ARG I 253 52.39 2.81 15.36
C ARG I 253 52.69 4.26 15.70
N GLU I 254 53.86 4.53 16.30
CA GLU I 254 54.20 5.89 16.69
C GLU I 254 54.35 6.79 15.48
N GLU I 255 55.00 6.29 14.41
CA GLU I 255 55.27 7.12 13.24
C GLU I 255 53.99 7.52 12.51
N LEU I 256 52.92 6.74 12.64
CA LEU I 256 51.66 7.11 12.02
C LEU I 256 51.08 8.36 12.67
N ILE I 257 51.31 8.54 13.97
CA ILE I 257 50.83 9.73 14.66
C ILE I 257 51.59 10.97 14.20
N ALA I 258 52.92 10.85 14.09
CA ALA I 258 53.74 12.00 13.73
C ALA I 258 53.43 12.49 12.32
N LEU I 259 53.23 11.57 11.38
CA LEU I 259 52.98 11.95 10.00
C LEU I 259 51.60 12.60 9.84
N GLY I 260 50.59 12.03 10.49
CA GLY I 260 49.25 12.61 10.38
C GLY I 260 49.15 14.00 10.98
N LYS I 261 49.79 14.21 12.13
CA LYS I 261 49.80 15.53 12.75
C LYS I 261 50.50 16.56 11.87
N ARG I 262 51.49 16.12 11.08
CA ARG I 262 52.23 17.05 10.23
C ARG I 262 51.31 17.73 9.22
N PHE I 263 50.43 16.98 8.58
CA PHE I 263 49.58 17.50 7.52
C PHE I 263 48.17 17.84 8.01
N GLY I 264 47.95 17.84 9.31
CA GLY I 264 46.62 18.18 9.84
C GLY I 264 45.55 17.19 9.45
N VAL I 265 45.85 15.90 9.51
CA VAL I 265 44.94 14.85 9.11
C VAL I 265 44.71 13.93 10.30
N THR I 266 43.44 13.71 10.65
CA THR I 266 43.08 12.91 11.80
C THR I 266 42.86 11.47 11.37
N PRO I 267 43.66 10.52 11.84
CA PRO I 267 43.51 9.13 11.41
C PRO I 267 42.34 8.45 12.10
N LEU I 268 42.08 7.21 11.69
CA LEU I 268 41.02 6.42 12.29
C LEU I 268 41.42 5.98 13.70
N ALA I 269 40.42 5.81 14.56
CA ALA I 269 40.67 5.47 15.96
C ALA I 269 40.98 3.99 16.13
N SER I 270 40.08 3.11 15.69
CA SER I 270 40.27 1.68 15.90
C SER I 270 41.50 1.17 15.17
N ALA I 271 41.74 1.63 13.94
CA ALA I 271 42.90 1.19 13.18
C ALA I 271 44.20 1.59 13.86
N LEU I 272 44.27 2.82 14.37
CA LEU I 272 45.47 3.27 15.05
C LEU I 272 45.66 2.60 16.41
N ALA I 273 44.58 2.09 17.01
CA ALA I 273 44.70 1.38 18.28
C ALA I 273 45.51 0.09 18.11
N LEU I 274 45.30 -0.62 17.00
CA LEU I 274 46.02 -1.86 16.73
C LEU I 274 47.51 -1.57 16.56
N MET J 1 57.24 33.35 -34.80
CA MET J 1 58.20 32.66 -33.96
C MET J 1 57.58 31.41 -33.33
N GLN J 2 58.34 30.33 -33.31
CA GLN J 2 57.86 29.08 -32.74
C GLN J 2 57.68 29.23 -31.23
N ASN J 3 56.57 28.71 -30.71
CA ASN J 3 56.31 28.76 -29.29
C ASN J 3 57.31 27.89 -28.52
N ILE J 4 57.53 28.26 -27.26
CA ILE J 4 58.46 27.51 -26.42
C ILE J 4 57.98 26.10 -26.12
N THR J 5 56.72 25.78 -26.42
CA THR J 5 56.22 24.44 -26.19
C THR J 5 56.86 23.42 -27.12
N GLN J 6 57.57 23.86 -28.15
CA GLN J 6 58.28 22.96 -29.05
C GLN J 6 59.79 23.04 -28.89
N SER J 7 60.27 23.64 -27.80
CA SER J 7 61.70 23.80 -27.58
C SER J 7 62.34 22.47 -27.24
N TRP J 8 63.68 22.44 -27.31
CA TRP J 8 64.40 21.21 -27.01
C TRP J 8 64.30 20.86 -25.53
N PHE J 9 64.30 21.87 -24.65
CA PHE J 9 64.23 21.60 -23.22
C PHE J 9 62.81 21.24 -22.78
N VAL J 10 61.79 21.80 -23.44
CA VAL J 10 60.42 21.45 -23.11
C VAL J 10 60.11 20.02 -23.54
N GLN J 11 60.52 19.64 -24.75
CA GLN J 11 60.27 18.28 -25.22
C GLN J 11 61.01 17.25 -24.39
N GLY J 12 62.13 17.64 -23.79
CA GLY J 12 62.83 16.75 -22.88
C GLY J 12 62.03 16.45 -21.62
N MET J 13 61.27 17.43 -21.14
CA MET J 13 60.45 17.23 -19.95
C MET J 13 59.21 16.41 -20.26
N ILE J 14 58.66 16.54 -21.47
CA ILE J 14 57.50 15.74 -21.86
C ILE J 14 57.90 14.29 -22.03
N LYS J 15 59.09 14.03 -22.56
CA LYS J 15 59.52 12.66 -22.85
C LYS J 15 59.70 11.85 -21.58
N ALA J 16 60.35 12.42 -20.56
CA ALA J 16 60.63 11.66 -19.35
C ALA J 16 59.38 11.48 -18.50
N THR J 17 58.50 12.48 -18.46
CA THR J 17 57.27 12.36 -17.69
C THR J 17 56.38 11.26 -18.23
N THR J 18 56.26 11.16 -19.55
CA THR J 18 55.46 10.09 -20.14
C THR J 18 56.12 8.73 -19.97
N ASP J 19 57.44 8.69 -19.81
CA ASP J 19 58.14 7.42 -19.71
C ASP J 19 58.17 6.88 -18.29
N ALA J 20 57.71 7.68 -17.32
CA ALA J 20 57.66 7.19 -15.93
C ALA J 20 56.28 6.66 -15.58
N TRP J 21 55.22 7.27 -16.11
CA TRP J 21 53.87 6.77 -15.89
C TRP J 21 53.66 5.43 -16.59
N LEU J 22 54.39 5.17 -17.67
CA LEU J 22 54.24 3.91 -18.38
C LEU J 22 54.79 2.73 -17.58
N LYS J 23 55.81 2.96 -16.76
CA LYS J 23 56.44 1.91 -15.98
C LYS J 23 55.86 1.77 -14.58
N GLY J 24 54.81 2.52 -14.25
CA GLY J 24 54.15 2.38 -12.97
C GLY J 24 54.94 2.90 -11.80
N TRP J 25 55.36 4.16 -11.87
CA TRP J 25 56.19 4.76 -10.83
C TRP J 25 55.60 5.99 -10.18
N ASP J 26 54.58 6.61 -10.78
CA ASP J 26 54.14 7.96 -10.43
C ASP J 26 52.65 8.00 -10.13
N GLU J 27 52.20 7.11 -9.24
CA GLU J 27 50.80 7.10 -8.82
C GLU J 27 50.40 8.47 -8.26
N ARG J 28 49.19 8.90 -8.62
CA ARG J 28 48.66 10.20 -8.25
C ARG J 28 49.59 11.33 -8.67
N ASN J 29 50.21 12.00 -7.70
CA ASN J 29 51.03 13.17 -7.96
C ASN J 29 52.50 12.96 -7.60
N GLY J 30 52.92 11.73 -7.34
CA GLY J 30 54.30 11.49 -6.97
C GLY J 30 55.25 11.75 -8.13
N GLY J 31 56.37 12.42 -7.83
CA GLY J 31 57.37 12.70 -8.82
C GLY J 31 57.64 14.18 -9.01
N ASN J 32 58.88 14.53 -9.35
CA ASN J 32 59.27 15.92 -9.56
C ASN J 32 60.55 15.96 -10.37
N LEU J 33 60.65 16.92 -11.28
CA LEU J 33 61.83 17.07 -12.14
C LEU J 33 62.30 18.50 -12.11
N THR J 34 63.63 18.67 -12.04
CA THR J 34 64.27 19.98 -12.13
C THR J 34 65.45 19.89 -13.09
N LEU J 35 65.54 20.84 -14.01
CA LEU J 35 66.61 20.87 -15.00
C LEU J 35 67.23 22.25 -15.03
N ARG J 36 68.54 22.31 -14.87
CA ARG J 36 69.27 23.58 -14.88
C ARG J 36 69.58 23.97 -16.31
N LEU J 37 69.07 25.14 -16.72
CA LEU J 37 69.24 25.63 -18.08
C LEU J 37 70.24 26.78 -18.11
N ASP J 38 70.41 27.37 -19.29
CA ASP J 38 71.29 28.50 -19.51
C ASP J 38 70.47 29.70 -19.97
N ASP J 39 71.09 30.88 -19.93
CA ASP J 39 70.41 32.10 -20.32
C ASP J 39 70.13 32.11 -21.82
N ALA J 40 71.04 31.54 -22.62
CA ALA J 40 70.84 31.53 -24.06
C ALA J 40 69.68 30.64 -24.46
N ASP J 41 69.43 29.56 -23.72
CA ASP J 41 68.36 28.63 -24.07
C ASP J 41 66.99 29.26 -23.93
N ILE J 42 66.86 30.29 -23.09
CA ILE J 42 65.55 30.92 -22.86
C ILE J 42 65.42 32.29 -23.51
N ALA J 43 66.51 32.84 -24.05
CA ALA J 43 66.46 34.18 -24.64
C ALA J 43 65.53 34.28 -25.85
N PRO J 44 65.60 33.39 -26.85
CA PRO J 44 64.73 33.59 -28.04
C PRO J 44 63.25 33.42 -27.77
N TYR J 45 62.86 32.82 -26.64
CA TYR J 45 61.47 32.50 -26.35
C TYR J 45 60.83 33.48 -25.37
N HIS J 46 61.18 34.77 -25.46
CA HIS J 46 60.67 35.75 -24.50
C HIS J 46 59.21 36.13 -24.74
N ASP J 47 58.61 35.69 -25.85
CA ASP J 47 57.24 36.09 -26.14
C ASP J 47 56.24 35.47 -25.17
N ASN J 48 56.54 34.29 -24.64
CA ASN J 48 55.60 33.56 -23.79
C ASN J 48 55.73 33.92 -22.32
N PHE J 49 56.63 34.82 -21.96
CA PHE J 49 56.86 35.14 -20.55
C PHE J 49 55.73 36.00 -20.00
N HIS J 50 55.38 35.74 -18.73
CA HIS J 50 54.33 36.50 -18.08
C HIS J 50 54.75 37.94 -17.86
N GLN J 51 53.77 38.84 -17.83
CA GLN J 51 54.02 40.26 -17.70
C GLN J 51 54.09 40.73 -16.25
N GLN J 52 53.77 39.87 -15.29
CA GLN J 52 53.84 40.19 -13.86
C GLN J 52 54.61 39.09 -13.13
N PRO J 53 55.95 39.11 -13.21
CA PRO J 53 56.76 38.09 -12.53
C PRO J 53 56.47 38.00 -11.04
N ARG J 54 55.94 36.85 -10.60
CA ARG J 54 55.69 36.62 -9.18
C ARG J 54 56.98 36.23 -8.48
N TYR J 55 57.15 36.74 -7.25
CA TYR J 55 58.31 36.44 -6.44
C TYR J 55 57.90 35.64 -5.21
N ILE J 56 58.71 34.63 -4.87
CA ILE J 56 58.48 33.82 -3.69
C ILE J 56 59.79 33.73 -2.92
N PRO J 57 59.83 34.16 -1.66
CA PRO J 57 61.08 34.07 -0.90
C PRO J 57 61.44 32.63 -0.55
N LEU J 58 62.73 32.40 -0.35
CA LEU J 58 63.24 31.11 0.07
C LEU J 58 63.58 31.12 1.55
N SER J 59 63.54 29.93 2.15
CA SER J 59 63.86 29.80 3.57
C SER J 59 65.32 30.13 3.84
N GLN J 60 66.22 29.68 2.97
CA GLN J 60 67.64 29.91 3.13
C GLN J 60 68.24 30.43 1.83
N PRO J 61 69.14 31.41 1.89
CA PRO J 61 69.70 31.97 0.66
C PRO J 61 70.52 30.96 -0.12
N MET J 62 70.56 31.14 -1.44
CA MET J 62 71.28 30.26 -2.35
C MET J 62 72.18 31.11 -3.24
N PRO J 63 73.30 31.59 -2.71
CA PRO J 63 74.20 32.44 -3.51
C PRO J 63 74.78 31.75 -4.73
N LEU J 64 75.01 30.45 -4.66
CA LEU J 64 75.72 29.75 -5.73
C LEU J 64 74.83 29.41 -6.92
N LEU J 65 73.52 29.50 -6.76
CA LEU J 65 72.58 29.23 -7.84
C LEU J 65 71.96 30.50 -8.41
N ALA J 66 72.60 31.64 -8.23
CA ALA J 66 72.03 32.92 -8.63
C ALA J 66 71.99 33.05 -10.15
N ASN J 67 70.96 33.75 -10.63
CA ASN J 67 70.76 34.01 -12.06
C ASN J 67 70.77 32.72 -12.88
N THR J 68 70.09 31.69 -12.37
CA THR J 68 70.05 30.39 -13.02
C THR J 68 68.61 30.01 -13.34
N PRO J 69 68.18 30.04 -14.60
CA PRO J 69 66.81 29.65 -14.92
C PRO J 69 66.61 28.14 -14.81
N PHE J 70 65.42 27.75 -14.37
CA PHE J 70 65.11 26.35 -14.11
C PHE J 70 63.84 25.95 -14.85
N ILE J 71 63.58 24.65 -14.87
CA ILE J 71 62.30 24.07 -15.27
C ILE J 71 61.82 23.17 -14.15
N VAL J 72 60.56 23.32 -13.75
CA VAL J 72 60.00 22.56 -12.65
C VAL J 72 58.64 22.01 -13.07
N THR J 73 58.06 21.21 -12.18
CA THR J 73 56.70 20.72 -12.33
C THR J 73 55.84 21.24 -11.19
N GLY J 74 54.61 21.62 -11.50
CA GLY J 74 53.76 22.25 -10.51
C GLY J 74 53.40 21.32 -9.36
N SER J 75 52.83 21.91 -8.32
CA SER J 75 52.46 21.16 -7.13
C SER J 75 51.10 20.47 -7.33
N GLY J 76 51.03 19.21 -6.92
CA GLY J 76 49.80 18.45 -7.03
C GLY J 76 49.43 18.02 -8.43
N LYS J 77 50.33 18.17 -9.39
CA LYS J 77 50.05 17.83 -10.78
C LYS J 77 50.25 16.34 -11.02
N PHE J 78 49.81 15.90 -12.19
CA PHE J 78 49.82 14.49 -12.56
C PHE J 78 50.86 14.23 -13.65
N PHE J 79 51.55 13.09 -13.52
CA PHE J 79 52.53 12.69 -14.52
C PHE J 79 51.89 12.29 -15.84
N ARG J 80 50.58 12.00 -15.84
CA ARG J 80 49.92 11.54 -17.06
C ARG J 80 49.43 12.69 -17.93
N ASN J 81 49.11 13.83 -17.34
CA ASN J 81 48.51 14.95 -18.06
C ASN J 81 49.53 15.93 -18.61
N VAL J 82 50.83 15.65 -18.48
CA VAL J 82 51.85 16.61 -18.90
C VAL J 82 51.80 16.82 -20.40
N GLN J 83 51.57 15.75 -21.17
CA GLN J 83 51.55 15.88 -22.62
C GLN J 83 50.34 16.68 -23.10
N LEU J 84 49.21 16.60 -22.38
CA LEU J 84 48.00 17.29 -22.82
C LEU J 84 48.15 18.80 -22.70
N ASP J 85 48.61 19.30 -21.56
CA ASP J 85 48.72 20.73 -21.32
C ASP J 85 50.06 21.05 -20.68
N PRO J 86 51.07 21.37 -21.48
CA PRO J 86 52.38 21.73 -20.89
C PRO J 86 52.37 23.07 -20.17
N ALA J 87 51.66 24.07 -20.69
CA ALA J 87 51.67 25.39 -20.08
C ALA J 87 50.97 25.39 -18.73
N ALA J 88 49.93 24.56 -18.58
CA ALA J 88 49.21 24.49 -17.31
C ALA J 88 49.98 23.70 -16.26
N ASN J 89 50.73 22.68 -16.67
CA ASN J 89 51.44 21.81 -15.74
C ASN J 89 52.87 22.23 -15.47
N LEU J 90 53.63 22.55 -16.51
CA LEU J 90 55.03 22.90 -16.37
C LEU J 90 55.20 24.39 -16.09
N GLY J 91 56.35 24.73 -15.52
CA GLY J 91 56.67 26.12 -15.23
C GLY J 91 58.15 26.31 -15.12
N ILE J 92 58.59 27.56 -15.33
CA ILE J 92 60.00 27.92 -15.26
C ILE J 92 60.17 29.02 -14.21
N VAL J 93 61.31 28.99 -13.53
CA VAL J 93 61.62 29.97 -12.49
C VAL J 93 63.00 30.54 -12.75
N LYS J 94 63.26 31.73 -12.20
CA LYS J 94 64.53 32.43 -12.37
C LYS J 94 64.95 33.01 -11.03
N VAL J 95 66.12 32.59 -10.54
CA VAL J 95 66.62 33.04 -9.25
C VAL J 95 67.21 34.43 -9.39
N ASP J 96 66.97 35.27 -8.39
CA ASP J 96 67.44 36.66 -8.44
C ASP J 96 68.96 36.73 -8.24
N SER J 97 69.51 37.92 -8.44
CA SER J 97 70.95 38.13 -8.36
C SER J 97 71.50 38.01 -6.94
N CYS J 98 70.65 38.05 -5.92
CA CYS J 98 71.10 37.93 -4.54
C CYS J 98 70.85 36.54 -3.95
N GLY J 99 70.21 35.65 -4.71
CA GLY J 99 69.92 34.32 -4.19
C GLY J 99 68.96 34.31 -3.02
N ALA J 100 67.89 35.10 -3.09
CA ALA J 100 66.90 35.15 -2.04
C ALA J 100 65.59 34.44 -2.39
N GLY J 101 65.22 34.43 -3.65
CA GLY J 101 63.99 33.79 -4.07
C GLY J 101 64.07 33.41 -5.53
N TYR J 102 62.92 33.46 -6.20
CA TYR J 102 62.85 33.15 -7.62
C TYR J 102 61.67 33.88 -8.23
N HIS J 103 61.65 33.95 -9.56
CA HIS J 103 60.60 34.63 -10.30
C HIS J 103 60.00 33.66 -11.32
N ILE J 104 58.68 33.56 -11.32
CA ILE J 104 57.97 32.70 -12.25
C ILE J 104 57.77 33.48 -13.55
N LEU J 105 58.27 32.93 -14.66
CA LEU J 105 58.18 33.61 -15.94
C LEU J 105 57.17 32.97 -16.88
N TRP J 106 57.05 31.64 -16.87
CA TRP J 106 56.21 30.93 -17.81
C TRP J 106 55.39 29.87 -17.08
N GLY J 107 54.19 29.63 -17.59
CA GLY J 107 53.38 28.53 -17.10
C GLY J 107 52.94 28.71 -15.65
N LEU J 108 52.61 27.56 -15.04
CA LEU J 108 52.13 27.51 -13.66
C LEU J 108 50.90 28.39 -13.46
N THR J 109 50.01 28.37 -14.44
CA THR J 109 48.83 29.23 -14.40
C THR J 109 47.81 28.69 -13.40
N ASN J 110 46.82 29.53 -13.08
CA ASN J 110 45.77 29.23 -12.12
C ASN J 110 46.40 28.88 -10.77
N GLU J 111 47.21 29.81 -10.26
CA GLU J 111 47.83 29.73 -8.93
C GLU J 111 48.50 28.37 -8.72
N ALA J 112 49.54 28.15 -9.50
CA ALA J 112 50.35 26.95 -9.42
C ALA J 112 51.74 27.31 -8.94
N VAL J 113 52.21 26.65 -7.90
CA VAL J 113 53.52 26.92 -7.33
C VAL J 113 54.41 25.70 -7.53
N PRO J 114 55.74 25.87 -7.58
CA PRO J 114 56.64 24.72 -7.73
C PRO J 114 56.47 23.73 -6.58
N THR J 115 57.03 22.54 -6.79
CA THR J 115 56.77 21.41 -5.90
C THR J 115 57.26 21.69 -4.49
N SER J 116 56.64 21.00 -3.53
CA SER J 116 57.00 21.14 -2.12
C SER J 116 58.37 20.55 -1.80
N GLU J 117 58.96 19.80 -2.73
CA GLU J 117 60.30 19.26 -2.54
C GLU J 117 61.37 20.15 -3.15
N LEU J 118 61.02 21.36 -3.56
CA LEU J 118 62.03 22.27 -4.13
C LEU J 118 63.17 22.58 -3.16
N PRO J 119 62.94 22.81 -1.86
CA PRO J 119 64.11 23.02 -0.97
C PRO J 119 65.09 21.86 -0.99
N ALA J 120 64.61 20.62 -1.10
CA ALA J 120 65.52 19.50 -1.26
C ALA J 120 66.22 19.55 -2.61
N HIS J 121 65.55 20.09 -3.63
CA HIS J 121 66.14 20.17 -4.96
C HIS J 121 67.20 21.27 -5.02
N PHE J 122 66.90 22.43 -4.43
CA PHE J 122 67.85 23.54 -4.51
C PHE J 122 69.10 23.29 -3.69
N LEU J 123 68.99 22.60 -2.57
CA LEU J 123 70.19 22.22 -1.81
C LEU J 123 71.03 21.24 -2.59
N SER J 124 70.40 20.34 -3.34
CA SER J 124 71.15 19.32 -4.07
C SER J 124 71.81 19.89 -5.31
N HIS J 125 71.17 20.87 -5.97
CA HIS J 125 71.80 21.50 -7.13
C HIS J 125 73.10 22.20 -6.77
N SER J 126 73.19 22.73 -5.55
CA SER J 126 74.39 23.45 -5.15
C SER J 126 75.57 22.50 -4.94
N GLU J 127 75.31 21.31 -4.40
CA GLU J 127 76.39 20.37 -4.14
C GLU J 127 76.92 19.73 -5.41
N ARG J 128 76.03 19.36 -6.33
CA ARG J 128 76.45 18.63 -7.52
C ARG J 128 77.22 19.52 -8.49
N ILE J 129 77.02 20.84 -8.42
CA ILE J 129 77.83 21.74 -9.25
C ILE J 129 79.27 21.76 -8.77
N LYS J 130 79.54 21.24 -7.58
CA LYS J 130 80.88 21.18 -7.02
C LYS J 130 81.54 19.82 -7.20
N ALA J 131 80.80 18.75 -6.93
CA ALA J 131 81.39 17.40 -6.96
C ALA J 131 81.88 17.03 -8.35
N THR J 132 81.09 17.35 -9.38
CA THR J 132 81.44 17.00 -10.75
C THR J 132 81.75 18.21 -11.62
N ASN J 133 82.04 19.36 -11.01
CA ASN J 133 82.43 20.58 -11.72
C ASN J 133 81.36 20.98 -12.73
N GLY J 134 80.15 21.20 -12.19
CA GLY J 134 79.06 21.74 -12.97
C GLY J 134 78.52 20.85 -14.07
N LYS J 135 78.90 19.57 -14.10
CA LYS J 135 78.36 18.67 -15.12
C LYS J 135 76.90 18.34 -14.85
N ASP J 136 76.56 18.03 -13.60
CA ASP J 136 75.21 17.61 -13.27
C ASP J 136 74.21 18.73 -13.53
N ARG J 137 73.08 18.37 -14.15
CA ARG J 137 72.05 19.34 -14.46
C ARG J 137 70.63 18.86 -14.20
N VAL J 138 70.44 17.61 -13.77
CA VAL J 138 69.11 17.01 -13.67
C VAL J 138 68.99 16.33 -12.31
N ILE J 139 67.87 16.57 -11.63
CA ILE J 139 67.45 15.79 -10.47
C ILE J 139 66.03 15.32 -10.72
N MET J 140 65.79 14.03 -10.50
CA MET J 140 64.49 13.42 -10.73
C MET J 140 64.11 12.58 -9.52
N HIS J 141 62.81 12.50 -9.25
CA HIS J 141 62.28 11.68 -8.19
C HIS J 141 61.11 10.87 -8.73
N CYS J 142 60.93 9.67 -8.17
CA CYS J 142 59.89 8.76 -8.63
C CYS J 142 59.76 7.63 -7.62
N HIS J 143 58.55 7.08 -7.52
CA HIS J 143 58.29 5.99 -6.59
C HIS J 143 58.35 4.66 -7.34
N ALA J 144 59.56 4.15 -7.49
CA ALA J 144 59.76 2.86 -8.15
C ALA J 144 59.24 1.73 -7.27
N THR J 145 58.89 0.60 -7.90
CA THR J 145 58.22 -0.47 -7.18
C THR J 145 59.21 -1.36 -6.45
N ASN J 146 60.15 -1.97 -7.18
CA ASN J 146 61.00 -3.00 -6.58
C ASN J 146 62.05 -2.41 -5.66
N LEU J 147 62.53 -1.20 -5.94
CA LEU J 147 63.50 -0.57 -5.04
C LEU J 147 62.92 -0.38 -3.65
N ILE J 148 61.68 0.11 -3.57
CA ILE J 148 61.04 0.32 -2.29
C ILE J 148 60.70 -1.02 -1.63
N ALA J 149 60.32 -2.01 -2.42
CA ALA J 149 59.82 -3.26 -1.85
C ALA J 149 60.91 -4.03 -1.11
N LEU J 150 62.16 -3.90 -1.55
CA LEU J 150 63.23 -4.69 -0.94
C LEU J 150 63.63 -4.17 0.43
N THR J 151 63.32 -2.90 0.73
CA THR J 151 63.75 -2.31 1.99
C THR J 151 63.09 -2.99 3.18
N TYR J 152 61.90 -3.55 3.00
CA TYR J 152 61.18 -4.18 4.11
C TYR J 152 61.83 -5.48 4.56
N VAL J 153 62.73 -6.07 3.77
CA VAL J 153 63.31 -7.37 4.10
C VAL J 153 64.80 -7.24 4.35
N LEU J 154 65.44 -6.31 3.65
CA LEU J 154 66.89 -6.17 3.73
C LEU J 154 67.29 -5.10 4.75
N GLU J 155 68.58 -5.06 5.05
CA GLU J 155 69.11 -4.15 6.06
C GLU J 155 69.42 -2.79 5.45
N ASN J 156 69.02 -1.73 6.16
CA ASN J 156 69.23 -0.36 5.69
C ASN J 156 70.68 0.05 5.93
N ASP J 157 71.54 -0.37 5.00
CA ASP J 157 72.97 -0.10 5.09
C ASP J 157 73.48 0.41 3.75
N THR J 158 74.37 1.40 3.80
CA THR J 158 74.97 1.95 2.58
C THR J 158 75.97 0.98 1.97
N ALA J 159 76.54 0.07 2.76
CA ALA J 159 77.55 -0.85 2.25
C ALA J 159 76.93 -2.14 1.72
N VAL J 160 76.01 -2.74 2.49
CA VAL J 160 75.42 -4.01 2.08
C VAL J 160 74.61 -3.86 0.81
N PHE J 161 73.80 -2.79 0.73
CA PHE J 161 72.93 -2.61 -0.43
C PHE J 161 73.73 -2.44 -1.71
N THR J 162 74.79 -1.63 -1.67
CA THR J 162 75.54 -1.31 -2.88
C THR J 162 76.16 -2.56 -3.49
N ARG J 163 76.71 -3.44 -2.66
CA ARG J 163 77.26 -4.69 -3.17
C ARG J 163 76.19 -5.56 -3.79
N GLN J 164 75.00 -5.60 -3.17
CA GLN J 164 73.91 -6.42 -3.70
C GLN J 164 73.48 -5.94 -5.08
N LEU J 165 73.37 -4.62 -5.28
CA LEU J 165 73.06 -4.10 -6.60
C LEU J 165 74.17 -4.41 -7.59
N TRP J 166 75.41 -4.41 -7.12
CA TRP J 166 76.54 -4.80 -7.96
C TRP J 166 76.49 -6.25 -8.38
N GLU J 167 75.81 -7.10 -7.59
CA GLU J 167 75.84 -8.54 -7.80
C GLU J 167 74.71 -9.06 -8.70
N GLY J 168 73.80 -8.19 -9.13
CA GLY J 168 72.69 -8.64 -9.95
C GLY J 168 72.86 -8.40 -11.45
N SER J 169 73.83 -7.59 -11.85
CA SER J 169 74.02 -7.28 -13.26
C SER J 169 75.48 -6.93 -13.51
N THR J 170 75.89 -7.05 -14.77
CA THR J 170 77.28 -6.78 -15.11
C THR J 170 77.60 -5.30 -15.08
N GLU J 171 76.72 -4.47 -15.64
CA GLU J 171 77.02 -3.05 -15.81
C GLU J 171 76.73 -2.22 -14.57
N CYS J 172 76.21 -2.83 -13.49
CA CYS J 172 75.88 -2.06 -12.30
C CYS J 172 77.11 -1.40 -11.69
N LEU J 173 78.23 -2.13 -11.62
CA LEU J 173 79.43 -1.56 -11.02
C LEU J 173 79.95 -0.38 -11.84
N VAL J 174 79.90 -0.49 -13.16
CA VAL J 174 80.39 0.60 -14.02
C VAL J 174 79.46 1.81 -13.92
N VAL J 175 78.15 1.58 -13.87
CA VAL J 175 77.19 2.69 -13.88
C VAL J 175 77.30 3.50 -12.60
N PHE J 176 77.29 2.83 -11.44
CA PHE J 176 77.42 3.50 -10.15
C PHE J 176 78.50 2.81 -9.33
N PRO J 177 79.78 3.10 -9.62
CA PRO J 177 80.85 2.63 -8.72
C PRO J 177 80.82 3.28 -7.35
N ASP J 178 80.19 4.45 -7.22
CA ASP J 178 80.13 5.17 -5.95
C ASP J 178 79.05 4.64 -5.02
N GLY J 179 78.19 3.75 -5.49
CA GLY J 179 77.18 3.15 -4.65
C GLY J 179 75.99 4.08 -4.40
N VAL J 180 75.09 3.60 -3.55
CA VAL J 180 73.87 4.32 -3.20
C VAL J 180 73.85 4.55 -1.70
N GLY J 181 73.44 5.75 -1.29
CA GLY J 181 73.33 6.10 0.12
C GLY J 181 71.89 6.12 0.56
N ILE J 182 71.63 5.60 1.76
CA ILE J 182 70.28 5.44 2.28
C ILE J 182 70.14 6.30 3.54
N LEU J 183 69.10 7.12 3.56
CA LEU J 183 68.78 7.96 4.71
C LEU J 183 67.92 7.18 5.70
N PRO J 184 67.74 7.71 6.92
CA PRO J 184 66.70 7.17 7.80
C PRO J 184 65.34 7.77 7.50
N TRP J 185 64.32 7.42 8.25
CA TRP J 185 62.97 7.93 8.02
C TRP J 185 62.78 9.24 8.77
N MET J 186 62.37 10.28 8.04
CA MET J 186 61.96 11.53 8.65
C MET J 186 60.75 12.06 7.88
N VAL J 187 60.12 13.09 8.45
CA VAL J 187 58.92 13.65 7.81
C VAL J 187 59.33 14.34 6.51
N PRO J 188 58.68 14.04 5.38
CA PRO J 188 59.05 14.64 4.11
C PRO J 188 58.58 16.10 4.02
N GLY J 189 59.12 16.80 3.02
CA GLY J 189 58.73 18.16 2.72
C GLY J 189 59.35 19.21 3.60
N THR J 190 60.23 18.85 4.53
CA THR J 190 60.84 19.79 5.44
C THR J 190 62.23 20.18 4.95
N ASP J 191 62.83 21.16 5.63
CA ASP J 191 64.20 21.54 5.34
C ASP J 191 65.22 20.59 5.96
N ALA J 192 64.79 19.78 6.93
CA ALA J 192 65.69 18.77 7.49
C ALA J 192 65.93 17.62 6.50
N ILE J 193 64.87 17.15 5.85
CA ILE J 193 65.04 16.10 4.85
C ILE J 193 65.79 16.62 3.65
N GLY J 194 65.66 17.91 3.34
CA GLY J 194 66.43 18.48 2.24
C GLY J 194 67.91 18.50 2.51
N GLN J 195 68.31 18.87 3.73
CA GLN J 195 69.72 18.96 4.06
C GLN J 195 70.35 17.58 4.25
N ALA J 196 69.60 16.65 4.88
CA ALA J 196 70.14 15.32 5.09
C ALA J 196 70.43 14.61 3.78
N THR J 197 69.52 14.73 2.81
CA THR J 197 69.77 14.19 1.48
C THR J 197 70.93 14.92 0.80
N ALA J 198 70.97 16.25 0.90
CA ALA J 198 72.01 17.02 0.24
C ALA J 198 73.39 16.70 0.81
N GLN J 199 73.46 16.26 2.06
CA GLN J 199 74.74 15.84 2.63
C GLN J 199 75.29 14.61 1.91
N GLU J 200 74.43 13.64 1.62
CA GLU J 200 74.87 12.42 0.96
C GLU J 200 75.15 12.61 -0.52
N MET J 201 74.69 13.73 -1.10
CA MET J 201 74.86 13.93 -2.54
C MET J 201 76.30 14.30 -2.90
N GLN J 202 77.10 14.72 -1.92
CA GLN J 202 78.50 15.04 -2.19
C GLN J 202 79.35 13.81 -2.44
N LYS J 203 78.91 12.64 -1.98
CA LYS J 203 79.70 11.42 -2.07
C LYS J 203 79.10 10.38 -3.00
N HIS J 204 77.79 10.39 -3.21
CA HIS J 204 77.12 9.42 -4.06
C HIS J 204 76.21 10.16 -5.04
N SER J 205 75.74 9.43 -6.05
CA SER J 205 74.84 9.99 -7.05
C SER J 205 73.39 9.58 -6.84
N LEU J 206 73.13 8.59 -6.00
CA LEU J 206 71.77 8.13 -5.69
C LEU J 206 71.56 8.17 -4.19
N VAL J 207 70.43 8.73 -3.76
CA VAL J 207 70.00 8.63 -2.38
C VAL J 207 68.65 7.92 -2.37
N LEU J 208 68.50 6.98 -1.44
CA LEU J 208 67.31 6.13 -1.36
C LEU J 208 66.60 6.40 -0.05
N TRP J 209 65.38 6.93 -0.14
CA TRP J 209 64.57 7.15 1.04
C TRP J 209 63.78 5.88 1.35
N PRO J 210 63.93 5.29 2.53
CA PRO J 210 63.20 4.05 2.82
C PRO J 210 61.70 4.24 2.71
N PHE J 211 61.05 3.30 2.04
CA PHE J 211 59.60 3.21 1.91
C PHE J 211 58.99 4.39 1.15
N HIS J 212 59.80 5.30 0.62
CA HIS J 212 59.28 6.49 -0.04
C HIS J 212 59.58 6.51 -1.54
N GLY J 213 60.84 6.42 -1.94
CA GLY J 213 61.18 6.54 -3.34
C GLY J 213 62.67 6.57 -3.62
N VAL J 214 63.08 7.43 -4.55
CA VAL J 214 64.47 7.47 -4.98
C VAL J 214 64.74 8.83 -5.61
N PHE J 215 65.94 9.35 -5.38
CA PHE J 215 66.44 10.56 -6.02
C PHE J 215 67.48 10.19 -7.06
N GLY J 216 67.79 11.12 -7.96
CA GLY J 216 68.76 10.86 -9.00
C GLY J 216 69.44 12.13 -9.45
N SER J 217 70.62 11.95 -10.04
CA SER J 217 71.40 13.07 -10.56
C SER J 217 72.20 12.59 -11.77
N GLY J 218 72.51 13.52 -12.67
CA GLY J 218 73.24 13.20 -13.86
C GLY J 218 73.45 14.40 -14.77
N PRO J 219 74.19 14.21 -15.86
CA PRO J 219 74.45 15.31 -16.79
C PRO J 219 73.25 15.65 -17.66
N THR J 220 72.56 14.64 -18.17
CA THR J 220 71.43 14.82 -19.06
C THR J 220 70.24 13.99 -18.56
N LEU J 221 69.13 14.11 -19.28
CA LEU J 221 67.91 13.41 -18.90
C LEU J 221 67.96 11.93 -19.29
N ASP J 222 68.61 11.61 -20.40
CA ASP J 222 68.67 10.22 -20.86
C ASP J 222 69.44 9.34 -19.88
N GLU J 223 70.58 9.83 -19.38
CA GLU J 223 71.35 9.05 -18.42
C GLU J 223 70.60 8.94 -17.10
N THR J 224 69.94 10.02 -16.67
CA THR J 224 69.27 10.02 -15.38
C THR J 224 68.15 8.98 -15.33
N PHE J 225 67.38 8.86 -16.41
CA PHE J 225 66.42 7.77 -16.50
C PHE J 225 67.12 6.43 -16.65
N GLY J 226 68.16 6.38 -17.49
CA GLY J 226 68.88 5.13 -17.68
C GLY J 226 69.62 4.68 -16.44
N LEU J 227 69.98 5.63 -15.58
CA LEU J 227 70.65 5.26 -14.34
C LEU J 227 69.66 4.68 -13.34
N ILE J 228 68.44 5.23 -13.30
CA ILE J 228 67.41 4.70 -12.42
C ILE J 228 66.92 3.34 -12.92
N ASP J 229 66.76 3.20 -14.24
CA ASP J 229 66.29 1.94 -14.79
C ASP J 229 67.28 0.81 -14.56
N THR J 230 68.57 1.12 -14.53
CA THR J 230 69.58 0.10 -14.26
C THR J 230 69.43 -0.47 -12.85
N ALA J 231 69.15 0.39 -11.87
CA ALA J 231 68.96 -0.08 -10.50
C ALA J 231 67.71 -0.92 -10.37
N GLU J 232 66.61 -0.51 -10.99
CA GLU J 232 65.36 -1.26 -10.88
C GLU J 232 65.43 -2.57 -11.66
N LYS J 233 66.09 -2.55 -12.82
CA LYS J 233 66.24 -3.79 -13.59
C LYS J 233 67.04 -4.83 -12.83
N SER J 234 68.12 -4.39 -12.16
CA SER J 234 68.84 -5.30 -11.27
C SER J 234 67.98 -5.70 -10.08
N ALA J 235 67.20 -4.75 -9.55
CA ALA J 235 66.34 -5.06 -8.40
C ALA J 235 65.26 -6.07 -8.75
N GLN J 236 64.79 -6.08 -10.00
CA GLN J 236 63.80 -7.06 -10.41
C GLN J 236 64.35 -8.47 -10.39
N VAL J 237 65.65 -8.63 -10.69
CA VAL J 237 66.28 -9.94 -10.63
C VAL J 237 66.30 -10.46 -9.20
N LEU J 238 66.63 -9.60 -8.24
CA LEU J 238 66.75 -10.04 -6.85
C LEU J 238 65.41 -10.52 -6.31
N VAL J 239 64.31 -9.88 -6.69
CA VAL J 239 63.00 -10.27 -6.18
C VAL J 239 62.66 -11.69 -6.59
N LYS J 240 62.98 -12.06 -7.83
CA LYS J 240 62.62 -13.38 -8.32
C LYS J 240 63.36 -14.48 -7.56
N VAL J 241 64.68 -14.34 -7.42
CA VAL J 241 65.48 -15.41 -6.82
C VAL J 241 65.14 -15.57 -5.34
N TYR J 242 64.83 -14.46 -4.66
CA TYR J 242 64.56 -14.54 -3.22
C TYR J 242 63.30 -15.33 -2.93
N SER J 243 62.42 -15.50 -3.92
CA SER J 243 61.23 -16.33 -3.77
C SER J 243 61.37 -17.69 -4.44
N MET J 244 62.50 -17.96 -5.09
CA MET J 244 62.78 -19.27 -5.65
C MET J 244 63.58 -20.17 -4.72
N GLY J 245 63.94 -19.67 -3.54
CA GLY J 245 64.83 -20.36 -2.63
C GLY J 245 66.04 -19.55 -2.22
N GLY J 246 66.38 -18.50 -2.96
CA GLY J 246 67.47 -17.62 -2.62
C GLY J 246 68.59 -17.67 -3.64
N MET J 247 69.55 -16.76 -3.45
CA MET J 247 70.74 -16.70 -4.28
C MET J 247 71.60 -17.94 -4.03
N LYS J 248 72.00 -18.62 -5.09
CA LYS J 248 72.75 -19.86 -4.95
C LYS J 248 74.11 -19.81 -5.63
N GLN J 249 74.21 -19.22 -6.81
CA GLN J 249 75.50 -18.73 -7.31
C GLN J 249 75.34 -17.25 -7.63
N THR J 250 76.48 -16.57 -7.76
CA THR J 250 76.50 -15.15 -8.14
C THR J 250 77.94 -14.80 -8.52
N ILE J 251 78.18 -13.51 -8.74
CA ILE J 251 79.52 -13.03 -9.05
C ILE J 251 80.38 -13.08 -7.79
N SER J 252 81.58 -13.64 -7.91
CA SER J 252 82.52 -13.67 -6.82
C SER J 252 83.15 -12.29 -6.61
N ARG J 253 83.72 -12.09 -5.43
CA ARG J 253 84.33 -10.80 -5.11
C ARG J 253 85.51 -10.51 -6.04
N GLU J 254 86.31 -11.53 -6.35
CA GLU J 254 87.49 -11.32 -7.20
C GLU J 254 87.11 -10.83 -8.58
N GLU J 255 86.03 -11.36 -9.16
CA GLU J 255 85.61 -10.96 -10.49
C GLU J 255 85.23 -9.48 -10.53
N LEU J 256 84.58 -8.99 -9.46
CA LEU J 256 84.18 -7.59 -9.43
C LEU J 256 85.40 -6.66 -9.40
N ILE J 257 86.45 -7.05 -8.69
CA ILE J 257 87.67 -6.25 -8.67
C ILE J 257 88.29 -6.17 -10.06
N ALA J 258 88.36 -7.31 -10.76
CA ALA J 258 88.95 -7.31 -12.10
C ALA J 258 88.13 -6.48 -13.08
N LEU J 259 86.84 -6.31 -12.82
CA LEU J 259 85.99 -5.53 -13.72
C LEU J 259 86.43 -4.06 -13.75
N GLY J 260 86.80 -3.51 -12.61
CA GLY J 260 87.08 -2.08 -12.54
C GLY J 260 88.28 -1.65 -13.37
N LYS J 261 89.35 -2.46 -13.37
CA LYS J 261 90.55 -2.10 -14.12
C LYS J 261 90.30 -2.06 -15.61
N ARG J 262 89.47 -2.98 -16.12
CA ARG J 262 89.21 -3.00 -17.56
C ARG J 262 88.56 -1.70 -18.02
N PHE J 263 87.57 -1.22 -17.28
CA PHE J 263 86.87 0.02 -17.63
C PHE J 263 87.50 1.25 -17.01
N GLY J 264 88.52 1.10 -16.18
CA GLY J 264 89.20 2.23 -15.57
C GLY J 264 88.33 3.03 -14.62
N VAL J 265 87.59 2.34 -13.77
CA VAL J 265 86.72 2.98 -12.78
C VAL J 265 87.32 2.79 -11.39
N THR J 266 86.77 3.51 -10.43
CA THR J 266 87.23 3.45 -9.05
C THR J 266 86.16 2.82 -8.18
N PRO J 267 86.23 1.53 -7.88
CA PRO J 267 85.18 0.90 -7.06
C PRO J 267 85.17 1.43 -5.63
N LEU J 268 84.00 1.37 -5.02
CA LEU J 268 83.85 1.81 -3.64
C LEU J 268 84.49 0.79 -2.70
N ALA J 269 85.54 1.20 -2.01
CA ALA J 269 86.31 0.26 -1.20
C ALA J 269 85.48 -0.31 -0.05
N SER J 270 84.65 0.53 0.58
CA SER J 270 83.84 0.05 1.71
C SER J 270 82.88 -1.05 1.28
N ALA J 271 82.24 -0.88 0.12
CA ALA J 271 81.33 -1.90 -0.38
C ALA J 271 82.10 -3.13 -0.86
N LEU J 272 83.26 -2.92 -1.48
CA LEU J 272 84.03 -4.02 -2.03
C LEU J 272 84.59 -4.95 -0.95
N ALA J 273 84.72 -4.46 0.28
CA ALA J 273 85.27 -5.29 1.35
C ALA J 273 84.31 -6.40 1.76
N LEU J 274 83.02 -6.26 1.45
CA LEU J 274 82.03 -7.26 1.81
C LEU J 274 82.22 -8.55 1.02
N MET K 1 34.65 1.39 -56.32
CA MET K 1 33.97 0.74 -55.19
C MET K 1 34.91 0.63 -54.00
N GLN K 2 34.35 0.79 -52.80
CA GLN K 2 35.14 0.69 -51.58
C GLN K 2 35.79 -0.69 -51.47
N ASN K 3 37.09 -0.69 -51.15
CA ASN K 3 37.85 -1.92 -51.13
C ASN K 3 37.40 -2.83 -49.99
N ILE K 4 37.67 -4.12 -50.14
CA ILE K 4 37.27 -5.10 -49.12
C ILE K 4 38.06 -4.94 -47.84
N THR K 5 39.18 -4.21 -47.88
CA THR K 5 39.97 -3.99 -46.66
C THR K 5 39.28 -3.05 -45.70
N GLN K 6 38.24 -2.34 -46.14
CA GLN K 6 37.47 -1.46 -45.28
C GLN K 6 36.19 -2.11 -44.78
N SER K 7 35.97 -3.39 -45.10
CA SER K 7 34.78 -4.08 -44.67
C SER K 7 34.85 -4.38 -43.16
N TRP K 8 33.70 -4.74 -42.60
CA TRP K 8 33.62 -4.93 -41.15
C TRP K 8 34.32 -6.21 -40.70
N PHE K 9 34.31 -7.26 -41.52
CA PHE K 9 34.94 -8.51 -41.12
C PHE K 9 36.45 -8.44 -41.20
N VAL K 10 37.00 -7.70 -42.16
CA VAL K 10 38.45 -7.55 -42.23
C VAL K 10 38.96 -6.69 -41.08
N GLN K 11 38.28 -5.57 -40.80
CA GLN K 11 38.70 -4.70 -39.73
C GLN K 11 38.54 -5.35 -38.35
N GLY K 12 37.55 -6.22 -38.21
CA GLY K 12 37.35 -6.90 -36.93
C GLY K 12 38.48 -7.87 -36.61
N MET K 13 38.96 -8.59 -37.62
CA MET K 13 40.04 -9.54 -37.40
C MET K 13 41.36 -8.86 -37.08
N ILE K 14 41.59 -7.67 -37.65
CA ILE K 14 42.81 -6.93 -37.35
C ILE K 14 42.87 -6.55 -35.89
N LYS K 15 41.75 -6.04 -35.35
CA LYS K 15 41.73 -5.60 -33.96
C LYS K 15 41.92 -6.76 -33.00
N ALA K 16 41.32 -7.92 -33.31
CA ALA K 16 41.37 -9.05 -32.38
C ALA K 16 42.80 -9.58 -32.21
N THR K 17 43.55 -9.69 -33.30
CA THR K 17 44.90 -10.25 -33.21
C THR K 17 45.87 -9.32 -32.52
N THR K 18 45.70 -8.00 -32.68
CA THR K 18 46.61 -7.04 -32.05
C THR K 18 46.48 -7.07 -30.53
N ASP K 19 45.26 -7.21 -30.02
CA ASP K 19 45.05 -7.22 -28.57
C ASP K 19 45.76 -8.39 -27.92
N ALA K 20 45.69 -9.58 -28.53
CA ALA K 20 46.35 -10.75 -27.97
C ALA K 20 47.86 -10.62 -28.02
N TRP K 21 48.39 -9.92 -29.02
CA TRP K 21 49.83 -9.74 -29.13
C TRP K 21 50.36 -8.89 -27.97
N LEU K 22 49.69 -7.79 -27.65
CA LEU K 22 50.16 -6.92 -26.57
C LEU K 22 49.96 -7.57 -25.20
N LYS K 23 49.02 -8.51 -25.08
CA LYS K 23 48.82 -9.21 -23.82
C LYS K 23 49.96 -10.16 -23.50
N GLY K 24 50.67 -10.66 -24.51
CA GLY K 24 51.75 -11.59 -24.30
C GLY K 24 51.32 -13.03 -24.40
N TRP K 25 50.41 -13.32 -25.34
CA TRP K 25 49.88 -14.66 -25.52
C TRP K 25 50.29 -15.31 -26.82
N ASP K 26 50.79 -14.56 -27.80
CA ASP K 26 50.97 -15.05 -29.16
C ASP K 26 52.34 -14.67 -29.70
N GLU K 27 53.38 -14.97 -28.94
CA GLU K 27 54.75 -14.75 -29.43
C GLU K 27 55.04 -15.66 -30.61
N ARG K 28 55.97 -15.22 -31.47
CA ARG K 28 56.30 -15.90 -32.72
C ARG K 28 55.05 -16.10 -33.56
N ASN K 29 54.69 -17.36 -33.82
CA ASN K 29 53.51 -17.69 -34.61
C ASN K 29 52.68 -18.77 -33.93
N GLY K 30 52.44 -18.61 -32.63
CA GLY K 30 51.60 -19.55 -31.91
C GLY K 30 50.18 -19.03 -31.80
N GLY K 31 49.22 -19.86 -32.18
CA GLY K 31 47.82 -19.48 -32.12
C GLY K 31 47.22 -19.29 -33.50
N ASN K 32 45.89 -19.44 -33.57
CA ASN K 32 45.16 -19.34 -34.83
C ASN K 32 43.86 -18.58 -34.59
N LEU K 33 43.14 -18.31 -35.67
CA LEU K 33 41.89 -17.57 -35.61
C LEU K 33 41.06 -17.84 -36.86
N THR K 34 39.77 -18.12 -36.66
CA THR K 34 38.83 -18.36 -37.76
C THR K 34 37.51 -17.66 -37.47
N LEU K 35 36.81 -17.28 -38.53
CA LEU K 35 35.54 -16.59 -38.40
C LEU K 35 34.60 -17.03 -39.51
N ARG K 36 33.42 -17.53 -39.14
CA ARG K 36 32.42 -17.95 -40.12
C ARG K 36 31.64 -16.74 -40.62
N LEU K 37 31.43 -16.70 -41.93
CA LEU K 37 30.81 -15.56 -42.60
C LEU K 37 29.52 -15.99 -43.29
N ASP K 38 28.92 -15.05 -44.02
CA ASP K 38 27.71 -15.30 -44.78
C ASP K 38 27.91 -14.80 -46.21
N ASP K 39 27.12 -15.37 -47.13
CA ASP K 39 27.27 -15.05 -48.54
C ASP K 39 26.95 -13.58 -48.83
N ALA K 40 25.94 -13.04 -48.15
CA ALA K 40 25.56 -11.65 -48.39
C ALA K 40 26.64 -10.68 -47.97
N ASP K 41 27.50 -11.07 -47.03
CA ASP K 41 28.58 -10.19 -46.58
C ASP K 41 29.57 -9.91 -47.70
N ILE K 42 29.92 -10.93 -48.47
CA ILE K 42 30.91 -10.80 -49.53
C ILE K 42 30.27 -10.56 -50.89
N ALA K 43 28.96 -10.33 -50.93
CA ALA K 43 28.29 -10.11 -52.21
C ALA K 43 28.78 -8.85 -52.94
N PRO K 44 28.89 -7.68 -52.32
CA PRO K 44 29.30 -6.49 -53.07
C PRO K 44 30.78 -6.44 -53.43
N TYR K 45 31.52 -7.53 -53.28
CA TYR K 45 32.97 -7.54 -53.45
C TYR K 45 33.42 -8.62 -54.43
N HIS K 46 32.75 -8.72 -55.59
CA HIS K 46 33.20 -9.66 -56.60
C HIS K 46 34.45 -9.19 -57.32
N ASP K 47 34.67 -7.86 -57.39
CA ASP K 47 35.80 -7.34 -58.13
C ASP K 47 37.13 -7.77 -57.53
N ASN K 48 37.23 -7.82 -56.21
CA ASN K 48 38.48 -8.12 -55.53
C ASN K 48 38.79 -9.61 -55.49
N PHE K 49 37.88 -10.47 -55.95
CA PHE K 49 38.11 -11.90 -55.90
C PHE K 49 39.19 -12.32 -56.88
N HIS K 50 39.98 -13.32 -56.51
CA HIS K 50 41.02 -13.83 -57.39
C HIS K 50 40.42 -14.46 -58.63
N GLN K 51 41.11 -14.30 -59.75
CA GLN K 51 40.63 -14.81 -61.02
C GLN K 51 40.85 -16.30 -61.19
N GLN K 52 41.75 -16.90 -60.42
CA GLN K 52 42.05 -18.34 -60.50
C GLN K 52 41.96 -18.95 -59.10
N PRO K 53 40.74 -19.23 -58.62
CA PRO K 53 40.60 -19.90 -57.32
C PRO K 53 41.36 -21.21 -57.24
N ARG K 54 42.36 -21.25 -56.36
CA ARG K 54 43.11 -22.48 -56.15
C ARG K 54 42.28 -23.49 -55.38
N TYR K 55 42.45 -24.76 -55.72
CA TYR K 55 41.69 -25.85 -55.11
C TYR K 55 42.60 -26.69 -54.23
N ILE K 56 42.20 -26.88 -52.97
CA ILE K 56 42.94 -27.69 -52.02
C ILE K 56 41.97 -28.69 -51.40
N PRO K 57 42.21 -30.00 -51.54
CA PRO K 57 41.26 -30.97 -50.99
C PRO K 57 41.45 -31.20 -49.50
N LEU K 58 40.33 -31.50 -48.84
CA LEU K 58 40.35 -31.84 -47.43
C LEU K 58 40.74 -33.30 -47.24
N SER K 59 41.17 -33.63 -46.02
CA SER K 59 41.53 -35.01 -45.70
C SER K 59 40.28 -35.89 -45.62
N GLN K 60 39.24 -35.39 -44.97
CA GLN K 60 37.99 -36.12 -44.78
C GLN K 60 36.84 -35.17 -45.05
N PRO K 61 35.68 -35.69 -45.46
CA PRO K 61 34.57 -34.80 -45.85
C PRO K 61 34.03 -34.02 -44.66
N MET K 62 33.53 -32.82 -44.96
CA MET K 62 32.87 -31.95 -43.98
C MET K 62 31.53 -31.53 -44.55
N PRO K 63 30.53 -32.42 -44.53
CA PRO K 63 29.24 -32.12 -45.17
C PRO K 63 28.52 -30.93 -44.54
N LEU K 64 28.69 -30.71 -43.23
CA LEU K 64 27.90 -29.68 -42.55
C LEU K 64 28.37 -28.27 -42.87
N LEU K 65 29.58 -28.11 -43.40
CA LEU K 65 30.13 -26.79 -43.69
C LEU K 65 30.13 -26.45 -45.16
N ALA K 66 29.28 -27.11 -45.95
CA ALA K 66 29.28 -26.90 -47.39
C ALA K 66 28.80 -25.50 -47.75
N ASN K 67 29.45 -24.91 -48.76
CA ASN K 67 29.09 -23.61 -49.32
C ASN K 67 29.17 -22.49 -48.30
N THR K 68 30.03 -22.62 -47.29
CA THR K 68 30.17 -21.60 -46.27
C THR K 68 31.52 -20.91 -46.40
N PRO K 69 31.55 -19.60 -46.65
CA PRO K 69 32.84 -18.90 -46.72
C PRO K 69 33.41 -18.63 -45.33
N PHE K 70 34.74 -18.59 -45.27
CA PHE K 70 35.47 -18.31 -44.04
C PHE K 70 36.56 -17.29 -44.32
N ILE K 71 37.07 -16.68 -43.25
CA ILE K 71 38.28 -15.86 -43.31
C ILE K 71 39.22 -16.38 -42.23
N VAL K 72 40.43 -16.76 -42.65
CA VAL K 72 41.37 -17.47 -41.79
C VAL K 72 42.73 -16.78 -41.85
N THR K 73 43.63 -17.25 -41.00
CA THR K 73 45.01 -16.78 -40.97
C THR K 73 45.93 -17.75 -41.70
N GLY K 74 47.10 -17.25 -42.08
CA GLY K 74 48.07 -18.06 -42.79
C GLY K 74 48.90 -18.94 -41.87
N SER K 75 49.71 -19.80 -42.48
CA SER K 75 50.59 -20.69 -41.74
C SER K 75 52.00 -20.12 -41.73
N GLY K 76 52.57 -19.99 -40.53
CA GLY K 76 53.85 -19.34 -40.37
C GLY K 76 53.80 -17.84 -40.30
N LYS K 77 52.61 -17.26 -40.31
CA LYS K 77 52.45 -15.81 -40.23
C LYS K 77 52.42 -15.37 -38.76
N PHE K 78 52.83 -14.13 -38.52
CA PHE K 78 52.91 -13.57 -37.17
C PHE K 78 51.70 -12.68 -36.94
N PHE K 79 51.08 -12.83 -35.77
CA PHE K 79 49.94 -11.97 -35.43
C PHE K 79 50.35 -10.51 -35.35
N ARG K 80 51.63 -10.25 -35.08
CA ARG K 80 52.12 -8.87 -35.02
C ARG K 80 52.11 -8.22 -36.39
N ASN K 81 52.17 -9.01 -37.46
CA ASN K 81 52.29 -8.49 -38.81
C ASN K 81 50.96 -8.40 -39.56
N VAL K 82 49.86 -8.87 -38.96
CA VAL K 82 48.58 -8.85 -39.66
C VAL K 82 48.12 -7.43 -39.92
N GLN K 83 48.27 -6.56 -38.93
CA GLN K 83 47.89 -5.15 -39.11
C GLN K 83 48.74 -4.45 -40.15
N LEU K 84 49.89 -5.01 -40.51
CA LEU K 84 50.78 -4.38 -41.47
C LEU K 84 50.44 -4.75 -42.91
N ASP K 85 49.84 -5.91 -43.14
CA ASP K 85 49.44 -6.34 -44.47
C ASP K 85 48.31 -7.36 -44.38
N PRO K 86 47.05 -6.91 -44.41
CA PRO K 86 45.94 -7.88 -44.31
C PRO K 86 45.90 -8.89 -45.45
N ALA K 87 46.28 -8.47 -46.66
CA ALA K 87 46.18 -9.35 -47.82
C ALA K 87 47.14 -10.52 -47.73
N ALA K 88 48.37 -10.28 -47.29
CA ALA K 88 49.38 -11.32 -47.26
C ALA K 88 49.28 -12.24 -46.06
N ASN K 89 48.49 -11.87 -45.05
CA ASN K 89 48.38 -12.67 -43.83
C ASN K 89 47.01 -13.30 -43.64
N LEU K 90 45.95 -12.67 -44.14
CA LEU K 90 44.59 -13.18 -44.03
C LEU K 90 44.08 -13.60 -45.39
N GLY K 91 43.32 -14.68 -45.41
CA GLY K 91 42.77 -15.19 -46.65
C GLY K 91 41.33 -15.62 -46.48
N ILE K 92 40.56 -15.49 -47.56
CA ILE K 92 39.16 -15.87 -47.60
C ILE K 92 39.04 -17.17 -48.40
N VAL K 93 38.41 -18.17 -47.79
CA VAL K 93 38.20 -19.46 -48.44
C VAL K 93 36.71 -19.75 -48.49
N LYS K 94 36.32 -20.61 -49.43
CA LYS K 94 34.93 -21.02 -49.58
C LYS K 94 34.88 -22.50 -49.89
N VAL K 95 34.07 -23.23 -49.13
CA VAL K 95 33.95 -24.68 -49.30
C VAL K 95 33.05 -24.96 -50.50
N ASP K 96 33.40 -26.01 -51.25
CA ASP K 96 32.62 -26.37 -52.43
C ASP K 96 31.27 -26.98 -52.02
N SER K 97 30.41 -27.18 -53.02
CA SER K 97 29.05 -27.65 -52.78
C SER K 97 29.00 -29.07 -52.25
N CYS K 98 30.09 -29.85 -52.37
CA CYS K 98 30.10 -31.22 -51.89
C CYS K 98 30.76 -31.37 -50.52
N GLY K 99 31.76 -30.54 -50.22
CA GLY K 99 32.45 -30.64 -48.94
C GLY K 99 33.75 -31.41 -48.98
N ALA K 100 34.45 -31.42 -50.11
CA ALA K 100 35.72 -32.13 -50.22
C ALA K 100 36.91 -31.19 -50.40
N GLY K 101 36.69 -29.96 -50.85
CA GLY K 101 37.76 -29.01 -51.04
C GLY K 101 37.24 -27.61 -50.86
N TYR K 102 38.16 -26.64 -50.93
CA TYR K 102 37.80 -25.24 -50.84
C TYR K 102 38.61 -24.43 -51.83
N HIS K 103 38.08 -23.26 -52.18
CA HIS K 103 38.70 -22.36 -53.15
C HIS K 103 39.18 -21.10 -52.44
N ILE K 104 40.43 -20.72 -52.71
CA ILE K 104 40.98 -19.49 -52.16
C ILE K 104 40.54 -18.34 -53.06
N LEU K 105 39.65 -17.48 -52.55
CA LEU K 105 39.07 -16.41 -53.34
C LEU K 105 39.83 -15.10 -53.20
N TRP K 106 40.39 -14.81 -52.03
CA TRP K 106 41.05 -13.54 -51.78
C TRP K 106 42.17 -13.73 -50.78
N GLY K 107 43.16 -12.86 -50.85
CA GLY K 107 44.25 -12.91 -49.90
C GLY K 107 45.18 -14.08 -50.12
N LEU K 108 46.00 -14.35 -49.11
CA LEU K 108 47.00 -15.42 -49.13
C LEU K 108 47.90 -15.29 -50.36
N THR K 109 48.45 -14.10 -50.54
CA THR K 109 49.30 -13.81 -51.68
C THR K 109 50.61 -14.61 -51.59
N ASN K 110 51.18 -14.91 -52.76
CA ASN K 110 52.48 -15.57 -52.89
C ASN K 110 52.44 -17.00 -52.39
N GLU K 111 51.42 -17.75 -52.82
CA GLU K 111 51.32 -19.19 -52.56
C GLU K 111 51.34 -19.49 -51.06
N ALA K 112 50.64 -18.67 -50.27
CA ALA K 112 50.47 -18.96 -48.86
C ALA K 112 49.35 -19.98 -48.65
N VAL K 113 49.37 -20.60 -47.49
CA VAL K 113 48.41 -21.66 -47.16
C VAL K 113 47.78 -21.37 -45.81
N PRO K 114 46.57 -21.87 -45.53
CA PRO K 114 45.97 -21.68 -44.21
C PRO K 114 46.78 -22.36 -43.11
N THR K 115 46.35 -22.15 -41.87
CA THR K 115 47.07 -22.63 -40.71
C THR K 115 47.12 -24.16 -40.70
N SER K 116 48.08 -24.68 -39.93
CA SER K 116 48.28 -26.13 -39.84
C SER K 116 47.23 -26.82 -39.00
N GLU K 117 46.47 -26.07 -38.20
CA GLU K 117 45.41 -26.64 -37.37
C GLU K 117 44.03 -26.48 -38.00
N LEU K 118 43.97 -26.19 -39.30
CA LEU K 118 42.67 -26.03 -39.96
C LEU K 118 41.77 -27.25 -39.83
N PRO K 119 42.26 -28.50 -39.98
CA PRO K 119 41.37 -29.64 -39.69
C PRO K 119 40.81 -29.63 -38.28
N ALA K 120 41.60 -29.20 -37.29
CA ALA K 120 41.08 -29.11 -35.93
C ALA K 120 40.08 -27.95 -35.81
N HIS K 121 40.35 -26.84 -36.50
CA HIS K 121 39.41 -25.72 -36.50
C HIS K 121 38.09 -26.11 -37.15
N PHE K 122 38.15 -26.84 -38.26
CA PHE K 122 36.94 -27.22 -38.99
C PHE K 122 36.10 -28.22 -38.19
N LEU K 123 36.76 -29.14 -37.49
CA LEU K 123 36.01 -30.15 -36.73
C LEU K 123 35.24 -29.51 -35.59
N SER K 124 35.83 -28.55 -34.88
CA SER K 124 35.13 -27.89 -33.79
C SER K 124 34.06 -26.94 -34.31
N HIS K 125 34.24 -26.38 -35.50
CA HIS K 125 33.20 -25.54 -36.09
C HIS K 125 31.92 -26.32 -36.32
N SER K 126 32.04 -27.54 -36.83
CA SER K 126 30.86 -28.36 -37.07
C SER K 126 30.19 -28.77 -35.76
N GLU K 127 30.99 -29.09 -34.74
CA GLU K 127 30.43 -29.54 -33.47
C GLU K 127 29.72 -28.41 -32.73
N ARG K 128 30.31 -27.21 -32.73
CA ARG K 128 29.73 -26.11 -31.95
C ARG K 128 28.40 -25.65 -32.52
N ILE K 129 28.14 -25.91 -33.81
CA ILE K 129 26.85 -25.55 -34.39
C ILE K 129 25.73 -26.35 -33.74
N LYS K 130 25.96 -27.64 -33.51
CA LYS K 130 24.93 -28.49 -32.92
C LYS K 130 24.59 -28.05 -31.50
N ALA K 131 25.61 -27.71 -30.70
CA ALA K 131 25.38 -27.40 -29.30
C ALA K 131 24.77 -26.02 -29.06
N THR K 132 24.89 -25.10 -30.02
CA THR K 132 24.40 -23.74 -29.84
C THR K 132 23.36 -23.31 -30.86
N ASN K 133 22.92 -24.21 -31.74
CA ASN K 133 21.92 -23.90 -32.76
C ASN K 133 22.38 -22.73 -33.64
N GLY K 134 23.62 -22.87 -34.12
CA GLY K 134 24.18 -21.92 -35.05
C GLY K 134 24.41 -20.53 -34.51
N LYS K 135 24.84 -20.40 -33.25
CA LYS K 135 25.15 -19.10 -32.67
C LYS K 135 26.64 -18.83 -32.59
N ASP K 136 27.44 -19.81 -32.16
CA ASP K 136 28.88 -19.63 -32.12
C ASP K 136 29.45 -19.52 -33.52
N ARG K 137 30.44 -18.64 -33.69
CA ARG K 137 31.03 -18.42 -35.01
C ARG K 137 32.54 -18.26 -35.00
N VAL K 138 33.21 -18.39 -33.85
CA VAL K 138 34.63 -18.09 -33.74
C VAL K 138 35.31 -19.17 -32.92
N ILE K 139 36.47 -19.64 -33.39
CA ILE K 139 37.34 -20.55 -32.65
C ILE K 139 38.70 -19.88 -32.52
N MET K 140 39.24 -19.87 -31.29
CA MET K 140 40.50 -19.18 -31.01
C MET K 140 41.41 -20.06 -30.16
N HIS K 141 42.69 -20.08 -30.52
CA HIS K 141 43.71 -20.82 -29.78
C HIS K 141 44.85 -19.87 -29.43
N CYS K 142 45.32 -19.94 -28.18
CA CYS K 142 46.42 -19.09 -27.74
C CYS K 142 47.10 -19.75 -26.56
N HIS K 143 48.29 -19.26 -26.25
CA HIS K 143 49.12 -19.80 -25.17
C HIS K 143 48.99 -18.91 -23.94
N ALA K 144 48.04 -19.26 -23.07
CA ALA K 144 47.82 -18.49 -21.85
C ALA K 144 48.94 -18.75 -20.86
N THR K 145 49.62 -17.69 -20.45
CA THR K 145 50.82 -17.84 -19.63
C THR K 145 50.51 -18.46 -18.27
N ASN K 146 49.43 -17.99 -17.63
CA ASN K 146 49.15 -18.45 -16.27
C ASN K 146 48.38 -19.77 -16.25
N LEU K 147 47.66 -20.09 -17.32
CA LEU K 147 46.99 -21.38 -17.38
C LEU K 147 47.96 -22.51 -17.68
N ILE K 148 49.07 -22.21 -18.37
CA ILE K 148 50.10 -23.21 -18.60
C ILE K 148 50.73 -23.65 -17.27
N ALA K 149 51.06 -22.66 -16.42
CA ALA K 149 51.73 -22.98 -15.16
C ALA K 149 50.80 -23.72 -14.20
N LEU K 150 49.48 -23.59 -14.37
CA LEU K 150 48.56 -24.27 -13.48
C LEU K 150 48.48 -25.76 -13.77
N THR K 151 48.74 -26.17 -15.01
CA THR K 151 48.71 -27.59 -15.34
C THR K 151 49.86 -28.35 -14.71
N TYR K 152 50.95 -27.67 -14.34
CA TYR K 152 52.08 -28.31 -13.69
C TYR K 152 51.85 -28.60 -12.22
N VAL K 153 50.87 -27.96 -11.59
CA VAL K 153 50.77 -27.96 -10.14
C VAL K 153 49.51 -28.67 -9.66
N LEU K 154 48.45 -28.60 -10.46
CA LEU K 154 47.17 -29.17 -10.07
C LEU K 154 46.85 -30.41 -10.90
N GLU K 155 46.01 -31.26 -10.33
CA GLU K 155 45.61 -32.49 -11.02
C GLU K 155 44.85 -32.15 -12.30
N ASN K 156 45.18 -32.87 -13.38
CA ASN K 156 44.54 -32.66 -14.67
C ASN K 156 43.21 -33.40 -14.70
N ASP K 157 42.29 -32.93 -13.87
CA ASP K 157 40.96 -33.50 -13.76
C ASP K 157 39.93 -32.40 -13.97
N THR K 158 38.82 -32.75 -14.64
CA THR K 158 37.81 -31.75 -14.97
C THR K 158 37.19 -31.15 -13.71
N ALA K 159 36.85 -31.98 -12.72
CA ALA K 159 36.17 -31.49 -11.54
C ALA K 159 37.10 -30.63 -10.67
N VAL K 160 38.36 -31.05 -10.54
CA VAL K 160 39.29 -30.29 -9.70
C VAL K 160 39.60 -28.94 -10.33
N PHE K 161 39.86 -28.92 -11.64
CA PHE K 161 40.22 -27.67 -12.30
C PHE K 161 39.05 -26.69 -12.32
N THR K 162 37.84 -27.18 -12.58
CA THR K 162 36.68 -26.30 -12.67
C THR K 162 36.39 -25.63 -11.33
N ARG K 163 36.47 -26.38 -10.23
CA ARG K 163 36.18 -25.80 -8.92
C ARG K 163 37.21 -24.75 -8.54
N GLN K 164 38.49 -24.99 -8.82
CA GLN K 164 39.52 -24.03 -8.47
C GLN K 164 39.36 -22.72 -9.22
N LEU K 165 39.01 -22.79 -10.50
CA LEU K 165 38.83 -21.57 -11.28
C LEU K 165 37.59 -20.79 -10.84
N TRP K 166 36.55 -21.49 -10.41
CA TRP K 166 35.35 -20.81 -9.94
C TRP K 166 35.59 -20.00 -8.67
N GLU K 167 36.51 -20.48 -7.81
CA GLU K 167 36.84 -19.75 -6.60
C GLU K 167 37.70 -18.52 -6.86
N GLY K 168 38.35 -18.44 -8.03
CA GLY K 168 39.25 -17.34 -8.30
C GLY K 168 38.57 -15.98 -8.38
N SER K 169 37.36 -15.92 -8.91
CA SER K 169 36.63 -14.67 -8.98
C SER K 169 35.14 -14.96 -9.00
N THR K 170 34.35 -13.98 -8.57
CA THR K 170 32.91 -14.15 -8.51
C THR K 170 32.30 -14.34 -9.89
N GLU K 171 32.79 -13.58 -10.87
CA GLU K 171 32.18 -13.56 -12.20
C GLU K 171 32.47 -14.79 -13.04
N CYS K 172 33.34 -15.69 -12.56
CA CYS K 172 33.74 -16.84 -13.38
C CYS K 172 32.56 -17.77 -13.65
N LEU K 173 31.70 -17.98 -12.66
CA LEU K 173 30.61 -18.93 -12.82
C LEU K 173 29.64 -18.49 -13.91
N VAL K 174 29.35 -17.18 -13.99
CA VAL K 174 28.41 -16.69 -14.99
C VAL K 174 29.00 -16.82 -16.39
N VAL K 175 30.31 -16.67 -16.53
CA VAL K 175 30.92 -16.64 -17.87
C VAL K 175 30.95 -18.04 -18.48
N PHE K 176 31.52 -19.01 -17.75
CA PHE K 176 31.58 -20.40 -18.20
C PHE K 176 31.03 -21.32 -17.12
N PRO K 177 29.70 -21.40 -16.99
CA PRO K 177 29.11 -22.30 -15.99
C PRO K 177 29.34 -23.78 -16.28
N ASP K 178 29.68 -24.13 -17.52
CA ASP K 178 29.87 -25.53 -17.87
C ASP K 178 31.26 -26.05 -17.50
N GLY K 179 32.18 -25.18 -17.09
CA GLY K 179 33.51 -25.61 -16.73
C GLY K 179 34.45 -25.67 -17.92
N VAL K 180 35.68 -26.08 -17.64
CA VAL K 180 36.73 -26.23 -18.64
C VAL K 180 37.24 -27.65 -18.61
N GLY K 181 37.31 -28.30 -19.77
CA GLY K 181 37.77 -29.65 -19.89
C GLY K 181 39.28 -29.73 -20.14
N ILE K 182 39.84 -30.89 -19.86
CA ILE K 182 41.27 -31.14 -20.04
C ILE K 182 41.44 -32.45 -20.79
N LEU K 183 42.59 -32.59 -21.46
CA LEU K 183 42.90 -33.72 -22.30
C LEU K 183 44.28 -34.26 -21.97
N PRO K 184 44.54 -35.54 -22.25
CA PRO K 184 45.89 -36.07 -22.09
C PRO K 184 46.84 -35.51 -23.15
N TRP K 185 48.12 -35.52 -22.81
CA TRP K 185 49.12 -34.94 -23.70
C TRP K 185 49.17 -35.69 -25.02
N MET K 186 49.21 -34.94 -26.12
CA MET K 186 49.31 -35.50 -27.47
C MET K 186 50.33 -34.70 -28.26
N VAL K 187 50.74 -35.26 -29.39
CA VAL K 187 51.65 -34.57 -30.32
C VAL K 187 50.82 -33.65 -31.20
N PRO K 188 51.06 -32.35 -31.17
CA PRO K 188 50.24 -31.42 -31.97
C PRO K 188 50.46 -31.59 -33.46
N GLY K 189 49.43 -31.25 -34.22
CA GLY K 189 49.50 -31.29 -35.67
C GLY K 189 49.04 -32.58 -36.31
N THR K 190 48.34 -33.44 -35.57
CA THR K 190 47.87 -34.72 -36.08
C THR K 190 46.36 -34.79 -35.98
N ASP K 191 45.78 -35.67 -36.81
CA ASP K 191 44.34 -35.90 -36.76
C ASP K 191 43.90 -36.55 -35.45
N ALA K 192 44.83 -37.18 -34.73
CA ALA K 192 44.47 -37.78 -33.45
C ALA K 192 44.06 -36.72 -32.44
N ILE K 193 44.76 -35.59 -32.41
CA ILE K 193 44.43 -34.54 -31.46
C ILE K 193 43.23 -33.72 -31.94
N GLY K 194 43.02 -33.65 -33.26
CA GLY K 194 41.87 -32.92 -33.77
C GLY K 194 40.55 -33.57 -33.40
N GLN K 195 40.48 -34.90 -33.52
CA GLN K 195 39.25 -35.62 -33.19
C GLN K 195 38.96 -35.55 -31.70
N ALA K 196 40.00 -35.70 -30.86
CA ALA K 196 39.78 -35.65 -29.42
C ALA K 196 39.37 -34.25 -28.96
N THR K 197 39.95 -33.21 -29.56
CA THR K 197 39.58 -31.84 -29.20
C THR K 197 38.12 -31.57 -29.53
N ALA K 198 37.66 -31.99 -30.71
CA ALA K 198 36.27 -31.80 -31.08
C ALA K 198 35.32 -32.61 -30.21
N GLN K 199 35.83 -33.62 -29.51
CA GLN K 199 34.98 -34.41 -28.63
C GLN K 199 34.64 -33.64 -27.35
N GLU K 200 35.62 -32.93 -26.79
CA GLU K 200 35.38 -32.17 -25.57
C GLU K 200 34.53 -30.93 -25.81
N MET K 201 34.43 -30.46 -27.06
CA MET K 201 33.57 -29.32 -27.36
C MET K 201 32.09 -29.65 -27.24
N GLN K 202 31.73 -30.93 -27.15
CA GLN K 202 30.34 -31.32 -27.00
C GLN K 202 29.75 -30.89 -25.67
N LYS K 203 30.60 -30.60 -24.66
CA LYS K 203 30.12 -30.27 -23.33
C LYS K 203 30.80 -29.05 -22.72
N HIS K 204 31.78 -28.45 -23.39
CA HIS K 204 32.49 -27.30 -22.85
C HIS K 204 32.66 -26.24 -23.94
N SER K 205 32.87 -25.01 -23.49
CA SER K 205 33.23 -23.90 -24.37
C SER K 205 34.69 -23.50 -24.22
N LEU K 206 35.43 -24.17 -23.35
CA LEU K 206 36.85 -23.91 -23.13
C LEU K 206 37.56 -25.24 -22.93
N VAL K 207 38.52 -25.53 -23.80
CA VAL K 207 39.26 -26.80 -23.77
C VAL K 207 40.73 -26.50 -23.52
N LEU K 208 41.35 -27.27 -22.63
CA LEU K 208 42.71 -27.03 -22.18
C LEU K 208 43.65 -28.09 -22.71
N TRP K 209 44.76 -27.65 -23.31
CA TRP K 209 45.84 -28.54 -23.72
C TRP K 209 47.00 -28.39 -22.74
N PRO K 210 47.38 -29.44 -22.02
CA PRO K 210 48.45 -29.29 -21.03
C PRO K 210 49.76 -28.87 -21.67
N PHE K 211 50.44 -27.93 -21.00
CA PHE K 211 51.76 -27.46 -21.38
C PHE K 211 51.80 -26.76 -22.75
N HIS K 212 50.66 -26.63 -23.41
CA HIS K 212 50.62 -25.98 -24.71
C HIS K 212 49.78 -24.72 -24.75
N GLY K 213 48.50 -24.79 -24.38
CA GLY K 213 47.65 -23.64 -24.53
C GLY K 213 46.20 -23.95 -24.18
N VAL K 214 45.29 -23.18 -24.79
CA VAL K 214 43.88 -23.27 -24.48
C VAL K 214 43.08 -22.95 -25.74
N PHE K 215 41.88 -23.53 -25.84
CA PHE K 215 40.97 -23.30 -26.94
C PHE K 215 39.69 -22.64 -26.42
N GLY K 216 39.05 -21.85 -27.27
CA GLY K 216 37.84 -21.14 -26.88
C GLY K 216 36.92 -20.89 -28.06
N SER K 217 35.66 -20.64 -27.76
CA SER K 217 34.64 -20.37 -28.76
C SER K 217 33.63 -19.37 -28.22
N GLY K 218 32.99 -18.64 -29.14
CA GLY K 218 32.02 -17.64 -28.76
C GLY K 218 31.20 -17.14 -29.92
N PRO K 219 30.19 -16.32 -29.64
CA PRO K 219 29.30 -15.86 -30.73
C PRO K 219 29.95 -14.86 -31.67
N THR K 220 30.65 -13.86 -31.14
CA THR K 220 31.28 -12.84 -31.95
C THR K 220 32.75 -12.72 -31.56
N LEU K 221 33.47 -11.85 -32.28
CA LEU K 221 34.89 -11.66 -32.00
C LEU K 221 35.11 -11.03 -30.63
N ASP K 222 34.28 -10.06 -30.25
CA ASP K 222 34.43 -9.41 -28.96
C ASP K 222 34.10 -10.35 -27.81
N GLU K 223 33.04 -11.15 -27.95
CA GLU K 223 32.64 -12.06 -26.88
C GLU K 223 33.65 -13.19 -26.71
N THR K 224 34.18 -13.72 -27.82
CA THR K 224 35.14 -14.81 -27.73
C THR K 224 36.43 -14.37 -27.06
N PHE K 225 36.91 -13.17 -27.38
CA PHE K 225 38.13 -12.66 -26.76
C PHE K 225 37.94 -12.45 -25.26
N GLY K 226 36.77 -11.94 -24.87
CA GLY K 226 36.51 -11.70 -23.45
C GLY K 226 36.44 -12.97 -22.62
N LEU K 227 35.91 -14.05 -23.20
CA LEU K 227 35.76 -15.30 -22.45
C LEU K 227 37.12 -15.84 -22.03
N ILE K 228 38.09 -15.86 -22.95
CA ILE K 228 39.44 -16.31 -22.60
C ILE K 228 40.09 -15.34 -21.64
N ASP K 229 39.85 -14.04 -21.81
CA ASP K 229 40.44 -13.04 -20.94
C ASP K 229 39.94 -13.17 -19.51
N THR K 230 38.65 -13.48 -19.34
CA THR K 230 38.08 -13.63 -18.00
C THR K 230 38.70 -14.82 -17.27
N ALA K 231 38.86 -15.95 -17.97
CA ALA K 231 39.46 -17.13 -17.34
C ALA K 231 40.93 -16.91 -17.01
N GLU K 232 41.64 -16.14 -17.84
CA GLU K 232 43.05 -15.87 -17.59
C GLU K 232 43.25 -15.07 -16.32
N LYS K 233 42.39 -14.07 -16.07
CA LYS K 233 42.53 -13.25 -14.88
C LYS K 233 42.35 -14.08 -13.61
N SER K 234 41.38 -14.99 -13.62
CA SER K 234 41.18 -15.87 -12.46
C SER K 234 42.40 -16.75 -12.22
N ALA K 235 43.00 -17.27 -13.30
CA ALA K 235 44.20 -18.07 -13.16
C ALA K 235 45.37 -17.26 -12.62
N GLN K 236 45.42 -15.96 -12.93
CA GLN K 236 46.49 -15.12 -12.43
C GLN K 236 46.39 -14.91 -10.93
N VAL K 237 45.17 -14.82 -10.40
CA VAL K 237 44.99 -14.65 -8.96
C VAL K 237 45.37 -15.92 -8.22
N LEU K 238 44.93 -17.08 -8.72
CA LEU K 238 45.22 -18.34 -8.03
C LEU K 238 46.70 -18.59 -7.92
N VAL K 239 47.46 -18.32 -8.99
CA VAL K 239 48.91 -18.54 -8.97
C VAL K 239 49.56 -17.68 -7.89
N LYS K 240 49.15 -16.42 -7.79
CA LYS K 240 49.74 -15.53 -6.78
C LYS K 240 49.40 -16.00 -5.37
N VAL K 241 48.15 -16.42 -5.14
CA VAL K 241 47.75 -16.88 -3.81
C VAL K 241 48.41 -18.21 -3.46
N TYR K 242 48.54 -19.11 -4.45
CA TYR K 242 49.25 -20.36 -4.20
C TYR K 242 50.70 -20.12 -3.79
N SER K 243 51.32 -19.07 -4.32
CA SER K 243 52.66 -18.70 -3.91
C SER K 243 52.71 -18.23 -2.46
N MET K 244 51.56 -17.94 -1.86
CA MET K 244 51.49 -17.59 -0.44
C MET K 244 51.49 -18.80 0.47
N GLY K 245 50.93 -19.91 0.02
CA GLY K 245 50.84 -21.11 0.85
C GLY K 245 49.55 -21.86 0.66
N GLY K 246 48.56 -21.21 0.07
CA GLY K 246 47.27 -21.83 -0.20
C GLY K 246 46.12 -21.01 0.33
N MET K 247 44.92 -21.47 -0.01
CA MET K 247 43.70 -20.80 0.39
C MET K 247 43.53 -20.87 1.91
N LYS K 248 42.94 -19.80 2.47
CA LYS K 248 42.55 -19.77 3.88
C LYS K 248 41.04 -19.71 4.05
N GLN K 249 40.39 -18.74 3.42
CA GLN K 249 38.93 -18.71 3.33
C GLN K 249 38.55 -18.42 1.88
N THR K 250 37.58 -19.18 1.38
CA THR K 250 37.14 -19.05 -0.01
C THR K 250 35.63 -18.99 -0.05
N ILE K 251 35.10 -18.86 -1.26
CA ILE K 251 33.65 -18.92 -1.46
C ILE K 251 33.21 -20.37 -1.32
N SER K 252 32.40 -20.65 -0.30
CA SER K 252 31.99 -22.02 -0.03
C SER K 252 30.87 -22.44 -0.98
N ARG K 253 30.54 -23.73 -0.92
CA ARG K 253 29.52 -24.29 -1.80
C ARG K 253 28.15 -23.69 -1.51
N GLU K 254 27.93 -23.19 -0.30
CA GLU K 254 26.66 -22.56 0.04
C GLU K 254 26.43 -21.29 -0.77
N GLU K 255 27.50 -20.50 -0.98
CA GLU K 255 27.37 -19.28 -1.77
C GLU K 255 27.34 -19.58 -3.27
N LEU K 256 28.02 -20.63 -3.72
CA LEU K 256 28.05 -20.93 -5.15
C LEU K 256 26.66 -21.27 -5.66
N ILE K 257 25.91 -22.07 -4.91
CA ILE K 257 24.55 -22.39 -5.34
C ILE K 257 23.65 -21.16 -5.26
N ALA K 258 23.90 -20.26 -4.31
CA ALA K 258 23.10 -19.04 -4.19
C ALA K 258 23.32 -18.13 -5.39
N LEU K 259 24.56 -18.03 -5.88
CA LEU K 259 24.85 -17.15 -7.00
C LEU K 259 24.31 -17.69 -8.31
N GLY K 260 24.23 -19.01 -8.46
CA GLY K 260 23.78 -19.59 -9.71
C GLY K 260 22.32 -19.32 -10.01
N LYS K 261 21.45 -19.36 -8.99
CA LYS K 261 20.03 -19.24 -9.22
C LYS K 261 19.62 -17.82 -9.59
N ARG K 262 20.37 -16.82 -9.11
CA ARG K 262 20.02 -15.44 -9.43
C ARG K 262 20.15 -15.15 -10.92
N PHE K 263 21.23 -15.61 -11.54
CA PHE K 263 21.47 -15.37 -12.96
C PHE K 263 20.91 -16.47 -13.85
N GLY K 264 20.37 -17.54 -13.27
CA GLY K 264 19.79 -18.60 -14.06
C GLY K 264 20.79 -19.44 -14.82
N VAL K 265 21.73 -20.03 -14.10
CA VAL K 265 22.73 -20.91 -14.69
C VAL K 265 22.82 -22.18 -13.85
N THR K 266 23.01 -23.32 -14.52
CA THR K 266 23.10 -24.60 -13.82
C THR K 266 24.56 -25.01 -13.73
N PRO K 267 25.18 -24.98 -12.56
CA PRO K 267 26.60 -25.34 -12.45
C PRO K 267 26.81 -26.82 -12.68
N LEU K 268 28.06 -27.17 -12.96
CA LEU K 268 28.42 -28.56 -13.21
C LEU K 268 28.24 -29.40 -11.94
N ALA K 269 27.47 -30.47 -12.06
CA ALA K 269 27.15 -31.29 -10.89
C ALA K 269 28.40 -31.93 -10.30
N SER K 270 29.28 -32.45 -11.14
CA SER K 270 30.49 -33.09 -10.63
C SER K 270 31.41 -32.08 -9.95
N ALA K 271 31.53 -30.88 -10.53
CA ALA K 271 32.38 -29.86 -9.93
C ALA K 271 31.76 -29.27 -8.67
N LEU K 272 30.43 -29.07 -8.67
CA LEU K 272 29.77 -28.50 -7.50
C LEU K 272 29.80 -29.47 -6.33
N ALA K 273 29.64 -30.77 -6.60
CA ALA K 273 29.71 -31.76 -5.54
C ALA K 273 31.11 -31.89 -4.95
N LEU K 274 32.14 -31.50 -5.69
CA LEU K 274 33.51 -31.56 -5.20
C LEU K 274 33.75 -30.54 -4.10
N MET L 1 65.33 11.98 -54.92
CA MET L 1 65.58 10.55 -54.92
C MET L 1 65.01 9.98 -53.63
N GLN L 2 64.48 8.76 -53.69
CA GLN L 2 63.87 8.14 -52.53
C GLN L 2 64.91 7.96 -51.43
N ASN L 3 64.67 8.63 -50.30
CA ASN L 3 65.61 8.57 -49.18
C ASN L 3 65.70 7.14 -48.65
N ILE L 4 66.90 6.77 -48.20
CA ILE L 4 67.18 5.38 -47.84
C ILE L 4 66.47 4.94 -46.57
N THR L 5 66.04 5.87 -45.71
CA THR L 5 65.46 5.48 -44.43
C THR L 5 64.07 4.87 -44.56
N GLN L 6 63.46 4.92 -45.74
CA GLN L 6 62.19 4.25 -45.98
C GLN L 6 62.35 2.96 -46.78
N SER L 7 63.58 2.50 -46.98
CA SER L 7 63.82 1.26 -47.70
C SER L 7 63.40 0.06 -46.85
N TRP L 8 63.53 -1.13 -47.43
CA TRP L 8 63.11 -2.34 -46.72
C TRP L 8 64.03 -2.65 -45.55
N PHE L 9 65.33 -2.46 -45.71
CA PHE L 9 66.27 -2.87 -44.68
C PHE L 9 66.40 -1.86 -43.54
N VAL L 10 65.94 -0.62 -43.74
CA VAL L 10 65.99 0.36 -42.67
C VAL L 10 64.74 0.29 -41.81
N GLN L 11 63.56 0.16 -42.43
CA GLN L 11 62.32 0.04 -41.67
C GLN L 11 62.31 -1.22 -40.82
N GLY L 12 63.04 -2.26 -41.24
CA GLY L 12 63.15 -3.45 -40.42
C GLY L 12 63.94 -3.22 -39.14
N MET L 13 64.98 -2.40 -39.20
CA MET L 13 65.76 -2.09 -38.01
C MET L 13 64.98 -1.27 -37.01
N ILE L 14 64.08 -0.39 -37.50
CA ILE L 14 63.27 0.41 -36.60
C ILE L 14 62.27 -0.45 -35.84
N LYS L 15 61.68 -1.44 -36.53
CA LYS L 15 60.68 -2.30 -35.90
C LYS L 15 61.28 -3.13 -34.77
N ALA L 16 62.47 -3.69 -34.98
CA ALA L 16 63.04 -4.62 -34.01
C ALA L 16 63.49 -3.89 -32.75
N THR L 17 64.03 -2.69 -32.90
CA THR L 17 64.52 -1.95 -31.73
C THR L 17 63.38 -1.55 -30.81
N THR L 18 62.25 -1.12 -31.36
CA THR L 18 61.13 -0.68 -30.54
C THR L 18 60.45 -1.86 -29.85
N ASP L 19 60.30 -2.99 -30.55
CA ASP L 19 59.69 -4.16 -29.93
C ASP L 19 60.55 -4.70 -28.79
N ALA L 20 61.88 -4.70 -28.98
CA ALA L 20 62.76 -5.15 -27.91
C ALA L 20 62.76 -4.19 -26.75
N TRP L 21 62.62 -2.88 -27.02
CA TRP L 21 62.57 -1.89 -25.95
C TRP L 21 61.28 -2.01 -25.15
N LEU L 22 60.14 -2.11 -25.82
CA LEU L 22 58.85 -2.15 -25.13
C LEU L 22 58.69 -3.41 -24.30
N LYS L 23 59.45 -4.46 -24.57
CA LYS L 23 59.37 -5.70 -23.81
C LYS L 23 60.13 -5.63 -22.49
N GLY L 24 60.71 -4.48 -22.16
CA GLY L 24 61.53 -4.37 -20.97
C GLY L 24 62.78 -5.21 -21.02
N TRP L 25 63.45 -5.24 -22.18
CA TRP L 25 64.59 -6.12 -22.41
C TRP L 25 65.92 -5.39 -22.48
N ASP L 26 65.95 -4.15 -22.95
CA ASP L 26 67.20 -3.47 -23.31
C ASP L 26 67.25 -2.08 -22.69
N GLU L 27 67.00 -2.01 -21.38
CA GLU L 27 67.12 -0.76 -20.65
C GLU L 27 68.52 -0.18 -20.77
N ARG L 28 68.61 1.14 -20.63
CA ARG L 28 69.87 1.89 -20.74
C ARG L 28 70.44 1.63 -22.13
N ASN L 29 71.72 1.28 -22.25
CA ASN L 29 72.35 1.05 -23.55
C ASN L 29 72.57 -0.42 -23.87
N GLY L 30 72.05 -1.33 -23.05
CA GLY L 30 72.28 -2.74 -23.31
C GLY L 30 71.61 -3.20 -24.58
N GLY L 31 72.22 -4.16 -25.25
CA GLY L 31 71.65 -4.75 -26.45
C GLY L 31 72.36 -4.29 -27.71
N ASN L 32 72.59 -5.23 -28.63
CA ASN L 32 73.23 -4.96 -29.90
C ASN L 32 72.70 -5.93 -30.94
N LEU L 33 72.83 -5.55 -32.21
CA LEU L 33 72.19 -6.30 -33.28
C LEU L 33 72.84 -5.95 -34.61
N THR L 34 73.21 -6.97 -35.38
CA THR L 34 73.85 -6.80 -36.68
C THR L 34 73.10 -7.60 -37.74
N LEU L 35 72.97 -7.01 -38.93
CA LEU L 35 72.31 -7.66 -40.06
C LEU L 35 73.19 -7.53 -41.30
N ARG L 36 73.57 -8.66 -41.87
CA ARG L 36 74.42 -8.67 -43.06
C ARG L 36 73.59 -8.34 -44.30
N LEU L 37 74.11 -7.44 -45.13
CA LEU L 37 73.41 -6.95 -46.31
C LEU L 37 74.07 -7.50 -47.58
N ASP L 38 73.54 -7.06 -48.72
CA ASP L 38 74.03 -7.48 -50.02
C ASP L 38 74.41 -6.26 -50.85
N ASP L 39 75.19 -6.51 -51.90
CA ASP L 39 75.74 -5.42 -52.70
C ASP L 39 74.66 -4.70 -53.50
N ALA L 40 73.70 -5.45 -54.05
CA ALA L 40 72.70 -4.85 -54.93
C ALA L 40 71.71 -3.98 -54.15
N ASP L 41 71.51 -4.26 -52.87
CA ASP L 41 70.48 -3.54 -52.10
C ASP L 41 70.84 -2.08 -51.93
N ILE L 42 72.13 -1.78 -51.66
CA ILE L 42 72.53 -0.40 -51.42
C ILE L 42 72.92 0.34 -52.69
N ALA L 43 72.94 -0.34 -53.83
CA ALA L 43 73.32 0.32 -55.08
C ALA L 43 72.39 1.47 -55.48
N PRO L 44 71.07 1.33 -55.44
CA PRO L 44 70.22 2.45 -55.90
C PRO L 44 70.35 3.72 -55.08
N TYR L 45 70.88 3.64 -53.85
CA TYR L 45 70.92 4.77 -52.93
C TYR L 45 72.31 5.39 -52.84
N HIS L 46 72.99 5.53 -53.99
CA HIS L 46 74.37 6.02 -54.01
C HIS L 46 74.51 7.44 -53.45
N ASP L 47 73.42 8.21 -53.40
CA ASP L 47 73.53 9.62 -52.99
C ASP L 47 73.66 9.82 -51.49
N ASN L 48 73.55 8.75 -50.69
CA ASN L 48 73.46 8.91 -49.24
C ASN L 48 74.78 8.70 -48.51
N PHE L 49 75.72 7.97 -49.09
CA PHE L 49 76.94 7.63 -48.35
C PHE L 49 77.81 8.85 -48.11
N HIS L 50 78.60 8.78 -47.03
CA HIS L 50 79.44 9.89 -46.62
C HIS L 50 80.60 10.08 -47.59
N GLN L 51 81.15 11.30 -47.60
CA GLN L 51 82.25 11.62 -48.50
C GLN L 51 83.57 11.02 -48.05
N GLN L 52 83.88 11.08 -46.75
CA GLN L 52 85.15 10.59 -46.21
C GLN L 52 84.90 9.37 -45.33
N PRO L 53 85.23 8.17 -45.81
CA PRO L 53 85.07 6.98 -44.97
C PRO L 53 86.17 6.88 -43.93
N ARG L 54 85.79 6.97 -42.66
CA ARG L 54 86.73 6.74 -41.58
C ARG L 54 87.18 5.27 -41.57
N TYR L 55 88.45 5.04 -41.27
CA TYR L 55 89.00 3.70 -41.22
C TYR L 55 89.32 3.36 -39.78
N ILE L 56 88.76 2.23 -39.31
CA ILE L 56 89.09 1.69 -38.00
C ILE L 56 89.54 0.25 -38.20
N PRO L 57 90.81 -0.08 -37.93
CA PRO L 57 91.29 -1.43 -38.19
C PRO L 57 90.67 -2.45 -37.25
N LEU L 58 90.57 -3.69 -37.73
CA LEU L 58 90.03 -4.77 -36.93
C LEU L 58 91.08 -5.31 -35.97
N SER L 59 90.60 -5.97 -34.91
CA SER L 59 91.52 -6.57 -33.93
C SER L 59 92.34 -7.68 -34.56
N GLN L 60 91.70 -8.55 -35.33
CA GLN L 60 92.36 -9.68 -35.97
C GLN L 60 91.79 -9.84 -37.37
N PRO L 61 92.58 -10.40 -38.29
CA PRO L 61 92.12 -10.51 -39.68
C PRO L 61 90.88 -11.38 -39.83
N MET L 62 89.99 -10.98 -40.74
CA MET L 62 88.80 -11.75 -41.11
C MET L 62 88.72 -11.78 -42.63
N PRO L 63 89.54 -12.63 -43.27
CA PRO L 63 89.54 -12.66 -44.74
C PRO L 63 88.21 -13.07 -45.35
N LEU L 64 87.41 -13.89 -44.66
CA LEU L 64 86.18 -14.41 -45.25
C LEU L 64 85.15 -13.30 -45.48
N LEU L 65 85.05 -12.33 -44.58
CA LEU L 65 84.00 -11.32 -44.63
C LEU L 65 84.35 -10.13 -45.51
N ALA L 66 85.25 -10.32 -46.47
CA ALA L 66 85.69 -9.21 -47.32
C ALA L 66 84.56 -8.73 -48.22
N ASN L 67 84.51 -7.41 -48.41
CA ASN L 67 83.57 -6.76 -49.34
C ASN L 67 82.11 -7.00 -48.98
N THR L 68 81.81 -7.25 -47.70
CA THR L 68 80.44 -7.50 -47.29
C THR L 68 79.92 -6.30 -46.50
N PRO L 69 78.95 -5.55 -47.02
CA PRO L 69 78.38 -4.44 -46.25
C PRO L 69 77.43 -4.95 -45.18
N PHE L 70 77.34 -4.17 -44.10
CA PHE L 70 76.53 -4.51 -42.94
C PHE L 70 75.71 -3.31 -42.51
N ILE L 71 74.79 -3.55 -41.57
CA ILE L 71 74.12 -2.50 -40.83
C ILE L 71 74.06 -2.91 -39.36
N VAL L 72 74.48 -2.01 -38.48
CA VAL L 72 74.59 -2.29 -37.05
C VAL L 72 74.14 -1.06 -36.26
N THR L 73 73.97 -1.24 -34.96
CA THR L 73 73.63 -0.17 -34.05
C THR L 73 74.90 0.48 -33.50
N GLY L 74 74.78 1.77 -33.16
CA GLY L 74 75.91 2.50 -32.62
C GLY L 74 76.18 2.16 -31.17
N SER L 75 77.36 2.56 -30.72
CA SER L 75 77.76 2.33 -29.33
C SER L 75 77.31 3.49 -28.45
N GLY L 76 76.72 3.15 -27.31
CA GLY L 76 76.20 4.15 -26.40
C GLY L 76 74.82 4.68 -26.76
N LYS L 77 74.25 4.22 -27.87
CA LYS L 77 72.93 4.66 -28.28
C LYS L 77 71.85 3.95 -27.47
N PHE L 78 70.66 4.57 -27.44
CA PHE L 78 69.53 4.04 -26.69
C PHE L 78 68.54 3.41 -27.65
N PHE L 79 68.10 2.19 -27.35
CA PHE L 79 67.10 1.53 -28.18
C PHE L 79 65.77 2.26 -28.18
N ARG L 80 65.50 3.08 -27.16
CA ARG L 80 64.28 3.88 -27.15
C ARG L 80 64.32 4.96 -28.22
N ASN L 81 65.48 5.57 -28.43
CA ASN L 81 65.63 6.72 -29.31
C ASN L 81 65.94 6.34 -30.75
N VAL L 82 66.10 5.04 -31.05
CA VAL L 82 66.46 4.63 -32.40
C VAL L 82 65.37 5.01 -33.39
N GLN L 83 64.11 4.78 -33.02
CA GLN L 83 62.99 5.09 -33.91
C GLN L 83 62.92 6.59 -34.21
N LEU L 84 63.34 7.43 -33.26
CA LEU L 84 63.23 8.87 -33.44
C LEU L 84 64.19 9.39 -34.50
N ASP L 85 65.36 8.75 -34.65
CA ASP L 85 66.36 9.21 -35.63
C ASP L 85 67.23 8.03 -36.02
N PRO L 86 66.89 7.35 -37.12
CA PRO L 86 67.74 6.24 -37.60
C PRO L 86 69.09 6.69 -38.11
N ALA L 87 69.20 7.92 -38.63
CA ALA L 87 70.44 8.35 -39.26
C ALA L 87 71.58 8.46 -38.25
N ALA L 88 71.32 9.13 -37.13
CA ALA L 88 72.35 9.33 -36.12
C ALA L 88 72.51 8.15 -35.19
N ASN L 89 71.66 7.12 -35.31
CA ASN L 89 71.71 5.97 -34.42
C ASN L 89 72.08 4.66 -35.12
N LEU L 90 72.03 4.61 -36.45
CA LEU L 90 72.40 3.42 -37.20
C LEU L 90 73.42 3.78 -38.27
N GLY L 91 74.34 2.86 -38.52
CA GLY L 91 75.37 3.09 -39.51
C GLY L 91 75.64 1.84 -40.32
N ILE L 92 76.03 2.04 -41.57
CA ILE L 92 76.33 0.96 -42.51
C ILE L 92 77.84 0.96 -42.76
N VAL L 93 78.47 -0.19 -42.53
CA VAL L 93 79.91 -0.34 -42.71
C VAL L 93 80.15 -1.39 -43.78
N LYS L 94 81.37 -1.37 -44.34
CA LYS L 94 81.77 -2.31 -45.37
C LYS L 94 83.23 -2.69 -45.15
N VAL L 95 83.51 -3.99 -45.18
CA VAL L 95 84.86 -4.49 -44.94
C VAL L 95 85.69 -4.30 -46.21
N ASP L 96 87.01 -4.31 -46.05
CA ASP L 96 87.92 -4.09 -47.18
C ASP L 96 88.08 -5.38 -47.98
N SER L 97 89.03 -5.39 -48.91
CA SER L 97 89.26 -6.55 -49.76
C SER L 97 90.22 -7.57 -49.14
N CYS L 98 90.83 -7.25 -48.00
CA CYS L 98 91.76 -8.16 -47.35
C CYS L 98 91.27 -8.67 -46.01
N GLY L 99 90.49 -7.89 -45.28
CA GLY L 99 90.04 -8.30 -43.96
C GLY L 99 90.76 -7.61 -42.83
N ALA L 100 91.01 -6.30 -42.96
CA ALA L 100 91.74 -5.54 -41.95
C ALA L 100 90.96 -4.37 -41.39
N GLY L 101 90.17 -3.67 -42.20
CA GLY L 101 89.45 -2.50 -41.74
C GLY L 101 88.10 -2.39 -42.42
N TYR L 102 87.28 -1.47 -41.91
CA TYR L 102 85.97 -1.21 -42.47
C TYR L 102 85.78 0.28 -42.65
N HIS L 103 84.92 0.65 -43.59
CA HIS L 103 84.64 2.04 -43.91
C HIS L 103 83.22 2.36 -43.47
N ILE L 104 83.07 3.42 -42.68
CA ILE L 104 81.75 3.87 -42.26
C ILE L 104 81.10 4.56 -43.44
N LEU L 105 80.14 3.87 -44.07
CA LEU L 105 79.59 4.36 -45.34
C LEU L 105 78.50 5.40 -45.13
N TRP L 106 77.53 5.12 -44.26
CA TRP L 106 76.40 6.02 -44.06
C TRP L 106 76.05 6.09 -42.59
N GLY L 107 75.53 7.24 -42.17
CA GLY L 107 75.07 7.41 -40.80
C GLY L 107 76.21 7.45 -39.80
N LEU L 108 75.87 7.15 -38.55
CA LEU L 108 76.83 7.15 -37.44
C LEU L 108 77.52 8.50 -37.31
N THR L 109 76.72 9.56 -37.23
CA THR L 109 77.25 10.91 -37.13
C THR L 109 77.75 11.18 -35.71
N ASN L 110 78.15 12.43 -35.48
CA ASN L 110 78.71 12.87 -34.20
C ASN L 110 79.94 12.04 -33.81
N GLU L 111 80.69 11.61 -34.82
CA GLU L 111 81.88 10.77 -34.62
C GLU L 111 81.55 9.52 -33.80
N ALA L 112 80.39 8.94 -34.04
CA ALA L 112 79.99 7.74 -33.34
C ALA L 112 80.74 6.53 -33.88
N VAL L 113 80.77 5.47 -33.08
CA VAL L 113 81.46 4.24 -33.46
C VAL L 113 80.48 3.07 -33.25
N PRO L 114 80.69 1.98 -33.98
CA PRO L 114 79.86 0.78 -33.74
C PRO L 114 80.06 0.24 -32.33
N THR L 115 79.20 -0.71 -31.97
CA THR L 115 79.15 -1.22 -30.61
C THR L 115 80.47 -1.88 -30.22
N SER L 116 80.79 -1.79 -28.93
CA SER L 116 82.02 -2.40 -28.43
C SER L 116 82.02 -3.92 -28.54
N GLU L 117 80.84 -4.53 -28.67
CA GLU L 117 80.73 -5.96 -28.87
C GLU L 117 80.87 -6.36 -30.34
N LEU L 118 81.43 -5.47 -31.17
CA LEU L 118 81.65 -5.81 -32.58
C LEU L 118 82.56 -7.02 -32.78
N PRO L 119 83.68 -7.18 -32.08
CA PRO L 119 84.49 -8.38 -32.29
C PRO L 119 83.74 -9.69 -32.06
N ALA L 120 82.85 -9.73 -31.06
CA ALA L 120 82.10 -10.94 -30.77
C ALA L 120 81.09 -11.29 -31.84
N HIS L 121 80.82 -10.38 -32.77
CA HIS L 121 79.82 -10.62 -33.81
C HIS L 121 80.44 -11.06 -35.14
N PHE L 122 81.60 -10.49 -35.50
CA PHE L 122 82.24 -10.88 -36.74
C PHE L 122 82.79 -12.31 -36.67
N LEU L 123 83.24 -12.72 -35.49
CA LEU L 123 83.62 -14.13 -35.31
C LEU L 123 82.41 -15.05 -35.49
N SER L 124 81.27 -14.67 -34.92
CA SER L 124 80.08 -15.52 -35.01
C SER L 124 79.45 -15.45 -36.40
N HIS L 125 79.63 -14.34 -37.11
CA HIS L 125 79.03 -14.22 -38.44
C HIS L 125 79.63 -15.22 -39.41
N SER L 126 80.94 -15.46 -39.31
CA SER L 126 81.59 -16.41 -40.22
C SER L 126 81.22 -17.85 -39.86
N GLU L 127 81.10 -18.16 -38.56
CA GLU L 127 80.76 -19.51 -38.16
C GLU L 127 79.37 -19.92 -38.66
N ARG L 128 78.41 -18.99 -38.59
CA ARG L 128 77.06 -19.30 -39.05
C ARG L 128 77.00 -19.48 -40.56
N ILE L 129 77.90 -18.83 -41.29
CA ILE L 129 77.92 -19.00 -42.75
C ILE L 129 78.32 -20.43 -43.12
N LYS L 130 79.36 -20.95 -42.46
CA LYS L 130 79.81 -22.31 -42.77
C LYS L 130 78.85 -23.34 -42.22
N ALA L 131 78.18 -23.03 -41.10
CA ALA L 131 77.28 -23.99 -40.48
C ALA L 131 75.94 -24.10 -41.21
N THR L 132 75.47 -23.01 -41.81
CA THR L 132 74.17 -22.98 -42.46
C THR L 132 74.25 -22.66 -43.95
N ASN L 133 75.44 -22.76 -44.55
CA ASN L 133 75.63 -22.52 -45.98
C ASN L 133 75.16 -21.12 -46.38
N GLY L 134 75.43 -20.14 -45.54
CA GLY L 134 75.11 -18.77 -45.87
C GLY L 134 73.66 -18.38 -45.74
N LYS L 135 72.90 -19.07 -44.89
CA LYS L 135 71.48 -18.73 -44.70
C LYS L 135 71.25 -17.86 -43.47
N ASP L 136 72.14 -17.91 -42.49
CA ASP L 136 72.01 -17.07 -41.31
C ASP L 136 72.59 -15.68 -41.59
N ARG L 137 71.88 -14.64 -41.13
CA ARG L 137 72.29 -13.27 -41.41
C ARG L 137 72.12 -12.32 -40.23
N VAL L 138 71.69 -12.79 -39.06
CA VAL L 138 71.38 -11.91 -37.94
C VAL L 138 71.98 -12.48 -36.66
N ILE L 139 72.65 -11.63 -35.90
CA ILE L 139 73.14 -11.97 -34.57
C ILE L 139 72.59 -10.93 -33.60
N MET L 140 72.00 -11.39 -32.50
CA MET L 140 71.31 -10.52 -31.56
C MET L 140 71.74 -10.83 -30.13
N HIS L 141 71.68 -9.81 -29.28
CA HIS L 141 71.96 -9.97 -27.85
C HIS L 141 71.06 -9.01 -27.09
N CYS L 142 70.45 -9.50 -26.00
CA CYS L 142 69.53 -8.70 -25.22
C CYS L 142 69.52 -9.20 -23.78
N HIS L 143 69.33 -8.27 -22.85
CA HIS L 143 69.27 -8.60 -21.43
C HIS L 143 67.84 -8.99 -21.08
N ALA L 144 67.47 -10.20 -21.50
CA ALA L 144 66.17 -10.75 -21.13
C ALA L 144 66.09 -10.93 -19.62
N THR L 145 64.96 -10.50 -19.03
CA THR L 145 64.89 -10.41 -17.58
C THR L 145 64.75 -11.77 -16.91
N ASN L 146 64.23 -12.78 -17.61
CA ASN L 146 63.97 -14.07 -16.99
C ASN L 146 65.06 -15.09 -17.24
N LEU L 147 65.72 -15.03 -18.41
CA LEU L 147 66.83 -15.94 -18.66
C LEU L 147 67.97 -15.70 -17.67
N ILE L 148 68.19 -14.44 -17.30
CA ILE L 148 69.22 -14.11 -16.31
C ILE L 148 68.89 -14.75 -14.97
N ALA L 149 67.63 -14.67 -14.55
CA ALA L 149 67.25 -15.14 -13.21
C ALA L 149 67.46 -16.64 -13.05
N LEU L 150 67.13 -17.42 -14.08
CA LEU L 150 67.23 -18.87 -13.96
C LEU L 150 68.67 -19.37 -13.94
N THR L 151 69.64 -18.56 -14.37
CA THR L 151 71.03 -18.95 -14.26
C THR L 151 71.51 -18.99 -12.81
N TYR L 152 70.78 -18.36 -11.90
CA TYR L 152 71.13 -18.34 -10.48
C TYR L 152 70.58 -19.53 -9.72
N VAL L 153 69.67 -20.30 -10.30
CA VAL L 153 68.98 -21.36 -9.57
C VAL L 153 69.36 -22.76 -10.05
N LEU L 154 69.71 -22.93 -11.32
CA LEU L 154 70.04 -24.24 -11.87
C LEU L 154 71.51 -24.27 -12.27
N GLU L 155 72.10 -25.45 -12.14
CA GLU L 155 73.52 -25.62 -12.43
C GLU L 155 73.82 -25.32 -13.89
N ASN L 156 74.93 -24.63 -14.14
CA ASN L 156 75.35 -24.30 -15.49
C ASN L 156 75.81 -25.57 -16.17
N ASP L 157 74.97 -26.13 -17.04
CA ASP L 157 75.29 -27.35 -17.75
C ASP L 157 74.33 -27.52 -18.91
N THR L 158 74.86 -27.88 -20.08
CA THR L 158 74.05 -27.94 -21.29
C THR L 158 72.97 -29.00 -21.17
N ALA L 159 73.27 -30.13 -20.53
CA ALA L 159 72.31 -31.22 -20.45
C ALA L 159 71.07 -30.84 -19.66
N VAL L 160 71.24 -30.09 -18.57
CA VAL L 160 70.12 -29.79 -17.68
C VAL L 160 69.33 -28.57 -18.13
N PHE L 161 70.00 -27.51 -18.59
CA PHE L 161 69.28 -26.32 -19.01
C PHE L 161 68.46 -26.57 -20.28
N THR L 162 69.05 -27.28 -21.24
CA THR L 162 68.33 -27.55 -22.49
C THR L 162 67.09 -28.40 -22.24
N ARG L 163 67.21 -29.40 -21.37
CA ARG L 163 66.04 -30.20 -21.01
C ARG L 163 65.01 -29.36 -20.27
N GLN L 164 65.47 -28.41 -19.44
CA GLN L 164 64.56 -27.59 -18.65
C GLN L 164 63.69 -26.72 -19.54
N LEU L 165 64.27 -26.08 -20.55
CA LEU L 165 63.50 -25.22 -21.45
C LEU L 165 62.48 -26.03 -22.24
N TRP L 166 62.82 -27.27 -22.59
CA TRP L 166 61.91 -28.09 -23.38
C TRP L 166 60.66 -28.48 -22.61
N GLU L 167 60.74 -28.51 -21.28
CA GLU L 167 59.59 -28.88 -20.47
C GLU L 167 58.55 -27.76 -20.38
N GLY L 168 58.99 -26.50 -20.41
CA GLY L 168 58.08 -25.39 -20.25
C GLY L 168 57.23 -25.04 -21.45
N SER L 169 57.54 -25.60 -22.62
CA SER L 169 56.77 -25.31 -23.83
C SER L 169 56.87 -26.50 -24.77
N THR L 170 55.74 -26.82 -25.42
CA THR L 170 55.74 -27.91 -26.39
C THR L 170 56.59 -27.55 -27.61
N GLU L 171 56.52 -26.31 -28.07
CA GLU L 171 57.20 -25.89 -29.28
C GLU L 171 58.69 -25.65 -29.09
N CYS L 172 59.21 -25.82 -27.87
CA CYS L 172 60.63 -25.52 -27.63
C CYS L 172 61.54 -26.47 -28.41
N LEU L 173 61.15 -27.74 -28.51
CA LEU L 173 61.98 -28.72 -29.23
C LEU L 173 62.14 -28.34 -30.70
N VAL L 174 61.07 -27.89 -31.34
CA VAL L 174 61.11 -27.63 -32.77
C VAL L 174 62.01 -26.45 -33.10
N VAL L 175 62.02 -25.43 -32.24
CA VAL L 175 62.70 -24.18 -32.57
C VAL L 175 64.21 -24.34 -32.46
N PHE L 176 64.69 -24.82 -31.30
CA PHE L 176 66.12 -25.03 -31.07
C PHE L 176 66.33 -26.47 -30.61
N PRO L 177 66.37 -27.42 -31.55
CA PRO L 177 66.50 -28.82 -31.15
C PRO L 177 67.91 -29.21 -30.73
N ASP L 178 68.93 -28.52 -31.22
CA ASP L 178 70.31 -28.87 -30.89
C ASP L 178 70.68 -28.53 -29.46
N GLY L 179 69.82 -27.83 -28.73
CA GLY L 179 70.09 -27.46 -27.36
C GLY L 179 70.79 -26.10 -27.26
N VAL L 180 71.08 -25.73 -26.02
CA VAL L 180 71.74 -24.46 -25.73
C VAL L 180 72.90 -24.72 -24.78
N GLY L 181 74.08 -24.23 -25.14
CA GLY L 181 75.27 -24.38 -24.33
C GLY L 181 75.51 -23.13 -23.49
N ILE L 182 75.87 -23.35 -22.23
CA ILE L 182 76.01 -22.29 -21.25
C ILE L 182 77.48 -22.18 -20.86
N LEU L 183 78.02 -20.97 -20.97
CA LEU L 183 79.42 -20.70 -20.67
C LEU L 183 79.59 -20.46 -19.18
N PRO L 184 80.83 -20.33 -18.70
CA PRO L 184 81.07 -19.72 -17.40
C PRO L 184 81.27 -18.21 -17.54
N TRP L 185 81.21 -17.53 -16.40
CA TRP L 185 81.32 -16.08 -16.40
C TRP L 185 82.70 -15.63 -16.85
N MET L 186 82.74 -14.53 -17.58
CA MET L 186 84.00 -13.97 -18.04
C MET L 186 83.78 -12.49 -18.36
N VAL L 187 84.80 -11.68 -18.08
CA VAL L 187 84.68 -10.23 -18.15
C VAL L 187 84.36 -9.81 -19.58
N PRO L 188 83.33 -9.01 -19.81
CA PRO L 188 83.00 -8.59 -21.18
C PRO L 188 83.94 -7.52 -21.69
N GLY L 189 83.80 -7.21 -22.96
CA GLY L 189 84.63 -6.20 -23.60
C GLY L 189 86.03 -6.66 -23.95
N THR L 190 86.33 -7.95 -23.82
CA THR L 190 87.63 -8.51 -24.13
C THR L 190 87.52 -9.46 -25.31
N ASP L 191 88.67 -9.84 -25.86
CA ASP L 191 88.70 -10.76 -26.99
C ASP L 191 88.52 -12.21 -26.57
N ALA L 192 88.66 -12.51 -25.28
CA ALA L 192 88.45 -13.88 -24.82
C ALA L 192 86.98 -14.29 -24.99
N ILE L 193 86.05 -13.39 -24.71
CA ILE L 193 84.64 -13.70 -24.88
C ILE L 193 84.24 -13.75 -26.35
N GLY L 194 85.00 -13.10 -27.22
CA GLY L 194 84.72 -13.23 -28.64
C GLY L 194 85.00 -14.63 -29.17
N GLN L 195 86.12 -15.22 -28.72
CA GLN L 195 86.49 -16.56 -29.20
C GLN L 195 85.59 -17.62 -28.61
N ALA L 196 85.32 -17.55 -27.30
CA ALA L 196 84.53 -18.58 -26.64
C ALA L 196 83.11 -18.62 -27.19
N THR L 197 82.50 -17.46 -27.42
CA THR L 197 81.16 -17.42 -27.98
C THR L 197 81.14 -17.96 -29.41
N ALA L 198 82.14 -17.61 -30.21
CA ALA L 198 82.19 -18.11 -31.59
C ALA L 198 82.44 -19.61 -31.62
N GLN L 199 83.23 -20.12 -30.67
CA GLN L 199 83.49 -21.56 -30.63
C GLN L 199 82.20 -22.35 -30.37
N GLU L 200 81.36 -21.83 -29.47
CA GLU L 200 80.11 -22.52 -29.15
C GLU L 200 79.09 -22.43 -30.28
N MET L 201 79.25 -21.48 -31.20
CA MET L 201 78.28 -21.31 -32.26
C MET L 201 78.33 -22.43 -33.30
N GLN L 202 79.38 -23.25 -33.28
CA GLN L 202 79.47 -24.35 -34.23
C GLN L 202 78.36 -25.37 -34.03
N LYS L 203 78.02 -25.68 -32.78
CA LYS L 203 77.00 -26.67 -32.47
C LYS L 203 75.71 -26.08 -31.92
N HIS L 204 75.69 -24.79 -31.58
CA HIS L 204 74.52 -24.17 -30.98
C HIS L 204 74.14 -22.91 -31.73
N SER L 205 72.87 -22.53 -31.62
CA SER L 205 72.38 -21.25 -32.09
C SER L 205 72.02 -20.31 -30.95
N LEU L 206 71.89 -20.82 -29.73
CA LEU L 206 71.60 -20.02 -28.55
C LEU L 206 72.78 -20.15 -27.58
N VAL L 207 73.33 -19.02 -27.15
CA VAL L 207 74.47 -18.97 -26.25
C VAL L 207 74.13 -18.05 -25.09
N LEU L 208 74.13 -18.60 -23.88
CA LEU L 208 73.86 -17.82 -22.67
C LEU L 208 75.15 -17.36 -22.00
N TRP L 209 75.20 -16.08 -21.65
CA TRP L 209 76.26 -15.51 -20.83
C TRP L 209 75.80 -15.49 -19.39
N PRO L 210 76.56 -16.07 -18.45
CA PRO L 210 76.11 -16.06 -17.05
C PRO L 210 75.92 -14.66 -16.53
N PHE L 211 74.75 -14.41 -15.95
CA PHE L 211 74.37 -13.13 -15.35
C PHE L 211 74.50 -11.96 -16.32
N HIS L 212 74.51 -12.22 -17.62
CA HIS L 212 74.53 -11.14 -18.61
C HIS L 212 73.37 -11.19 -19.58
N GLY L 213 73.10 -12.34 -20.20
CA GLY L 213 72.02 -12.38 -21.18
C GLY L 213 72.16 -13.59 -22.10
N VAL L 214 71.69 -13.41 -23.34
CA VAL L 214 71.59 -14.48 -24.31
C VAL L 214 72.11 -14.01 -25.66
N PHE L 215 72.47 -14.97 -26.51
CA PHE L 215 72.87 -14.74 -27.89
C PHE L 215 72.05 -15.63 -28.80
N GLY L 216 71.91 -15.21 -30.06
CA GLY L 216 71.11 -15.97 -31.00
C GLY L 216 71.42 -15.61 -32.44
N SER L 217 71.10 -16.56 -33.34
CA SER L 217 71.33 -16.39 -34.76
C SER L 217 70.08 -16.79 -35.54
N GLY L 218 69.87 -16.14 -36.68
CA GLY L 218 68.71 -16.40 -37.49
C GLY L 218 68.84 -15.84 -38.89
N PRO L 219 67.98 -16.31 -39.81
CA PRO L 219 68.09 -15.88 -41.21
C PRO L 219 67.52 -14.49 -41.46
N THR L 220 66.49 -14.11 -40.71
CA THR L 220 65.82 -12.83 -40.90
C THR L 220 65.71 -12.11 -39.56
N LEU L 221 65.32 -10.83 -39.64
CA LEU L 221 65.09 -10.06 -38.43
C LEU L 221 63.93 -10.61 -37.61
N ASP L 222 62.85 -11.00 -38.29
CA ASP L 222 61.67 -11.49 -37.58
C ASP L 222 61.93 -12.83 -36.90
N GLU L 223 62.64 -13.74 -37.57
CA GLU L 223 62.82 -15.08 -37.02
C GLU L 223 63.79 -15.07 -35.85
N THR L 224 64.84 -14.25 -35.92
CA THR L 224 65.76 -14.16 -34.79
C THR L 224 65.07 -13.56 -33.56
N PHE L 225 64.23 -12.55 -33.77
CA PHE L 225 63.45 -12.01 -32.66
C PHE L 225 62.48 -13.05 -32.11
N GLY L 226 61.85 -13.83 -33.00
CA GLY L 226 60.97 -14.89 -32.54
C GLY L 226 61.71 -15.99 -31.81
N LEU L 227 62.93 -16.29 -32.23
CA LEU L 227 63.72 -17.33 -31.58
C LEU L 227 64.04 -16.94 -30.13
N ILE L 228 64.42 -15.68 -29.91
CA ILE L 228 64.74 -15.23 -28.56
C ILE L 228 63.49 -15.22 -27.70
N ASP L 229 62.34 -14.84 -28.28
CA ASP L 229 61.10 -14.79 -27.51
C ASP L 229 60.62 -16.18 -27.12
N THR L 230 60.81 -17.17 -28.00
CA THR L 230 60.32 -18.51 -27.72
C THR L 230 60.98 -19.11 -26.49
N ALA L 231 62.31 -18.96 -26.38
CA ALA L 231 63.00 -19.40 -25.17
C ALA L 231 62.66 -18.51 -23.99
N GLU L 232 62.35 -17.24 -24.25
CA GLU L 232 61.97 -16.32 -23.17
C GLU L 232 60.59 -16.64 -22.63
N LYS L 233 59.69 -17.12 -23.47
CA LYS L 233 58.36 -17.52 -23.00
C LYS L 233 58.45 -18.68 -22.03
N SER L 234 59.32 -19.65 -22.32
CA SER L 234 59.45 -20.83 -21.46
C SER L 234 60.03 -20.47 -20.11
N ALA L 235 61.02 -19.57 -20.07
CA ALA L 235 61.63 -19.19 -18.81
C ALA L 235 60.62 -18.54 -17.88
N GLN L 236 59.73 -17.71 -18.43
CA GLN L 236 58.71 -17.06 -17.62
C GLN L 236 57.73 -18.08 -17.03
N VAL L 237 57.60 -19.25 -17.65
CA VAL L 237 56.66 -20.25 -17.15
C VAL L 237 57.27 -21.02 -15.99
N LEU L 238 58.50 -21.51 -16.15
CA LEU L 238 59.16 -22.28 -15.09
C LEU L 238 59.35 -21.45 -13.83
N VAL L 239 59.48 -20.13 -13.97
CA VAL L 239 59.69 -19.27 -12.81
C VAL L 239 58.49 -19.33 -11.88
N LYS L 240 57.28 -19.26 -12.43
CA LYS L 240 56.09 -19.25 -11.60
C LYS L 240 55.87 -20.59 -10.90
N VAL L 241 56.13 -21.70 -11.59
CA VAL L 241 55.89 -23.02 -11.01
C VAL L 241 56.86 -23.29 -9.87
N TYR L 242 58.14 -22.91 -10.04
CA TYR L 242 59.11 -23.13 -8.97
C TYR L 242 58.75 -22.33 -7.72
N SER L 243 58.33 -21.08 -7.90
CA SER L 243 58.01 -20.23 -6.76
C SER L 243 56.69 -20.60 -6.10
N MET L 244 55.87 -21.43 -6.75
CA MET L 244 54.57 -21.80 -6.23
C MET L 244 54.61 -23.06 -5.37
N GLY L 245 55.67 -23.86 -5.46
CA GLY L 245 55.78 -25.04 -4.64
C GLY L 245 56.50 -26.21 -5.27
N GLY L 246 56.74 -26.14 -6.59
CA GLY L 246 57.52 -27.18 -7.24
C GLY L 246 56.78 -27.94 -8.32
N MET L 247 57.48 -28.25 -9.41
CA MET L 247 56.87 -28.98 -10.52
C MET L 247 56.45 -30.37 -10.06
N LYS L 248 55.24 -30.77 -10.44
CA LYS L 248 54.70 -32.07 -10.07
C LYS L 248 54.46 -32.98 -11.27
N GLN L 249 54.09 -32.42 -12.41
CA GLN L 249 53.98 -33.18 -13.66
C GLN L 249 54.83 -32.49 -14.73
N THR L 250 55.27 -33.27 -15.70
CA THR L 250 56.13 -32.74 -16.76
C THR L 250 55.99 -33.65 -17.98
N ILE L 251 56.83 -33.39 -18.97
CA ILE L 251 56.83 -34.17 -20.20
C ILE L 251 57.84 -35.31 -20.06
N SER L 252 57.38 -36.52 -20.37
CA SER L 252 58.25 -37.69 -20.31
C SER L 252 59.25 -37.68 -21.46
N ARG L 253 60.37 -38.37 -21.25
CA ARG L 253 61.40 -38.44 -22.28
C ARG L 253 60.93 -39.20 -23.51
N GLU L 254 60.04 -40.18 -23.32
CA GLU L 254 59.50 -40.92 -24.46
C GLU L 254 58.65 -40.02 -25.35
N GLU L 255 57.87 -39.11 -24.75
CA GLU L 255 57.05 -38.20 -25.53
C GLU L 255 57.91 -37.27 -26.38
N LEU L 256 59.01 -36.77 -25.82
CA LEU L 256 59.88 -35.87 -26.58
C LEU L 256 60.52 -36.57 -27.77
N ILE L 257 60.71 -37.89 -27.67
CA ILE L 257 61.25 -38.64 -28.81
C ILE L 257 60.25 -38.65 -29.97
N ALA L 258 58.97 -38.87 -29.66
CA ALA L 258 57.95 -38.89 -30.70
C ALA L 258 57.71 -37.51 -31.30
N LEU L 259 57.88 -36.45 -30.49
CA LEU L 259 57.65 -35.11 -31.00
C LEU L 259 58.63 -34.75 -32.11
N GLY L 260 59.90 -35.10 -31.94
CA GLY L 260 60.89 -34.79 -32.96
C GLY L 260 60.64 -35.51 -34.27
N LYS L 261 60.15 -36.75 -34.20
CA LYS L 261 59.95 -37.54 -35.40
C LYS L 261 58.85 -36.97 -36.28
N ARG L 262 57.80 -36.39 -35.66
CA ARG L 262 56.69 -35.86 -36.45
C ARG L 262 57.13 -34.71 -37.34
N PHE L 263 57.99 -33.83 -36.83
CA PHE L 263 58.48 -32.70 -37.59
C PHE L 263 59.77 -33.00 -38.33
N GLY L 264 60.24 -34.25 -38.29
CA GLY L 264 61.45 -34.63 -39.01
C GLY L 264 62.69 -33.94 -38.50
N VAL L 265 62.88 -33.91 -37.19
CA VAL L 265 64.03 -33.25 -36.58
C VAL L 265 64.66 -34.22 -35.59
N THR L 266 65.99 -34.23 -35.54
CA THR L 266 66.73 -35.13 -34.66
C THR L 266 66.94 -34.47 -33.31
N PRO L 267 66.41 -35.02 -32.22
CA PRO L 267 66.66 -34.43 -30.90
C PRO L 267 68.10 -34.66 -30.45
N LEU L 268 68.54 -33.79 -29.54
CA LEU L 268 69.89 -33.91 -28.99
C LEU L 268 69.99 -35.17 -28.14
N ALA L 269 71.08 -35.92 -28.34
CA ALA L 269 71.26 -37.17 -27.61
C ALA L 269 71.65 -36.95 -26.16
N SER L 270 72.53 -35.99 -25.90
CA SER L 270 73.03 -35.77 -24.55
C SER L 270 71.91 -35.29 -23.62
N ALA L 271 71.10 -34.32 -24.07
CA ALA L 271 70.06 -33.77 -23.22
C ALA L 271 68.88 -34.70 -23.06
N LEU L 272 68.58 -35.53 -24.08
CA LEU L 272 67.43 -36.41 -24.00
C LEU L 272 67.65 -37.53 -22.98
N ALA L 273 68.89 -37.95 -22.78
CA ALA L 273 69.15 -39.08 -21.88
C ALA L 273 68.76 -38.76 -20.45
N LEU L 274 68.73 -37.48 -20.08
CA LEU L 274 68.37 -37.08 -18.72
C LEU L 274 66.89 -37.33 -18.45
N MET M 1 21.96 -54.75 -11.73
CA MET M 1 21.85 -53.79 -12.80
C MET M 1 20.54 -53.97 -13.56
N GLN M 2 19.79 -52.89 -13.72
CA GLN M 2 18.52 -52.95 -14.42
C GLN M 2 18.74 -53.31 -15.88
N ASN M 3 17.93 -54.23 -16.38
CA ASN M 3 18.06 -54.68 -17.76
C ASN M 3 17.66 -53.57 -18.72
N ILE M 4 18.12 -53.71 -19.97
CA ILE M 4 17.87 -52.69 -20.98
C ILE M 4 16.39 -52.51 -21.26
N THR M 5 15.55 -53.48 -20.89
CA THR M 5 14.13 -53.41 -21.20
C THR M 5 13.39 -52.39 -20.33
N GLN M 6 14.03 -51.83 -19.31
CA GLN M 6 13.38 -50.88 -18.41
C GLN M 6 14.10 -49.53 -18.37
N SER M 7 14.80 -49.17 -19.44
CA SER M 7 15.43 -47.87 -19.53
C SER M 7 14.42 -46.81 -19.94
N TRP M 8 14.91 -45.59 -20.15
CA TRP M 8 14.02 -44.48 -20.51
C TRP M 8 13.57 -44.60 -21.97
N PHE M 9 14.45 -45.05 -22.86
CA PHE M 9 14.15 -45.00 -24.29
C PHE M 9 13.34 -46.21 -24.76
N VAL M 10 13.34 -47.30 -24.00
CA VAL M 10 12.58 -48.48 -24.42
C VAL M 10 11.12 -48.37 -24.01
N GLN M 11 10.86 -47.90 -22.79
CA GLN M 11 9.49 -47.71 -22.35
C GLN M 11 8.79 -46.65 -23.18
N GLY M 12 9.49 -45.57 -23.50
CA GLY M 12 8.90 -44.54 -24.35
C GLY M 12 8.56 -45.05 -25.72
N MET M 13 9.42 -45.89 -26.29
CA MET M 13 9.16 -46.45 -27.61
C MET M 13 7.98 -47.42 -27.58
N ILE M 14 7.72 -48.06 -26.43
CA ILE M 14 6.55 -48.91 -26.31
C ILE M 14 5.27 -48.08 -26.28
N LYS M 15 5.31 -46.92 -25.63
CA LYS M 15 4.14 -46.05 -25.58
C LYS M 15 3.75 -45.57 -26.98
N ALA M 16 4.75 -45.22 -27.79
CA ALA M 16 4.48 -44.66 -29.12
C ALA M 16 3.75 -45.67 -30.00
N THR M 17 4.13 -46.94 -29.91
CA THR M 17 3.53 -47.97 -30.76
C THR M 17 2.08 -48.24 -30.36
N THR M 18 1.83 -48.41 -29.06
CA THR M 18 0.49 -48.76 -28.60
C THR M 18 -0.49 -47.62 -28.78
N ASP M 19 -0.05 -46.39 -28.51
CA ASP M 19 -0.93 -45.23 -28.67
C ASP M 19 -1.37 -45.09 -30.12
N ALA M 20 -0.44 -45.24 -31.07
CA ALA M 20 -0.79 -45.21 -32.47
C ALA M 20 -1.53 -46.48 -32.91
N TRP M 21 -1.42 -47.55 -32.13
CA TRP M 21 -2.10 -48.79 -32.49
C TRP M 21 -3.61 -48.66 -32.35
N LEU M 22 -4.08 -48.12 -31.23
CA LEU M 22 -5.51 -48.00 -31.00
C LEU M 22 -6.16 -46.95 -31.88
N LYS M 23 -5.38 -46.01 -32.42
CA LYS M 23 -5.93 -44.97 -33.28
C LYS M 23 -6.41 -45.52 -34.62
N GLY M 24 -6.05 -46.76 -34.96
CA GLY M 24 -6.39 -47.30 -36.26
C GLY M 24 -5.50 -46.82 -37.39
N TRP M 25 -4.24 -46.48 -37.08
CA TRP M 25 -3.32 -45.94 -38.08
C TRP M 25 -2.38 -46.99 -38.66
N ASP M 26 -2.09 -48.07 -37.93
CA ASP M 26 -0.95 -48.93 -38.20
C ASP M 26 -1.36 -50.39 -38.31
N GLU M 27 -2.40 -50.67 -39.10
CA GLU M 27 -2.83 -52.05 -39.29
C GLU M 27 -1.75 -52.86 -39.99
N ARG M 28 -1.75 -54.16 -39.73
CA ARG M 28 -0.77 -55.11 -40.28
C ARG M 28 0.63 -54.65 -39.89
N ASN M 29 1.55 -54.51 -40.82
CA ASN M 29 2.93 -54.09 -40.53
C ASN M 29 3.25 -52.72 -41.10
N GLY M 30 2.28 -52.01 -41.67
CA GLY M 30 2.58 -50.71 -42.23
C GLY M 30 2.96 -49.71 -41.16
N GLY M 31 3.82 -48.77 -41.53
CA GLY M 31 4.28 -47.76 -40.60
C GLY M 31 5.66 -48.06 -40.05
N ASN M 32 6.50 -47.03 -39.92
CA ASN M 32 7.86 -47.19 -39.44
C ASN M 32 8.19 -46.06 -38.49
N LEU M 33 9.20 -46.29 -37.65
CA LEU M 33 9.55 -45.34 -36.60
C LEU M 33 11.01 -45.54 -36.21
N THR M 34 11.77 -44.44 -36.11
CA THR M 34 13.18 -44.48 -35.77
C THR M 34 13.53 -43.32 -34.87
N LEU M 35 14.31 -43.60 -33.83
CA LEU M 35 14.72 -42.60 -32.84
C LEU M 35 16.24 -42.60 -32.72
N ARG M 36 16.83 -41.41 -32.72
CA ARG M 36 18.28 -41.26 -32.56
C ARG M 36 18.65 -41.16 -31.08
N LEU M 37 19.69 -41.87 -30.69
CA LEU M 37 20.18 -41.89 -29.31
C LEU M 37 21.60 -41.33 -29.25
N ASP M 38 22.21 -41.46 -28.07
CA ASP M 38 23.59 -41.06 -27.84
C ASP M 38 24.32 -42.18 -27.12
N ASP M 39 25.65 -42.12 -27.17
CA ASP M 39 26.46 -43.17 -26.55
C ASP M 39 26.27 -43.19 -25.03
N ALA M 40 26.21 -42.02 -24.40
CA ALA M 40 26.03 -41.96 -22.96
C ALA M 40 24.67 -42.50 -22.53
N ASP M 41 23.69 -42.49 -23.45
CA ASP M 41 22.37 -43.04 -23.12
C ASP M 41 22.41 -44.55 -22.99
N ILE M 42 23.35 -45.20 -23.69
CA ILE M 42 23.41 -46.66 -23.74
C ILE M 42 24.67 -47.21 -23.09
N ALA M 43 25.49 -46.36 -22.47
CA ALA M 43 26.77 -46.83 -21.95
C ALA M 43 26.64 -47.91 -20.87
N PRO M 44 25.80 -47.76 -19.85
CA PRO M 44 25.76 -48.80 -18.80
C PRO M 44 25.05 -50.09 -19.22
N TYR M 45 24.47 -50.14 -20.41
CA TYR M 45 23.61 -51.25 -20.82
C TYR M 45 24.32 -52.21 -21.76
N HIS M 46 25.60 -52.47 -21.51
CA HIS M 46 26.38 -53.36 -22.38
C HIS M 46 26.04 -54.84 -22.16
N ASP M 47 25.31 -55.16 -21.09
CA ASP M 47 25.06 -56.57 -20.76
C ASP M 47 24.23 -57.26 -21.83
N ASN M 48 23.23 -56.57 -22.37
CA ASN M 48 22.32 -57.15 -23.35
C ASN M 48 22.86 -57.06 -24.77
N PHE M 49 24.06 -56.50 -24.97
CA PHE M 49 24.60 -56.36 -26.31
C PHE M 49 24.92 -57.73 -26.90
N HIS M 50 24.73 -57.85 -28.22
CA HIS M 50 24.98 -59.11 -28.90
C HIS M 50 26.45 -59.50 -28.81
N GLN M 51 26.70 -60.79 -28.58
CA GLN M 51 28.07 -61.28 -28.56
C GLN M 51 28.72 -61.18 -29.93
N GLN M 52 27.97 -61.48 -30.99
CA GLN M 52 28.45 -61.42 -32.37
C GLN M 52 27.53 -60.50 -33.16
N PRO M 53 27.80 -59.20 -33.19
CA PRO M 53 26.94 -58.29 -33.97
C PRO M 53 27.10 -58.55 -35.46
N ARG M 54 25.97 -58.73 -36.14
CA ARG M 54 25.98 -58.96 -37.57
C ARG M 54 26.34 -57.67 -38.31
N TYR M 55 26.75 -57.84 -39.57
CA TYR M 55 27.12 -56.73 -40.44
C TYR M 55 26.21 -56.70 -41.65
N ILE M 56 25.63 -55.53 -41.93
CA ILE M 56 24.80 -55.33 -43.11
C ILE M 56 25.27 -54.06 -43.81
N PRO M 57 25.74 -54.13 -45.05
CA PRO M 57 26.20 -52.93 -45.74
C PRO M 57 25.05 -52.03 -46.14
N LEU M 58 25.36 -50.74 -46.29
CA LEU M 58 24.37 -49.75 -46.68
C LEU M 58 24.23 -49.70 -48.20
N SER M 59 23.10 -49.15 -48.66
CA SER M 59 22.89 -48.97 -50.09
C SER M 59 23.86 -47.94 -50.66
N GLN M 60 23.95 -46.79 -50.02
CA GLN M 60 24.88 -45.73 -50.41
C GLN M 60 25.46 -45.13 -49.14
N PRO M 61 26.66 -44.54 -49.23
CA PRO M 61 27.29 -44.00 -48.02
C PRO M 61 26.48 -42.86 -47.40
N MET M 62 26.51 -42.80 -46.07
CA MET M 62 25.89 -41.73 -45.30
C MET M 62 26.93 -41.20 -44.33
N PRO M 63 27.81 -40.31 -44.78
CA PRO M 63 28.91 -39.86 -43.92
C PRO M 63 28.46 -39.16 -42.66
N LEU M 64 27.34 -38.45 -42.69
CA LEU M 64 26.93 -37.62 -41.56
C LEU M 64 26.41 -38.45 -40.39
N LEU M 65 26.07 -39.72 -40.62
CA LEU M 65 25.52 -40.58 -39.59
C LEU M 65 26.57 -41.51 -39.00
N ALA M 66 27.85 -41.30 -39.29
CA ALA M 66 28.89 -42.21 -38.85
C ALA M 66 29.01 -42.23 -37.34
N ASN M 67 29.19 -43.43 -36.78
CA ASN M 67 29.38 -43.61 -35.34
C ASN M 67 28.23 -43.01 -34.53
N THR M 68 27.00 -43.29 -34.96
CA THR M 68 25.82 -42.80 -34.28
C THR M 68 24.85 -43.95 -34.04
N PRO M 69 24.37 -44.15 -32.81
CA PRO M 69 23.43 -45.25 -32.54
C PRO M 69 21.98 -44.81 -32.65
N PHE M 70 21.15 -45.72 -33.17
CA PHE M 70 19.73 -45.48 -33.40
C PHE M 70 18.92 -46.60 -32.77
N ILE M 71 17.60 -46.50 -32.87
CA ILE M 71 16.69 -47.57 -32.49
C ILE M 71 15.67 -47.73 -33.61
N VAL M 72 15.41 -48.98 -34.00
CA VAL M 72 14.57 -49.29 -35.15
C VAL M 72 13.63 -50.44 -34.80
N THR M 73 12.60 -50.61 -35.63
CA THR M 73 11.70 -51.75 -35.53
C THR M 73 12.14 -52.84 -36.48
N GLY M 74 11.37 -53.94 -36.51
CA GLY M 74 11.66 -55.02 -37.42
C GLY M 74 10.89 -54.93 -38.72
N SER M 75 11.26 -55.79 -39.67
CA SER M 75 10.59 -55.83 -40.97
C SER M 75 9.54 -56.94 -40.97
N GLY M 76 8.32 -56.60 -41.37
CA GLY M 76 7.24 -57.55 -41.40
C GLY M 76 6.56 -57.79 -40.07
N LYS M 77 7.00 -57.12 -39.01
CA LYS M 77 6.42 -57.31 -37.69
C LYS M 77 5.27 -56.32 -37.48
N PHE M 78 4.39 -56.67 -36.54
CA PHE M 78 3.24 -55.84 -36.22
C PHE M 78 3.57 -54.91 -35.06
N PHE M 79 2.95 -53.73 -35.06
CA PHE M 79 3.14 -52.79 -33.96
C PHE M 79 2.41 -53.23 -32.70
N ARG M 80 1.49 -54.20 -32.82
CA ARG M 80 0.76 -54.68 -31.66
C ARG M 80 1.67 -55.46 -30.71
N ASN M 81 2.57 -56.25 -31.25
CA ASN M 81 3.31 -57.25 -30.48
C ASN M 81 4.54 -56.69 -29.76
N VAL M 82 4.93 -55.44 -30.02
CA VAL M 82 6.16 -54.91 -29.42
C VAL M 82 6.04 -54.85 -27.90
N GLN M 83 4.88 -54.39 -27.40
CA GLN M 83 4.66 -54.38 -25.96
C GLN M 83 4.62 -55.79 -25.38
N LEU M 84 4.32 -56.79 -26.20
CA LEU M 84 4.31 -58.17 -25.76
C LEU M 84 5.72 -58.75 -25.63
N ASP M 85 6.67 -58.27 -26.43
CA ASP M 85 8.05 -58.74 -26.41
C ASP M 85 9.02 -57.66 -26.92
N PRO M 86 9.63 -56.90 -26.01
CA PRO M 86 10.55 -55.83 -26.47
C PRO M 86 11.74 -56.33 -27.25
N ALA M 87 12.26 -57.52 -26.90
CA ALA M 87 13.49 -58.00 -27.53
C ALA M 87 13.26 -58.44 -28.96
N ALA M 88 12.13 -59.12 -29.23
CA ALA M 88 11.89 -59.70 -30.54
C ALA M 88 11.31 -58.71 -31.54
N ASN M 89 11.07 -57.46 -31.14
CA ASN M 89 10.48 -56.46 -32.03
C ASN M 89 11.29 -55.19 -32.16
N LEU M 90 11.96 -54.73 -31.10
CA LEU M 90 12.78 -53.54 -31.15
C LEU M 90 14.25 -53.92 -31.09
N GLY M 91 15.10 -52.96 -31.49
CA GLY M 91 16.53 -53.17 -31.44
C GLY M 91 17.27 -51.89 -31.73
N ILE M 92 18.54 -51.87 -31.32
CA ILE M 92 19.41 -50.72 -31.47
C ILE M 92 20.60 -51.12 -32.31
N VAL M 93 20.92 -50.30 -33.32
CA VAL M 93 22.04 -50.54 -34.21
C VAL M 93 22.94 -49.32 -34.18
N LYS M 94 24.21 -49.53 -34.56
CA LYS M 94 25.21 -48.47 -34.57
C LYS M 94 25.89 -48.45 -35.94
N VAL M 95 25.85 -47.29 -36.61
CA VAL M 95 26.49 -47.14 -37.91
C VAL M 95 28.00 -47.05 -37.73
N ASP M 96 28.74 -47.64 -38.65
CA ASP M 96 30.20 -47.67 -38.57
C ASP M 96 30.78 -46.26 -38.69
N SER M 97 32.11 -46.17 -38.57
CA SER M 97 32.80 -44.89 -38.63
C SER M 97 32.92 -44.34 -40.05
N CYS M 98 32.56 -45.11 -41.06
CA CYS M 98 32.64 -44.67 -42.45
C CYS M 98 31.29 -44.36 -43.06
N GLY M 99 30.21 -44.97 -42.56
CA GLY M 99 28.89 -44.74 -43.11
C GLY M 99 28.50 -45.70 -44.21
N ALA M 100 29.01 -46.92 -44.17
CA ALA M 100 28.71 -47.94 -45.17
C ALA M 100 28.01 -49.17 -44.61
N GLY M 101 28.03 -49.37 -43.30
CA GLY M 101 27.37 -50.51 -42.68
C GLY M 101 27.09 -50.21 -41.22
N TYR M 102 26.44 -51.17 -40.56
CA TYR M 102 26.11 -51.03 -39.16
C TYR M 102 26.20 -52.38 -38.46
N HIS M 103 26.42 -52.32 -37.16
CA HIS M 103 26.49 -53.50 -36.30
C HIS M 103 25.26 -53.55 -35.41
N ILE M 104 24.60 -54.71 -35.37
CA ILE M 104 23.41 -54.89 -34.54
C ILE M 104 23.86 -55.27 -33.14
N LEU M 105 23.67 -54.35 -32.19
CA LEU M 105 24.12 -54.58 -30.82
C LEU M 105 23.06 -55.32 -30.00
N TRP M 106 21.81 -54.87 -30.08
CA TRP M 106 20.72 -55.49 -29.33
C TRP M 106 19.49 -55.61 -30.21
N GLY M 107 18.65 -56.59 -29.89
CA GLY M 107 17.36 -56.73 -30.53
C GLY M 107 17.42 -57.43 -31.87
N LEU M 108 16.25 -57.46 -32.52
CA LEU M 108 16.08 -58.10 -33.83
C LEU M 108 16.51 -59.57 -33.80
N THR M 109 16.08 -60.29 -32.76
CA THR M 109 16.42 -61.69 -32.65
C THR M 109 15.67 -62.52 -33.69
N ASN M 110 16.10 -63.77 -33.84
CA ASN M 110 15.57 -64.70 -34.84
C ASN M 110 15.73 -64.06 -36.23
N GLU M 111 17.00 -63.91 -36.64
CA GLU M 111 17.39 -63.47 -37.98
C GLU M 111 16.60 -62.25 -38.46
N ALA M 112 16.17 -61.39 -37.53
CA ALA M 112 15.33 -60.26 -37.89
C ALA M 112 16.15 -59.12 -38.47
N VAL M 113 15.52 -58.34 -39.32
CA VAL M 113 16.18 -57.20 -39.96
C VAL M 113 15.28 -55.97 -39.81
N PRO M 114 15.87 -54.79 -39.81
CA PRO M 114 15.07 -53.55 -39.73
C PRO M 114 14.14 -53.41 -40.93
N THR M 115 13.31 -52.37 -40.87
CA THR M 115 12.28 -52.13 -41.88
C THR M 115 12.85 -51.98 -43.29
N SER M 116 12.01 -52.17 -44.29
CA SER M 116 12.45 -52.07 -45.68
C SER M 116 12.66 -50.64 -46.13
N GLU M 117 12.09 -49.65 -45.44
CA GLU M 117 12.24 -48.25 -45.80
C GLU M 117 13.41 -47.58 -45.09
N LEU M 118 14.43 -48.35 -44.72
CA LEU M 118 15.60 -47.77 -44.06
C LEU M 118 16.30 -46.70 -44.90
N PRO M 119 16.49 -46.86 -46.22
CA PRO M 119 17.11 -45.77 -46.98
C PRO M 119 16.38 -44.45 -46.85
N ALA M 120 15.05 -44.45 -46.83
CA ALA M 120 14.31 -43.21 -46.67
C ALA M 120 14.41 -42.68 -45.25
N HIS M 121 14.55 -43.56 -44.27
CA HIS M 121 14.69 -43.11 -42.88
C HIS M 121 16.05 -42.47 -42.65
N PHE M 122 17.10 -43.05 -43.20
CA PHE M 122 18.45 -42.50 -43.00
C PHE M 122 18.71 -41.28 -43.86
N LEU M 123 18.15 -41.24 -45.07
CA LEU M 123 18.35 -40.08 -45.93
C LEU M 123 17.72 -38.83 -45.33
N SER M 124 16.52 -38.97 -44.76
CA SER M 124 15.87 -37.82 -44.12
C SER M 124 16.50 -37.49 -42.78
N HIS M 125 17.06 -38.49 -42.09
CA HIS M 125 17.75 -38.24 -40.83
C HIS M 125 18.93 -37.30 -41.03
N SER M 126 19.72 -37.53 -42.09
CA SER M 126 20.84 -36.66 -42.39
C SER M 126 20.38 -35.28 -42.85
N GLU M 127 19.28 -35.22 -43.60
CA GLU M 127 18.85 -33.95 -44.17
C GLU M 127 18.31 -33.01 -43.10
N ARG M 128 17.48 -33.53 -42.19
CA ARG M 128 16.89 -32.67 -41.17
C ARG M 128 17.93 -32.08 -40.22
N ILE M 129 19.09 -32.72 -40.10
CA ILE M 129 20.17 -32.15 -39.29
C ILE M 129 20.64 -30.84 -39.89
N LYS M 130 20.75 -30.78 -41.22
CA LYS M 130 21.24 -29.57 -41.88
C LYS M 130 20.28 -28.40 -41.65
N ALA M 131 18.97 -28.64 -41.75
CA ALA M 131 18.00 -27.56 -41.66
C ALA M 131 17.77 -27.10 -40.23
N THR M 132 17.82 -27.99 -39.25
CA THR M 132 17.50 -27.65 -37.87
C THR M 132 18.69 -27.72 -36.93
N ASN M 133 19.91 -27.88 -37.46
CA ASN M 133 21.14 -27.91 -36.65
C ASN M 133 21.04 -28.99 -35.56
N GLY M 134 20.50 -30.14 -35.92
CA GLY M 134 20.43 -31.26 -35.00
C GLY M 134 19.27 -31.25 -34.04
N LYS M 135 18.29 -30.36 -34.22
CA LYS M 135 17.15 -30.32 -33.31
C LYS M 135 16.20 -31.48 -33.57
N ASP M 136 15.92 -31.79 -34.84
CA ASP M 136 15.05 -32.90 -35.17
C ASP M 136 15.76 -34.22 -34.93
N ARG M 137 15.07 -35.17 -34.28
CA ARG M 137 15.68 -36.45 -33.96
C ARG M 137 14.82 -37.66 -34.29
N VAL M 138 13.57 -37.48 -34.72
CA VAL M 138 12.65 -38.59 -34.93
C VAL M 138 12.02 -38.48 -36.31
N ILE M 139 11.91 -39.62 -37.00
CA ILE M 139 11.22 -39.73 -38.28
C ILE M 139 10.15 -40.79 -38.13
N MET M 140 8.92 -40.46 -38.54
CA MET M 140 7.78 -41.34 -38.34
C MET M 140 6.93 -41.41 -39.60
N HIS M 141 6.56 -42.62 -40.01
CA HIS M 141 5.70 -42.84 -41.16
C HIS M 141 4.41 -43.48 -40.67
N CYS M 142 3.27 -42.90 -41.07
CA CYS M 142 1.98 -43.36 -40.58
C CYS M 142 0.97 -43.39 -41.73
N HIS M 143 -0.01 -44.27 -41.59
CA HIS M 143 -1.12 -44.37 -42.54
C HIS M 143 -2.33 -43.61 -41.99
N ALA M 144 -2.17 -42.29 -41.92
CA ALA M 144 -3.21 -41.43 -41.37
C ALA M 144 -4.45 -41.47 -42.26
N THR M 145 -5.57 -41.91 -41.69
CA THR M 145 -6.76 -42.20 -42.49
C THR M 145 -7.30 -40.96 -43.18
N ASN M 146 -7.37 -39.84 -42.46
CA ASN M 146 -8.06 -38.66 -42.98
C ASN M 146 -7.22 -37.92 -44.02
N LEU M 147 -5.90 -37.88 -43.84
CA LEU M 147 -5.04 -37.21 -44.81
C LEU M 147 -5.00 -37.96 -46.14
N ILE M 148 -5.09 -39.29 -46.09
CA ILE M 148 -5.07 -40.09 -47.31
C ILE M 148 -6.25 -39.73 -48.21
N ALA M 149 -7.43 -39.61 -47.62
CA ALA M 149 -8.63 -39.36 -48.41
C ALA M 149 -8.65 -37.95 -49.00
N LEU M 150 -7.85 -37.04 -48.44
CA LEU M 150 -7.84 -35.67 -48.95
C LEU M 150 -7.10 -35.56 -50.27
N THR M 151 -5.97 -36.27 -50.40
CA THR M 151 -5.21 -36.23 -51.66
C THR M 151 -6.01 -36.82 -52.82
N TYR M 152 -7.03 -37.62 -52.53
CA TYR M 152 -7.88 -38.17 -53.57
C TYR M 152 -8.80 -37.13 -54.18
N VAL M 153 -9.10 -36.06 -53.44
CA VAL M 153 -10.05 -35.05 -53.89
C VAL M 153 -9.47 -33.65 -53.95
N LEU M 154 -8.33 -33.38 -53.30
CA LEU M 154 -7.69 -32.08 -53.37
C LEU M 154 -6.49 -32.17 -54.31
N GLU M 155 -6.29 -31.11 -55.09
CA GLU M 155 -5.18 -31.08 -56.04
C GLU M 155 -3.85 -31.16 -55.30
N ASN M 156 -2.90 -31.87 -55.90
CA ASN M 156 -1.62 -32.16 -55.25
C ASN M 156 -0.59 -31.06 -55.55
N ASP M 157 -0.92 -29.84 -55.13
CA ASP M 157 -0.02 -28.71 -55.23
C ASP M 157 0.25 -28.16 -53.84
N THR M 158 1.49 -27.68 -53.64
CA THR M 158 1.88 -27.19 -52.32
C THR M 158 1.06 -25.97 -51.91
N ALA M 159 0.68 -25.13 -52.88
CA ALA M 159 -0.04 -23.90 -52.55
C ALA M 159 -1.43 -24.17 -52.01
N VAL M 160 -2.14 -25.15 -52.57
CA VAL M 160 -3.52 -25.39 -52.17
C VAL M 160 -3.60 -26.24 -50.92
N PHE M 161 -2.80 -27.31 -50.85
CA PHE M 161 -2.85 -28.20 -49.70
C PHE M 161 -2.45 -27.47 -48.41
N THR M 162 -1.45 -26.60 -48.49
CA THR M 162 -1.03 -25.86 -47.30
C THR M 162 -2.12 -24.94 -46.79
N ARG M 163 -2.84 -24.28 -47.72
CA ARG M 163 -3.86 -23.32 -47.30
C ARG M 163 -5.05 -24.01 -46.65
N GLN M 164 -5.48 -25.15 -47.19
CA GLN M 164 -6.67 -25.81 -46.66
C GLN M 164 -6.44 -26.30 -45.23
N LEU M 165 -5.29 -26.89 -44.95
CA LEU M 165 -5.00 -27.34 -43.60
C LEU M 165 -4.89 -26.18 -42.62
N TRP M 166 -4.30 -25.07 -43.06
CA TRP M 166 -4.24 -23.88 -42.23
C TRP M 166 -5.62 -23.31 -41.93
N GLU M 167 -6.63 -23.72 -42.69
CA GLU M 167 -7.96 -23.13 -42.63
C GLU M 167 -8.92 -23.94 -41.78
N GLY M 168 -8.67 -25.24 -41.61
CA GLY M 168 -9.53 -26.08 -40.81
C GLY M 168 -9.28 -26.05 -39.32
N SER M 169 -8.22 -25.37 -38.87
CA SER M 169 -7.93 -25.25 -37.46
C SER M 169 -6.99 -24.08 -37.25
N THR M 170 -7.26 -23.28 -36.20
CA THR M 170 -6.46 -22.09 -35.94
C THR M 170 -5.02 -22.45 -35.59
N GLU M 171 -4.83 -23.51 -34.80
CA GLU M 171 -3.52 -23.87 -34.29
C GLU M 171 -2.61 -24.50 -35.33
N CYS M 172 -3.14 -24.84 -36.51
CA CYS M 172 -2.30 -25.47 -37.53
C CYS M 172 -1.21 -24.54 -38.02
N LEU M 173 -1.53 -23.26 -38.20
CA LEU M 173 -0.54 -22.30 -38.71
C LEU M 173 0.63 -22.17 -37.74
N VAL M 174 0.40 -22.44 -36.46
CA VAL M 174 1.48 -22.32 -35.47
C VAL M 174 2.33 -23.58 -35.45
N VAL M 175 1.70 -24.75 -35.58
CA VAL M 175 2.44 -26.01 -35.46
C VAL M 175 3.38 -26.20 -36.63
N PHE M 176 2.90 -26.00 -37.86
CA PHE M 176 3.72 -26.14 -39.07
C PHE M 176 3.54 -24.92 -39.96
N PRO M 177 4.33 -23.87 -39.73
CA PRO M 177 4.22 -22.67 -40.58
C PRO M 177 4.89 -22.83 -41.93
N ASP M 178 5.83 -23.77 -42.09
CA ASP M 178 6.50 -23.97 -43.36
C ASP M 178 5.61 -24.64 -44.41
N GLY M 179 4.47 -25.18 -44.00
CA GLY M 179 3.58 -25.84 -44.93
C GLY M 179 3.84 -27.32 -45.06
N VAL M 180 3.09 -27.94 -45.96
CA VAL M 180 3.18 -29.36 -46.24
C VAL M 180 3.62 -29.56 -47.68
N GLY M 181 4.54 -30.50 -47.89
CA GLY M 181 5.03 -30.83 -49.21
C GLY M 181 4.32 -32.05 -49.76
N ILE M 182 4.13 -32.06 -51.08
CA ILE M 182 3.41 -33.14 -51.76
C ILE M 182 4.28 -33.67 -52.90
N LEU M 183 4.25 -34.98 -53.09
CA LEU M 183 5.03 -35.69 -54.09
C LEU M 183 4.14 -36.25 -55.18
N PRO M 184 4.73 -36.76 -56.26
CA PRO M 184 3.98 -37.64 -57.16
C PRO M 184 4.11 -39.09 -56.74
N TRP M 185 3.16 -39.90 -57.20
CA TRP M 185 3.11 -41.30 -56.79
C TRP M 185 4.34 -42.05 -57.30
N MET M 186 4.91 -42.87 -56.41
CA MET M 186 6.11 -43.63 -56.71
C MET M 186 5.96 -45.05 -56.16
N VAL M 187 6.75 -45.96 -56.72
CA VAL M 187 6.78 -47.34 -56.25
C VAL M 187 7.53 -47.37 -54.92
N PRO M 188 6.91 -47.82 -53.84
CA PRO M 188 7.60 -47.81 -52.54
C PRO M 188 8.69 -48.86 -52.47
N GLY M 189 9.61 -48.66 -51.52
CA GLY M 189 10.69 -49.59 -51.29
C GLY M 189 11.88 -49.43 -52.20
N THR M 190 11.87 -48.44 -53.09
CA THR M 190 12.96 -48.20 -54.04
C THR M 190 13.90 -47.13 -53.48
N ASP M 191 14.87 -46.75 -54.29
CA ASP M 191 15.79 -45.67 -53.94
C ASP M 191 15.39 -44.33 -54.52
N ALA M 192 14.59 -44.33 -55.59
CA ALA M 192 14.12 -43.06 -56.16
C ALA M 192 13.20 -42.33 -55.19
N ILE M 193 12.31 -43.06 -54.52
CA ILE M 193 11.40 -42.43 -53.57
C ILE M 193 12.16 -41.93 -52.35
N GLY M 194 13.27 -42.58 -51.99
CA GLY M 194 14.06 -42.11 -50.86
C GLY M 194 14.71 -40.77 -51.12
N GLN M 195 15.15 -40.54 -52.35
CA GLN M 195 15.79 -39.27 -52.68
C GLN M 195 14.77 -38.14 -52.78
N ALA M 196 13.62 -38.40 -53.41
CA ALA M 196 12.61 -37.37 -53.55
C ALA M 196 12.00 -36.98 -52.20
N THR M 197 11.99 -37.89 -51.24
CA THR M 197 11.51 -37.55 -49.90
C THR M 197 12.49 -36.64 -49.18
N ALA M 198 13.79 -36.92 -49.28
CA ALA M 198 14.79 -36.10 -48.60
C ALA M 198 14.92 -34.73 -49.22
N GLN M 199 14.49 -34.56 -50.48
CA GLN M 199 14.57 -33.25 -51.11
C GLN M 199 13.49 -32.31 -50.60
N GLU M 200 12.29 -32.85 -50.36
CA GLU M 200 11.20 -32.05 -49.81
C GLU M 200 11.38 -31.77 -48.32
N MET M 201 12.12 -32.63 -47.60
CA MET M 201 12.40 -32.39 -46.20
C MET M 201 13.30 -31.18 -45.97
N GLN M 202 13.91 -30.65 -47.02
CA GLN M 202 14.70 -29.43 -46.88
C GLN M 202 13.84 -28.24 -46.48
N LYS M 203 12.63 -28.14 -47.05
CA LYS M 203 11.79 -26.99 -46.85
C LYS M 203 10.56 -27.27 -45.99
N HIS M 204 10.26 -28.53 -45.68
CA HIS M 204 9.04 -28.88 -44.97
C HIS M 204 9.33 -29.87 -43.86
N SER M 205 8.47 -29.88 -42.86
CA SER M 205 8.50 -30.86 -41.77
C SER M 205 7.44 -31.93 -41.92
N LEU M 206 6.52 -31.77 -42.87
CA LEU M 206 5.48 -32.76 -43.15
C LEU M 206 5.45 -32.99 -44.64
N VAL M 207 5.70 -34.23 -45.06
CA VAL M 207 5.71 -34.61 -46.47
C VAL M 207 4.67 -35.71 -46.67
N LEU M 208 3.81 -35.54 -47.67
CA LEU M 208 2.70 -36.44 -47.90
C LEU M 208 2.98 -37.34 -49.10
N TRP M 209 2.96 -38.65 -48.87
CA TRP M 209 3.00 -39.62 -49.96
C TRP M 209 1.57 -39.84 -50.45
N PRO M 210 1.28 -39.55 -51.73
CA PRO M 210 -0.09 -39.74 -52.21
C PRO M 210 -0.54 -41.19 -52.12
N PHE M 211 -1.76 -41.39 -51.63
CA PHE M 211 -2.44 -42.69 -51.60
C PHE M 211 -1.74 -43.71 -50.71
N HIS M 212 -0.64 -43.35 -50.06
CA HIS M 212 0.06 -44.27 -49.18
C HIS M 212 0.09 -43.78 -47.74
N GLY M 213 0.63 -42.58 -47.49
CA GLY M 213 0.75 -42.12 -46.11
C GLY M 213 1.30 -40.73 -45.94
N VAL M 214 2.12 -40.54 -44.91
CA VAL M 214 2.66 -39.22 -44.55
C VAL M 214 3.96 -39.42 -43.79
N PHE M 215 4.82 -38.40 -43.83
CA PHE M 215 6.06 -38.39 -43.10
C PHE M 215 6.14 -37.13 -42.24
N GLY M 216 6.80 -37.25 -41.09
CA GLY M 216 6.90 -36.14 -40.17
C GLY M 216 8.18 -36.20 -39.35
N SER M 217 8.63 -35.03 -38.94
CA SER M 217 9.87 -34.89 -38.17
C SER M 217 9.59 -34.11 -36.89
N GLY M 218 10.19 -34.55 -35.79
CA GLY M 218 9.98 -33.93 -34.50
C GLY M 218 11.18 -34.04 -33.59
N PRO M 219 11.30 -33.11 -32.64
CA PRO M 219 12.47 -33.11 -31.74
C PRO M 219 12.50 -34.28 -30.78
N THR M 220 11.38 -34.55 -30.10
CA THR M 220 11.30 -35.63 -29.14
C THR M 220 10.25 -36.65 -29.59
N LEU M 221 10.17 -37.75 -28.84
CA LEU M 221 9.24 -38.82 -29.20
C LEU M 221 7.80 -38.35 -29.11
N ASP M 222 7.46 -37.55 -28.09
CA ASP M 222 6.10 -37.07 -27.94
C ASP M 222 5.78 -35.95 -28.93
N GLU M 223 6.75 -35.09 -29.22
CA GLU M 223 6.50 -33.96 -30.12
C GLU M 223 6.13 -34.43 -31.52
N THR M 224 6.84 -35.44 -32.04
CA THR M 224 6.54 -35.93 -33.38
C THR M 224 5.19 -36.62 -33.44
N PHE M 225 4.73 -37.17 -32.32
CA PHE M 225 3.41 -37.78 -32.28
C PHE M 225 2.33 -36.73 -32.46
N GLY M 226 2.39 -35.64 -31.69
CA GLY M 226 1.37 -34.62 -31.77
C GLY M 226 1.39 -33.81 -33.04
N LEU M 227 2.53 -33.78 -33.74
CA LEU M 227 2.60 -33.04 -34.99
C LEU M 227 1.70 -33.65 -36.05
N ILE M 228 1.79 -34.97 -36.23
CA ILE M 228 0.88 -35.66 -37.15
C ILE M 228 -0.53 -35.67 -36.59
N ASP M 229 -0.66 -35.83 -35.26
CA ASP M 229 -1.98 -35.87 -34.64
C ASP M 229 -2.73 -34.56 -34.84
N THR M 230 -2.04 -33.42 -34.68
CA THR M 230 -2.67 -32.13 -34.95
C THR M 230 -3.05 -32.02 -36.42
N ALA M 231 -2.18 -32.47 -37.32
CA ALA M 231 -2.50 -32.41 -38.74
C ALA M 231 -3.62 -33.37 -39.11
N GLU M 232 -3.66 -34.54 -38.48
CA GLU M 232 -4.72 -35.50 -38.78
C GLU M 232 -6.08 -35.01 -38.30
N LYS M 233 -6.14 -34.40 -37.12
CA LYS M 233 -7.39 -33.90 -36.59
C LYS M 233 -7.94 -32.78 -37.48
N SER M 234 -7.06 -31.92 -37.98
CA SER M 234 -7.48 -30.84 -38.87
C SER M 234 -8.15 -31.39 -40.12
N ALA M 235 -7.60 -32.47 -40.70
CA ALA M 235 -8.20 -33.07 -41.88
C ALA M 235 -9.53 -33.72 -41.57
N GLN M 236 -9.71 -34.23 -40.35
CA GLN M 236 -10.99 -34.81 -39.96
C GLN M 236 -12.09 -33.76 -39.91
N VAL M 237 -11.77 -32.57 -39.38
CA VAL M 237 -12.72 -31.46 -39.42
C VAL M 237 -13.01 -31.07 -40.87
N LEU M 238 -11.96 -31.03 -41.70
CA LEU M 238 -12.14 -30.73 -43.11
C LEU M 238 -13.02 -31.76 -43.78
N VAL M 239 -12.90 -33.03 -43.40
CA VAL M 239 -13.66 -34.10 -44.04
C VAL M 239 -15.14 -33.91 -43.81
N LYS M 240 -15.54 -33.63 -42.56
CA LYS M 240 -16.96 -33.51 -42.24
C LYS M 240 -17.59 -32.28 -42.89
N VAL M 241 -16.90 -31.13 -42.83
CA VAL M 241 -17.45 -29.92 -43.43
C VAL M 241 -17.52 -30.05 -44.95
N TYR M 242 -16.55 -30.74 -45.56
CA TYR M 242 -16.62 -30.98 -47.00
C TYR M 242 -17.75 -31.95 -47.32
N SER M 243 -17.93 -32.99 -46.50
CA SER M 243 -18.99 -33.96 -46.73
C SER M 243 -20.37 -33.39 -46.42
N MET M 244 -20.46 -32.38 -45.56
CA MET M 244 -21.73 -31.79 -45.18
C MET M 244 -22.33 -30.91 -46.28
N GLY M 245 -21.58 -30.63 -47.34
CA GLY M 245 -22.09 -29.80 -48.42
C GLY M 245 -21.08 -28.78 -48.88
N GLY M 246 -20.10 -28.47 -48.04
CA GLY M 246 -19.07 -27.49 -48.36
C GLY M 246 -18.96 -26.41 -47.30
N MET M 247 -18.01 -25.52 -47.53
CA MET M 247 -17.74 -24.43 -46.62
C MET M 247 -18.41 -23.14 -47.11
N LYS M 248 -18.92 -22.35 -46.17
CA LYS M 248 -19.61 -21.11 -46.50
C LYS M 248 -18.86 -19.86 -46.03
N GLN M 249 -18.32 -19.86 -44.82
CA GLN M 249 -17.47 -18.79 -44.34
C GLN M 249 -16.18 -19.39 -43.79
N THR M 250 -15.13 -18.57 -43.76
CA THR M 250 -13.80 -19.07 -43.43
C THR M 250 -13.00 -17.97 -42.76
N ILE M 251 -11.74 -18.28 -42.47
CA ILE M 251 -10.79 -17.30 -41.95
C ILE M 251 -10.20 -16.55 -43.14
N SER M 252 -10.32 -15.23 -43.12
CA SER M 252 -9.87 -14.41 -44.24
C SER M 252 -8.33 -14.36 -44.28
N ARG M 253 -7.82 -13.90 -45.42
CA ARG M 253 -6.37 -13.82 -45.60
C ARG M 253 -5.74 -12.85 -44.61
N GLU M 254 -6.38 -11.70 -44.38
CA GLU M 254 -5.85 -10.73 -43.44
C GLU M 254 -5.83 -11.29 -42.03
N GLU M 255 -6.84 -12.07 -41.66
CA GLU M 255 -6.86 -12.70 -40.35
C GLU M 255 -5.71 -13.68 -40.18
N LEU M 256 -5.40 -14.45 -41.23
CA LEU M 256 -4.24 -15.34 -41.17
C LEU M 256 -2.95 -14.55 -41.03
N ILE M 257 -2.86 -13.40 -41.71
CA ILE M 257 -1.70 -12.53 -41.54
C ILE M 257 -1.61 -12.03 -40.10
N ALA M 258 -2.75 -11.60 -39.54
CA ALA M 258 -2.76 -11.09 -38.17
C ALA M 258 -2.37 -12.18 -37.17
N LEU M 259 -2.84 -13.40 -37.40
CA LEU M 259 -2.51 -14.50 -36.49
C LEU M 259 -1.02 -14.80 -36.51
N GLY M 260 -0.37 -14.63 -37.66
CA GLY M 260 1.05 -14.92 -37.76
C GLY M 260 1.92 -13.97 -36.95
N LYS M 261 1.54 -12.69 -36.90
CA LYS M 261 2.39 -11.69 -36.26
C LYS M 261 2.53 -11.96 -34.76
N ARG M 262 1.43 -12.31 -34.08
CA ARG M 262 1.49 -12.46 -32.63
C ARG M 262 2.41 -13.60 -32.23
N PHE M 263 2.35 -14.72 -32.94
CA PHE M 263 3.14 -15.90 -32.59
C PHE M 263 4.52 -15.89 -33.25
N GLY M 264 4.81 -14.91 -34.09
CA GLY M 264 6.12 -14.80 -34.69
C GLY M 264 6.49 -15.92 -35.64
N VAL M 265 5.55 -16.30 -36.51
CA VAL M 265 5.78 -17.34 -37.50
C VAL M 265 5.52 -16.76 -38.88
N THR M 266 6.42 -17.05 -39.82
CA THR M 266 6.32 -16.52 -41.17
C THR M 266 5.54 -17.49 -42.04
N PRO M 267 4.35 -17.13 -42.51
CA PRO M 267 3.59 -18.05 -43.37
C PRO M 267 4.25 -18.20 -44.74
N LEU M 268 3.93 -19.31 -45.40
CA LEU M 268 4.42 -19.56 -46.74
C LEU M 268 3.85 -18.51 -47.69
N ALA M 269 4.74 -17.74 -48.33
CA ALA M 269 4.30 -16.65 -49.18
C ALA M 269 3.47 -17.13 -50.35
N SER M 270 3.87 -18.25 -50.97
CA SER M 270 3.12 -18.78 -52.10
C SER M 270 1.73 -19.21 -51.67
N ALA M 271 1.61 -19.88 -50.53
CA ALA M 271 0.31 -20.36 -50.07
C ALA M 271 -0.56 -19.22 -49.55
N LEU M 272 0.05 -18.28 -48.82
CA LEU M 272 -0.73 -17.17 -48.25
C LEU M 272 -1.30 -16.28 -49.35
N ALA M 273 -0.53 -16.05 -50.42
CA ALA M 273 -0.98 -15.17 -51.49
C ALA M 273 -2.18 -15.73 -52.25
N LEU M 274 -2.49 -17.01 -52.08
CA LEU M 274 -3.63 -17.62 -52.74
C LEU M 274 -4.94 -17.00 -52.26
N MET N 1 2.35 -40.39 6.83
CA MET N 1 1.11 -39.77 6.37
C MET N 1 0.99 -39.92 4.85
N GLN N 2 -0.22 -40.12 4.37
CA GLN N 2 -0.47 -40.26 2.94
C GLN N 2 -0.07 -38.99 2.21
N ASN N 3 0.49 -39.15 1.02
CA ASN N 3 0.94 -38.01 0.24
C ASN N 3 -0.24 -37.23 -0.30
N ILE N 4 0.02 -35.96 -0.65
CA ILE N 4 -1.04 -35.09 -1.14
C ILE N 4 -1.64 -35.63 -2.43
N THR N 5 -0.85 -36.37 -3.21
CA THR N 5 -1.31 -36.90 -4.50
C THR N 5 -2.39 -37.96 -4.34
N GLN N 6 -2.62 -38.46 -3.12
CA GLN N 6 -3.68 -39.42 -2.87
C GLN N 6 -4.95 -38.79 -2.33
N SER N 7 -5.05 -37.45 -2.38
CA SER N 7 -6.23 -36.77 -1.87
C SER N 7 -7.43 -37.01 -2.78
N TRP N 8 -8.58 -36.44 -2.38
CA TRP N 8 -9.80 -36.65 -3.14
C TRP N 8 -9.81 -35.83 -4.42
N PHE N 9 -9.20 -34.65 -4.41
CA PHE N 9 -9.27 -33.78 -5.57
C PHE N 9 -8.22 -34.15 -6.63
N VAL N 10 -7.00 -34.47 -6.20
CA VAL N 10 -5.96 -34.83 -7.15
C VAL N 10 -6.35 -36.10 -7.91
N GLN N 11 -6.86 -37.10 -7.18
CA GLN N 11 -7.36 -38.30 -7.84
C GLN N 11 -8.55 -37.99 -8.73
N GLY N 12 -9.34 -36.97 -8.38
CA GLY N 12 -10.44 -36.57 -9.23
C GLY N 12 -9.98 -35.96 -10.55
N MET N 13 -8.90 -35.18 -10.51
CA MET N 13 -8.41 -34.52 -11.71
C MET N 13 -7.89 -35.52 -12.73
N ILE N 14 -7.33 -36.65 -12.27
CA ILE N 14 -6.83 -37.66 -13.18
C ILE N 14 -7.97 -38.24 -14.02
N LYS N 15 -9.11 -38.50 -13.39
CA LYS N 15 -10.24 -39.09 -14.10
C LYS N 15 -10.77 -38.16 -15.18
N ALA N 16 -10.74 -36.85 -14.91
CA ALA N 16 -11.28 -35.90 -15.88
C ALA N 16 -10.42 -35.83 -17.13
N THR N 17 -9.11 -35.71 -16.97
CA THR N 17 -8.23 -35.56 -18.12
C THR N 17 -8.14 -36.85 -18.93
N THR N 18 -8.10 -37.99 -18.25
CA THR N 18 -7.93 -39.27 -18.94
C THR N 18 -9.08 -39.55 -19.90
N ASP N 19 -10.32 -39.29 -19.47
CA ASP N 19 -11.46 -39.64 -20.29
C ASP N 19 -11.61 -38.70 -21.48
N ALA N 20 -11.18 -37.44 -21.32
CA ALA N 20 -11.25 -36.50 -22.44
C ALA N 20 -10.33 -36.90 -23.58
N TRP N 21 -9.15 -37.43 -23.25
CA TRP N 21 -8.23 -37.91 -24.28
C TRP N 21 -8.80 -39.13 -25.00
N LEU N 22 -9.52 -39.99 -24.27
CA LEU N 22 -10.19 -41.13 -24.92
C LEU N 22 -11.33 -40.67 -25.82
N LYS N 23 -11.99 -39.57 -25.46
CA LYS N 23 -13.03 -39.03 -26.33
C LYS N 23 -12.45 -38.49 -27.63
N GLY N 24 -11.29 -37.84 -27.57
CA GLY N 24 -10.63 -37.32 -28.75
C GLY N 24 -10.79 -35.84 -28.97
N TRP N 25 -10.79 -35.07 -27.87
CA TRP N 25 -10.89 -33.62 -27.93
C TRP N 25 -9.57 -32.90 -27.61
N ASP N 26 -8.49 -33.64 -27.37
CA ASP N 26 -7.31 -33.10 -26.71
C ASP N 26 -6.03 -33.48 -27.46
N GLU N 27 -6.01 -33.26 -28.77
CA GLU N 27 -4.79 -33.49 -29.52
C GLU N 27 -3.70 -32.52 -29.04
N ARG N 28 -2.46 -33.01 -29.07
CA ARG N 28 -1.30 -32.27 -28.55
C ARG N 28 -1.53 -31.85 -27.10
N ASN N 29 -1.49 -30.54 -26.84
CA ASN N 29 -1.66 -30.00 -25.50
C ASN N 29 -2.86 -29.08 -25.39
N GLY N 30 -3.83 -29.19 -26.30
CA GLY N 30 -5.01 -28.36 -26.23
C GLY N 30 -5.93 -28.79 -25.09
N GLY N 31 -6.46 -27.82 -24.38
CA GLY N 31 -7.36 -28.07 -23.27
C GLY N 31 -6.76 -27.65 -21.94
N ASN N 32 -7.60 -27.08 -21.07
CA ASN N 32 -7.17 -26.65 -19.75
C ASN N 32 -8.25 -27.01 -18.74
N LEU N 33 -7.84 -27.08 -17.47
CA LEU N 33 -8.75 -27.45 -16.39
C LEU N 33 -8.37 -26.70 -15.13
N THR N 34 -9.37 -26.30 -14.35
CA THR N 34 -9.17 -25.54 -13.12
C THR N 34 -10.30 -25.86 -12.15
N LEU N 35 -9.95 -26.23 -10.92
CA LEU N 35 -10.92 -26.59 -9.89
C LEU N 35 -10.72 -25.69 -8.68
N ARG N 36 -11.84 -25.32 -8.04
CA ARG N 36 -11.83 -24.46 -6.87
C ARG N 36 -12.01 -25.31 -5.62
N LEU N 37 -11.17 -25.08 -4.62
CA LEU N 37 -11.13 -25.88 -3.40
C LEU N 37 -11.38 -25.01 -2.18
N ASP N 38 -11.24 -25.62 -1.01
CA ASP N 38 -11.39 -24.95 0.27
C ASP N 38 -10.15 -25.20 1.12
N ASP N 39 -9.97 -24.34 2.14
CA ASP N 39 -8.77 -24.42 2.97
C ASP N 39 -8.72 -25.73 3.76
N ALA N 40 -9.87 -26.22 4.23
CA ALA N 40 -9.89 -27.44 5.02
C ALA N 40 -9.40 -28.64 4.22
N ASP N 41 -9.59 -28.62 2.91
CA ASP N 41 -9.12 -29.73 2.07
C ASP N 41 -7.60 -29.82 2.08
N ILE N 42 -6.92 -28.67 1.99
CA ILE N 42 -5.46 -28.66 1.84
C ILE N 42 -4.74 -28.36 3.14
N ALA N 43 -5.47 -28.14 4.23
CA ALA N 43 -4.82 -27.85 5.51
C ALA N 43 -3.97 -29.02 6.03
N PRO N 44 -4.44 -30.27 6.06
CA PRO N 44 -3.61 -31.34 6.64
C PRO N 44 -2.37 -31.68 5.83
N TYR N 45 -2.28 -31.24 4.57
CA TYR N 45 -1.22 -31.68 3.67
C TYR N 45 -0.03 -30.73 3.65
N HIS N 46 0.24 -30.05 4.76
CA HIS N 46 1.37 -29.12 4.81
C HIS N 46 2.72 -29.81 4.71
N ASP N 47 2.78 -31.14 4.90
CA ASP N 47 4.06 -31.84 4.82
C ASP N 47 4.65 -31.76 3.41
N ASN N 48 3.81 -31.92 2.39
CA ASN N 48 4.26 -31.91 1.01
C ASN N 48 4.40 -30.51 0.42
N PHE N 49 4.07 -29.47 1.20
CA PHE N 49 4.12 -28.12 0.69
C PHE N 49 5.56 -27.69 0.42
N HIS N 50 5.76 -26.99 -0.69
CA HIS N 50 7.10 -26.52 -1.04
C HIS N 50 7.60 -25.48 -0.05
N GLN N 51 8.91 -25.50 0.20
CA GLN N 51 9.49 -24.56 1.15
C GLN N 51 9.58 -23.16 0.56
N GLN N 52 9.67 -23.04 -0.77
CA GLN N 52 9.79 -21.75 -1.44
C GLN N 52 8.64 -21.59 -2.43
N PRO N 53 7.56 -20.91 -2.03
CA PRO N 53 6.45 -20.67 -2.96
C PRO N 53 6.80 -19.56 -3.95
N ARG N 54 6.90 -19.91 -5.22
CA ARG N 54 7.17 -18.92 -6.25
C ARG N 54 5.98 -17.97 -6.40
N TYR N 55 6.28 -16.69 -6.56
CA TYR N 55 5.25 -15.66 -6.69
C TYR N 55 5.18 -15.20 -8.14
N ILE N 56 3.97 -15.18 -8.68
CA ILE N 56 3.75 -14.71 -10.05
C ILE N 56 2.70 -13.60 -10.03
N PRO N 57 2.99 -12.44 -10.60
CA PRO N 57 1.99 -11.37 -10.64
C PRO N 57 0.83 -11.71 -11.56
N LEU N 58 -0.32 -11.10 -11.27
CA LEU N 58 -1.51 -11.29 -12.08
C LEU N 58 -1.69 -10.11 -13.03
N SER N 59 -2.21 -10.42 -14.24
CA SER N 59 -2.34 -9.40 -15.26
C SER N 59 -3.29 -8.28 -14.85
N GLN N 60 -4.42 -8.64 -14.25
CA GLN N 60 -5.45 -7.67 -13.89
C GLN N 60 -5.99 -8.03 -12.50
N PRO N 61 -6.18 -7.03 -11.63
CA PRO N 61 -6.62 -7.33 -10.26
C PRO N 61 -7.98 -8.02 -10.23
N MET N 62 -8.10 -8.98 -9.31
CA MET N 62 -9.32 -9.75 -9.11
C MET N 62 -9.66 -9.76 -7.64
N PRO N 63 -10.25 -8.67 -7.13
CA PRO N 63 -10.53 -8.59 -5.68
C PRO N 63 -11.47 -9.69 -5.18
N LEU N 64 -12.40 -10.15 -6.01
CA LEU N 64 -13.39 -11.11 -5.57
C LEU N 64 -12.79 -12.47 -5.26
N LEU N 65 -11.61 -12.78 -5.79
CA LEU N 65 -11.03 -14.12 -5.67
C LEU N 65 -9.91 -14.18 -4.63
N ALA N 66 -9.87 -13.24 -3.69
CA ALA N 66 -8.78 -13.20 -2.73
C ALA N 66 -8.81 -14.42 -1.80
N ASN N 67 -7.61 -14.91 -1.46
CA ASN N 67 -7.42 -15.96 -0.45
C ASN N 67 -7.88 -17.30 -1.04
N THR N 68 -8.46 -17.25 -2.22
CA THR N 68 -9.08 -18.43 -2.78
C THR N 68 -8.03 -19.37 -3.36
N PRO N 69 -7.97 -20.63 -2.92
CA PRO N 69 -7.01 -21.57 -3.49
C PRO N 69 -7.57 -22.35 -4.68
N PHE N 70 -6.67 -22.65 -5.61
CA PHE N 70 -7.03 -23.34 -6.85
C PHE N 70 -6.03 -24.44 -7.17
N ILE N 71 -6.49 -25.44 -7.91
CA ILE N 71 -5.62 -26.47 -8.48
C ILE N 71 -5.76 -26.39 -10.00
N VAL N 72 -4.63 -26.27 -10.69
CA VAL N 72 -4.62 -25.93 -12.11
C VAL N 72 -3.80 -26.95 -12.88
N THR N 73 -3.88 -26.84 -14.21
CA THR N 73 -3.11 -27.66 -15.12
C THR N 73 -1.98 -26.83 -15.73
N GLY N 74 -0.76 -27.38 -15.71
CA GLY N 74 0.39 -26.63 -16.18
C GLY N 74 0.36 -26.40 -17.67
N SER N 75 1.04 -25.34 -18.09
CA SER N 75 1.10 -25.00 -19.51
C SER N 75 2.08 -25.91 -20.24
N GLY N 76 1.77 -26.19 -21.50
CA GLY N 76 2.64 -27.00 -22.33
C GLY N 76 2.71 -28.46 -21.96
N LYS N 77 1.75 -28.96 -21.19
CA LYS N 77 1.73 -30.34 -20.76
C LYS N 77 0.69 -31.12 -21.57
N PHE N 78 0.89 -32.44 -21.63
CA PHE N 78 0.03 -33.32 -22.40
C PHE N 78 -1.03 -33.93 -21.47
N PHE N 79 -2.28 -33.87 -21.90
CA PHE N 79 -3.37 -34.41 -21.07
C PHE N 79 -3.25 -35.91 -20.91
N ARG N 80 -2.73 -36.61 -21.92
CA ARG N 80 -2.52 -38.05 -21.81
C ARG N 80 -1.47 -38.38 -20.76
N ASN N 81 -0.56 -37.46 -20.48
CA ASN N 81 0.55 -37.68 -19.56
C ASN N 81 0.21 -37.28 -18.12
N VAL N 82 -0.98 -36.75 -17.88
CA VAL N 82 -1.35 -36.33 -16.53
C VAL N 82 -1.39 -37.52 -15.58
N GLN N 83 -1.96 -38.63 -16.04
CA GLN N 83 -2.09 -39.82 -15.18
C GLN N 83 -0.76 -40.46 -14.84
N LEU N 84 0.32 -40.07 -15.50
CA LEU N 84 1.62 -40.71 -15.28
C LEU N 84 2.46 -39.98 -14.23
N ASP N 85 2.53 -38.66 -14.28
CA ASP N 85 3.34 -37.88 -13.34
C ASP N 85 2.50 -36.74 -12.81
N PRO N 86 1.70 -37.00 -11.76
CA PRO N 86 0.80 -35.96 -11.26
C PRO N 86 1.51 -34.69 -10.80
N ALA N 87 2.71 -34.81 -10.23
CA ALA N 87 3.43 -33.66 -9.72
C ALA N 87 4.06 -32.81 -10.82
N ALA N 88 4.06 -33.28 -12.08
CA ALA N 88 4.71 -32.56 -13.16
C ALA N 88 3.74 -31.80 -14.05
N ASN N 89 2.48 -32.24 -14.15
CA ASN N 89 1.50 -31.56 -14.98
C ASN N 89 0.48 -30.76 -14.19
N LEU N 90 0.27 -31.06 -12.91
CA LEU N 90 -0.69 -30.37 -12.07
C LEU N 90 0.01 -29.58 -10.99
N GLY N 91 -0.76 -28.73 -10.31
CA GLY N 91 -0.22 -27.92 -9.23
C GLY N 91 -1.32 -27.22 -8.48
N ILE N 92 -0.94 -26.61 -7.37
CA ILE N 92 -1.88 -25.92 -6.48
C ILE N 92 -1.44 -24.47 -6.34
N VAL N 93 -2.39 -23.56 -6.50
CA VAL N 93 -2.13 -22.13 -6.43
C VAL N 93 -3.12 -21.49 -5.46
N LYS N 94 -2.61 -20.60 -4.61
CA LYS N 94 -3.44 -19.85 -3.67
C LYS N 94 -3.26 -18.37 -3.93
N VAL N 95 -4.38 -17.67 -4.17
CA VAL N 95 -4.34 -16.24 -4.45
C VAL N 95 -4.07 -15.48 -3.17
N ASP N 96 -3.40 -14.34 -3.29
CA ASP N 96 -3.05 -13.54 -2.12
C ASP N 96 -4.29 -12.91 -1.51
N SER N 97 -4.08 -12.15 -0.43
CA SER N 97 -5.18 -11.51 0.29
C SER N 97 -5.60 -10.18 -0.34
N CYS N 98 -4.90 -9.71 -1.36
CA CYS N 98 -5.24 -8.47 -2.03
C CYS N 98 -5.73 -8.67 -3.46
N GLY N 99 -5.80 -9.91 -3.94
CA GLY N 99 -6.23 -10.18 -5.30
C GLY N 99 -5.29 -9.65 -6.37
N ALA N 100 -3.98 -9.85 -6.19
CA ALA N 100 -2.99 -9.36 -7.15
C ALA N 100 -2.00 -10.42 -7.61
N GLY N 101 -1.90 -11.56 -6.95
CA GLY N 101 -0.97 -12.59 -7.35
C GLY N 101 -1.25 -13.88 -6.64
N TYR N 102 -0.42 -14.89 -6.95
CA TYR N 102 -0.56 -16.21 -6.36
C TYR N 102 0.82 -16.79 -6.10
N HIS N 103 0.86 -17.83 -5.26
CA HIS N 103 2.09 -18.53 -4.93
C HIS N 103 1.98 -19.97 -5.39
N ILE N 104 3.10 -20.54 -5.84
CA ILE N 104 3.15 -21.94 -6.26
C ILE N 104 3.52 -22.77 -5.02
N LEU N 105 2.55 -23.45 -4.42
CA LEU N 105 2.80 -24.12 -3.16
C LEU N 105 3.24 -25.57 -3.33
N TRP N 106 2.81 -26.23 -4.41
CA TRP N 106 3.21 -27.61 -4.67
C TRP N 106 2.92 -27.92 -6.13
N GLY N 107 3.68 -28.84 -6.70
CA GLY N 107 3.51 -29.23 -8.08
C GLY N 107 4.13 -28.23 -9.04
N LEU N 108 3.87 -28.46 -10.32
CA LEU N 108 4.44 -27.66 -11.41
C LEU N 108 5.96 -27.60 -11.30
N THR N 109 6.57 -28.77 -11.10
CA THR N 109 8.00 -28.86 -10.90
C THR N 109 8.76 -28.50 -12.18
N ASN N 110 10.06 -28.28 -12.02
CA ASN N 110 10.96 -27.96 -13.13
C ASN N 110 10.50 -26.72 -13.87
N GLU N 111 10.17 -25.67 -13.13
CA GLU N 111 9.81 -24.36 -13.67
C GLU N 111 8.58 -24.43 -14.57
N ALA N 112 7.66 -25.34 -14.27
CA ALA N 112 6.40 -25.40 -15.01
C ALA N 112 5.49 -24.25 -14.58
N VAL N 113 4.70 -23.75 -15.52
CA VAL N 113 3.85 -22.59 -15.28
C VAL N 113 2.40 -22.96 -15.59
N PRO N 114 1.42 -22.29 -14.99
CA PRO N 114 0.02 -22.57 -15.33
C PRO N 114 -0.30 -22.19 -16.76
N THR N 115 -1.47 -22.61 -17.21
CA THR N 115 -1.87 -22.46 -18.60
C THR N 115 -1.90 -20.99 -19.01
N SER N 116 -1.78 -20.76 -20.32
CA SER N 116 -1.84 -19.41 -20.86
C SER N 116 -3.25 -18.87 -20.95
N GLU N 117 -4.26 -19.70 -20.69
CA GLU N 117 -5.66 -19.25 -20.69
C GLU N 117 -6.14 -18.83 -19.32
N LEU N 118 -5.23 -18.72 -18.34
CA LEU N 118 -5.63 -18.30 -17.00
C LEU N 118 -6.34 -16.95 -16.96
N PRO N 119 -5.92 -15.91 -17.71
CA PRO N 119 -6.72 -14.68 -17.71
C PRO N 119 -8.16 -14.88 -18.12
N ALA N 120 -8.42 -15.79 -19.07
CA ALA N 120 -9.80 -16.11 -19.41
C ALA N 120 -10.44 -16.99 -18.34
N HIS N 121 -9.65 -17.88 -17.73
CA HIS N 121 -10.18 -18.74 -16.68
C HIS N 121 -10.57 -17.93 -15.45
N PHE N 122 -9.73 -16.96 -15.06
CA PHE N 122 -9.98 -16.21 -13.83
C PHE N 122 -11.12 -15.20 -14.01
N LEU N 123 -11.17 -14.54 -15.17
CA LEU N 123 -12.23 -13.56 -15.40
C LEU N 123 -13.60 -14.21 -15.41
N SER N 124 -13.71 -15.39 -16.04
CA SER N 124 -15.00 -16.08 -16.05
C SER N 124 -15.36 -16.64 -14.69
N HIS N 125 -14.36 -17.02 -13.88
CA HIS N 125 -14.65 -17.47 -12.52
C HIS N 125 -15.40 -16.40 -11.74
N SER N 126 -14.91 -15.16 -11.79
CA SER N 126 -15.52 -14.09 -11.00
C SER N 126 -16.96 -13.83 -11.43
N GLU N 127 -17.22 -13.80 -12.73
CA GLU N 127 -18.56 -13.47 -13.21
C GLU N 127 -19.57 -14.55 -12.88
N ARG N 128 -19.12 -15.80 -12.70
CA ARG N 128 -20.05 -16.88 -12.40
C ARG N 128 -20.43 -16.93 -10.92
N ILE N 129 -19.59 -16.37 -10.05
CA ILE N 129 -19.97 -16.30 -8.64
C ILE N 129 -21.12 -15.33 -8.43
N LYS N 130 -21.12 -14.23 -9.18
CA LYS N 130 -22.20 -13.25 -9.06
C LYS N 130 -23.54 -13.82 -9.51
N ALA N 131 -23.53 -14.63 -10.58
CA ALA N 131 -24.76 -15.15 -11.17
C ALA N 131 -25.20 -16.47 -10.57
N THR N 132 -24.44 -17.04 -9.64
CA THR N 132 -24.77 -18.34 -9.06
C THR N 132 -24.65 -18.36 -7.54
N ASN N 133 -24.08 -17.33 -6.92
CA ASN N 133 -23.97 -17.22 -5.46
C ASN N 133 -23.08 -18.31 -4.87
N GLY N 134 -21.88 -18.43 -5.45
CA GLY N 134 -20.85 -19.28 -4.89
C GLY N 134 -21.05 -20.76 -5.08
N LYS N 135 -21.78 -21.19 -6.11
CA LYS N 135 -21.99 -22.61 -6.36
C LYS N 135 -21.11 -23.16 -7.48
N ASP N 136 -20.95 -22.40 -8.57
CA ASP N 136 -20.08 -22.84 -9.66
C ASP N 136 -18.62 -22.75 -9.23
N ARG N 137 -17.85 -23.79 -9.56
CA ARG N 137 -16.44 -23.85 -9.15
C ARG N 137 -15.47 -24.20 -10.26
N VAL N 138 -15.93 -24.77 -11.38
CA VAL N 138 -15.05 -25.39 -12.37
C VAL N 138 -15.25 -24.72 -13.72
N ILE N 139 -14.15 -24.51 -14.44
CA ILE N 139 -14.17 -24.05 -15.82
C ILE N 139 -13.35 -25.01 -16.67
N MET N 140 -13.89 -25.43 -17.81
CA MET N 140 -13.24 -26.39 -18.68
C MET N 140 -13.30 -25.94 -20.13
N HIS N 141 -12.18 -26.10 -20.84
CA HIS N 141 -12.07 -25.74 -22.25
C HIS N 141 -11.49 -26.89 -23.02
N CYS N 142 -12.14 -27.26 -24.13
CA CYS N 142 -11.68 -28.37 -24.95
C CYS N 142 -12.11 -28.16 -26.39
N HIS N 143 -11.41 -28.81 -27.31
CA HIS N 143 -11.63 -28.66 -28.74
C HIS N 143 -12.57 -29.75 -29.23
N ALA N 144 -13.87 -29.53 -29.03
CA ALA N 144 -14.86 -30.52 -29.43
C ALA N 144 -14.97 -30.56 -30.95
N THR N 145 -14.67 -31.73 -31.53
CA THR N 145 -14.57 -31.83 -32.99
C THR N 145 -15.92 -31.59 -33.66
N ASN N 146 -16.99 -32.14 -33.11
CA ASN N 146 -18.31 -31.96 -33.73
C ASN N 146 -18.77 -30.52 -33.64
N LEU N 147 -18.41 -29.83 -32.55
CA LEU N 147 -18.80 -28.43 -32.41
C LEU N 147 -18.04 -27.53 -33.36
N ILE N 148 -16.74 -27.81 -33.58
CA ILE N 148 -15.93 -26.98 -34.45
C ILE N 148 -16.45 -27.04 -35.89
N ALA N 149 -16.75 -28.25 -36.37
CA ALA N 149 -17.22 -28.41 -37.75
C ALA N 149 -18.55 -27.71 -37.96
N LEU N 150 -19.32 -27.48 -36.90
CA LEU N 150 -20.60 -26.80 -37.04
C LEU N 150 -20.42 -25.32 -37.34
N THR N 151 -19.29 -24.74 -36.94
CA THR N 151 -19.09 -23.30 -37.12
C THR N 151 -19.00 -22.92 -38.59
N TYR N 152 -18.28 -23.73 -39.39
CA TYR N 152 -18.00 -23.39 -40.77
C TYR N 152 -19.25 -23.39 -41.66
N VAL N 153 -20.36 -23.93 -41.19
CA VAL N 153 -21.54 -24.09 -42.04
C VAL N 153 -22.68 -23.23 -41.54
N LEU N 154 -22.74 -23.00 -40.24
CA LEU N 154 -23.84 -22.27 -39.63
C LEU N 154 -23.44 -20.82 -39.33
N GLU N 155 -24.45 -19.95 -39.31
CA GLU N 155 -24.22 -18.53 -39.04
C GLU N 155 -23.71 -18.34 -37.62
N ASN N 156 -22.71 -17.47 -37.48
CA ASN N 156 -22.06 -17.26 -36.19
C ASN N 156 -22.82 -16.21 -35.38
N ASP N 157 -24.01 -16.59 -34.95
CA ASP N 157 -24.85 -15.75 -34.10
C ASP N 157 -25.39 -16.57 -32.94
N THR N 158 -25.85 -15.88 -31.89
CA THR N 158 -26.31 -16.56 -30.69
C THR N 158 -27.66 -17.23 -30.90
N ALA N 159 -28.58 -16.55 -31.57
CA ALA N 159 -29.98 -17.00 -31.60
C ALA N 159 -30.13 -18.32 -32.33
N VAL N 160 -29.59 -18.42 -33.56
CA VAL N 160 -29.83 -19.60 -34.38
C VAL N 160 -29.10 -20.82 -33.82
N PHE N 161 -27.84 -20.63 -33.41
CA PHE N 161 -27.05 -21.75 -32.89
C PHE N 161 -27.68 -22.32 -31.62
N THR N 162 -28.10 -21.45 -30.70
CA THR N 162 -28.77 -21.93 -29.49
C THR N 162 -30.05 -22.68 -29.83
N ARG N 163 -30.82 -22.15 -30.77
CA ARG N 163 -32.06 -22.82 -31.18
C ARG N 163 -31.77 -24.18 -31.81
N GLN N 164 -30.73 -24.26 -32.64
CA GLN N 164 -30.41 -25.53 -33.30
C GLN N 164 -30.00 -26.60 -32.30
N LEU N 165 -29.19 -26.21 -31.30
CA LEU N 165 -28.68 -27.19 -30.34
C LEU N 165 -29.80 -27.81 -29.50
N TRP N 166 -30.85 -27.04 -29.21
CA TRP N 166 -31.96 -27.58 -28.43
C TRP N 166 -32.69 -28.69 -29.17
N GLU N 167 -32.47 -28.80 -30.48
CA GLU N 167 -33.28 -29.68 -31.31
C GLU N 167 -32.67 -31.06 -31.46
N GLY N 168 -31.35 -31.19 -31.29
CA GLY N 168 -30.69 -32.47 -31.47
C GLY N 168 -31.11 -33.54 -30.48
N SER N 169 -31.38 -33.15 -29.23
CA SER N 169 -31.77 -34.11 -28.21
C SER N 169 -32.71 -33.43 -27.22
N THR N 170 -33.59 -34.22 -26.62
CA THR N 170 -34.58 -33.66 -25.69
C THR N 170 -33.90 -33.15 -24.41
N GLU N 171 -32.96 -33.92 -23.87
CA GLU N 171 -32.35 -33.57 -22.60
C GLU N 171 -31.50 -32.31 -22.67
N CYS N 172 -31.18 -31.83 -23.86
CA CYS N 172 -30.29 -30.67 -24.00
C CYS N 172 -30.90 -29.42 -23.39
N LEU N 173 -32.19 -29.19 -23.63
CA LEU N 173 -32.82 -27.95 -23.17
C LEU N 173 -32.80 -27.85 -21.65
N VAL N 174 -33.03 -28.97 -20.96
CA VAL N 174 -33.07 -28.94 -19.50
C VAL N 174 -31.68 -28.63 -18.93
N VAL N 175 -30.63 -29.19 -19.53
CA VAL N 175 -29.28 -29.03 -18.98
C VAL N 175 -28.81 -27.59 -19.12
N PHE N 176 -28.97 -27.00 -20.30
CA PHE N 176 -28.56 -25.62 -20.55
C PHE N 176 -29.72 -24.86 -21.18
N PRO N 177 -30.67 -24.40 -20.37
CA PRO N 177 -31.78 -23.61 -20.93
C PRO N 177 -31.38 -22.18 -21.29
N ASP N 178 -30.26 -21.68 -20.77
CA ASP N 178 -29.85 -20.32 -21.09
C ASP N 178 -29.41 -20.18 -22.54
N GLY N 179 -28.60 -21.11 -23.03
CA GLY N 179 -28.08 -21.07 -24.38
C GLY N 179 -26.56 -21.06 -24.39
N VAL N 180 -26.02 -20.74 -25.57
CA VAL N 180 -24.58 -20.68 -25.79
C VAL N 180 -24.24 -19.33 -26.40
N GLY N 181 -23.14 -18.73 -25.93
CA GLY N 181 -22.69 -17.47 -26.45
C GLY N 181 -21.59 -17.66 -27.49
N ILE N 182 -21.67 -16.88 -28.57
CA ILE N 182 -20.74 -16.98 -29.68
C ILE N 182 -20.11 -15.62 -29.91
N LEU N 183 -18.80 -15.60 -30.02
CA LEU N 183 -17.99 -14.41 -30.26
C LEU N 183 -17.66 -14.29 -31.74
N PRO N 184 -17.21 -13.13 -32.20
CA PRO N 184 -16.58 -13.05 -33.53
C PRO N 184 -15.14 -13.52 -33.45
N TRP N 185 -14.58 -13.81 -34.62
CA TRP N 185 -13.23 -14.36 -34.68
C TRP N 185 -12.23 -13.34 -34.16
N MET N 186 -11.52 -13.70 -33.10
CA MET N 186 -10.46 -12.87 -32.54
C MET N 186 -9.29 -13.76 -32.17
N VAL N 187 -8.09 -13.17 -32.17
CA VAL N 187 -6.88 -13.94 -31.96
C VAL N 187 -6.83 -14.44 -30.51
N PRO N 188 -6.61 -15.72 -30.27
CA PRO N 188 -6.60 -16.24 -28.90
C PRO N 188 -5.34 -15.81 -28.16
N GLY N 189 -5.39 -15.96 -26.84
CA GLY N 189 -4.27 -15.64 -25.98
C GLY N 189 -4.21 -14.21 -25.51
N THR N 190 -5.08 -13.33 -26.00
CA THR N 190 -5.08 -11.93 -25.64
C THR N 190 -6.13 -11.66 -24.56
N ASP N 191 -5.96 -10.53 -23.87
CA ASP N 191 -6.94 -10.12 -22.88
C ASP N 191 -8.22 -9.56 -23.51
N ALA N 192 -8.19 -9.25 -24.80
CA ALA N 192 -9.39 -8.80 -25.48
C ALA N 192 -10.40 -9.94 -25.64
N ILE N 193 -9.91 -11.16 -25.84
CA ILE N 193 -10.82 -12.30 -25.98
C ILE N 193 -11.33 -12.73 -24.61
N GLY N 194 -10.58 -12.49 -23.55
CA GLY N 194 -11.08 -12.78 -22.22
C GLY N 194 -12.22 -11.87 -21.80
N GLN N 195 -12.12 -10.59 -22.16
CA GLN N 195 -13.16 -9.63 -21.79
C GLN N 195 -14.49 -9.98 -22.46
N ALA N 196 -14.46 -10.36 -23.74
CA ALA N 196 -15.69 -10.71 -24.42
C ALA N 196 -16.25 -12.04 -23.90
N THR N 197 -15.38 -12.99 -23.56
CA THR N 197 -15.85 -14.26 -23.02
C THR N 197 -16.46 -14.10 -21.64
N ALA N 198 -15.80 -13.32 -20.77
CA ALA N 198 -16.34 -13.08 -19.44
C ALA N 198 -17.64 -12.30 -19.49
N GLN N 199 -17.81 -11.45 -20.52
CA GLN N 199 -19.06 -10.70 -20.66
C GLN N 199 -20.20 -11.61 -21.09
N GLU N 200 -19.91 -12.61 -21.92
CA GLU N 200 -20.94 -13.56 -22.34
C GLU N 200 -21.25 -14.58 -21.25
N MET N 201 -20.30 -14.87 -20.37
CA MET N 201 -20.53 -15.83 -19.30
C MET N 201 -21.55 -15.34 -18.29
N GLN N 202 -21.83 -14.04 -18.25
CA GLN N 202 -22.81 -13.50 -17.32
C GLN N 202 -24.23 -13.88 -17.68
N LYS N 203 -24.47 -14.40 -18.87
CA LYS N 203 -25.80 -14.81 -19.30
C LYS N 203 -25.95 -16.30 -19.57
N HIS N 204 -24.86 -17.01 -19.85
CA HIS N 204 -24.93 -18.42 -20.21
C HIS N 204 -23.92 -19.20 -19.37
N SER N 205 -23.89 -20.51 -19.60
CA SER N 205 -22.94 -21.41 -18.96
C SER N 205 -22.06 -22.15 -19.96
N LEU N 206 -22.22 -21.89 -21.25
CA LEU N 206 -21.43 -22.53 -22.29
C LEU N 206 -21.12 -21.48 -23.35
N VAL N 207 -19.84 -21.41 -23.76
CA VAL N 207 -19.38 -20.39 -24.69
C VAL N 207 -18.69 -21.07 -25.88
N LEU N 208 -19.02 -20.63 -27.08
CA LEU N 208 -18.46 -21.19 -28.31
C LEU N 208 -17.56 -20.18 -28.99
N TRP N 209 -16.31 -20.58 -29.25
CA TRP N 209 -15.39 -19.79 -30.07
C TRP N 209 -15.43 -20.32 -31.49
N PRO N 210 -15.75 -19.50 -32.48
CA PRO N 210 -15.76 -20.00 -33.87
C PRO N 210 -14.41 -20.53 -34.28
N PHE N 211 -14.43 -21.69 -34.94
CA PHE N 211 -13.28 -22.38 -35.52
C PHE N 211 -12.28 -22.90 -34.48
N HIS N 212 -12.50 -22.66 -33.19
CA HIS N 212 -11.51 -23.02 -32.18
C HIS N 212 -12.01 -24.08 -31.21
N GLY N 213 -13.12 -23.84 -30.49
CA GLY N 213 -13.51 -24.77 -29.45
C GLY N 213 -14.72 -24.37 -28.63
N VAL N 214 -14.67 -24.63 -27.32
CA VAL N 214 -15.82 -24.44 -26.44
C VAL N 214 -15.33 -24.11 -25.04
N PHE N 215 -16.23 -23.54 -24.24
CA PHE N 215 -16.00 -23.24 -22.83
C PHE N 215 -17.19 -23.73 -22.02
N GLY N 216 -16.95 -24.10 -20.77
CA GLY N 216 -18.00 -24.60 -19.91
C GLY N 216 -17.74 -24.31 -18.45
N SER N 217 -18.82 -24.39 -17.66
CA SER N 217 -18.74 -24.17 -16.23
C SER N 217 -19.80 -25.02 -15.53
N GLY N 218 -19.52 -25.37 -14.28
CA GLY N 218 -20.42 -26.20 -13.51
C GLY N 218 -20.06 -26.30 -12.05
N PRO N 219 -20.93 -26.94 -11.26
CA PRO N 219 -20.64 -27.07 -9.82
C PRO N 219 -19.55 -28.08 -9.50
N THR N 220 -19.55 -29.23 -10.17
CA THR N 220 -18.55 -30.26 -9.92
C THR N 220 -18.04 -30.80 -11.25
N LEU N 221 -16.96 -31.58 -11.19
CA LEU N 221 -16.34 -32.11 -12.39
C LEU N 221 -17.28 -33.02 -13.16
N ASP N 222 -18.03 -33.86 -12.45
CA ASP N 222 -18.95 -34.78 -13.11
C ASP N 222 -20.02 -34.04 -13.87
N GLU N 223 -20.57 -32.97 -13.28
CA GLU N 223 -21.59 -32.19 -13.98
C GLU N 223 -20.95 -31.34 -15.07
N THR N 224 -19.77 -30.77 -14.79
CA THR N 224 -19.07 -29.98 -15.81
C THR N 224 -18.71 -30.83 -17.01
N PHE N 225 -18.23 -32.05 -16.78
CA PHE N 225 -18.00 -32.97 -17.89
C PHE N 225 -19.30 -33.30 -18.61
N GLY N 226 -20.38 -33.52 -17.86
CA GLY N 226 -21.66 -33.86 -18.47
C GLY N 226 -22.24 -32.74 -19.29
N LEU N 227 -22.04 -31.49 -18.88
CA LEU N 227 -22.57 -30.36 -19.65
C LEU N 227 -21.89 -30.25 -21.00
N ILE N 228 -20.55 -30.37 -21.03
CA ILE N 228 -19.84 -30.38 -22.30
C ILE N 228 -20.17 -31.64 -23.09
N ASP N 229 -20.27 -32.78 -22.40
CA ASP N 229 -20.53 -34.06 -23.07
C ASP N 229 -21.87 -34.03 -23.81
N THR N 230 -22.90 -33.45 -23.18
CA THR N 230 -24.22 -33.40 -23.79
C THR N 230 -24.21 -32.55 -25.06
N ALA N 231 -23.58 -31.38 -25.00
CA ALA N 231 -23.55 -30.49 -26.16
C ALA N 231 -22.81 -31.13 -27.33
N GLU N 232 -21.67 -31.76 -27.05
CA GLU N 232 -20.92 -32.43 -28.10
C GLU N 232 -21.72 -33.57 -28.72
N LYS N 233 -22.43 -34.33 -27.88
CA LYS N 233 -23.25 -35.44 -28.38
C LYS N 233 -24.41 -34.92 -29.23
N SER N 234 -25.00 -33.79 -28.83
CA SER N 234 -26.06 -33.18 -29.63
C SER N 234 -25.55 -32.76 -31.00
N ALA N 235 -24.33 -32.23 -31.06
CA ALA N 235 -23.76 -31.83 -32.34
C ALA N 235 -23.52 -33.02 -33.26
N GLN N 236 -23.32 -34.21 -32.69
CA GLN N 236 -22.99 -35.38 -33.49
C GLN N 236 -24.11 -35.74 -34.44
N VAL N 237 -25.36 -35.71 -33.97
CA VAL N 237 -26.49 -36.10 -34.81
C VAL N 237 -26.71 -35.06 -35.91
N LEU N 238 -26.48 -33.78 -35.62
CA LEU N 238 -26.73 -32.73 -36.61
C LEU N 238 -25.78 -32.87 -37.80
N VAL N 239 -24.50 -33.09 -37.55
CA VAL N 239 -23.54 -33.27 -38.64
C VAL N 239 -23.90 -34.49 -39.47
N LYS N 240 -24.24 -35.59 -38.80
CA LYS N 240 -24.65 -36.80 -39.51
C LYS N 240 -25.93 -36.58 -40.31
N VAL N 241 -26.89 -35.86 -39.74
CA VAL N 241 -28.15 -35.61 -40.44
C VAL N 241 -27.94 -34.65 -41.60
N TYR N 242 -27.17 -33.59 -41.38
CA TYR N 242 -26.99 -32.58 -42.43
C TYR N 242 -26.32 -33.17 -43.66
N SER N 243 -25.31 -34.02 -43.46
CA SER N 243 -24.68 -34.71 -44.58
C SER N 243 -25.63 -35.68 -45.27
N MET N 244 -26.68 -36.11 -44.60
CA MET N 244 -27.66 -37.04 -45.15
C MET N 244 -28.70 -36.35 -46.00
N GLY N 245 -28.73 -35.02 -46.03
CA GLY N 245 -29.70 -34.30 -46.83
C GLY N 245 -30.35 -33.14 -46.10
N GLY N 246 -30.37 -33.20 -44.78
CA GLY N 246 -30.96 -32.13 -43.98
C GLY N 246 -32.12 -32.59 -43.11
N MET N 247 -32.52 -31.75 -42.17
CA MET N 247 -33.62 -32.06 -41.26
C MET N 247 -34.96 -31.94 -41.97
N LYS N 248 -35.87 -32.85 -41.65
CA LYS N 248 -37.21 -32.87 -42.24
C LYS N 248 -38.32 -32.65 -41.23
N GLN N 249 -38.36 -33.45 -40.16
CA GLN N 249 -39.34 -33.27 -39.09
C GLN N 249 -38.60 -33.24 -37.76
N THR N 250 -39.11 -32.43 -36.84
CA THR N 250 -38.38 -32.16 -35.60
C THR N 250 -39.36 -31.69 -34.52
N ILE N 251 -38.80 -31.18 -33.43
CA ILE N 251 -39.58 -30.69 -32.31
C ILE N 251 -39.98 -29.25 -32.58
N SER N 252 -41.27 -28.96 -32.47
CA SER N 252 -41.77 -27.62 -32.73
C SER N 252 -41.53 -26.70 -31.52
N ARG N 253 -41.81 -25.42 -31.72
CA ARG N 253 -41.63 -24.45 -30.64
C ARG N 253 -42.63 -24.66 -29.52
N GLU N 254 -43.84 -25.12 -29.85
CA GLU N 254 -44.85 -25.34 -28.83
C GLU N 254 -44.41 -26.41 -27.84
N GLU N 255 -43.80 -27.49 -28.33
CA GLU N 255 -43.40 -28.58 -27.46
C GLU N 255 -42.28 -28.17 -26.52
N LEU N 256 -41.38 -27.29 -26.96
CA LEU N 256 -40.35 -26.78 -26.06
C LEU N 256 -40.96 -25.93 -24.95
N ILE N 257 -42.03 -25.20 -25.24
CA ILE N 257 -42.77 -24.50 -24.19
C ILE N 257 -43.39 -25.50 -23.23
N ALA N 258 -43.99 -26.56 -23.77
CA ALA N 258 -44.55 -27.61 -22.92
C ALA N 258 -43.47 -28.33 -22.12
N LEU N 259 -42.28 -28.49 -22.71
CA LEU N 259 -41.18 -29.12 -21.99
C LEU N 259 -40.66 -28.21 -20.89
N GLY N 260 -40.70 -26.89 -21.12
CA GLY N 260 -40.17 -25.96 -20.14
C GLY N 260 -41.01 -25.88 -18.87
N LYS N 261 -42.34 -25.95 -19.01
CA LYS N 261 -43.20 -25.73 -17.85
C LYS N 261 -43.14 -26.90 -16.87
N ARG N 262 -42.97 -28.13 -17.37
CA ARG N 262 -42.91 -29.29 -16.49
C ARG N 262 -41.66 -29.23 -15.61
N PHE N 263 -40.49 -28.97 -16.21
CA PHE N 263 -39.23 -29.10 -15.48
C PHE N 263 -38.82 -27.83 -14.76
N GLY N 264 -39.68 -26.80 -14.76
CA GLY N 264 -39.38 -25.59 -14.03
C GLY N 264 -38.17 -24.83 -14.54
N VAL N 265 -38.09 -24.68 -15.85
CA VAL N 265 -36.98 -23.97 -16.48
C VAL N 265 -37.54 -22.82 -17.30
N THR N 266 -36.70 -21.80 -17.50
CA THR N 266 -37.08 -20.61 -18.26
C THR N 266 -36.22 -20.53 -19.52
N PRO N 267 -36.75 -20.93 -20.68
CA PRO N 267 -35.95 -20.87 -21.91
C PRO N 267 -35.66 -19.43 -22.30
N LEU N 268 -34.56 -19.26 -23.04
CA LEU N 268 -34.15 -17.94 -23.49
C LEU N 268 -35.23 -17.33 -24.38
N ALA N 269 -35.59 -16.08 -24.09
CA ALA N 269 -36.63 -15.40 -24.86
C ALA N 269 -36.18 -15.13 -26.29
N SER N 270 -34.91 -14.74 -26.47
CA SER N 270 -34.42 -14.43 -27.81
C SER N 270 -34.41 -15.66 -28.70
N ALA N 271 -33.94 -16.80 -28.17
CA ALA N 271 -33.84 -18.01 -28.96
C ALA N 271 -35.20 -18.65 -29.21
N LEU N 272 -36.07 -18.65 -28.20
CA LEU N 272 -37.39 -19.26 -28.36
C LEU N 272 -38.26 -18.50 -29.37
N ALA N 273 -37.97 -17.22 -29.60
CA ALA N 273 -38.72 -16.47 -30.60
C ALA N 273 -38.38 -16.93 -32.01
N LEU N 274 -37.20 -17.52 -32.21
CA LEU N 274 -36.80 -18.02 -33.51
C LEU N 274 -37.70 -19.16 -33.98
N MET O 1 -0.52 -81.08 -14.87
CA MET O 1 0.12 -80.30 -15.93
C MET O 1 -0.66 -79.00 -16.19
N GLN O 2 0.06 -77.97 -16.61
CA GLN O 2 -0.55 -76.66 -16.87
C GLN O 2 -1.73 -76.79 -17.83
N ASN O 3 -2.80 -76.06 -17.53
CA ASN O 3 -4.09 -76.27 -18.17
C ASN O 3 -4.05 -75.93 -19.65
N ILE O 4 -4.98 -76.51 -20.40
CA ILE O 4 -5.05 -76.29 -21.84
C ILE O 4 -5.33 -74.83 -22.19
N THR O 5 -5.92 -74.07 -21.26
CA THR O 5 -6.26 -72.68 -21.55
C THR O 5 -5.04 -71.82 -21.84
N GLN O 6 -3.88 -72.16 -21.27
CA GLN O 6 -2.69 -71.34 -21.42
C GLN O 6 -1.87 -71.69 -22.66
N SER O 7 -2.33 -72.65 -23.47
CA SER O 7 -1.55 -73.08 -24.63
C SER O 7 -1.63 -72.03 -25.74
N TRP O 8 -0.75 -72.19 -26.73
CA TRP O 8 -0.63 -71.20 -27.79
C TRP O 8 -1.88 -71.15 -28.66
N PHE O 9 -2.49 -72.30 -28.93
CA PHE O 9 -3.67 -72.31 -29.80
C PHE O 9 -4.91 -71.78 -29.10
N VAL O 10 -4.91 -71.73 -27.77
CA VAL O 10 -6.04 -71.17 -27.03
C VAL O 10 -5.85 -69.69 -26.77
N GLN O 11 -4.65 -69.29 -26.33
CA GLN O 11 -4.38 -67.87 -26.14
C GLN O 11 -4.46 -67.11 -27.47
N GLY O 12 -3.91 -67.69 -28.53
CA GLY O 12 -4.05 -67.08 -29.85
C GLY O 12 -5.49 -67.02 -30.30
N MET O 13 -6.29 -68.03 -29.96
CA MET O 13 -7.71 -67.98 -30.27
C MET O 13 -8.41 -66.85 -29.53
N ILE O 14 -7.93 -66.51 -28.33
CA ILE O 14 -8.55 -65.44 -27.55
C ILE O 14 -8.34 -64.10 -28.22
N LYS O 15 -7.11 -63.81 -28.65
CA LYS O 15 -6.77 -62.48 -29.17
C LYS O 15 -7.58 -62.15 -30.42
N ALA O 16 -7.71 -63.12 -31.34
CA ALA O 16 -8.46 -62.86 -32.56
C ALA O 16 -9.94 -62.64 -32.27
N THR O 17 -10.45 -63.21 -31.19
CA THR O 17 -11.85 -63.00 -30.83
C THR O 17 -12.07 -61.61 -30.24
N THR O 18 -11.16 -61.16 -29.38
CA THR O 18 -11.35 -59.89 -28.68
C THR O 18 -11.18 -58.70 -29.63
N ASP O 19 -10.12 -58.70 -30.43
CA ASP O 19 -9.83 -57.54 -31.27
C ASP O 19 -10.92 -57.34 -32.34
N ALA O 20 -11.40 -58.43 -32.94
CA ALA O 20 -12.48 -58.32 -33.91
C ALA O 20 -13.78 -57.82 -33.28
N TRP O 21 -13.93 -58.00 -31.96
CA TRP O 21 -15.10 -57.44 -31.27
C TRP O 21 -14.96 -55.94 -31.08
N LEU O 22 -13.75 -55.48 -30.74
CA LEU O 22 -13.55 -54.06 -30.45
C LEU O 22 -13.82 -53.20 -31.68
N LYS O 23 -13.43 -53.67 -32.86
CA LYS O 23 -13.58 -52.91 -34.09
C LYS O 23 -15.05 -52.76 -34.50
N GLY O 24 -15.96 -53.49 -33.87
CA GLY O 24 -17.36 -53.45 -34.27
C GLY O 24 -17.73 -54.42 -35.37
N TRP O 25 -17.06 -55.57 -35.44
CA TRP O 25 -17.28 -56.53 -36.51
C TRP O 25 -18.20 -57.68 -36.13
N ASP O 26 -18.41 -57.92 -34.84
CA ASP O 26 -18.98 -59.19 -34.36
C ASP O 26 -20.05 -58.94 -33.31
N GLU O 27 -21.02 -58.08 -33.63
CA GLU O 27 -22.15 -57.88 -32.72
C GLU O 27 -22.91 -59.19 -32.51
N ARG O 28 -23.38 -59.38 -31.27
CA ARG O 28 -24.03 -60.61 -30.83
C ARG O 28 -23.20 -61.85 -31.12
N ASN O 29 -23.79 -62.80 -31.84
CA ASN O 29 -23.17 -64.08 -32.15
C ASN O 29 -22.63 -64.13 -33.57
N GLY O 30 -22.63 -63.00 -34.29
CA GLY O 30 -22.13 -63.01 -35.65
C GLY O 30 -20.64 -63.30 -35.70
N GLY O 31 -20.24 -64.04 -36.71
CA GLY O 31 -18.83 -64.38 -36.88
C GLY O 31 -18.51 -65.76 -36.35
N ASN O 32 -17.63 -66.46 -37.07
CA ASN O 32 -17.21 -67.81 -36.70
C ASN O 32 -15.79 -68.02 -37.16
N LEU O 33 -15.01 -68.76 -36.37
CA LEU O 33 -13.59 -68.96 -36.62
C LEU O 33 -13.23 -70.42 -36.42
N THR O 34 -12.59 -71.02 -37.43
CA THR O 34 -12.13 -72.40 -37.37
C THR O 34 -10.66 -72.46 -37.77
N LEU O 35 -9.85 -73.06 -36.92
CA LEU O 35 -8.41 -73.19 -37.15
C LEU O 35 -8.01 -74.65 -37.08
N ARG O 36 -7.29 -75.13 -38.08
CA ARG O 36 -6.82 -76.51 -38.11
C ARG O 36 -5.53 -76.64 -37.31
N LEU O 37 -5.39 -77.76 -36.61
CA LEU O 37 -4.23 -78.03 -35.77
C LEU O 37 -3.60 -79.35 -36.19
N ASP O 38 -2.59 -79.78 -35.42
CA ASP O 38 -1.88 -81.02 -35.67
C ASP O 38 -2.00 -81.93 -34.46
N ASP O 39 -1.78 -83.23 -34.69
CA ASP O 39 -1.91 -84.21 -33.62
C ASP O 39 -0.82 -84.05 -32.58
N ALA O 40 0.39 -83.67 -33.01
CA ALA O 40 1.50 -83.53 -32.07
C ALA O 40 1.27 -82.38 -31.11
N ASP O 41 0.54 -81.35 -31.52
CA ASP O 41 0.29 -80.20 -30.64
C ASP O 41 -0.55 -80.60 -29.44
N ILE O 42 -1.57 -81.43 -29.65
CA ILE O 42 -2.51 -81.81 -28.59
C ILE O 42 -2.10 -83.08 -27.87
N ALA O 43 -0.98 -83.68 -28.25
CA ALA O 43 -0.55 -84.94 -27.62
C ALA O 43 -0.27 -84.79 -26.12
N PRO O 44 0.51 -83.80 -25.65
CA PRO O 44 0.79 -83.73 -24.21
C PRO O 44 -0.39 -83.28 -23.36
N TYR O 45 -1.48 -82.82 -23.97
CA TYR O 45 -2.59 -82.21 -23.24
C TYR O 45 -3.82 -83.11 -23.25
N HIS O 46 -3.62 -84.42 -23.07
CA HIS O 46 -4.73 -85.36 -22.98
C HIS O 46 -5.44 -85.31 -21.64
N ASP O 47 -4.91 -84.57 -20.67
CA ASP O 47 -5.50 -84.55 -19.33
C ASP O 47 -6.91 -83.99 -19.34
N ASN O 48 -7.14 -82.91 -20.10
CA ASN O 48 -8.41 -82.21 -20.08
C ASN O 48 -9.39 -82.72 -21.14
N PHE O 49 -9.03 -83.72 -21.92
CA PHE O 49 -9.94 -84.26 -22.91
C PHE O 49 -11.13 -84.93 -22.23
N HIS O 50 -12.30 -84.78 -22.85
CA HIS O 50 -13.52 -85.35 -22.28
C HIS O 50 -13.42 -86.88 -22.22
N GLN O 51 -13.99 -87.45 -21.15
CA GLN O 51 -13.96 -88.89 -20.99
C GLN O 51 -14.75 -89.59 -22.09
N GLN O 52 -15.93 -89.05 -22.45
CA GLN O 52 -16.76 -89.61 -23.50
C GLN O 52 -16.79 -88.62 -24.65
N PRO O 53 -16.21 -88.95 -25.81
CA PRO O 53 -16.35 -88.10 -26.99
C PRO O 53 -17.71 -88.30 -27.63
N ARG O 54 -18.54 -87.25 -27.62
CA ARG O 54 -19.82 -87.31 -28.29
C ARG O 54 -19.64 -87.45 -29.79
N TYR O 55 -20.60 -88.11 -30.44
CA TYR O 55 -20.54 -88.38 -31.87
C TYR O 55 -21.66 -87.63 -32.58
N ILE O 56 -21.29 -86.85 -33.60
CA ILE O 56 -22.25 -86.21 -34.49
C ILE O 56 -21.82 -86.51 -35.93
N PRO O 57 -22.71 -87.03 -36.77
CA PRO O 57 -22.32 -87.35 -38.15
C PRO O 57 -22.33 -86.13 -39.04
N LEU O 58 -21.40 -86.10 -39.98
CA LEU O 58 -21.36 -85.04 -40.97
C LEU O 58 -22.50 -85.21 -41.97
N SER O 59 -22.82 -84.12 -42.67
CA SER O 59 -23.81 -84.20 -43.74
C SER O 59 -23.35 -85.12 -44.86
N GLN O 60 -22.08 -85.02 -45.23
CA GLN O 60 -21.48 -85.91 -46.22
C GLN O 60 -20.06 -86.21 -45.81
N PRO O 61 -19.51 -87.36 -46.21
CA PRO O 61 -18.13 -87.67 -45.84
C PRO O 61 -17.13 -86.76 -46.53
N MET O 62 -16.02 -86.50 -45.84
CA MET O 62 -14.89 -85.74 -46.38
C MET O 62 -13.64 -86.61 -46.24
N PRO O 63 -13.25 -87.31 -47.31
CA PRO O 63 -12.10 -88.22 -47.21
C PRO O 63 -10.79 -87.53 -46.85
N LEU O 64 -10.58 -86.29 -47.31
CA LEU O 64 -9.29 -85.64 -47.12
C LEU O 64 -9.09 -85.20 -45.67
N LEU O 65 -10.18 -84.90 -44.95
CA LEU O 65 -10.10 -84.42 -43.58
C LEU O 65 -10.05 -85.56 -42.56
N ALA O 66 -9.63 -86.75 -42.97
CA ALA O 66 -9.56 -87.88 -42.04
C ALA O 66 -8.49 -87.63 -40.99
N ASN O 67 -8.84 -87.91 -39.73
CA ASN O 67 -7.93 -87.83 -38.58
C ASN O 67 -7.31 -86.44 -38.44
N THR O 68 -8.10 -85.39 -38.69
CA THR O 68 -7.62 -84.02 -38.58
C THR O 68 -8.38 -83.30 -37.47
N PRO O 69 -7.74 -82.95 -36.37
CA PRO O 69 -8.42 -82.17 -35.33
C PRO O 69 -8.64 -80.72 -35.76
N PHE O 70 -9.62 -80.10 -35.11
CA PHE O 70 -9.99 -78.71 -35.40
C PHE O 70 -10.31 -78.00 -34.09
N ILE O 71 -10.43 -76.68 -34.17
CA ILE O 71 -11.02 -75.87 -33.11
C ILE O 71 -12.05 -74.96 -33.74
N VAL O 72 -13.25 -74.95 -33.16
CA VAL O 72 -14.38 -74.19 -33.70
C VAL O 72 -15.07 -73.46 -32.56
N THR O 73 -15.50 -72.23 -32.82
CA THR O 73 -16.28 -71.48 -31.85
C THR O 73 -17.63 -72.14 -31.64
N GLY O 74 -18.22 -71.90 -30.46
CA GLY O 74 -19.52 -72.47 -30.14
C GLY O 74 -20.65 -71.72 -30.84
N SER O 75 -21.66 -72.48 -31.27
CA SER O 75 -22.81 -71.88 -31.93
C SER O 75 -23.66 -71.11 -30.92
N GLY O 76 -24.03 -69.89 -31.28
CA GLY O 76 -24.82 -69.05 -30.40
C GLY O 76 -24.03 -68.37 -29.31
N LYS O 77 -22.72 -68.59 -29.23
CA LYS O 77 -21.89 -67.95 -28.23
C LYS O 77 -21.60 -66.51 -28.64
N PHE O 78 -20.88 -65.81 -27.78
CA PHE O 78 -20.58 -64.40 -27.97
C PHE O 78 -19.08 -64.20 -28.11
N PHE O 79 -18.69 -63.45 -29.16
CA PHE O 79 -17.28 -63.14 -29.36
C PHE O 79 -16.74 -62.30 -28.21
N ARG O 80 -17.59 -61.49 -27.58
CA ARG O 80 -17.17 -60.71 -26.42
C ARG O 80 -16.83 -61.61 -25.24
N ASN O 81 -17.63 -62.65 -25.01
CA ASN O 81 -17.51 -63.48 -23.82
C ASN O 81 -16.46 -64.58 -23.95
N VAL O 82 -15.78 -64.67 -25.08
CA VAL O 82 -14.81 -65.75 -25.29
C VAL O 82 -13.68 -65.64 -24.28
N GLN O 83 -13.17 -64.43 -24.04
CA GLN O 83 -12.11 -64.26 -23.05
C GLN O 83 -12.60 -64.60 -21.65
N LEU O 84 -13.83 -64.22 -21.32
CA LEU O 84 -14.35 -64.44 -19.97
C LEU O 84 -14.47 -65.92 -19.65
N ASP O 85 -14.96 -66.72 -20.59
CA ASP O 85 -15.12 -68.16 -20.38
C ASP O 85 -14.81 -68.89 -21.68
N PRO O 86 -13.51 -69.14 -21.94
CA PRO O 86 -13.15 -69.87 -23.17
C PRO O 86 -13.69 -71.27 -23.22
N ALA O 87 -13.81 -71.95 -22.07
CA ALA O 87 -14.22 -73.35 -22.07
C ALA O 87 -15.66 -73.51 -22.55
N ALA O 88 -16.55 -72.59 -22.17
CA ALA O 88 -17.95 -72.71 -22.54
C ALA O 88 -18.25 -72.24 -23.95
N ASN O 89 -17.27 -71.66 -24.65
CA ASN O 89 -17.50 -71.10 -25.97
C ASN O 89 -16.66 -71.73 -27.08
N LEU O 90 -15.60 -72.46 -26.74
CA LEU O 90 -14.73 -73.07 -27.74
C LEU O 90 -14.56 -74.56 -27.42
N GLY O 91 -14.39 -75.34 -28.47
CA GLY O 91 -14.23 -76.78 -28.31
C GLY O 91 -13.38 -77.36 -29.43
N ILE O 92 -12.68 -78.43 -29.12
CA ILE O 92 -11.81 -79.12 -30.07
C ILE O 92 -12.56 -80.33 -30.60
N VAL O 93 -12.67 -80.42 -31.93
CA VAL O 93 -13.32 -81.55 -32.57
C VAL O 93 -12.28 -82.33 -33.36
N LYS O 94 -12.61 -83.59 -33.65
CA LYS O 94 -11.72 -84.46 -34.42
C LYS O 94 -12.56 -85.38 -35.29
N VAL O 95 -12.21 -85.47 -36.56
CA VAL O 95 -12.94 -86.28 -37.53
C VAL O 95 -12.30 -87.67 -37.60
N ASP O 96 -13.15 -88.70 -37.59
CA ASP O 96 -12.68 -90.08 -37.60
C ASP O 96 -11.94 -90.40 -38.91
N SER O 97 -11.30 -91.57 -38.92
CA SER O 97 -10.52 -92.00 -40.07
C SER O 97 -11.37 -92.19 -41.31
N CYS O 98 -12.61 -92.66 -41.16
CA CYS O 98 -13.50 -92.80 -42.30
C CYS O 98 -14.01 -91.47 -42.82
N GLY O 99 -14.14 -90.46 -41.96
CA GLY O 99 -14.63 -89.17 -42.39
C GLY O 99 -16.12 -89.00 -42.36
N ALA O 100 -16.84 -89.84 -41.62
CA ALA O 100 -18.29 -89.76 -41.56
C ALA O 100 -18.78 -88.77 -40.51
N GLY O 101 -18.13 -88.71 -39.35
CA GLY O 101 -18.55 -87.83 -38.27
C GLY O 101 -17.35 -87.24 -37.56
N TYR O 102 -17.63 -86.57 -36.44
CA TYR O 102 -16.59 -85.97 -35.62
C TYR O 102 -16.87 -86.25 -34.16
N HIS O 103 -15.80 -86.31 -33.36
CA HIS O 103 -15.87 -86.53 -31.93
C HIS O 103 -15.36 -85.30 -31.20
N ILE O 104 -16.17 -84.79 -30.27
CA ILE O 104 -15.84 -83.57 -29.52
C ILE O 104 -14.90 -83.98 -28.39
N LEU O 105 -13.61 -83.66 -28.55
CA LEU O 105 -12.63 -84.07 -27.56
C LEU O 105 -12.70 -83.24 -26.29
N TRP O 106 -12.93 -81.93 -26.42
CA TRP O 106 -12.91 -81.03 -25.28
C TRP O 106 -13.81 -79.84 -25.62
N GLY O 107 -14.31 -79.17 -24.58
CA GLY O 107 -15.05 -77.94 -24.74
C GLY O 107 -16.48 -78.14 -25.20
N LEU O 108 -17.10 -77.03 -25.60
CA LEU O 108 -18.49 -77.03 -26.07
C LEU O 108 -19.43 -77.59 -25.00
N THR O 109 -19.24 -77.14 -23.77
CA THR O 109 -19.96 -77.69 -22.63
C THR O 109 -21.43 -77.28 -22.66
N ASN O 110 -22.17 -77.72 -21.64
CA ASN O 110 -23.61 -77.47 -21.53
C ASN O 110 -24.38 -78.00 -22.74
N GLU O 111 -23.92 -79.11 -23.29
CA GLU O 111 -24.54 -79.74 -24.46
C GLU O 111 -24.66 -78.76 -25.63
N ALA O 112 -23.61 -77.97 -25.84
CA ALA O 112 -23.59 -77.03 -26.95
C ALA O 112 -23.15 -77.74 -28.23
N VAL O 113 -23.40 -77.08 -29.35
CA VAL O 113 -23.13 -77.66 -30.67
C VAL O 113 -22.24 -76.68 -31.43
N PRO O 114 -21.49 -77.17 -32.41
CA PRO O 114 -20.65 -76.28 -33.22
C PRO O 114 -21.51 -75.37 -34.09
N THR O 115 -20.83 -74.46 -34.79
CA THR O 115 -21.51 -73.41 -35.54
C THR O 115 -22.40 -74.01 -36.63
N SER O 116 -23.48 -73.29 -36.94
CA SER O 116 -24.35 -73.68 -38.04
C SER O 116 -23.69 -73.52 -39.39
N GLU O 117 -22.54 -72.85 -39.46
CA GLU O 117 -21.77 -72.71 -40.68
C GLU O 117 -20.64 -73.74 -40.78
N LEU O 118 -20.67 -74.77 -39.94
CA LEU O 118 -19.63 -75.80 -40.00
C LEU O 118 -19.45 -76.42 -41.37
N PRO O 119 -20.51 -76.74 -42.16
CA PRO O 119 -20.26 -77.25 -43.51
C PRO O 119 -19.36 -76.34 -44.33
N ALA O 120 -19.77 -75.08 -44.51
CA ALA O 120 -19.01 -74.18 -45.37
C ALA O 120 -17.56 -74.05 -44.93
N HIS O 121 -17.30 -74.20 -43.64
CA HIS O 121 -15.92 -74.18 -43.15
C HIS O 121 -15.18 -75.45 -43.59
N PHE O 122 -15.86 -76.59 -43.62
CA PHE O 122 -15.17 -77.85 -43.86
C PHE O 122 -14.95 -78.11 -45.35
N LEU O 123 -15.95 -77.84 -46.20
CA LEU O 123 -15.71 -77.99 -47.63
C LEU O 123 -14.70 -76.97 -48.14
N SER O 124 -14.67 -75.78 -47.54
CA SER O 124 -13.67 -74.78 -47.95
C SER O 124 -12.30 -75.12 -47.39
N HIS O 125 -12.24 -75.76 -46.22
CA HIS O 125 -10.94 -76.12 -45.63
C HIS O 125 -10.18 -77.08 -46.53
N SER O 126 -10.85 -78.13 -47.00
CA SER O 126 -10.20 -79.11 -47.87
C SER O 126 -9.81 -78.48 -49.20
N GLU O 127 -10.70 -77.66 -49.75
CA GLU O 127 -10.47 -77.10 -51.09
C GLU O 127 -9.25 -76.18 -51.10
N ARG O 128 -9.07 -75.38 -50.04
CA ARG O 128 -7.91 -74.51 -49.95
C ARG O 128 -6.62 -75.29 -49.77
N ILE O 129 -6.69 -76.51 -49.20
CA ILE O 129 -5.48 -77.30 -48.99
C ILE O 129 -4.83 -77.64 -50.32
N LYS O 130 -5.64 -78.04 -51.31
CA LYS O 130 -5.08 -78.42 -52.61
C LYS O 130 -4.41 -77.23 -53.29
N ALA O 131 -5.03 -76.05 -53.21
CA ALA O 131 -4.48 -74.89 -53.91
C ALA O 131 -3.16 -74.43 -53.32
N THR O 132 -3.04 -74.41 -51.99
CA THR O 132 -1.85 -73.92 -51.33
C THR O 132 -0.94 -75.04 -50.83
N ASN O 133 -1.19 -76.29 -51.24
CA ASN O 133 -0.40 -77.44 -50.80
C ASN O 133 -0.37 -77.56 -49.28
N GLY O 134 -1.52 -77.32 -48.65
CA GLY O 134 -1.63 -77.46 -47.22
C GLY O 134 -0.84 -76.46 -46.39
N LYS O 135 -0.83 -75.19 -46.79
CA LYS O 135 -0.16 -74.16 -46.02
C LYS O 135 -1.11 -73.25 -45.28
N ASP O 136 -2.38 -73.21 -45.68
CA ASP O 136 -3.38 -72.38 -45.00
C ASP O 136 -4.13 -73.21 -43.97
N ARG O 137 -4.46 -72.56 -42.84
CA ARG O 137 -5.07 -73.26 -41.72
C ARG O 137 -6.22 -72.52 -41.07
N VAL O 138 -6.63 -71.35 -41.58
CA VAL O 138 -7.62 -70.51 -40.92
C VAL O 138 -8.67 -70.09 -41.94
N ILE O 139 -9.94 -70.15 -41.54
CA ILE O 139 -11.05 -69.59 -42.29
C ILE O 139 -11.79 -68.63 -41.36
N MET O 140 -12.00 -67.40 -41.80
CA MET O 140 -12.55 -66.34 -40.98
C MET O 140 -13.84 -65.81 -41.60
N HIS O 141 -14.81 -65.48 -40.74
CA HIS O 141 -16.03 -64.81 -41.16
C HIS O 141 -16.40 -63.78 -40.11
N CYS O 142 -16.79 -62.60 -40.56
CA CYS O 142 -17.15 -61.50 -39.67
C CYS O 142 -17.98 -60.49 -40.44
N HIS O 143 -18.60 -59.57 -39.70
CA HIS O 143 -19.47 -58.54 -40.28
C HIS O 143 -18.71 -57.21 -40.27
N ALA O 144 -17.98 -56.96 -41.35
CA ALA O 144 -17.27 -55.70 -41.50
C ALA O 144 -18.24 -54.62 -41.95
N THR O 145 -18.26 -53.50 -41.22
CA THR O 145 -19.29 -52.48 -41.43
C THR O 145 -19.22 -51.88 -42.82
N ASN O 146 -18.04 -51.41 -43.22
CA ASN O 146 -17.92 -50.70 -44.49
C ASN O 146 -17.94 -51.67 -45.67
N LEU O 147 -17.35 -52.86 -45.50
CA LEU O 147 -17.40 -53.85 -46.57
C LEU O 147 -18.84 -54.28 -46.85
N ILE O 148 -19.64 -54.48 -45.81
CA ILE O 148 -21.05 -54.81 -46.00
C ILE O 148 -21.77 -53.66 -46.68
N ALA O 149 -21.52 -52.43 -46.22
CA ALA O 149 -22.23 -51.28 -46.77
C ALA O 149 -21.87 -51.05 -48.23
N LEU O 150 -20.64 -51.40 -48.63
CA LEU O 150 -20.21 -51.17 -50.01
C LEU O 150 -20.98 -52.04 -50.99
N THR O 151 -21.43 -53.21 -50.56
CA THR O 151 -22.21 -54.07 -51.44
C THR O 151 -23.53 -53.43 -51.85
N TYR O 152 -24.12 -52.59 -50.99
CA TYR O 152 -25.39 -51.96 -51.30
C TYR O 152 -25.28 -50.86 -52.36
N VAL O 153 -24.06 -50.43 -52.70
CA VAL O 153 -23.88 -49.31 -53.62
C VAL O 153 -23.07 -49.68 -54.84
N LEU O 154 -22.22 -50.70 -54.79
CA LEU O 154 -21.41 -51.11 -55.93
C LEU O 154 -21.97 -52.38 -56.55
N GLU O 155 -21.70 -52.56 -57.83
CA GLU O 155 -22.11 -53.77 -58.53
C GLU O 155 -21.43 -54.99 -57.92
N ASN O 156 -22.20 -56.05 -57.68
CA ASN O 156 -21.68 -57.25 -57.03
C ASN O 156 -21.02 -58.15 -58.09
N ASP O 157 -19.90 -57.65 -58.60
CA ASP O 157 -19.12 -58.35 -59.61
C ASP O 157 -17.66 -58.40 -59.19
N THR O 158 -17.02 -59.55 -59.40
CA THR O 158 -15.64 -59.74 -58.94
C THR O 158 -14.70 -58.77 -59.64
N ALA O 159 -14.85 -58.59 -60.95
CA ALA O 159 -13.94 -57.73 -61.70
C ALA O 159 -14.03 -56.29 -61.22
N VAL O 160 -15.23 -55.79 -60.97
CA VAL O 160 -15.40 -54.40 -60.52
C VAL O 160 -14.90 -54.24 -59.09
N PHE O 161 -15.27 -55.17 -58.21
CA PHE O 161 -14.91 -55.04 -56.80
C PHE O 161 -13.40 -55.17 -56.59
N THR O 162 -12.76 -56.10 -57.30
CA THR O 162 -11.32 -56.29 -57.16
C THR O 162 -10.57 -55.03 -57.59
N ARG O 163 -11.02 -54.40 -58.68
CA ARG O 163 -10.37 -53.18 -59.14
C ARG O 163 -10.48 -52.07 -58.11
N GLN O 164 -11.67 -51.90 -57.51
CA GLN O 164 -11.89 -50.77 -56.61
C GLN O 164 -11.03 -50.87 -55.36
N LEU O 165 -10.93 -52.06 -54.75
CA LEU O 165 -10.15 -52.20 -53.53
C LEU O 165 -8.66 -51.97 -53.75
N TRP O 166 -8.18 -52.16 -54.98
CA TRP O 166 -6.75 -51.99 -55.26
C TRP O 166 -6.34 -50.52 -55.32
N GLU O 167 -7.29 -49.60 -55.30
CA GLU O 167 -6.98 -48.19 -55.48
C GLU O 167 -6.96 -47.39 -54.19
N GLY O 168 -7.71 -47.82 -53.17
CA GLY O 168 -7.74 -47.08 -51.92
C GLY O 168 -6.50 -47.22 -51.07
N SER O 169 -5.59 -48.11 -51.44
CA SER O 169 -4.36 -48.32 -50.68
C SER O 169 -3.27 -48.79 -51.63
N THR O 170 -2.02 -48.66 -51.21
CA THR O 170 -0.91 -49.10 -52.05
C THR O 170 -0.61 -50.58 -51.86
N GLU O 171 -0.77 -51.08 -50.64
CA GLU O 171 -0.44 -52.47 -50.34
C GLU O 171 -1.52 -53.45 -50.73
N CYS O 172 -2.68 -52.98 -51.22
CA CYS O 172 -3.80 -53.87 -51.47
C CYS O 172 -3.49 -54.90 -52.55
N LEU O 173 -2.92 -54.45 -53.68
CA LEU O 173 -2.63 -55.37 -54.77
C LEU O 173 -1.62 -56.42 -54.34
N VAL O 174 -0.67 -56.05 -53.48
CA VAL O 174 0.26 -57.02 -52.92
C VAL O 174 -0.46 -57.96 -51.96
N VAL O 175 -1.41 -57.45 -51.20
CA VAL O 175 -2.04 -58.24 -50.15
C VAL O 175 -2.92 -59.35 -50.74
N PHE O 176 -3.77 -58.99 -51.70
CA PHE O 176 -4.64 -59.97 -52.38
C PHE O 176 -4.52 -59.80 -53.88
N PRO O 177 -3.41 -60.27 -54.48
CA PRO O 177 -3.32 -60.27 -55.94
C PRO O 177 -4.38 -61.15 -56.60
N ASP O 178 -4.78 -62.24 -55.93
CA ASP O 178 -5.82 -63.10 -56.47
C ASP O 178 -7.16 -62.39 -56.59
N GLY O 179 -7.54 -61.59 -55.60
CA GLY O 179 -8.78 -60.85 -55.65
C GLY O 179 -9.80 -61.31 -54.63
N VAL O 180 -10.93 -60.61 -54.63
CA VAL O 180 -12.05 -60.90 -53.74
C VAL O 180 -13.13 -61.61 -54.54
N GLY O 181 -13.94 -62.40 -53.84
CA GLY O 181 -15.01 -63.15 -54.46
C GLY O 181 -16.37 -62.61 -54.08
N ILE O 182 -17.30 -62.67 -55.03
CA ILE O 182 -18.67 -62.19 -54.83
C ILE O 182 -19.62 -63.32 -55.22
N LEU O 183 -20.60 -63.57 -54.38
CA LEU O 183 -21.61 -64.60 -54.56
C LEU O 183 -22.98 -63.98 -54.75
N PRO O 184 -23.96 -64.73 -55.25
CA PRO O 184 -25.35 -64.27 -55.18
C PRO O 184 -25.93 -64.52 -53.81
N TRP O 185 -26.89 -63.69 -53.44
CA TRP O 185 -27.51 -63.80 -52.12
C TRP O 185 -28.22 -65.14 -51.99
N MET O 186 -27.99 -65.81 -50.86
CA MET O 186 -28.60 -67.12 -50.61
C MET O 186 -28.71 -67.33 -49.11
N VAL O 187 -29.70 -68.13 -48.73
CA VAL O 187 -30.04 -68.35 -47.33
C VAL O 187 -28.92 -69.15 -46.65
N PRO O 188 -28.36 -68.65 -45.56
CA PRO O 188 -27.29 -69.37 -44.87
C PRO O 188 -27.86 -70.48 -43.98
N GLY O 189 -26.95 -71.14 -43.26
CA GLY O 189 -27.33 -72.18 -42.33
C GLY O 189 -27.69 -73.51 -42.95
N THR O 190 -27.48 -73.68 -44.25
CA THR O 190 -27.83 -74.90 -44.96
C THR O 190 -26.56 -75.53 -45.55
N ASP O 191 -26.73 -76.56 -46.37
CA ASP O 191 -25.62 -77.14 -47.09
C ASP O 191 -25.41 -76.54 -48.47
N ALA O 192 -26.34 -75.70 -48.94
CA ALA O 192 -26.17 -75.05 -50.23
C ALA O 192 -25.10 -73.98 -50.17
N ILE O 193 -24.97 -73.30 -49.03
CA ILE O 193 -23.94 -72.28 -48.88
C ILE O 193 -22.55 -72.90 -48.90
N GLY O 194 -22.42 -74.14 -48.43
CA GLY O 194 -21.13 -74.79 -48.43
C GLY O 194 -20.60 -75.06 -49.83
N GLN O 195 -21.49 -75.35 -50.77
CA GLN O 195 -21.07 -75.60 -52.15
C GLN O 195 -20.44 -74.35 -52.77
N ALA O 196 -21.08 -73.19 -52.55
CA ALA O 196 -20.63 -71.98 -53.23
C ALA O 196 -19.31 -71.47 -52.65
N THR O 197 -19.18 -71.46 -51.33
CA THR O 197 -17.96 -70.96 -50.71
C THR O 197 -16.75 -71.80 -51.07
N ALA O 198 -16.89 -73.13 -51.04
CA ALA O 198 -15.76 -74.00 -51.36
C ALA O 198 -15.40 -73.92 -52.83
N GLN O 199 -16.37 -73.66 -53.71
CA GLN O 199 -16.08 -73.58 -55.13
C GLN O 199 -15.20 -72.37 -55.46
N GLU O 200 -15.47 -71.23 -54.81
CA GLU O 200 -14.71 -70.01 -55.08
C GLU O 200 -13.35 -70.00 -54.42
N MET O 201 -13.09 -70.94 -53.50
CA MET O 201 -11.82 -70.95 -52.77
C MET O 201 -10.63 -71.24 -53.67
N GLN O 202 -10.84 -71.88 -54.82
CA GLN O 202 -9.73 -72.26 -55.68
C GLN O 202 -9.01 -71.05 -56.24
N LYS O 203 -9.76 -70.10 -56.81
CA LYS O 203 -9.15 -68.94 -57.46
C LYS O 203 -8.96 -67.75 -56.53
N HIS O 204 -9.78 -67.61 -55.51
CA HIS O 204 -9.76 -66.44 -54.65
C HIS O 204 -9.55 -66.85 -53.19
N SER O 205 -8.89 -65.98 -52.44
CA SER O 205 -8.71 -66.16 -51.01
C SER O 205 -9.68 -65.34 -50.17
N LEU O 206 -10.43 -64.43 -50.80
CA LEU O 206 -11.44 -63.63 -50.12
C LEU O 206 -12.74 -63.74 -50.90
N VAL O 207 -13.84 -64.00 -50.20
CA VAL O 207 -15.17 -64.07 -50.79
C VAL O 207 -16.13 -63.27 -49.92
N LEU O 208 -16.88 -62.36 -50.55
CA LEU O 208 -17.81 -61.51 -49.84
C LEU O 208 -19.21 -62.11 -49.86
N TRP O 209 -19.79 -62.35 -48.69
CA TRP O 209 -21.17 -62.75 -48.59
C TRP O 209 -22.06 -61.52 -48.68
N PRO O 210 -22.97 -61.44 -49.65
CA PRO O 210 -23.78 -60.22 -49.81
C PRO O 210 -24.62 -59.95 -48.57
N PHE O 211 -24.46 -58.75 -48.01
CA PHE O 211 -25.22 -58.26 -46.87
C PHE O 211 -25.00 -59.08 -45.61
N HIS O 212 -24.04 -60.01 -45.62
CA HIS O 212 -23.72 -60.81 -44.45
C HIS O 212 -22.30 -60.59 -43.96
N GLY O 213 -21.29 -60.70 -44.83
CA GLY O 213 -19.92 -60.55 -44.38
C GLY O 213 -18.93 -61.01 -45.43
N VAL O 214 -17.76 -61.44 -44.95
CA VAL O 214 -16.66 -61.84 -45.82
C VAL O 214 -16.07 -63.16 -45.30
N PHE O 215 -15.37 -63.85 -46.20
CA PHE O 215 -14.65 -65.07 -45.87
C PHE O 215 -13.20 -64.93 -46.33
N GLY O 216 -12.27 -65.21 -45.42
CA GLY O 216 -10.85 -65.08 -45.73
C GLY O 216 -10.07 -66.29 -45.26
N SER O 217 -9.04 -66.64 -46.03
CA SER O 217 -8.20 -67.79 -45.77
C SER O 217 -6.74 -67.35 -45.68
N GLY O 218 -6.01 -67.92 -44.71
CA GLY O 218 -4.64 -67.55 -44.48
C GLY O 218 -3.88 -68.59 -43.68
N PRO O 219 -2.56 -68.44 -43.58
CA PRO O 219 -1.75 -69.48 -42.93
C PRO O 219 -1.87 -69.48 -41.41
N THR O 220 -1.92 -68.32 -40.78
CA THR O 220 -2.01 -68.21 -39.33
C THR O 220 -3.19 -67.29 -38.97
N LEU O 221 -3.41 -67.15 -37.66
CA LEU O 221 -4.47 -66.27 -37.19
C LEU O 221 -4.14 -64.81 -37.48
N ASP O 222 -2.88 -64.42 -37.32
CA ASP O 222 -2.49 -63.03 -37.53
C ASP O 222 -2.67 -62.61 -38.98
N GLU O 223 -2.20 -63.44 -39.92
CA GLU O 223 -2.32 -63.11 -41.33
C GLU O 223 -3.77 -63.05 -41.78
N THR O 224 -4.61 -63.97 -41.30
CA THR O 224 -6.03 -63.89 -41.59
C THR O 224 -6.64 -62.63 -41.00
N PHE O 225 -6.26 -62.29 -39.77
CA PHE O 225 -6.73 -61.04 -39.17
C PHE O 225 -6.27 -59.84 -39.99
N GLY O 226 -5.01 -59.84 -40.43
CA GLY O 226 -4.51 -58.76 -41.27
C GLY O 226 -5.15 -58.71 -42.64
N LEU O 227 -5.46 -59.87 -43.22
CA LEU O 227 -6.03 -59.91 -44.57
C LEU O 227 -7.39 -59.21 -44.61
N ILE O 228 -8.24 -59.49 -43.62
CA ILE O 228 -9.52 -58.79 -43.54
C ILE O 228 -9.31 -57.33 -43.15
N ASP O 229 -8.31 -57.07 -42.31
CA ASP O 229 -8.06 -55.71 -41.86
C ASP O 229 -7.68 -54.79 -43.02
N THR O 230 -6.83 -55.28 -43.92
CA THR O 230 -6.38 -54.45 -45.04
C THR O 230 -7.52 -54.10 -45.97
N ALA O 231 -8.33 -55.09 -46.34
CA ALA O 231 -9.45 -54.83 -47.25
C ALA O 231 -10.47 -53.89 -46.60
N GLU O 232 -10.74 -54.09 -45.31
CA GLU O 232 -11.65 -53.18 -44.61
C GLU O 232 -11.07 -51.78 -44.51
N LYS O 233 -9.76 -51.67 -44.26
CA LYS O 233 -9.12 -50.36 -44.17
C LYS O 233 -9.22 -49.61 -45.49
N SER O 234 -9.00 -50.30 -46.60
CA SER O 234 -9.08 -49.66 -47.91
C SER O 234 -10.49 -49.20 -48.23
N ALA O 235 -11.48 -50.05 -47.96
CA ALA O 235 -12.88 -49.67 -48.23
C ALA O 235 -13.31 -48.50 -47.36
N GLN O 236 -12.68 -48.35 -46.18
CA GLN O 236 -13.00 -47.23 -45.30
C GLN O 236 -12.56 -45.91 -45.91
N VAL O 237 -11.49 -45.91 -46.69
CA VAL O 237 -11.11 -44.71 -47.43
C VAL O 237 -12.08 -44.45 -48.56
N LEU O 238 -12.50 -45.49 -49.27
CA LEU O 238 -13.44 -45.33 -50.38
C LEU O 238 -14.77 -44.78 -49.91
N VAL O 239 -15.25 -45.25 -48.75
CA VAL O 239 -16.54 -44.78 -48.24
C VAL O 239 -16.48 -43.29 -47.93
N LYS O 240 -15.29 -42.78 -47.56
CA LYS O 240 -15.15 -41.37 -47.28
C LYS O 240 -15.15 -40.55 -48.56
N VAL O 241 -14.47 -41.03 -49.61
CA VAL O 241 -14.34 -40.27 -50.84
C VAL O 241 -15.68 -40.21 -51.59
N TYR O 242 -16.41 -41.33 -51.62
CA TYR O 242 -17.68 -41.35 -52.34
C TYR O 242 -18.66 -40.33 -51.77
N SER O 243 -18.74 -40.24 -50.44
CA SER O 243 -19.58 -39.24 -49.80
C SER O 243 -19.01 -37.83 -49.96
N MET O 244 -17.70 -37.71 -50.13
CA MET O 244 -17.05 -36.40 -50.23
C MET O 244 -17.42 -35.67 -51.52
N GLY O 245 -17.86 -36.38 -52.55
CA GLY O 245 -18.21 -35.75 -53.80
C GLY O 245 -17.90 -36.57 -55.03
N GLY O 246 -16.99 -37.54 -54.89
CA GLY O 246 -16.68 -38.45 -55.97
C GLY O 246 -15.20 -38.71 -56.11
N MET O 247 -14.87 -39.50 -57.11
CA MET O 247 -13.50 -39.90 -57.40
C MET O 247 -12.87 -38.89 -58.36
N LYS O 248 -11.69 -38.39 -58.01
CA LYS O 248 -10.99 -37.44 -58.87
C LYS O 248 -9.61 -37.90 -59.29
N GLN O 249 -8.82 -38.46 -58.38
CA GLN O 249 -7.52 -39.02 -58.69
C GLN O 249 -7.48 -40.48 -58.28
N THR O 250 -6.64 -41.26 -58.99
CA THR O 250 -6.55 -42.70 -58.75
C THR O 250 -5.23 -43.21 -59.32
N ILE O 251 -4.96 -44.48 -59.04
CA ILE O 251 -3.76 -45.13 -59.56
C ILE O 251 -4.04 -45.66 -60.96
N SER O 252 -3.18 -45.29 -61.91
CA SER O 252 -3.37 -45.70 -63.29
C SER O 252 -3.08 -47.20 -63.45
N ARG O 253 -3.59 -47.76 -64.55
CA ARG O 253 -3.35 -49.18 -64.83
C ARG O 253 -1.88 -49.46 -65.07
N GLU O 254 -1.19 -48.55 -65.77
CA GLU O 254 0.25 -48.71 -65.99
C GLU O 254 1.00 -48.69 -64.67
N GLU O 255 0.58 -47.84 -63.73
CA GLU O 255 1.19 -47.85 -62.40
C GLU O 255 0.90 -49.14 -61.66
N LEU O 256 -0.29 -49.73 -61.89
CA LEU O 256 -0.63 -50.99 -61.24
C LEU O 256 0.25 -52.13 -61.71
N ILE O 257 0.46 -52.25 -63.02
CA ILE O 257 1.30 -53.33 -63.54
C ILE O 257 2.75 -53.10 -63.16
N ALA O 258 3.17 -51.85 -62.99
CA ALA O 258 4.54 -51.56 -62.58
C ALA O 258 4.79 -52.08 -61.16
N LEU O 259 3.79 -51.96 -60.28
CA LEU O 259 3.95 -52.45 -58.92
C LEU O 259 4.00 -53.97 -58.87
N GLY O 260 3.36 -54.64 -59.82
CA GLY O 260 3.38 -56.10 -59.84
C GLY O 260 4.76 -56.65 -60.12
N LYS O 261 5.50 -56.02 -61.03
CA LYS O 261 6.83 -56.50 -61.38
C LYS O 261 7.81 -56.32 -60.23
N ARG O 262 7.69 -55.22 -59.48
CA ARG O 262 8.65 -54.94 -58.42
C ARG O 262 8.59 -56.00 -57.31
N PHE O 263 7.38 -56.39 -56.91
CA PHE O 263 7.21 -57.36 -55.84
C PHE O 263 7.10 -58.79 -56.33
N GLY O 264 7.18 -59.00 -57.64
CA GLY O 264 7.15 -60.34 -58.20
C GLY O 264 5.84 -61.08 -57.97
N VAL O 265 4.73 -60.41 -58.21
CA VAL O 265 3.41 -61.02 -58.10
C VAL O 265 2.64 -60.77 -59.39
N THR O 266 1.71 -61.67 -59.69
CA THR O 266 0.90 -61.56 -60.89
C THR O 266 -0.50 -61.09 -60.52
N PRO O 267 -0.90 -59.87 -60.88
CA PRO O 267 -2.25 -59.42 -60.58
C PRO O 267 -3.29 -60.21 -61.37
N LEU O 268 -4.50 -60.26 -60.83
CA LEU O 268 -5.58 -61.02 -61.46
C LEU O 268 -5.89 -60.46 -62.83
N ALA O 269 -6.01 -61.36 -63.82
CA ALA O 269 -6.14 -60.93 -65.21
C ALA O 269 -7.45 -60.18 -65.45
N SER O 270 -8.56 -60.68 -64.90
CA SER O 270 -9.84 -60.05 -65.14
C SER O 270 -9.90 -58.64 -64.55
N ALA O 271 -9.34 -58.47 -63.35
CA ALA O 271 -9.35 -57.15 -62.73
C ALA O 271 -8.45 -56.16 -63.46
N LEU O 272 -7.32 -56.64 -63.99
CA LEU O 272 -6.40 -55.74 -64.67
C LEU O 272 -6.94 -55.27 -66.02
N ALA O 273 -7.86 -56.03 -66.62
CA ALA O 273 -8.44 -55.64 -67.89
C ALA O 273 -9.32 -54.40 -67.74
N LEU O 274 -9.87 -54.16 -66.56
CA LEU O 274 -10.73 -53.02 -66.31
C LEU O 274 -9.90 -51.73 -66.22
N MET P 1 -18.36 -65.08 4.62
CA MET P 1 -19.55 -65.07 3.79
C MET P 1 -19.39 -64.04 2.67
N GLN P 2 -19.63 -64.47 1.44
CA GLN P 2 -19.33 -63.64 0.27
C GLN P 2 -20.24 -62.42 0.23
N ASN P 3 -19.63 -61.25 0.05
CA ASN P 3 -20.36 -60.00 0.02
C ASN P 3 -21.30 -59.96 -1.18
N ILE P 4 -22.27 -59.03 -1.11
CA ILE P 4 -23.20 -58.84 -2.22
C ILE P 4 -22.45 -58.38 -3.47
N THR P 5 -21.34 -57.66 -3.29
CA THR P 5 -20.61 -57.11 -4.43
C THR P 5 -20.09 -58.21 -5.36
N GLN P 6 -19.83 -59.40 -4.83
CA GLN P 6 -19.34 -60.50 -5.65
C GLN P 6 -20.47 -61.40 -6.16
N SER P 7 -21.72 -61.08 -5.87
CA SER P 7 -22.84 -61.92 -6.27
C SER P 7 -23.00 -61.88 -7.79
N TRP P 8 -23.63 -62.93 -8.32
CA TRP P 8 -23.74 -63.08 -9.76
C TRP P 8 -24.62 -61.99 -10.38
N PHE P 9 -25.68 -61.58 -9.68
CA PHE P 9 -26.56 -60.56 -10.24
C PHE P 9 -25.92 -59.17 -10.18
N VAL P 10 -25.02 -58.94 -9.22
CA VAL P 10 -24.27 -57.69 -9.20
C VAL P 10 -23.26 -57.65 -10.33
N GLN P 11 -22.53 -58.75 -10.53
CA GLN P 11 -21.56 -58.81 -11.62
C GLN P 11 -22.25 -58.77 -12.98
N GLY P 12 -23.47 -59.32 -13.07
CA GLY P 12 -24.25 -59.16 -14.27
C GLY P 12 -24.67 -57.71 -14.49
N MET P 13 -24.94 -56.99 -13.41
CA MET P 13 -25.40 -55.60 -13.53
C MET P 13 -24.26 -54.68 -13.93
N ILE P 14 -23.06 -54.88 -13.36
CA ILE P 14 -21.93 -54.02 -13.67
C ILE P 14 -21.50 -54.18 -15.12
N LYS P 15 -21.70 -55.38 -15.69
CA LYS P 15 -21.25 -55.63 -17.05
C LYS P 15 -22.06 -54.85 -18.07
N ALA P 16 -23.38 -54.80 -17.90
CA ALA P 16 -24.22 -54.14 -18.89
C ALA P 16 -24.02 -52.64 -18.90
N THR P 17 -23.84 -52.03 -17.73
CA THR P 17 -23.66 -50.58 -17.67
C THR P 17 -22.29 -50.16 -18.20
N THR P 18 -21.23 -50.88 -17.80
CA THR P 18 -19.89 -50.51 -18.23
C THR P 18 -19.70 -50.75 -19.73
N ASP P 19 -20.34 -51.78 -20.27
CA ASP P 19 -20.27 -52.02 -21.70
C ASP P 19 -21.10 -51.02 -22.50
N ALA P 20 -21.91 -50.21 -21.83
CA ALA P 20 -22.66 -49.18 -22.53
C ALA P 20 -21.96 -47.82 -22.49
N TRP P 21 -21.13 -47.60 -21.48
CA TRP P 21 -20.34 -46.36 -21.43
C TRP P 21 -19.25 -46.37 -22.50
N LEU P 22 -18.72 -47.54 -22.82
CA LEU P 22 -17.69 -47.66 -23.86
C LEU P 22 -18.29 -47.63 -25.25
N LYS P 23 -19.60 -47.78 -25.39
CA LYS P 23 -20.28 -47.74 -26.67
C LYS P 23 -20.80 -46.35 -27.00
N GLY P 24 -20.54 -45.36 -26.17
CA GLY P 24 -21.05 -44.02 -26.40
C GLY P 24 -22.56 -43.95 -26.35
N TRP P 25 -23.15 -44.57 -25.32
CA TRP P 25 -24.58 -44.72 -25.23
C TRP P 25 -25.24 -43.90 -24.13
N ASP P 26 -24.56 -43.64 -23.02
CA ASP P 26 -25.22 -43.24 -21.78
C ASP P 26 -24.52 -42.04 -21.15
N GLU P 27 -24.36 -40.99 -21.94
CA GLU P 27 -23.76 -39.76 -21.43
C GLU P 27 -24.54 -39.19 -20.25
N ARG P 28 -23.81 -38.67 -19.28
CA ARG P 28 -24.37 -38.02 -18.08
C ARG P 28 -25.22 -39.04 -17.35
N ASN P 29 -26.51 -38.79 -17.13
CA ASN P 29 -27.37 -39.65 -16.34
C ASN P 29 -28.28 -40.54 -17.19
N GLY P 30 -28.16 -40.47 -18.51
CA GLY P 30 -29.00 -41.28 -19.39
C GLY P 30 -28.83 -42.76 -19.20
N GLY P 31 -29.93 -43.50 -19.23
CA GLY P 31 -29.90 -44.94 -19.12
C GLY P 31 -30.30 -45.43 -17.74
N ASN P 32 -31.04 -46.54 -17.73
CA ASN P 32 -31.50 -47.16 -16.49
C ASN P 32 -31.74 -48.64 -16.74
N LEU P 33 -31.58 -49.45 -15.70
CA LEU P 33 -31.68 -50.89 -15.83
C LEU P 33 -32.30 -51.49 -14.57
N THR P 34 -33.39 -52.25 -14.73
CA THR P 34 -34.04 -52.97 -13.65
C THR P 34 -34.13 -54.44 -14.04
N LEU P 35 -33.61 -55.31 -13.18
CA LEU P 35 -33.57 -56.75 -13.45
C LEU P 35 -34.36 -57.49 -12.38
N ARG P 36 -35.30 -58.32 -12.82
CA ARG P 36 -36.12 -59.11 -11.90
C ARG P 36 -35.33 -60.30 -11.37
N LEU P 37 -35.50 -60.57 -10.08
CA LEU P 37 -34.79 -61.65 -9.41
C LEU P 37 -35.79 -62.57 -8.72
N ASP P 38 -35.25 -63.55 -7.98
CA ASP P 38 -36.03 -64.50 -7.23
C ASP P 38 -35.58 -64.49 -5.77
N ASP P 39 -36.41 -65.09 -4.91
CA ASP P 39 -36.15 -65.05 -3.47
C ASP P 39 -34.86 -65.79 -3.13
N ALA P 40 -34.62 -66.94 -3.77
CA ALA P 40 -33.42 -67.72 -3.45
C ALA P 40 -32.13 -66.96 -3.80
N ASP P 41 -32.19 -66.06 -4.77
CA ASP P 41 -31.00 -65.32 -5.18
C ASP P 41 -30.51 -64.41 -4.07
N ILE P 42 -31.43 -63.76 -3.35
CA ILE P 42 -31.08 -62.82 -2.29
C ILE P 42 -31.11 -63.45 -0.91
N ALA P 43 -31.52 -64.72 -0.81
CA ALA P 43 -31.59 -65.38 0.49
C ALA P 43 -30.25 -65.46 1.21
N PRO P 44 -29.14 -65.89 0.57
CA PRO P 44 -27.88 -66.03 1.31
C PRO P 44 -27.29 -64.72 1.79
N TYR P 45 -27.76 -63.57 1.30
CA TYR P 45 -27.17 -62.26 1.62
C TYR P 45 -28.02 -61.48 2.61
N HIS P 46 -28.58 -62.17 3.61
CA HIS P 46 -29.43 -61.52 4.60
C HIS P 46 -28.66 -60.54 5.49
N ASP P 47 -27.40 -60.87 5.82
CA ASP P 47 -26.66 -60.08 6.81
C ASP P 47 -26.48 -58.63 6.36
N ASN P 48 -26.13 -58.42 5.09
CA ASN P 48 -25.83 -57.09 4.60
C ASN P 48 -27.07 -56.24 4.36
N PHE P 49 -28.27 -56.80 4.47
CA PHE P 49 -29.49 -56.05 4.27
C PHE P 49 -29.64 -54.98 5.34
N HIS P 50 -30.12 -53.80 4.93
CA HIS P 50 -30.28 -52.68 5.84
C HIS P 50 -31.36 -52.95 6.88
N GLN P 51 -31.21 -52.32 8.05
CA GLN P 51 -32.11 -52.58 9.17
C GLN P 51 -33.39 -51.75 9.12
N GLN P 52 -33.46 -50.73 8.27
CA GLN P 52 -34.60 -49.81 8.24
C GLN P 52 -35.15 -49.71 6.82
N PRO P 53 -35.98 -50.67 6.41
CA PRO P 53 -36.58 -50.59 5.06
C PRO P 53 -37.59 -49.46 4.95
N ARG P 54 -37.24 -48.42 4.21
CA ARG P 54 -38.18 -47.33 3.97
C ARG P 54 -39.28 -47.78 3.02
N TYR P 55 -40.51 -47.33 3.29
CA TYR P 55 -41.64 -47.65 2.44
C TYR P 55 -41.96 -46.47 1.55
N ILE P 56 -42.08 -46.72 0.25
CA ILE P 56 -42.41 -45.70 -0.74
C ILE P 56 -43.65 -46.17 -1.50
N PRO P 57 -44.73 -45.38 -1.53
CA PRO P 57 -45.93 -45.83 -2.26
C PRO P 57 -45.72 -45.83 -3.75
N LEU P 58 -46.47 -46.70 -4.42
CA LEU P 58 -46.45 -46.77 -5.87
C LEU P 58 -47.53 -45.86 -6.46
N SER P 59 -47.30 -45.40 -7.68
CA SER P 59 -48.27 -44.53 -8.34
C SER P 59 -49.56 -45.28 -8.68
N GLN P 60 -49.49 -46.61 -8.79
CA GLN P 60 -50.63 -47.42 -9.14
C GLN P 60 -50.40 -48.82 -8.61
N PRO P 61 -51.43 -49.47 -8.04
CA PRO P 61 -51.23 -50.82 -7.50
C PRO P 61 -50.79 -51.80 -8.57
N MET P 62 -49.92 -52.73 -8.17
CA MET P 62 -49.33 -53.72 -9.09
C MET P 62 -49.54 -55.11 -8.51
N PRO P 63 -50.74 -55.68 -8.65
CA PRO P 63 -50.97 -57.03 -8.14
C PRO P 63 -50.13 -58.10 -8.81
N LEU P 64 -49.82 -57.94 -10.11
CA LEU P 64 -49.11 -58.98 -10.85
C LEU P 64 -47.66 -59.10 -10.43
N LEU P 65 -47.10 -58.11 -9.74
CA LEU P 65 -45.71 -58.13 -9.29
C LEU P 65 -45.60 -58.24 -7.78
N ALA P 66 -46.52 -58.94 -7.15
CA ALA P 66 -46.53 -59.05 -5.69
C ALA P 66 -45.34 -59.87 -5.21
N ASN P 67 -44.68 -59.36 -4.17
CA ASN P 67 -43.55 -60.04 -3.52
C ASN P 67 -42.43 -60.34 -4.51
N THR P 68 -42.23 -59.46 -5.49
CA THR P 68 -41.21 -59.67 -6.52
C THR P 68 -40.04 -58.74 -6.28
N PRO P 69 -38.86 -59.25 -5.96
CA PRO P 69 -37.71 -58.36 -5.77
C PRO P 69 -37.12 -57.90 -7.09
N PHE P 70 -36.53 -56.70 -7.05
CA PHE P 70 -35.89 -56.10 -8.21
C PHE P 70 -34.56 -55.47 -7.80
N ILE P 71 -33.63 -55.45 -8.75
CA ILE P 71 -32.38 -54.69 -8.62
C ILE P 71 -32.44 -53.55 -9.62
N VAL P 72 -32.22 -52.33 -9.14
CA VAL P 72 -32.48 -51.13 -9.92
C VAL P 72 -31.27 -50.21 -9.91
N THR P 73 -31.25 -49.31 -10.89
CA THR P 73 -30.26 -48.23 -10.95
C THR P 73 -30.91 -46.93 -10.51
N GLY P 74 -30.20 -46.18 -9.67
CA GLY P 74 -30.78 -45.00 -9.05
C GLY P 74 -31.10 -43.89 -10.05
N SER P 75 -31.74 -42.84 -9.53
CA SER P 75 -32.11 -41.69 -10.33
C SER P 75 -31.04 -40.61 -10.22
N GLY P 76 -30.71 -40.01 -11.36
CA GLY P 76 -29.65 -39.02 -11.39
C GLY P 76 -28.28 -39.57 -11.10
N LYS P 77 -27.99 -40.78 -11.56
CA LYS P 77 -26.71 -41.43 -11.34
C LYS P 77 -25.94 -41.54 -12.65
N PHE P 78 -24.61 -41.62 -12.52
CA PHE P 78 -23.73 -41.63 -13.68
C PHE P 78 -23.31 -43.07 -14.00
N PHE P 79 -23.48 -43.46 -15.26
CA PHE P 79 -23.12 -44.81 -15.69
C PHE P 79 -21.63 -45.06 -15.69
N ARG P 80 -20.80 -44.01 -15.58
CA ARG P 80 -19.37 -44.21 -15.54
C ARG P 80 -18.88 -44.71 -14.18
N ASN P 81 -19.52 -44.26 -13.10
CA ASN P 81 -19.05 -44.52 -11.74
C ASN P 81 -19.61 -45.81 -11.15
N VAL P 82 -20.41 -46.57 -11.90
CA VAL P 82 -21.03 -47.77 -11.34
C VAL P 82 -19.98 -48.78 -10.94
N GLN P 83 -18.92 -48.91 -11.73
CA GLN P 83 -17.86 -49.86 -11.41
C GLN P 83 -17.05 -49.42 -10.21
N LEU P 84 -16.87 -48.11 -10.03
CA LEU P 84 -16.06 -47.61 -8.92
C LEU P 84 -16.69 -47.95 -7.57
N ASP P 85 -18.01 -47.84 -7.46
CA ASP P 85 -18.70 -48.19 -6.23
C ASP P 85 -20.17 -48.54 -6.52
N PRO P 86 -20.47 -49.82 -6.75
CA PRO P 86 -21.86 -50.19 -7.09
C PRO P 86 -22.87 -49.89 -6.01
N ALA P 87 -22.47 -49.95 -4.74
CA ALA P 87 -23.44 -49.80 -3.65
C ALA P 87 -24.10 -48.43 -3.68
N ALA P 88 -23.31 -47.38 -3.92
CA ALA P 88 -23.87 -46.03 -3.96
C ALA P 88 -24.78 -45.80 -5.17
N ASN P 89 -24.62 -46.60 -6.22
CA ASN P 89 -25.41 -46.42 -7.44
C ASN P 89 -26.46 -47.51 -7.65
N LEU P 90 -26.16 -48.75 -7.31
CA LEU P 90 -27.09 -49.85 -7.47
C LEU P 90 -27.78 -50.15 -6.15
N GLY P 91 -28.95 -50.78 -6.24
CA GLY P 91 -29.71 -51.13 -5.06
C GLY P 91 -30.67 -52.27 -5.35
N ILE P 92 -31.30 -52.75 -4.28
CA ILE P 92 -32.27 -53.83 -4.35
C ILE P 92 -33.55 -53.41 -3.65
N VAL P 93 -34.69 -53.76 -4.23
CA VAL P 93 -35.99 -53.42 -3.68
C VAL P 93 -36.86 -54.66 -3.62
N LYS P 94 -37.93 -54.57 -2.83
CA LYS P 94 -38.89 -55.67 -2.69
C LYS P 94 -40.30 -55.09 -2.66
N VAL P 95 -41.19 -55.66 -3.47
CA VAL P 95 -42.58 -55.24 -3.50
C VAL P 95 -43.32 -55.88 -2.34
N ASP P 96 -44.25 -55.14 -1.74
CA ASP P 96 -44.97 -55.63 -0.58
C ASP P 96 -45.98 -56.70 -0.98
N SER P 97 -46.68 -57.25 0.03
CA SER P 97 -47.57 -58.38 -0.21
C SER P 97 -48.81 -57.99 -1.00
N CYS P 98 -49.32 -56.77 -0.81
CA CYS P 98 -50.53 -56.33 -1.49
C CYS P 98 -50.26 -55.75 -2.86
N GLY P 99 -49.06 -55.21 -3.10
CA GLY P 99 -48.77 -54.57 -4.37
C GLY P 99 -49.13 -53.09 -4.39
N ALA P 100 -48.74 -52.35 -3.36
CA ALA P 100 -49.00 -50.92 -3.28
C ALA P 100 -47.73 -50.07 -3.26
N GLY P 101 -46.57 -50.68 -3.08
CA GLY P 101 -45.33 -49.93 -3.03
C GLY P 101 -44.10 -50.83 -3.03
N TYR P 102 -43.02 -50.39 -2.39
CA TYR P 102 -41.82 -51.20 -2.30
C TYR P 102 -40.99 -50.76 -1.11
N HIS P 103 -40.04 -51.61 -0.74
CA HIS P 103 -39.12 -51.36 0.36
C HIS P 103 -37.69 -51.44 -0.14
N ILE P 104 -36.79 -50.70 0.50
CA ILE P 104 -35.37 -50.77 0.20
C ILE P 104 -34.71 -51.73 1.18
N LEU P 105 -33.74 -52.48 0.70
CA LEU P 105 -33.03 -53.46 1.51
C LEU P 105 -31.53 -53.27 1.52
N TRP P 106 -30.94 -52.90 0.38
CA TRP P 106 -29.51 -52.68 0.28
C TRP P 106 -29.24 -51.70 -0.86
N GLY P 107 -28.21 -50.88 -0.68
CA GLY P 107 -27.83 -49.93 -1.69
C GLY P 107 -28.71 -48.69 -1.68
N LEU P 108 -28.56 -47.89 -2.73
CA LEU P 108 -29.28 -46.62 -2.88
C LEU P 108 -29.05 -45.72 -1.67
N THR P 109 -27.81 -45.69 -1.19
CA THR P 109 -27.47 -44.97 0.02
C THR P 109 -27.53 -43.47 -0.21
N ASN P 110 -27.24 -42.72 0.86
CA ASN P 110 -27.29 -41.25 0.84
C ASN P 110 -28.66 -40.74 0.40
N GLU P 111 -29.71 -41.40 0.89
CA GLU P 111 -31.10 -41.04 0.58
C GLU P 111 -31.35 -40.94 -0.91
N ALA P 112 -30.82 -41.88 -1.69
CA ALA P 112 -31.09 -41.92 -3.11
C ALA P 112 -32.33 -42.77 -3.39
N VAL P 113 -32.98 -42.48 -4.52
CA VAL P 113 -34.23 -43.14 -4.88
C VAL P 113 -33.99 -43.90 -6.19
N PRO P 114 -34.82 -44.91 -6.48
CA PRO P 114 -34.68 -45.63 -7.76
C PRO P 114 -34.95 -44.71 -8.94
N THR P 115 -34.78 -45.30 -10.13
CA THR P 115 -34.89 -44.55 -11.38
C THR P 115 -36.25 -43.87 -11.49
N SER P 116 -36.24 -42.61 -11.93
CA SER P 116 -37.48 -41.83 -12.04
C SER P 116 -38.43 -42.41 -13.08
N GLU P 117 -37.94 -43.26 -13.99
CA GLU P 117 -38.78 -43.96 -14.94
C GLU P 117 -39.31 -45.28 -14.40
N LEU P 118 -39.34 -45.43 -13.07
CA LEU P 118 -39.88 -46.66 -12.48
C LEU P 118 -41.33 -46.94 -12.87
N PRO P 119 -42.24 -45.97 -12.93
CA PRO P 119 -43.60 -46.29 -13.41
C PRO P 119 -43.62 -46.91 -14.80
N ALA P 120 -42.69 -46.52 -15.67
CA ALA P 120 -42.59 -47.18 -16.97
C ALA P 120 -41.97 -48.57 -16.85
N HIS P 121 -41.19 -48.81 -15.79
CA HIS P 121 -40.56 -50.11 -15.61
C HIS P 121 -41.56 -51.14 -15.09
N PHE P 122 -42.18 -50.87 -13.94
CA PHE P 122 -43.07 -51.84 -13.32
C PHE P 122 -44.28 -52.14 -14.19
N LEU P 123 -44.86 -51.11 -14.81
CA LEU P 123 -46.07 -51.31 -15.60
C LEU P 123 -45.77 -52.08 -16.89
N SER P 124 -44.59 -51.86 -17.48
CA SER P 124 -44.19 -52.65 -18.64
C SER P 124 -43.72 -54.05 -18.25
N HIS P 125 -43.10 -54.18 -17.08
CA HIS P 125 -42.69 -55.51 -16.60
C HIS P 125 -43.90 -56.41 -16.40
N SER P 126 -45.00 -55.87 -15.88
CA SER P 126 -46.18 -56.67 -15.61
C SER P 126 -46.78 -57.22 -16.91
N GLU P 127 -46.83 -56.41 -17.96
CA GLU P 127 -47.46 -56.84 -19.20
C GLU P 127 -46.60 -57.90 -19.91
N ARG P 128 -45.28 -57.71 -19.94
CA ARG P 128 -44.42 -58.63 -20.67
C ARG P 128 -44.51 -60.05 -20.11
N ILE P 129 -44.74 -60.19 -18.81
CA ILE P 129 -44.90 -61.52 -18.23
C ILE P 129 -46.15 -62.19 -18.79
N LYS P 130 -47.22 -61.44 -18.96
CA LYS P 130 -48.45 -62.01 -19.52
C LYS P 130 -48.25 -62.47 -20.96
N ALA P 131 -47.54 -61.69 -21.77
CA ALA P 131 -47.41 -62.02 -23.18
C ALA P 131 -46.50 -63.22 -23.41
N THR P 132 -45.39 -63.29 -22.66
CA THR P 132 -44.39 -64.33 -22.87
C THR P 132 -44.38 -65.38 -21.77
N ASN P 133 -45.43 -65.45 -20.95
CA ASN P 133 -45.56 -66.46 -19.90
C ASN P 133 -44.42 -66.40 -18.89
N GLY P 134 -43.81 -65.24 -18.71
CA GLY P 134 -42.93 -65.00 -17.58
C GLY P 134 -41.46 -65.30 -17.78
N LYS P 135 -40.98 -65.41 -19.02
CA LYS P 135 -39.54 -65.58 -19.20
C LYS P 135 -38.81 -64.24 -19.26
N ASP P 136 -39.49 -63.17 -19.68
CA ASP P 136 -38.86 -61.86 -19.76
C ASP P 136 -38.43 -61.41 -18.38
N ARG P 137 -37.18 -60.92 -18.27
CA ARG P 137 -36.64 -60.55 -16.97
C ARG P 137 -35.79 -59.28 -16.98
N VAL P 138 -35.63 -58.61 -18.12
CA VAL P 138 -34.76 -57.44 -18.22
C VAL P 138 -35.49 -56.34 -18.97
N ILE P 139 -35.38 -55.11 -18.48
CA ILE P 139 -35.87 -53.91 -19.15
C ILE P 139 -34.74 -52.91 -19.20
N MET P 140 -34.31 -52.54 -20.41
CA MET P 140 -33.17 -51.66 -20.60
C MET P 140 -33.55 -50.48 -21.47
N HIS P 141 -33.02 -49.31 -21.11
CA HIS P 141 -33.19 -48.08 -21.88
C HIS P 141 -31.84 -47.40 -22.03
N CYS P 142 -31.55 -46.91 -23.23
CA CYS P 142 -30.25 -46.31 -23.52
C CYS P 142 -30.39 -45.25 -24.59
N HIS P 143 -29.40 -44.35 -24.62
CA HIS P 143 -29.37 -43.24 -25.58
C HIS P 143 -28.47 -43.62 -26.74
N ALA P 144 -28.97 -44.53 -27.58
CA ALA P 144 -28.18 -45.03 -28.69
C ALA P 144 -28.01 -43.95 -29.76
N THR P 145 -26.75 -43.72 -30.17
CA THR P 145 -26.46 -42.59 -31.04
C THR P 145 -27.08 -42.75 -32.42
N ASN P 146 -26.86 -43.90 -33.06
CA ASN P 146 -27.30 -44.07 -34.45
C ASN P 146 -28.82 -44.23 -34.54
N LEU P 147 -29.44 -44.84 -33.53
CA LEU P 147 -30.88 -45.06 -33.57
C LEU P 147 -31.65 -43.74 -33.54
N ILE P 148 -31.19 -42.79 -32.74
CA ILE P 148 -31.89 -41.51 -32.61
C ILE P 148 -31.91 -40.77 -33.94
N ALA P 149 -30.79 -40.76 -34.64
CA ALA P 149 -30.73 -40.08 -35.93
C ALA P 149 -31.66 -40.72 -36.96
N LEU P 150 -31.94 -42.02 -36.80
CA LEU P 150 -32.86 -42.69 -37.72
C LEU P 150 -34.28 -42.16 -37.57
N THR P 151 -34.72 -41.92 -36.33
CA THR P 151 -36.05 -41.36 -36.11
C THR P 151 -36.18 -39.94 -36.67
N TYR P 152 -35.07 -39.24 -36.84
CA TYR P 152 -35.08 -37.91 -37.43
C TYR P 152 -35.28 -37.92 -38.94
N VAL P 153 -35.14 -39.08 -39.58
CA VAL P 153 -35.14 -39.15 -41.04
C VAL P 153 -36.21 -40.08 -41.59
N LEU P 154 -36.76 -40.99 -40.80
CA LEU P 154 -37.76 -41.93 -41.27
C LEU P 154 -39.08 -41.70 -40.55
N GLU P 155 -40.17 -42.03 -41.23
CA GLU P 155 -41.49 -41.91 -40.63
C GLU P 155 -41.58 -42.82 -39.40
N ASN P 156 -42.12 -42.28 -38.31
CA ASN P 156 -42.21 -43.01 -37.04
C ASN P 156 -43.36 -44.01 -37.12
N ASP P 157 -43.11 -45.07 -37.89
CA ASP P 157 -44.09 -46.12 -38.13
C ASP P 157 -43.51 -47.47 -37.72
N THR P 158 -44.34 -48.29 -37.07
CA THR P 158 -43.89 -49.63 -36.67
C THR P 158 -43.59 -50.49 -37.88
N ALA P 159 -44.45 -50.45 -38.90
CA ALA P 159 -44.26 -51.31 -40.06
C ALA P 159 -43.10 -50.85 -40.93
N VAL P 160 -43.00 -49.53 -41.19
CA VAL P 160 -41.96 -49.03 -42.07
C VAL P 160 -40.58 -49.22 -41.46
N PHE P 161 -40.43 -48.88 -40.18
CA PHE P 161 -39.13 -49.01 -39.52
C PHE P 161 -38.71 -50.48 -39.43
N THR P 162 -39.66 -51.37 -39.16
CA THR P 162 -39.31 -52.79 -39.04
C THR P 162 -38.79 -53.34 -40.36
N ARG P 163 -39.37 -52.92 -41.48
CA ARG P 163 -38.87 -53.37 -42.78
C ARG P 163 -37.47 -52.84 -43.06
N GLN P 164 -37.24 -51.55 -42.78
CA GLN P 164 -35.91 -50.98 -42.98
C GLN P 164 -34.89 -51.62 -42.05
N LEU P 165 -35.27 -51.83 -40.79
CA LEU P 165 -34.34 -52.42 -39.84
C LEU P 165 -34.07 -53.89 -40.14
N TRP P 166 -35.06 -54.60 -40.68
CA TRP P 166 -34.84 -56.00 -41.05
C TRP P 166 -33.90 -56.15 -42.23
N GLU P 167 -33.72 -55.07 -43.00
CA GLU P 167 -32.95 -55.11 -44.24
C GLU P 167 -31.45 -54.95 -44.03
N GLY P 168 -31.03 -54.19 -43.01
CA GLY P 168 -29.63 -53.90 -42.83
C GLY P 168 -28.78 -55.08 -42.41
N SER P 169 -29.41 -56.17 -41.98
CA SER P 169 -28.66 -57.35 -41.58
C SER P 169 -29.51 -58.59 -41.77
N THR P 170 -28.85 -59.72 -42.02
CA THR P 170 -29.56 -60.97 -42.22
C THR P 170 -30.19 -61.46 -40.91
N GLU P 171 -29.47 -61.35 -39.81
CA GLU P 171 -29.95 -61.86 -38.53
C GLU P 171 -31.07 -61.02 -37.93
N CYS P 172 -31.36 -59.85 -38.50
CA CYS P 172 -32.37 -58.97 -37.93
C CYS P 172 -33.75 -59.62 -37.92
N LEU P 173 -34.12 -60.31 -39.01
CA LEU P 173 -35.43 -60.92 -39.09
C LEU P 173 -35.59 -62.03 -38.06
N VAL P 174 -34.56 -62.84 -37.87
CA VAL P 174 -34.64 -63.95 -36.92
C VAL P 174 -34.67 -63.43 -35.48
N VAL P 175 -33.87 -62.40 -35.19
CA VAL P 175 -33.73 -61.95 -33.80
C VAL P 175 -35.04 -61.35 -33.29
N PHE P 176 -35.64 -60.44 -34.06
CA PHE P 176 -36.94 -59.87 -33.72
C PHE P 176 -37.87 -59.98 -34.92
N PRO P 177 -38.47 -61.16 -35.14
CA PRO P 177 -39.53 -61.27 -36.16
C PRO P 177 -40.78 -60.51 -35.80
N ASP P 178 -40.96 -60.13 -34.54
CA ASP P 178 -42.14 -59.38 -34.12
C ASP P 178 -42.10 -57.91 -34.51
N GLY P 179 -40.92 -57.29 -34.49
CA GLY P 179 -40.80 -55.89 -34.85
C GLY P 179 -40.49 -54.99 -33.67
N VAL P 180 -40.41 -53.69 -33.97
CA VAL P 180 -40.05 -52.67 -33.00
C VAL P 180 -41.22 -51.69 -32.88
N GLY P 181 -41.61 -51.37 -31.64
CA GLY P 181 -42.68 -50.42 -31.43
C GLY P 181 -42.24 -48.98 -31.56
N ILE P 182 -43.20 -48.12 -31.86
CA ILE P 182 -42.94 -46.69 -32.04
C ILE P 182 -44.05 -45.91 -31.32
N LEU P 183 -43.68 -44.78 -30.73
CA LEU P 183 -44.58 -43.91 -30.00
C LEU P 183 -44.35 -42.48 -30.43
N PRO P 184 -45.34 -41.60 -30.24
CA PRO P 184 -45.12 -40.18 -30.51
C PRO P 184 -44.27 -39.53 -29.43
N TRP P 185 -43.77 -38.34 -29.74
CA TRP P 185 -42.96 -37.59 -28.78
C TRP P 185 -43.84 -37.04 -27.67
N MET P 186 -43.41 -37.24 -26.42
CA MET P 186 -44.14 -36.72 -25.27
C MET P 186 -43.15 -36.45 -24.13
N VAL P 187 -43.66 -35.86 -23.07
CA VAL P 187 -42.81 -35.43 -21.95
C VAL P 187 -42.52 -36.65 -21.06
N PRO P 188 -41.26 -36.95 -20.78
CA PRO P 188 -40.94 -38.08 -19.92
C PRO P 188 -41.19 -37.77 -18.44
N GLY P 189 -40.87 -38.74 -17.60
CA GLY P 189 -40.98 -38.56 -16.16
C GLY P 189 -42.37 -38.66 -15.61
N THR P 190 -43.36 -39.01 -16.42
CA THR P 190 -44.74 -39.08 -16.00
C THR P 190 -45.27 -40.49 -16.18
N ASP P 191 -46.35 -40.80 -15.46
CA ASP P 191 -47.03 -42.07 -15.64
C ASP P 191 -47.76 -42.14 -16.97
N ALA P 192 -48.01 -41.00 -17.61
CA ALA P 192 -48.62 -41.00 -18.94
C ALA P 192 -47.71 -41.65 -19.96
N ILE P 193 -46.41 -41.38 -19.89
CA ILE P 193 -45.47 -42.06 -20.78
C ILE P 193 -45.22 -43.51 -20.35
N GLY P 194 -45.47 -43.84 -19.09
CA GLY P 194 -45.35 -45.22 -18.67
C GLY P 194 -46.39 -46.11 -19.31
N GLN P 195 -47.61 -45.59 -19.47
CA GLN P 195 -48.67 -46.37 -20.10
C GLN P 195 -48.46 -46.47 -21.61
N ALA P 196 -47.78 -45.50 -22.21
CA ALA P 196 -47.54 -45.53 -23.65
C ALA P 196 -46.64 -46.71 -24.03
N THR P 197 -45.59 -46.95 -23.27
CA THR P 197 -44.69 -48.06 -23.58
C THR P 197 -45.38 -49.40 -23.39
N ALA P 198 -45.99 -49.62 -22.22
CA ALA P 198 -46.58 -50.92 -21.92
C ALA P 198 -47.74 -51.25 -22.86
N GLN P 199 -48.38 -50.23 -23.44
CA GLN P 199 -49.44 -50.49 -24.40
C GLN P 199 -48.90 -51.17 -25.65
N GLU P 200 -47.71 -50.77 -26.10
CA GLU P 200 -47.12 -51.35 -27.30
C GLU P 200 -46.31 -52.61 -27.02
N MET P 201 -45.87 -52.83 -25.79
CA MET P 201 -45.07 -54.01 -25.48
C MET P 201 -45.87 -55.31 -25.57
N GLN P 202 -47.20 -55.23 -25.67
CA GLN P 202 -48.00 -56.43 -25.82
C GLN P 202 -47.71 -57.14 -27.14
N LYS P 203 -47.24 -56.39 -28.15
CA LYS P 203 -47.00 -56.95 -29.47
C LYS P 203 -45.56 -56.78 -29.95
N HIS P 204 -44.72 -56.07 -29.21
CA HIS P 204 -43.34 -55.84 -29.63
C HIS P 204 -42.42 -55.92 -28.42
N SER P 205 -41.14 -56.16 -28.68
CA SER P 205 -40.13 -56.25 -27.63
C SER P 205 -39.26 -55.01 -27.52
N LEU P 206 -39.31 -54.11 -28.50
CA LEU P 206 -38.55 -52.88 -28.47
C LEU P 206 -39.47 -51.70 -28.74
N VAL P 207 -39.24 -50.60 -28.02
CA VAL P 207 -40.01 -49.38 -28.16
C VAL P 207 -39.05 -48.23 -28.41
N LEU P 208 -39.37 -47.42 -29.43
CA LEU P 208 -38.52 -46.32 -29.85
C LEU P 208 -39.16 -45.00 -29.44
N TRP P 209 -38.44 -44.22 -28.63
CA TRP P 209 -38.87 -42.87 -28.29
C TRP P 209 -38.22 -41.89 -29.26
N PRO P 210 -38.99 -41.14 -30.04
CA PRO P 210 -38.38 -40.23 -31.02
C PRO P 210 -37.47 -39.22 -30.35
N PHE P 211 -36.31 -39.01 -30.95
CA PHE P 211 -35.33 -38.02 -30.50
C PHE P 211 -34.84 -38.31 -29.09
N HIS P 212 -35.30 -39.40 -28.48
CA HIS P 212 -34.88 -39.75 -27.12
C HIS P 212 -34.11 -41.06 -27.06
N GLY P 213 -34.69 -42.18 -27.50
CA GLY P 213 -33.98 -43.43 -27.34
C GLY P 213 -34.81 -44.67 -27.62
N VAL P 214 -34.59 -45.71 -26.83
CA VAL P 214 -35.12 -47.04 -27.14
C VAL P 214 -35.37 -47.79 -25.85
N PHE P 215 -36.48 -48.53 -25.81
CA PHE P 215 -36.79 -49.46 -24.74
C PHE P 215 -36.56 -50.89 -25.23
N GLY P 216 -36.09 -51.75 -24.32
CA GLY P 216 -35.81 -53.14 -24.67
C GLY P 216 -36.28 -54.07 -23.58
N SER P 217 -36.64 -55.29 -24.00
CA SER P 217 -37.12 -56.32 -23.10
C SER P 217 -36.68 -57.68 -23.63
N GLY P 218 -36.19 -58.53 -22.73
CA GLY P 218 -35.69 -59.84 -23.12
C GLY P 218 -35.67 -60.82 -21.97
N PRO P 219 -35.33 -62.08 -22.27
CA PRO P 219 -35.34 -63.11 -21.22
C PRO P 219 -34.18 -62.98 -20.24
N THR P 220 -32.98 -62.72 -20.72
CA THR P 220 -31.79 -62.66 -19.87
C THR P 220 -31.04 -61.37 -20.14
N LEU P 221 -30.07 -61.08 -19.26
CA LEU P 221 -29.31 -59.84 -19.36
C LEU P 221 -28.44 -59.81 -20.61
N ASP P 222 -27.85 -60.94 -20.98
CA ASP P 222 -26.91 -60.96 -22.10
C ASP P 222 -27.62 -60.85 -23.44
N GLU P 223 -28.84 -61.36 -23.55
CA GLU P 223 -29.54 -61.35 -24.83
C GLU P 223 -30.02 -59.94 -25.17
N THR P 224 -30.60 -59.24 -24.21
CA THR P 224 -31.17 -57.93 -24.49
C THR P 224 -30.11 -56.92 -24.90
N PHE P 225 -28.89 -57.05 -24.39
CA PHE P 225 -27.80 -56.20 -24.83
C PHE P 225 -27.54 -56.38 -26.32
N GLY P 226 -27.47 -57.64 -26.77
CA GLY P 226 -27.28 -57.91 -28.18
C GLY P 226 -28.52 -57.65 -29.02
N LEU P 227 -29.70 -57.68 -28.40
CA LEU P 227 -30.93 -57.37 -29.14
C LEU P 227 -30.90 -55.93 -29.63
N ILE P 228 -30.48 -54.99 -28.78
CA ILE P 228 -30.34 -53.60 -29.20
C ILE P 228 -29.17 -53.44 -30.16
N ASP P 229 -28.06 -54.13 -29.89
CA ASP P 229 -26.87 -54.00 -30.73
C ASP P 229 -27.15 -54.39 -32.17
N THR P 230 -28.05 -55.35 -32.40
CA THR P 230 -28.43 -55.70 -33.77
C THR P 230 -29.12 -54.54 -34.46
N ALA P 231 -29.99 -53.83 -33.74
CA ALA P 231 -30.58 -52.62 -34.30
C ALA P 231 -29.54 -51.52 -34.45
N GLU P 232 -28.61 -51.42 -33.50
CA GLU P 232 -27.53 -50.44 -33.61
C GLU P 232 -26.61 -50.76 -34.77
N LYS P 233 -26.25 -52.03 -34.94
CA LYS P 233 -25.38 -52.42 -36.05
C LYS P 233 -26.04 -52.13 -37.40
N SER P 234 -27.34 -52.44 -37.52
CA SER P 234 -28.05 -52.14 -38.74
C SER P 234 -28.16 -50.63 -38.97
N ALA P 235 -28.31 -49.86 -37.88
CA ALA P 235 -28.39 -48.42 -38.00
C ALA P 235 -27.10 -47.83 -38.54
N GLN P 236 -25.96 -48.26 -37.98
CA GLN P 236 -24.67 -47.79 -38.48
C GLN P 236 -24.45 -48.23 -39.92
N VAL P 237 -24.82 -49.48 -40.24
CA VAL P 237 -24.74 -49.95 -41.62
C VAL P 237 -25.64 -49.12 -42.52
N LEU P 238 -26.87 -48.86 -42.07
CA LEU P 238 -27.81 -48.11 -42.90
C LEU P 238 -27.36 -46.67 -43.09
N VAL P 239 -26.84 -46.04 -42.04
CA VAL P 239 -26.56 -44.60 -42.07
C VAL P 239 -25.58 -44.28 -43.19
N LYS P 240 -24.56 -45.11 -43.37
CA LYS P 240 -23.60 -44.91 -44.45
C LYS P 240 -24.25 -45.02 -45.82
N VAL P 241 -25.35 -45.76 -45.94
CA VAL P 241 -25.99 -45.97 -47.24
C VAL P 241 -26.66 -44.69 -47.74
N TYR P 242 -27.43 -44.02 -46.86
CA TYR P 242 -28.02 -42.75 -47.28
C TYR P 242 -26.95 -41.70 -47.55
N SER P 243 -25.89 -41.67 -46.73
CA SER P 243 -24.81 -40.74 -46.97
C SER P 243 -24.10 -41.00 -48.29
N MET P 244 -24.19 -42.22 -48.81
CA MET P 244 -23.65 -42.52 -50.13
C MET P 244 -24.37 -41.73 -51.22
N GLY P 245 -25.69 -41.66 -51.14
CA GLY P 245 -26.49 -41.03 -52.17
C GLY P 245 -27.79 -41.75 -52.44
N GLY P 246 -27.97 -42.93 -51.85
CA GLY P 246 -29.21 -43.67 -52.01
C GLY P 246 -29.09 -45.18 -51.90
N MET P 247 -30.14 -45.87 -52.34
CA MET P 247 -30.21 -47.32 -52.28
C MET P 247 -30.14 -47.90 -53.69
N LYS P 248 -29.34 -48.96 -53.86
CA LYS P 248 -29.15 -49.53 -55.18
C LYS P 248 -29.64 -50.97 -55.27
N GLN P 249 -29.24 -51.81 -54.30
CA GLN P 249 -29.70 -53.19 -54.25
C GLN P 249 -29.82 -53.63 -52.80
N THR P 250 -30.64 -54.64 -52.57
CA THR P 250 -30.96 -55.08 -51.21
C THR P 250 -31.55 -56.48 -51.27
N ILE P 251 -32.10 -56.92 -50.14
CA ILE P 251 -32.79 -58.20 -50.06
C ILE P 251 -34.23 -58.00 -50.48
N SER P 252 -34.70 -58.80 -51.43
CA SER P 252 -36.07 -58.69 -51.91
C SER P 252 -37.04 -59.30 -50.90
N ARG P 253 -38.33 -58.98 -51.09
CA ARG P 253 -39.36 -59.52 -50.20
C ARG P 253 -39.42 -61.04 -50.30
N GLU P 254 -39.32 -61.58 -51.51
CA GLU P 254 -39.35 -63.02 -51.70
C GLU P 254 -38.17 -63.71 -51.02
N GLU P 255 -37.03 -63.02 -50.91
CA GLU P 255 -35.87 -63.62 -50.25
C GLU P 255 -36.06 -63.68 -48.74
N LEU P 256 -36.63 -62.64 -48.16
CA LEU P 256 -36.74 -62.59 -46.69
C LEU P 256 -37.78 -63.58 -46.18
N ILE P 257 -38.90 -63.75 -46.90
CA ILE P 257 -39.94 -64.65 -46.43
C ILE P 257 -39.43 -66.09 -46.38
N ALA P 258 -38.70 -66.52 -47.41
CA ALA P 258 -38.14 -67.87 -47.41
C ALA P 258 -37.12 -68.05 -46.28
N LEU P 259 -36.49 -66.95 -45.86
CA LEU P 259 -35.56 -67.02 -44.73
C LEU P 259 -36.29 -67.37 -43.43
N GLY P 260 -37.49 -66.82 -43.25
CA GLY P 260 -38.19 -67.02 -41.99
C GLY P 260 -38.62 -68.46 -41.77
N LYS P 261 -39.18 -69.10 -42.80
CA LYS P 261 -39.65 -70.48 -42.66
C LYS P 261 -38.48 -71.45 -42.43
N ARG P 262 -37.28 -71.08 -42.87
CA ARG P 262 -36.12 -71.93 -42.59
C ARG P 262 -35.87 -72.02 -41.08
N PHE P 263 -35.97 -70.89 -40.38
CA PHE P 263 -35.77 -70.85 -38.94
C PHE P 263 -37.06 -70.97 -38.16
N GLY P 264 -38.20 -71.11 -38.83
CA GLY P 264 -39.47 -71.31 -38.16
C GLY P 264 -39.92 -70.15 -37.30
N VAL P 265 -39.83 -68.93 -37.84
CA VAL P 265 -40.28 -67.74 -37.13
C VAL P 265 -41.47 -67.15 -37.85
N THR P 266 -42.24 -66.34 -37.13
CA THR P 266 -43.45 -65.75 -37.66
C THR P 266 -43.20 -64.30 -38.04
N PRO P 267 -43.11 -63.96 -39.33
CA PRO P 267 -42.84 -62.58 -39.71
C PRO P 267 -44.03 -61.67 -39.45
N LEU P 268 -43.75 -60.38 -39.26
CA LEU P 268 -44.79 -59.39 -39.08
C LEU P 268 -45.51 -59.16 -40.41
N ALA P 269 -46.82 -59.40 -40.42
CA ALA P 269 -47.57 -59.31 -41.66
C ALA P 269 -47.61 -57.89 -42.21
N SER P 270 -47.73 -56.90 -41.32
CA SER P 270 -47.88 -55.51 -41.77
C SER P 270 -46.64 -55.04 -42.53
N ALA P 271 -45.45 -55.36 -42.02
CA ALA P 271 -44.22 -54.94 -42.67
C ALA P 271 -43.91 -55.79 -43.91
N LEU P 272 -44.31 -57.06 -43.90
CA LEU P 272 -44.00 -57.95 -45.03
C LEU P 272 -44.72 -57.48 -46.29
N ALA P 273 -45.95 -57.01 -46.16
CA ALA P 273 -46.72 -56.58 -47.32
C ALA P 273 -46.07 -55.39 -48.01
N LEU P 274 -45.33 -54.57 -47.27
CA LEU P 274 -44.66 -53.40 -47.84
C LEU P 274 -43.53 -53.82 -48.77
C1 GLC Q . -3.14 11.86 -10.47
C2 GLC Q . -3.69 10.85 -11.43
C3 GLC Q . -2.77 9.68 -11.50
C4 GLC Q . -1.38 10.16 -11.92
C5 GLC Q . -0.90 11.29 -11.02
C6 GLC Q . 0.36 11.94 -11.53
O2 GLC Q . -5.03 10.46 -11.04
O3 GLC Q . -3.26 8.73 -12.42
O4 GLC Q . -0.49 9.06 -11.83
O5 GLC Q . -1.87 12.32 -10.92
O6 GLC Q . 0.20 12.42 -12.88
H1 GLC Q . -3.83 12.72 -10.43
H2 GLC Q . -3.74 11.30 -12.43
H3 GLC Q . -2.71 9.22 -10.51
H4 GLC Q . -1.42 10.52 -12.94
H5 GLC Q . -0.70 10.89 -10.03
H61 GLC Q . 0.61 12.79 -10.89
H62 GLC Q . 1.17 11.23 -11.51
HO2 GLC Q . -5.64 10.71 -11.72
HO3 GLC Q . -3.92 9.13 -12.98
HO6 GLC Q . 0.74 13.17 -13.02
C1 GCU Q . 0.35 8.75 -12.93
C2 GCU Q . 0.02 7.33 -13.37
C3 GCU Q . 0.44 6.34 -12.32
C4 GCU Q . 1.92 6.55 -12.03
C5 GCU Q . 2.16 7.97 -11.56
C6 GCU Q . 3.61 8.34 -11.32
O2 GCU Q . -1.34 7.18 -13.72
O3 GCU Q . 0.22 5.02 -12.73
O4 GCU Q . 2.26 5.66 -10.95
O5 GCU Q . 1.68 8.89 -12.60
O6A GCU Q . 3.72 9.64 -10.64
O6B GCU Q . 4.11 8.02 -12.65
H1 GCU Q . 0.13 9.43 -13.75
H2 GCU Q . 0.62 7.13 -14.26
H3 GCU Q . -0.14 6.53 -11.41
H4 GCU Q . 2.51 6.33 -12.92
H5 GCU Q . 1.59 8.14 -10.66
HO2 GCU Q . -1.40 6.95 -14.64
HO3 GCU Q . -0.71 4.85 -12.78
HO6B GCU Q . 4.94 8.44 -12.79
H15 GCU Q . 4.60 9.96 -10.70
C1 GLC Q . 3.38 4.78 -11.17
C2 GLC Q . 2.94 3.36 -10.87
C3 GLC Q . 2.53 3.26 -9.39
C4 GLC Q . 3.67 3.71 -8.53
C5 GLC Q . 4.19 5.11 -8.94
C6 GLC Q . 5.45 5.46 -8.22
O2 GLC Q . 1.88 2.98 -11.73
O3 GLC Q . 2.19 1.93 -9.07
O4 GLC Q . 3.24 3.75 -7.18
O5 GLC Q . 4.47 5.13 -10.32
O6 GLC Q . 6.46 4.52 -8.38
H1 GLC Q . 3.70 4.84 -12.21
H2 GLC Q . 3.79 2.70 -11.03
H3 GLC Q . 1.67 3.90 -9.21
H4 GLC Q . 4.49 3.00 -8.63
H5 GLC Q . 3.41 5.85 -8.72
H61 GLC Q . 5.24 5.56 -7.16
H62 GLC Q . 5.81 6.43 -8.60
HO2 GLC Q . 2.16 2.22 -12.25
HO3 GLC Q . 2.42 1.36 -9.80
HO6 GLC Q . 7.31 4.95 -8.36
C1 GLC Q . 3.95 3.05 -6.18
C2 GLC Q . 2.97 2.17 -5.47
C3 GLC Q . 1.90 3.01 -4.83
C4 GLC Q . 2.57 4.01 -3.86
C5 GLC Q . 3.67 4.80 -4.57
C6 GLC Q . 4.51 5.57 -3.60
O2 GLC Q . 2.38 1.22 -6.35
O3 GLC Q . 0.96 2.23 -4.08
O4 GLC Q . 1.57 4.90 -3.37
O5 GLC Q . 4.57 3.95 -5.26
O6 GLC Q . 5.01 4.78 -2.54
H1 GLC Q . 4.71 2.42 -6.65
H2 GLC Q . 3.50 1.64 -4.68
H3 GLC Q . 1.38 3.56 -5.59
H4 GLC Q . 3.01 3.46 -3.02
H5 GLC Q . 3.22 5.49 -5.27
H61 GLC Q . 3.91 6.37 -3.17
H62 GLC Q . 5.35 6.01 -4.13
HO2 GLC Q . 2.64 0.35 -6.08
HO3 GLC Q . 0.46 1.68 -4.66
HO6 GLC Q . 5.86 5.11 -2.27
C1 GCU Q . 1.53 5.11 -1.98
C2 GCU Q . 0.16 4.76 -1.44
C3 GCU Q . -0.89 5.71 -2.04
C4 GCU Q . -0.50 7.14 -1.69
C5 GCU Q . 0.91 7.41 -2.24
C6 GCU Q . 1.40 8.78 -1.88
O2 GCU Q . -0.16 3.43 -1.73
O3 GCU Q . -2.18 5.44 -1.50
O4 GCU Q . -1.44 8.04 -2.30
O5 GCU Q . 1.82 6.47 -1.68
O6A GCU Q . 1.35 8.99 -0.45
O6B GCU Q . 2.72 8.99 -2.41
H1 GCU Q . 2.27 4.48 -1.49
H2 GCU Q . 0.16 4.90 -0.36
H3 GCU Q . -0.92 5.60 -3.12
H4 GCU Q . -0.51 7.27 -0.60
H5 GCU Q . 0.90 7.30 -3.32
HO2 GCU Q . -0.33 2.95 -0.94
HO3 GCU Q . -2.42 4.55 -1.70
HO6B GCU Q . 3.06 9.81 -2.10
H30 GCU Q . 1.95 9.69 -0.22
C1 GLC Q . -2.09 8.93 -1.51
C2 GLC Q . -3.57 8.86 -1.74
C3 GLC Q . -3.88 9.24 -3.18
C4 GLC Q . -3.35 10.62 -3.43
C5 GLC Q . -1.90 10.73 -3.08
C6 GLC Q . -1.31 12.14 -3.12
O2 GLC Q . -4.06 7.56 -1.41
O3 GLC Q . -5.29 9.22 -3.41
O4 GLC Q . -3.52 10.86 -4.84
O5 GLC Q . -1.64 10.27 -1.74
O6 GLC Q . -1.98 13.00 -2.22
H1 GLC Q . -1.89 8.68 -0.47
H2 GLC Q . -4.06 9.60 -1.09
H3 GLC Q . -3.38 8.53 -3.86
H4 GLC Q . -3.93 11.35 -2.86
H5 GLC Q . -1.33 10.11 -3.78
H61 GLC Q . -0.25 12.09 -2.86
H62 GLC Q . -1.41 12.53 -4.13
HO2 GLC Q . -4.70 7.63 -0.73
HO3 GLC Q . -5.60 8.33 -3.41
HO6 GLC Q . -1.39 13.72 -1.99
C1 GLC Q . -4.13 12.04 -5.26
C2 GLC Q . -5.25 11.68 -6.20
C3 GLC Q . -4.71 11.04 -7.43
C4 GLC Q . -3.67 11.96 -8.11
C5 GLC Q . -2.59 12.34 -7.10
C6 GLC Q . -1.62 13.35 -7.59
O2 GLC Q . -6.21 10.86 -5.57
O3 GLC Q . -5.75 10.77 -8.38
O4 GLC Q . -3.08 11.29 -9.18
O5 GLC Q . -3.20 12.92 -5.89
O6 GLC Q . -2.31 14.54 -8.01
H1 GLC Q . -4.56 12.54 -4.40
H2 GLC Q . -5.75 12.61 -6.50
H3 GLC Q . -4.23 10.10 -7.16
H4 GLC Q . -4.17 12.86 -8.45
H5 GLC Q . -2.05 11.44 -6.83
H61 GLC Q . -1.08 12.93 -8.43
H62 GLC Q . -0.93 13.59 -6.80
HO2 GLC Q . -7.05 11.31 -5.55
HO3 GLC Q . -6.56 11.15 -8.07
HO6 GLC Q . -1.74 15.29 -7.88
C1 GLC R . -1.70 -1.62 -8.66
C2 GLC R . -0.73 -0.77 -9.42
C3 GLC R . -1.45 0.32 -10.12
C4 GLC R . -2.50 -0.29 -11.05
C5 GLC R . -3.40 -1.27 -10.32
C6 GLC R . -4.29 -2.06 -11.23
O2 GLC R . 0.27 -0.26 -8.51
O3 GLC R . -0.54 1.11 -10.86
O4 GLC R . -3.27 0.77 -11.60
O5 GLC R . -2.64 -2.22 -9.57
O6 GLC R . -3.53 -2.75 -12.23
H1 GLC R . -1.16 -2.42 -8.16
H2 GLC R . -0.24 -1.39 -10.17
H3 GLC R . -1.96 0.94 -9.38
H4 GLC R . -1.99 -0.82 -11.85
H5 GLC R . -4.02 -0.70 -9.62
H61 GLC R . -4.85 -2.79 -10.64
H62 GLC R . -4.98 -1.39 -11.72
HO2 GLC R . 1.12 -0.60 -8.76
HO3 GLC R . 0.28 0.65 -10.95
HO6 GLC R . -3.97 -3.55 -12.47
C1 GCU R . -3.47 0.83 -13.01
C2 GCU R . -2.91 2.16 -13.48
C3 GCU R . -3.74 3.31 -12.95
C4 GCU R . -5.18 3.08 -13.38
C5 GCU R . -5.68 1.75 -12.83
C6 GCU R . -7.09 1.36 -13.24
O2 GCU R . -1.54 2.31 -13.17
O3 GCU R . -3.29 4.55 -13.44
O4 GCU R . -5.96 4.14 -12.77
O5 GCU R . -4.81 0.70 -13.32
O6A GCU R . -7.56 0.22 -12.47
O6B GCU R . -6.88 1.43 -14.68
H1 GCU R . -2.91 0.03 -13.48
H2 GCU R . -3.00 2.17 -14.56
H3 GCU R . -3.67 3.32 -11.87
H4 GCU R . -5.27 3.10 -14.46
H5 GCU R . -5.62 1.78 -11.74
HO2 GCU R . -1.04 2.38 -13.97
HO3 GCU R . -2.44 4.74 -13.07
HO6B GCU R . -7.57 0.95 -15.12
H15 GCU R . -8.33 -0.16 -12.88
C1 GLC R . -6.80 4.91 -13.64
C2 GLC R . -6.49 6.38 -13.43
C3 GLC R . -6.82 6.76 -11.97
C4 GLC R . -8.26 6.42 -11.70
C5 GLC R . -8.58 4.95 -12.03
C6 GLC R . -10.06 4.66 -11.96
O2 GLC R . -5.14 6.65 -13.74
O3 GLC R . -6.63 8.14 -11.78
O4 GLC R . -8.53 6.64 -10.31
O5 GLC R . -8.17 4.66 -13.37
O6 GLC R . -10.83 5.52 -12.75
H1 GLC R . -6.59 4.64 -14.68
H2 GLC R . -7.13 6.96 -14.09
H3 GLC R . -6.18 6.20 -11.29
H4 GLC R . -8.90 7.07 -12.30
H5 GLC R . -8.04 4.30 -11.35
H61 GLC R . -10.38 4.77 -10.92
H62 GLC R . -10.23 3.64 -12.27
HO2 GLC R . -5.10 7.28 -14.44
HO3 GLC R . -6.45 8.56 -12.61
HO6 GLC R . -11.60 5.05 -13.05
C1 GLC R . -9.59 7.48 -9.92
C2 GLC R . -9.02 8.50 -9.01
C3 GLC R . -8.44 7.86 -7.79
C4 GLC R . -9.52 7.02 -7.10
C5 GLC R . -10.20 6.06 -8.08
C6 GLC R . -11.43 5.43 -7.51
O2 GLC R . -8.06 9.32 -9.65
O3 GLC R . -7.92 8.80 -6.84
O4 GLC R . -8.93 6.28 -6.04
O5 GLC R . -10.61 6.74 -9.26
O6 GLC R . -12.34 6.37 -6.98
H1 GLC R . -10.01 7.98 -10.80
H2 GLC R . -9.84 9.14 -8.68
H3 GLC R . -7.63 7.20 -8.11
H4 GLC R . -10.28 7.68 -6.68
H5 GLC R . -9.49 5.28 -8.35
H61 GLC R . -11.13 4.75 -6.71
H62 GLC R . -11.92 4.86 -8.29
HO2 GLC R . -8.37 10.21 -9.70
HO3 GLC R . -7.18 9.25 -7.21
HO6 GLC R . -13.22 6.05 -7.10
C1 GCU R . -9.56 6.31 -4.78
C2 GCU R . -8.59 6.81 -3.73
C3 GCU R . -7.43 5.82 -3.58
C4 GCU R . -8.00 4.47 -3.20
C5 GCU R . -8.99 4.04 -4.30
C6 GCU R . -9.65 2.73 -3.98
O2 GCU R . -8.10 8.09 -4.07
O3 GCU R . -6.54 6.25 -2.55
O4 GCU R . -6.92 3.52 -3.13
O5 GCU R . -10.01 5.02 -4.42
O6A GCU R . -10.30 2.78 -2.69
O6B GCU R . -10.57 2.38 -5.03
H1 GCU R . -10.41 6.98 -4.83
H2 GCU R . -9.11 6.88 -2.78
H3 GCU R . -6.89 5.74 -4.52
H4 GCU R . -8.51 4.53 -2.24
H5 GCU R . -8.46 3.96 -5.25
HO2 GCU R . -8.32 8.71 -3.38
HO3 GCU R . -6.18 7.09 -2.77
HO6B GCU R . -11.05 1.60 -4.77
H30 GCU R . -10.97 2.11 -2.64
C1 GLC R . -6.77 2.82 -1.98
C2 GLC R . -5.35 2.91 -1.48
C3 GLC R . -4.41 2.30 -2.51
C4 GLC R . -4.82 0.86 -2.73
C5 GLC R . -6.27 0.75 -3.09
C6 GLC R . -6.83 -0.66 -3.15
O2 GLC R . -5.03 4.27 -1.21
O3 GLC R . -3.07 2.34 -2.05
O4 GLC R . -4.02 0.39 -3.82
O5 GLC R . -7.11 1.44 -2.14
O6 GLC R . -6.72 -1.32 -1.91
H1 GLC R . -7.43 3.24 -1.21
H2 GLC R . -5.27 2.33 -0.56
H3 GLC R . -4.49 2.85 -3.45
H4 GLC R . -4.62 0.28 -1.83
H5 GLC R . -6.41 1.21 -4.07
H61 GLC R . -7.88 -0.62 -3.44
H62 GLC R . -6.28 -1.23 -3.91
HO2 GLC R . -4.79 4.36 -0.29
HO3 GLC R . -2.75 3.23 -2.05
HO6 GLC R . -7.37 -2.01 -1.86
C1 GLC R . -3.32 -0.82 -3.68
C2 GLC R . -1.88 -0.58 -4.02
C3 GLC R . -1.73 -0.19 -5.45
C4 GLC R . -2.37 -1.27 -6.36
C5 GLC R . -3.82 -1.51 -5.94
C6 GLC R . -4.47 -2.64 -6.64
O2 GLC R . -1.30 0.39 -3.17
O3 GLC R . -0.37 -0.04 -5.83
O4 GLC R . -2.36 -0.82 -7.69
O5 GLC R . -3.89 -1.84 -4.50
O6 GLC R . -3.73 -3.85 -6.46
H1 GLC R . -3.38 -1.14 -2.64
H2 GLC R . -1.34 -1.53 -3.88
H3 GLC R . -2.25 0.76 -5.60
H4 GLC R . -1.81 -2.20 -6.26
H5 GLC R . -4.39 -0.60 -6.12
H61 GLC R . -4.55 -2.40 -7.70
H62 GLC R . -5.48 -2.77 -6.25
HO2 GLC R . -0.60 -0.01 -2.68
HO3 GLC R . 0.18 -0.33 -5.11
HO6 GLC R . -4.32 -4.59 -6.49
ZN ZN S . 30.55 47.00 14.49
ZN ZN T . 20.11 67.73 34.46
ZN ZN U . 1.48 35.92 10.32
ZN ZN V . -9.35 57.20 31.30
ZN ZN W . -46.43 17.96 37.63
ZN ZN X . -28.99 -0.02 18.69
C10 A1A4G Y . -1.62 4.15 -8.24
C13 A1A4G Y . -11.99 -2.07 -8.89
C15 A1A4G Y . -10.86 -1.11 -8.51
C01 A1A4G Y . -9.08 1.31 -10.59
C02 A1A4G Y . -7.97 2.15 -10.60
C03 A1A4G Y . -6.90 1.92 -9.73
C04 A1A4G Y . -6.94 0.84 -8.83
C05 A1A4G Y . -8.04 0.00 -8.82
C06 A1A4G Y . -9.12 0.23 -9.70
C07 A1A4G Y . -3.79 3.54 -9.13
C08 A1A4G Y . -2.74 3.32 -8.24
C09 A1A4G Y . -3.73 4.62 -10.04
C11 A1A4G Y . -2.61 5.44 -10.05
C12 A1A4G Y . -1.55 5.22 -9.16
C14 A1A4G Y . -12.09 -1.95 -10.42
C16 A1A4G Y . -10.89 -1.12 -10.85
N01 A1A4G Y . -4.88 2.63 -9.03
N02 A1A4G Y . -5.82 2.84 -9.84
N03 A1A4G Y . -10.26 -0.64 -9.68
O01 A1A4G Y . -10.51 -0.81 -7.38
O02 A1A4G Y . -10.52 -0.89 -11.98
H07 A1A4G Y . -0.81 3.98 -7.55
H10 A1A4G Y . -11.67 -3.08 -8.65
H01 A1A4G Y . -9.91 1.49 -11.26
H02 A1A4G Y . -7.94 2.98 -11.30
H03 A1A4G Y . -6.12 0.66 -8.15
H04 A1A4G Y . -8.08 -0.84 -8.13
H05 A1A4G Y . -2.79 2.50 -7.53
H06 A1A4G Y . -4.54 4.79 -10.74
H08 A1A4G Y . -2.56 6.26 -10.76
H09 A1A4G Y . -0.69 5.87 -9.16
H12 A1A4G Y . -13.01 -1.43 -10.70
H11 A1A4G Y . -12.04 -2.93 -10.88
ZN ZN Z . -68.84 -3.06 37.68
ZN ZN AA . -52.25 -21.35 18.45
ZN ZN BA . 32.37 -6.13 -9.72
C10 A1A4G CA . -3.75 5.51 -5.88
C13 A1A4G CA . 6.41 12.10 -6.01
C15 A1A4G CA . 5.35 11.01 -6.20
C01 A1A4G CA . 1.98 11.29 -7.59
C02 A1A4G CA . 0.78 10.60 -7.73
C03 A1A4G CA . 0.48 9.53 -6.88
C04 A1A4G CA . 1.39 9.16 -5.87
C05 A1A4G CA . 2.59 9.84 -5.72
C06 A1A4G CA . 2.88 10.91 -6.58
C07 A1A4G CA . -2.27 7.29 -6.59
C08 A1A4G CA . -2.56 6.20 -5.75
C09 A1A4G CA . -3.19 7.68 -7.57
C11 A1A4G CA . -4.38 6.98 -7.71
C12 A1A4G CA . -4.67 5.89 -6.87
C14 A1A4G CA . 5.68 13.41 -6.34
C16 A1A4G CA . 4.21 13.04 -6.48
N01 A1A4G CA . -1.02 7.92 -6.35
N02 A1A4G CA . -0.77 8.90 -7.12
N03 A1A4G CA . 4.11 11.62 -6.42
O01 A1A4G CA . 5.52 9.81 -6.13
O02 A1A4G CA . 3.28 13.79 -6.64
H07 A1A4G CA . -3.97 4.66 -5.23
H10 A1A4G CA . 6.68 12.13 -4.95
H01 A1A4G CA . 2.21 12.12 -8.25
H02 A1A4G CA . 0.08 10.90 -8.50
H03 A1A4G CA . 1.15 8.32 -5.21
H04 A1A4G CA . 3.28 9.55 -4.96
H05 A1A4G CA . -1.83 5.90 -4.99
H06 A1A4G CA . -2.98 8.52 -8.23
H08 A1A4G CA . -5.10 7.27 -8.46
H09 A1A4G CA . -5.60 5.35 -6.97
H12 A1A4G CA . 6.05 13.81 -7.29
H11 A1A4G CA . 5.81 14.13 -5.55
ZN ZN DA . 58.39 10.81 -3.26
ZN ZN EA . 49.71 -23.83 -29.55
ZN ZN FA . 74.34 -6.61 -23.21
ZN ZN GA . 2.91 -46.99 -45.88
ZN ZN HA . -7.91 -23.91 -27.23
ZN ZN IA . -22.65 -63.98 -40.55
ZN ZN JA . -33.27 -39.86 -22.12
#